data_5ODC
#
_entry.id   5ODC
#
_cell.length_a   378.047
_cell.length_b   98.446
_cell.length_c   137.884
_cell.angle_alpha   90.00
_cell.angle_beta   110.70
_cell.angle_gamma   90.00
#
_symmetry.space_group_name_H-M   'C 1 2 1'
#
loop_
_entity.id
_entity.type
_entity.pdbx_description
1 polymer 'Heterodisulfide reductase, subunit A'
2 polymer 'Heterodisulfide reductase, subunit B'
3 polymer 'Heterodisulfide reductase, subunit C'
4 polymer 'Methyl-viologen reducing hydrogenase subunit D'
5 polymer 'Methyl-viologen reducing hydrogenase subunit G'
6 polymer 'Methyl-viologen reducing hydrogenase subunit A'
7 non-polymer 'FLAVIN-ADENINE DINUCLEOTIDE'
8 non-polymer 'SODIUM ION'
9 non-polymer 'ACETATE ION'
10 non-polymer 3,6,9,12,15,18,21,24,27,30,33,36,39-TRIDECAOXAHENTETRACONTANE-1,41-DIOL
11 non-polymer 'IRON/SULFUR CLUSTER'
12 non-polymer GLYCEROL
13 non-polymer 'Non-cubane [4Fe-4S]-cluster'
14 non-polymer 'FE2/S2 (INORGANIC) CLUSTER'
15 non-polymer 2-AMINO-2-HYDROXYMETHYL-PROPANE-1,3-DIOL
16 non-polymer 'CALCIUM ION'
17 non-polymer 'MAGNESIUM ION'
18 non-polymer formyl[bis(hydrocyanato-1kappaC)]ironnickel(Fe-Ni)
19 water water
#
loop_
_entity_poly.entity_id
_entity_poly.type
_entity_poly.pdbx_seq_one_letter_code
_entity_poly.pdbx_strand_id
1 'polypeptide(L)'
;MEEPRIGVYVCHCGVNIGGTVDCPDVTEFAKTLKNVVVARDYKYMCADPGQEMIKKDIKEHNLNRVVVAACSPRLHEPTF
RRCVAEAGLNPFLFEFANIREHCSWVHMHEKEKATEKAKDLVRMAVAKARLLEPLEFIKVGVTQRALVIGGGVAGIQTAL
DLGDMGFETILVEKTPSVGGRMAQLDKTFPTNDCSICILAPKMVDVAKHPNVKLYAYSEVVDVQGYVGNFKVKIMKKARY
IDETKCTGCGQCSEVCPIDVPNEFDMGIGMRKAIYKPFPQAVPAKYTIDKEHCIECGLCAKVCGPNAIDFDQEPEIIEAE
VGTIICAIGYDAFDPTVREEYGYGVYDNVVTALELERMINASGPTGGKVIRLSDGQKPKRIAFIQCVGSRDAKVGNKYCS
NVCCMYAMKNSQLIKEKSPDTEIDIYYMDIRAFSKGYEEFYERSAKQYGIKFMRGRPSQVIEDPETGNLVVRAEDTLLGE
ILEKEYDLVVLSVGMVPTKSADEVQKILGISRTPDQFFMEAHPKLRPVDTATDGVYLAGACQGPKDIPASVAQGSAAASR
AAIPLAKGEVEVEPIIASVDAEICGGCGVCVKQCPYGAPRLVEKDGKVVAEVISALCKGCGTCPAGCPSGALEQDHFKTI
QLFKQIEGMFRDTA
;
A,G
2 'polypeptide(L)'
;MKYAFFLGCIMPNRYAGVEAATRTVMEKLGVELVDMTGASCCPAPGVFGSFDQKTWLTLAARNLCIAEEMGVDIVTVCNG
CYGSLFEAAHLLHDNKEALNFVNEKLDKVGKEYKGNVKVRHFAELIYNDIGVDKIAEKVERPLNINVGVHYGCHFLKPTD
VKHLGSAERPVMLDEIVEATGAKSVPYADKMMCCGAGGGVRARELELSLDMTNEKIENMIKAGADCTVNVCPFCHLQFDR
GQIEIKEKFGKEYNFPVLHLSQLLGLAMGMDPKDLALSVHQISVDPLLKKI
;
B,H
3 'polypeptide(L)'
;MIYSSDLNKNLASQIIEAGTPIPGDDVVSSLKACYQCGTCTGSCPSGRRTSYRTRKVIRKALLGMDDVLDSDDIWKCTTC
YTCYERCPRDVKVTEIIKTIRNLAAQKGNMAKAHKMTAMYVLKYGHAVPANKNTAELRKSIGLSEKAPIAQFSEKDLNEM
NTLIKELGFDELIGFDWEKGALKE
;
C,I
4 'polypeptide(L)'
;MSEWEPKIIGFCCNWCTYGGADTAGVGRMQYPPSIRIIRVMCSGRIEPSLILKAFKEGADGVFVGGCHLGDCHYDSGNYK
WQRRVMMLYELLEELGIEKERLNHEWISASEGEKFQNTMKDFYNKIEALGPCKLKEELDK
;
D,J
5 'polypeptide(L)'
;MVKIATTWLGGCSGCHISLLDLHEELLNLLENVELVHCPVLMDVKEIPDEVEVALIEGGIRNEENLEIAKEMRERAKIVI
AFGTCAAFGGVPGLGNLYSNDELLDKAYKTTITTKNDDGIIPNEEVPELVSRVKPLSEVIEVDYFIPGCPPNPEMIAEVV
KALLEGKEPELPKKNLCEECARKKSEEGVAIETIKRNYEGNPDPEKCLLEQGYICLGIATREGCGAPCPSSGVPCSGCSG
PTDAVVDQGAKMISALCSDFGIDNDRDVDPMILPKSIKDKIGSFYKFTLPSAFVPIRLK
;
E,K
6 'polypeptide(L)'
;MVKLSVEPVTRVEGHGKISVSFDDSGNLDKVRFHVVEVRGFEKFLEGRYVEDAPIYTPRICGICQVAHHLASAKAVDNVF
GVKIPETAELLRNLMHQGATVHSHALHFYMLAAPDLMFPTTDDVLKRNLMGIAKEHPEIIKDAIELRKAGQNVVRVVGGR
AIHPVTAVVGGQSKSLKEEERDELLKLSERTIELSEKSIEVGKKLLENIKDEDLLDIGYFESAHMGMVNNGVHDLYDGKL
RVVNSEGKVEYEFDPSEYMNYIAEGVKPYSYLKFPYLKDKGEEDGIYRVNTLSRLNVSDKMATPLAQKYYDEFVKEFGKP
CHHPMLFHYARLIELLSSAEMVKELLENDKIVGEDIRAEPEEVVGDGVGCVEAPRGTLIHHFKTDDDGIITDTNLVVATV
QNNPAMDIGVRKVAEKYIKAPEDATPQVLNYMEMLIRAYDPCLSCATHIIGEESNNLSLDVYQKNKLVKSIRG
;
F,L
#
# COMPACT_ATOMS: atom_id res chain seq x y z
N GLU A 2 35.58 19.19 -34.74
CA GLU A 2 34.94 20.27 -33.99
C GLU A 2 35.44 20.26 -32.55
N GLU A 3 35.97 21.40 -32.09
CA GLU A 3 36.50 21.51 -30.73
C GLU A 3 35.37 21.43 -29.70
N PRO A 4 35.48 20.57 -28.67
CA PRO A 4 34.41 20.51 -27.68
C PRO A 4 34.21 21.80 -26.88
N ARG A 5 32.96 22.08 -26.52
CA ARG A 5 32.56 23.24 -25.73
C ARG A 5 31.64 22.66 -24.66
N ILE A 6 32.15 22.55 -23.44
CA ILE A 6 31.44 21.91 -22.36
C ILE A 6 30.79 22.86 -21.35
N GLY A 7 29.62 22.46 -20.88
CA GLY A 7 28.89 23.15 -19.85
C GLY A 7 28.86 22.19 -18.68
N VAL A 8 29.34 22.61 -17.50
CA VAL A 8 29.38 21.72 -16.33
C VAL A 8 28.42 22.25 -15.27
N TYR A 9 27.55 21.39 -14.76
CA TYR A 9 26.55 21.78 -13.78
C TYR A 9 26.65 20.95 -12.53
N VAL A 10 27.03 21.59 -11.44
CA VAL A 10 27.17 20.91 -10.15
C VAL A 10 25.90 21.12 -9.33
N CYS A 11 25.23 20.03 -8.98
CA CYS A 11 24.02 20.11 -8.18
C CYS A 11 24.34 20.05 -6.69
N HIS A 12 23.51 20.71 -5.86
CA HIS A 12 23.64 20.71 -4.40
C HIS A 12 22.66 19.68 -3.83
N CYS A 13 21.56 19.38 -4.57
CA CYS A 13 20.49 18.47 -4.15
C CYS A 13 20.00 18.93 -2.77
N GLY A 14 19.79 20.22 -2.64
CA GLY A 14 19.41 20.81 -1.36
C GLY A 14 20.66 20.83 -0.51
N VAL A 15 20.76 19.85 0.41
CA VAL A 15 21.95 19.66 1.25
C VAL A 15 22.47 18.24 1.07
N ASN A 16 21.82 17.41 0.23
CA ASN A 16 22.25 16.04 0.03
C ASN A 16 23.67 15.98 -0.54
N ILE A 17 24.04 16.92 -1.44
CA ILE A 17 25.40 17.01 -1.99
C ILE A 17 26.14 18.15 -1.31
N GLY A 18 25.53 19.34 -1.33
CA GLY A 18 26.10 20.57 -0.78
C GLY A 18 26.50 20.57 0.69
N GLY A 19 25.88 19.71 1.47
CA GLY A 19 26.19 19.61 2.90
C GLY A 19 27.54 18.94 3.17
N THR A 20 28.01 18.11 2.23
CA THR A 20 29.29 17.40 2.36
C THR A 20 30.31 17.91 1.35
N VAL A 21 29.89 17.98 0.09
CA VAL A 21 30.75 18.44 -1.00
C VAL A 21 30.62 19.95 -1.13
N ASP A 22 31.75 20.65 -1.31
CA ASP A 22 31.75 22.11 -1.49
C ASP A 22 31.48 22.34 -2.97
N CYS A 23 30.20 22.38 -3.35
CA CYS A 23 29.79 22.53 -4.75
C CYS A 23 30.31 23.80 -5.43
N PRO A 24 30.24 24.98 -4.79
CA PRO A 24 30.79 26.17 -5.45
C PRO A 24 32.28 26.05 -5.77
N ASP A 25 33.04 25.32 -4.93
CA ASP A 25 34.48 25.11 -5.13
C ASP A 25 34.70 24.13 -6.27
N VAL A 26 33.84 23.09 -6.39
CA VAL A 26 33.91 22.10 -7.47
C VAL A 26 33.59 22.83 -8.78
N THR A 27 32.68 23.80 -8.72
CA THR A 27 32.29 24.58 -9.89
C THR A 27 33.46 25.45 -10.38
N GLU A 28 34.19 26.11 -9.46
CA GLU A 28 35.34 26.93 -9.86
C GLU A 28 36.44 26.03 -10.42
N PHE A 29 36.53 24.79 -9.91
CA PHE A 29 37.53 23.85 -10.41
C PHE A 29 37.17 23.44 -11.85
N ALA A 30 35.88 23.19 -12.12
CA ALA A 30 35.43 22.81 -13.46
C ALA A 30 35.80 23.88 -14.49
N LYS A 31 35.80 25.16 -14.08
CA LYS A 31 36.15 26.25 -14.99
C LYS A 31 37.62 26.14 -15.47
N THR A 32 38.50 25.53 -14.67
CA THR A 32 39.91 25.40 -15.03
C THR A 32 40.16 24.27 -16.04
N LEU A 33 39.19 23.37 -16.22
CA LEU A 33 39.36 22.26 -17.15
C LEU A 33 39.25 22.71 -18.60
N LYS A 34 40.05 22.11 -19.47
CA LYS A 34 40.08 22.43 -20.89
C LYS A 34 38.73 22.16 -21.55
N ASN A 35 38.28 23.11 -22.40
CA ASN A 35 37.01 23.04 -23.14
C ASN A 35 35.78 23.38 -22.30
N VAL A 36 35.93 23.69 -21.00
CA VAL A 36 34.78 24.06 -20.17
C VAL A 36 34.52 25.54 -20.37
N VAL A 37 33.49 25.86 -21.15
CA VAL A 37 33.11 27.23 -21.48
C VAL A 37 32.32 27.85 -20.32
N VAL A 38 31.44 27.08 -19.69
CA VAL A 38 30.64 27.60 -18.58
C VAL A 38 30.51 26.53 -17.51
N ALA A 39 30.47 26.96 -16.25
CA ALA A 39 30.28 26.02 -15.14
C ALA A 39 29.40 26.70 -14.11
N ARG A 40 28.34 26.03 -13.67
CA ARG A 40 27.44 26.61 -12.70
C ARG A 40 27.00 25.60 -11.68
N ASP A 41 26.49 26.09 -10.55
CA ASP A 41 25.97 25.23 -9.50
C ASP A 41 24.59 25.73 -9.12
N TYR A 42 23.67 24.81 -8.85
CA TYR A 42 22.31 25.17 -8.47
C TYR A 42 21.80 24.14 -7.47
N LYS A 43 20.87 24.57 -6.62
CA LYS A 43 20.26 23.78 -5.56
C LYS A 43 19.65 22.45 -6.04
N TYR A 44 18.93 22.46 -7.16
CA TYR A 44 18.28 21.29 -7.72
C TYR A 44 18.35 21.37 -9.24
N MET A 45 19.35 20.73 -9.83
CA MET A 45 19.59 20.77 -11.27
C MET A 45 18.48 20.13 -12.11
N CYS A 46 17.76 19.14 -11.57
CA CYS A 46 16.68 18.48 -12.31
C CYS A 46 15.38 19.32 -12.29
N ALA A 47 15.27 20.30 -11.38
CA ALA A 47 14.07 21.14 -11.29
C ALA A 47 13.99 22.11 -12.45
N ASP A 48 12.81 22.72 -12.64
CA ASP A 48 12.57 23.67 -13.72
C ASP A 48 13.69 24.72 -13.87
N PRO A 49 14.07 25.47 -12.83
CA PRO A 49 15.14 26.48 -13.02
C PRO A 49 16.47 25.90 -13.49
N GLY A 50 16.80 24.69 -13.05
CA GLY A 50 18.04 24.03 -13.44
C GLY A 50 18.03 23.59 -14.89
N GLN A 51 16.91 23.00 -15.33
CA GLN A 51 16.79 22.54 -16.71
C GLN A 51 16.85 23.72 -17.69
N GLU A 52 16.16 24.83 -17.36
CA GLU A 52 16.16 26.02 -18.23
C GLU A 52 17.55 26.63 -18.31
N MET A 53 18.27 26.61 -17.19
CA MET A 53 19.64 27.12 -17.09
C MET A 53 20.53 26.38 -18.09
N ILE A 54 20.42 25.04 -18.14
CA ILE A 54 21.22 24.24 -19.06
C ILE A 54 20.81 24.55 -20.49
N LYS A 55 19.50 24.51 -20.78
CA LYS A 55 18.99 24.77 -22.13
C LYS A 55 19.37 26.17 -22.64
N LYS A 56 19.38 27.16 -21.75
CA LYS A 56 19.76 28.53 -22.09
C LYS A 56 21.23 28.59 -22.51
N ASP A 57 22.10 27.96 -21.72
CA ASP A 57 23.54 27.93 -21.99
C ASP A 57 23.88 27.19 -23.26
N ILE A 58 23.18 26.10 -23.57
CA ILE A 58 23.45 25.34 -24.79
C ILE A 58 23.27 26.27 -26.00
N LYS A 59 22.19 27.06 -25.99
CA LYS A 59 21.89 28.00 -27.08
C LYS A 59 22.84 29.20 -27.04
N GLU A 60 22.90 29.86 -25.89
CA GLU A 60 23.72 31.06 -25.69
C GLU A 60 25.20 30.84 -25.93
N HIS A 61 25.78 29.85 -25.26
CA HIS A 61 27.20 29.53 -25.37
C HIS A 61 27.55 28.53 -26.47
N ASN A 62 26.57 28.12 -27.32
CA ASN A 62 26.81 27.16 -28.38
C ASN A 62 27.61 25.97 -27.86
N LEU A 63 27.07 25.28 -26.87
CA LEU A 63 27.74 24.12 -26.29
C LEU A 63 27.50 22.91 -27.15
N ASN A 64 28.48 21.99 -27.20
CA ASN A 64 28.35 20.76 -27.94
C ASN A 64 28.54 19.56 -26.99
N ARG A 65 28.65 19.82 -25.66
CA ARG A 65 28.77 18.79 -24.63
C ARG A 65 28.23 19.35 -23.32
N VAL A 66 27.59 18.50 -22.50
CA VAL A 66 27.08 18.92 -21.20
C VAL A 66 27.43 17.86 -20.16
N VAL A 67 27.85 18.32 -18.98
CA VAL A 67 28.19 17.43 -17.88
C VAL A 67 27.36 17.85 -16.69
N VAL A 68 26.69 16.90 -16.04
CA VAL A 68 25.89 17.17 -14.85
C VAL A 68 26.50 16.36 -13.72
N ALA A 69 26.96 17.04 -12.66
CA ALA A 69 27.52 16.38 -11.49
C ALA A 69 26.46 16.40 -10.41
N ALA A 70 25.77 15.28 -10.24
CA ALA A 70 24.69 15.19 -9.27
C ALA A 70 24.45 13.76 -8.81
N CYS A 71 23.22 13.27 -8.98
CA CYS A 71 22.82 11.94 -8.57
C CYS A 71 23.38 10.88 -9.53
N SER A 72 22.88 9.65 -9.43
CA SER A 72 23.30 8.55 -10.28
C SER A 72 22.65 8.64 -11.65
N PRO A 73 23.37 8.30 -12.73
CA PRO A 73 22.73 8.34 -14.06
C PRO A 73 21.56 7.37 -14.11
N ARG A 74 21.60 6.30 -13.31
CA ARG A 74 20.54 5.29 -13.25
C ARG A 74 19.21 5.90 -12.81
N LEU A 75 19.25 7.12 -12.23
CA LEU A 75 18.05 7.80 -11.79
C LEU A 75 17.62 8.86 -12.79
N HIS A 76 18.49 9.84 -13.12
CA HIS A 76 18.08 10.93 -14.00
C HIS A 76 18.82 11.08 -15.33
N GLU A 77 19.52 10.05 -15.83
CA GLU A 77 20.18 10.20 -17.12
C GLU A 77 19.10 10.46 -18.19
N PRO A 78 17.95 9.76 -18.17
CA PRO A 78 16.92 10.04 -19.17
C PRO A 78 16.37 11.46 -19.10
N THR A 79 16.25 12.00 -17.89
CA THR A 79 15.75 13.35 -17.64
C THR A 79 16.64 14.41 -18.28
N PHE A 80 17.95 14.36 -18.02
CA PHE A 80 18.87 15.34 -18.56
C PHE A 80 19.07 15.15 -20.06
N ARG A 81 18.84 13.94 -20.57
CA ARG A 81 18.93 13.66 -22.00
C ARG A 81 17.77 14.35 -22.73
N ARG A 82 16.56 14.31 -22.15
CA ARG A 82 15.41 14.99 -22.75
C ARG A 82 15.66 16.50 -22.70
N CYS A 83 16.18 16.99 -21.58
CA CYS A 83 16.49 18.40 -21.35
C CYS A 83 17.43 18.96 -22.40
N VAL A 84 18.60 18.34 -22.60
CA VAL A 84 19.56 18.82 -23.59
C VAL A 84 19.04 18.68 -25.01
N ALA A 85 18.31 17.59 -25.31
CA ALA A 85 17.75 17.37 -26.64
C ALA A 85 16.78 18.49 -27.04
N GLU A 86 16.07 19.08 -26.08
CA GLU A 86 15.13 20.16 -26.36
C GLU A 86 15.87 21.43 -26.78
N ALA A 87 17.13 21.59 -26.32
CA ALA A 87 17.93 22.75 -26.67
C ALA A 87 18.73 22.51 -27.96
N GLY A 88 18.54 21.36 -28.61
CA GLY A 88 19.21 21.03 -29.85
C GLY A 88 20.49 20.22 -29.73
N LEU A 89 20.92 19.89 -28.50
CA LEU A 89 22.14 19.11 -28.30
C LEU A 89 21.82 17.63 -28.35
N ASN A 90 22.60 16.85 -29.12
CA ASN A 90 22.37 15.41 -29.22
C ASN A 90 22.39 14.80 -27.82
N PRO A 91 21.42 13.95 -27.45
CA PRO A 91 21.41 13.40 -26.07
C PRO A 91 22.61 12.55 -25.66
N PHE A 92 23.44 12.10 -26.61
CA PHE A 92 24.60 11.29 -26.29
C PHE A 92 25.86 12.11 -26.15
N LEU A 93 25.73 13.43 -26.14
CA LEU A 93 26.83 14.36 -25.95
C LEU A 93 26.65 14.93 -24.55
N PHE A 94 26.05 14.14 -23.66
CA PHE A 94 25.77 14.48 -22.28
C PHE A 94 26.43 13.42 -21.39
N GLU A 95 27.10 13.84 -20.31
CA GLU A 95 27.75 12.90 -19.39
C GLU A 95 27.39 13.20 -17.94
N PHE A 96 27.19 12.15 -17.15
CA PHE A 96 26.85 12.27 -15.74
C PHE A 96 28.05 11.98 -14.85
N ALA A 97 28.19 12.75 -13.76
CA ALA A 97 29.23 12.53 -12.74
C ALA A 97 28.42 12.27 -11.46
N ASN A 98 28.51 11.07 -10.91
CA ASN A 98 27.76 10.70 -9.71
C ASN A 98 28.52 11.18 -8.47
N ILE A 99 28.13 12.34 -7.91
CA ILE A 99 28.77 12.89 -6.73
C ILE A 99 27.87 12.84 -5.50
N ARG A 100 26.72 12.16 -5.58
CA ARG A 100 25.83 12.07 -4.43
C ARG A 100 25.88 10.66 -3.85
N GLU A 101 25.32 9.67 -4.56
CA GLU A 101 25.35 8.29 -4.08
C GLU A 101 26.79 7.80 -3.93
N HIS A 102 27.66 8.18 -4.86
CA HIS A 102 29.06 7.77 -4.90
C HIS A 102 30.03 8.71 -4.17
N CYS A 103 29.54 9.80 -3.60
CA CYS A 103 30.46 10.72 -2.92
C CYS A 103 29.88 11.35 -1.64
N SER A 104 29.00 12.34 -1.78
CA SER A 104 28.42 13.06 -0.64
C SER A 104 27.73 12.18 0.38
N TRP A 105 27.01 11.15 -0.06
CA TRP A 105 26.28 10.27 0.84
C TRP A 105 27.14 9.20 1.52
N VAL A 106 28.35 8.95 1.01
CA VAL A 106 29.23 7.92 1.57
C VAL A 106 30.50 8.49 2.20
N HIS A 107 30.73 9.80 2.11
CA HIS A 107 31.91 10.43 2.68
C HIS A 107 31.48 11.66 3.49
N MET A 108 30.36 11.55 4.22
CA MET A 108 29.79 12.64 5.01
C MET A 108 30.72 13.19 6.08
N HIS A 109 31.59 12.33 6.63
CA HIS A 109 32.52 12.74 7.71
C HIS A 109 33.91 13.13 7.19
N GLU A 110 34.10 13.20 5.87
CA GLU A 110 35.38 13.56 5.25
C GLU A 110 35.07 14.52 4.12
N LYS A 111 34.61 15.71 4.48
CA LYS A 111 34.20 16.76 3.55
C LYS A 111 35.31 17.24 2.63
N GLU A 112 36.53 17.38 3.13
CA GLU A 112 37.66 17.85 2.32
C GLU A 112 37.99 16.83 1.22
N LYS A 113 38.03 15.54 1.58
CA LYS A 113 38.33 14.48 0.62
C LYS A 113 37.13 14.21 -0.29
N ALA A 114 35.91 14.46 0.20
CA ALA A 114 34.71 14.29 -0.62
C ALA A 114 34.73 15.35 -1.72
N THR A 115 35.19 16.56 -1.38
CA THR A 115 35.26 17.67 -2.33
C THR A 115 36.30 17.38 -3.39
N GLU A 116 37.53 16.97 -3.00
CA GLU A 116 38.56 16.66 -3.99
C GLU A 116 38.12 15.48 -4.85
N LYS A 117 37.39 14.52 -4.26
CA LYS A 117 36.86 13.39 -5.03
C LYS A 117 35.86 13.86 -6.06
N ALA A 118 34.92 14.73 -5.66
CA ALA A 118 33.91 15.25 -6.58
C ALA A 118 34.60 15.96 -7.76
N LYS A 119 35.70 16.67 -7.49
CA LYS A 119 36.45 17.35 -8.56
C LYS A 119 37.02 16.33 -9.54
N ASP A 120 37.57 15.21 -9.04
CA ASP A 120 38.13 14.17 -9.90
C ASP A 120 37.01 13.52 -10.72
N LEU A 121 35.85 13.28 -10.10
CA LEU A 121 34.73 12.67 -10.80
C LEU A 121 34.24 13.60 -11.90
N VAL A 122 34.24 14.92 -11.65
CA VAL A 122 33.85 15.90 -12.66
C VAL A 122 34.88 15.88 -13.80
N ARG A 123 36.17 15.82 -13.47
CA ARG A 123 37.24 15.78 -14.47
C ARG A 123 37.16 14.50 -15.31
N MET A 124 36.72 13.39 -14.69
CA MET A 124 36.58 12.11 -15.38
C MET A 124 35.39 12.15 -16.36
N ALA A 125 34.27 12.77 -15.97
CA ALA A 125 33.10 12.91 -16.82
C ALA A 125 33.44 13.84 -17.98
N VAL A 126 34.13 14.93 -17.68
CA VAL A 126 34.55 15.91 -18.69
C VAL A 126 35.53 15.26 -19.67
N ALA A 127 36.39 14.36 -19.19
CA ALA A 127 37.34 13.66 -20.05
C ALA A 127 36.63 12.73 -21.03
N LYS A 128 35.63 11.96 -20.55
CA LYS A 128 34.87 11.09 -21.44
C LYS A 128 34.06 11.95 -22.41
N ALA A 129 33.42 13.01 -21.86
CA ALA A 129 32.59 13.93 -22.64
C ALA A 129 33.27 14.40 -23.92
N ARG A 130 34.52 14.87 -23.82
CA ARG A 130 35.28 15.36 -24.98
C ARG A 130 35.24 14.39 -26.14
N LEU A 131 35.31 13.08 -25.87
CA LEU A 131 35.33 12.06 -26.93
C LEU A 131 33.95 11.47 -27.23
N LEU A 132 32.85 11.96 -26.62
CA LEU A 132 31.53 11.41 -26.90
C LEU A 132 31.11 11.81 -28.29
N GLU A 133 30.27 10.99 -28.91
CA GLU A 133 29.80 11.20 -30.28
C GLU A 133 28.30 11.33 -30.31
N PRO A 134 27.75 12.08 -31.29
CA PRO A 134 26.29 12.17 -31.37
C PRO A 134 25.74 10.86 -31.90
N LEU A 135 24.74 10.28 -31.21
CA LEU A 135 24.11 9.03 -31.62
C LEU A 135 22.62 9.20 -31.76
N GLU A 136 21.98 8.27 -32.46
CA GLU A 136 20.54 8.31 -32.66
C GLU A 136 19.87 7.16 -31.92
N PHE A 137 18.85 7.47 -31.11
CA PHE A 137 18.10 6.44 -30.38
C PHE A 137 17.52 5.46 -31.42
N ILE A 138 17.54 4.17 -31.10
CA ILE A 138 17.01 3.17 -32.03
C ILE A 138 15.51 3.06 -31.83
N LYS A 139 14.71 3.38 -32.86
CA LYS A 139 13.26 3.27 -32.77
C LYS A 139 12.89 1.84 -33.09
N VAL A 140 12.15 1.17 -32.18
CA VAL A 140 11.74 -0.22 -32.37
C VAL A 140 10.24 -0.34 -32.18
N GLY A 141 9.64 -1.27 -32.91
CA GLY A 141 8.20 -1.51 -32.81
C GLY A 141 7.85 -2.28 -31.57
N VAL A 142 6.61 -2.15 -31.10
CA VAL A 142 6.16 -2.86 -29.92
C VAL A 142 5.09 -3.86 -30.31
N THR A 143 5.30 -5.14 -29.99
CA THR A 143 4.33 -6.20 -30.27
C THR A 143 3.12 -5.91 -29.38
N GLN A 144 1.91 -5.83 -29.97
CA GLN A 144 0.70 -5.51 -29.21
C GLN A 144 0.19 -6.70 -28.42
N ARG A 145 0.95 -7.12 -27.42
CA ARG A 145 0.59 -8.27 -26.59
C ARG A 145 1.38 -8.24 -25.29
N ALA A 146 0.75 -8.66 -24.19
CA ALA A 146 1.39 -8.68 -22.88
C ALA A 146 1.44 -10.07 -22.31
N LEU A 147 2.38 -10.29 -21.37
CA LEU A 147 2.56 -11.57 -20.70
C LEU A 147 2.54 -11.31 -19.21
N VAL A 148 1.68 -12.03 -18.48
CA VAL A 148 1.59 -11.92 -17.03
C VAL A 148 2.02 -13.27 -16.47
N ILE A 149 3.04 -13.27 -15.60
CA ILE A 149 3.57 -14.49 -15.00
C ILE A 149 3.07 -14.55 -13.56
N GLY A 150 2.16 -15.47 -13.29
CA GLY A 150 1.57 -15.66 -11.96
C GLY A 150 0.08 -15.36 -12.00
N GLY A 151 -0.73 -16.33 -11.65
CA GLY A 151 -2.18 -16.18 -11.68
C GLY A 151 -2.82 -15.94 -10.33
N GLY A 152 -2.18 -15.13 -9.51
CA GLY A 152 -2.68 -14.80 -8.19
C GLY A 152 -3.58 -13.59 -8.27
N VAL A 153 -3.95 -12.98 -7.14
CA VAL A 153 -4.82 -11.82 -7.19
C VAL A 153 -4.20 -10.64 -7.96
N ALA A 154 -2.87 -10.43 -7.83
CA ALA A 154 -2.17 -9.35 -8.53
C ALA A 154 -2.13 -9.59 -10.05
N GLY A 155 -1.69 -10.77 -10.44
CA GLY A 155 -1.60 -11.15 -11.85
C GLY A 155 -2.93 -11.19 -12.57
N ILE A 156 -3.96 -11.66 -11.90
CA ILE A 156 -5.31 -11.71 -12.48
C ILE A 156 -5.77 -10.26 -12.77
N GLN A 157 -5.50 -9.34 -11.85
CA GLN A 157 -5.89 -7.94 -12.01
C GLN A 157 -5.18 -7.29 -13.20
N THR A 158 -3.88 -7.58 -13.38
CA THR A 158 -3.13 -7.00 -14.50
C THR A 158 -3.73 -7.50 -15.81
N ALA A 159 -3.95 -8.81 -15.89
CA ALA A 159 -4.51 -9.43 -17.08
C ALA A 159 -5.90 -8.90 -17.38
N LEU A 160 -6.77 -8.81 -16.37
CA LEU A 160 -8.13 -8.31 -16.58
C LEU A 160 -8.13 -6.86 -17.06
N ASP A 161 -7.25 -6.02 -16.50
CA ASP A 161 -7.18 -4.62 -16.91
C ASP A 161 -6.62 -4.48 -18.33
N LEU A 162 -5.56 -5.21 -18.67
CA LEU A 162 -5.00 -5.12 -20.02
C LEU A 162 -5.99 -5.66 -21.03
N GLY A 163 -6.65 -6.76 -20.69
CA GLY A 163 -7.66 -7.35 -21.55
C GLY A 163 -8.81 -6.38 -21.75
N ASP A 164 -9.29 -5.77 -20.65
CA ASP A 164 -10.39 -4.80 -20.70
C ASP A 164 -10.03 -3.56 -21.56
N MET A 165 -8.74 -3.18 -21.60
CA MET A 165 -8.29 -2.05 -22.42
C MET A 165 -8.33 -2.45 -23.90
N GLY A 166 -8.24 -3.74 -24.18
CA GLY A 166 -8.26 -4.25 -25.55
C GLY A 166 -6.95 -4.85 -26.01
N PHE A 167 -6.00 -5.09 -25.09
CA PHE A 167 -4.72 -5.67 -25.45
C PHE A 167 -4.75 -7.19 -25.30
N GLU A 168 -4.18 -7.92 -26.25
CA GLU A 168 -4.11 -9.37 -26.15
C GLU A 168 -3.18 -9.66 -24.97
N THR A 169 -3.56 -10.55 -24.07
CA THR A 169 -2.74 -10.84 -22.91
C THR A 169 -2.61 -12.33 -22.69
N ILE A 170 -1.42 -12.76 -22.26
CA ILE A 170 -1.14 -14.15 -21.97
C ILE A 170 -0.93 -14.26 -20.47
N LEU A 171 -1.69 -15.13 -19.79
CA LEU A 171 -1.56 -15.32 -18.35
C LEU A 171 -1.01 -16.69 -18.10
N VAL A 172 0.20 -16.78 -17.54
CA VAL A 172 0.84 -18.07 -17.26
C VAL A 172 0.74 -18.35 -15.78
N GLU A 173 0.18 -19.52 -15.42
CA GLU A 173 0.02 -19.93 -14.05
C GLU A 173 0.67 -21.30 -13.87
N LYS A 174 1.64 -21.39 -12.94
CA LYS A 174 2.43 -22.61 -12.65
C LYS A 174 1.60 -23.79 -12.17
N THR A 175 0.70 -23.57 -11.20
CA THR A 175 -0.10 -24.67 -10.65
C THR A 175 -1.32 -24.95 -11.53
N PRO A 176 -2.06 -26.05 -11.28
CA PRO A 176 -3.24 -26.33 -12.11
C PRO A 176 -4.33 -25.27 -12.05
N SER A 177 -4.34 -24.43 -10.99
CA SER A 177 -5.36 -23.39 -10.86
C SER A 177 -4.80 -22.01 -10.57
N VAL A 178 -5.58 -21.00 -10.94
CA VAL A 178 -5.29 -19.60 -10.68
C VAL A 178 -5.87 -19.34 -9.28
N GLY A 179 -5.56 -18.20 -8.71
CA GLY A 179 -6.06 -17.83 -7.40
C GLY A 179 -4.99 -17.47 -6.39
N GLY A 180 -3.85 -18.16 -6.47
CA GLY A 180 -2.73 -17.91 -5.57
C GLY A 180 -3.02 -18.18 -4.11
N ARG A 181 -2.27 -17.52 -3.21
CA ARG A 181 -2.43 -17.69 -1.77
C ARG A 181 -3.75 -17.15 -1.29
N MET A 182 -4.33 -16.17 -2.01
CA MET A 182 -5.63 -15.63 -1.60
C MET A 182 -6.66 -16.74 -1.57
N ALA A 183 -6.59 -17.68 -2.53
CA ALA A 183 -7.52 -18.81 -2.59
C ALA A 183 -7.43 -19.73 -1.37
N GLN A 184 -6.27 -19.76 -0.69
CA GLN A 184 -6.08 -20.60 0.49
C GLN A 184 -6.68 -19.99 1.74
N LEU A 185 -6.89 -18.68 1.73
CA LEU A 185 -7.42 -17.98 2.90
C LEU A 185 -8.91 -18.24 3.08
N ASP A 186 -9.39 -18.26 4.31
CA ASP A 186 -10.80 -18.43 4.54
C ASP A 186 -11.42 -17.07 4.28
N LYS A 187 -11.11 -16.09 5.13
CA LYS A 187 -11.63 -14.75 4.97
C LYS A 187 -10.50 -13.76 4.77
N THR A 188 -10.83 -12.52 4.43
CA THR A 188 -9.81 -11.52 4.19
C THR A 188 -10.11 -10.25 4.96
N PHE A 189 -9.11 -9.74 5.68
CA PHE A 189 -9.23 -8.51 6.44
C PHE A 189 -9.16 -7.34 5.45
N PRO A 190 -9.71 -6.17 5.81
CA PRO A 190 -10.41 -5.82 7.05
C PRO A 190 -11.91 -6.05 7.00
N THR A 191 -12.47 -6.39 5.81
CA THR A 191 -13.91 -6.60 5.64
C THR A 191 -14.40 -7.95 6.15
N ASN A 192 -13.51 -8.94 6.22
CA ASN A 192 -13.84 -10.29 6.66
C ASN A 192 -14.76 -10.97 5.64
N ASP A 193 -14.57 -10.63 4.37
CA ASP A 193 -15.28 -11.23 3.25
C ASP A 193 -14.58 -12.55 3.05
N CYS A 194 -15.24 -13.51 2.40
CA CYS A 194 -14.58 -14.78 2.08
C CYS A 194 -13.58 -14.40 1.01
N SER A 195 -12.40 -15.02 0.99
CA SER A 195 -11.44 -14.71 -0.08
C SER A 195 -12.11 -15.03 -1.43
N ILE A 196 -12.93 -16.09 -1.46
CA ILE A 196 -13.67 -16.53 -2.64
C ILE A 196 -14.52 -15.39 -3.23
N CYS A 197 -15.25 -14.62 -2.37
CA CYS A 197 -16.11 -13.50 -2.79
C CYS A 197 -15.47 -12.55 -3.76
N ILE A 198 -14.22 -12.19 -3.52
CA ILE A 198 -13.52 -11.24 -4.36
C ILE A 198 -12.73 -11.94 -5.44
N LEU A 199 -12.16 -13.09 -5.11
CA LEU A 199 -11.31 -13.83 -6.04
C LEU A 199 -12.04 -14.70 -7.06
N ALA A 200 -12.89 -15.63 -6.63
CA ALA A 200 -13.56 -16.55 -7.56
C ALA A 200 -14.20 -15.89 -8.78
N PRO A 201 -14.97 -14.80 -8.64
CA PRO A 201 -15.53 -14.15 -9.84
C PRO A 201 -14.44 -13.63 -10.77
N LYS A 202 -13.31 -13.14 -10.22
CA LYS A 202 -12.19 -12.66 -11.03
C LYS A 202 -11.49 -13.84 -11.73
N MET A 203 -11.41 -15.01 -11.07
CA MET A 203 -10.79 -16.21 -11.67
C MET A 203 -11.65 -16.69 -12.83
N VAL A 204 -12.97 -16.68 -12.62
CA VAL A 204 -13.95 -17.09 -13.62
C VAL A 204 -13.84 -16.16 -14.83
N ASP A 205 -13.77 -14.84 -14.60
CA ASP A 205 -13.68 -13.84 -15.65
C ASP A 205 -12.39 -13.92 -16.46
N VAL A 206 -11.25 -14.10 -15.80
CA VAL A 206 -9.97 -14.16 -16.50
C VAL A 206 -9.85 -15.41 -17.38
N ALA A 207 -10.55 -16.50 -17.01
CA ALA A 207 -10.52 -17.75 -17.77
C ALA A 207 -11.47 -17.73 -19.00
N LYS A 208 -12.33 -16.72 -19.14
CA LYS A 208 -13.25 -16.63 -20.27
C LYS A 208 -13.16 -15.26 -20.96
N HIS A 209 -12.09 -14.51 -20.71
CA HIS A 209 -11.92 -13.19 -21.29
C HIS A 209 -11.50 -13.30 -22.75
N PRO A 210 -12.19 -12.60 -23.67
CA PRO A 210 -11.81 -12.70 -25.09
C PRO A 210 -10.37 -12.32 -25.40
N ASN A 211 -9.82 -11.35 -24.65
CA ASN A 211 -8.45 -10.90 -24.87
C ASN A 211 -7.41 -11.51 -23.93
N VAL A 212 -7.76 -12.53 -23.15
CA VAL A 212 -6.80 -13.19 -22.26
C VAL A 212 -6.71 -14.67 -22.60
N LYS A 213 -5.48 -15.15 -22.81
CA LYS A 213 -5.22 -16.56 -23.09
C LYS A 213 -4.59 -17.11 -21.82
N LEU A 214 -5.34 -17.90 -21.05
CA LEU A 214 -4.84 -18.46 -19.81
C LEU A 214 -4.13 -19.79 -20.04
N TYR A 215 -2.87 -19.88 -19.61
CA TYR A 215 -2.09 -21.11 -19.70
C TYR A 215 -1.85 -21.57 -18.27
N ALA A 216 -2.79 -22.36 -17.73
CA ALA A 216 -2.67 -22.86 -16.37
C ALA A 216 -1.81 -24.11 -16.43
N TYR A 217 -1.17 -24.48 -15.33
CA TYR A 217 -0.26 -25.63 -15.29
C TYR A 217 0.82 -25.45 -16.35
N SER A 218 1.33 -24.23 -16.48
CA SER A 218 2.36 -23.89 -17.45
C SER A 218 3.37 -22.97 -16.81
N GLU A 219 4.60 -23.01 -17.32
CA GLU A 219 5.68 -22.17 -16.82
C GLU A 219 6.40 -21.53 -17.97
N VAL A 220 6.94 -20.32 -17.76
CA VAL A 220 7.72 -19.66 -18.80
C VAL A 220 9.11 -20.28 -18.66
N VAL A 221 9.62 -20.89 -19.73
CA VAL A 221 10.93 -21.57 -19.70
C VAL A 221 12.02 -20.80 -20.42
N ASP A 222 11.66 -19.76 -21.17
CA ASP A 222 12.65 -18.96 -21.89
C ASP A 222 12.08 -17.63 -22.33
N VAL A 223 12.91 -16.59 -22.25
CA VAL A 223 12.53 -15.25 -22.68
C VAL A 223 13.75 -14.67 -23.36
N GLN A 224 13.61 -14.31 -24.64
CA GLN A 224 14.68 -13.70 -25.40
C GLN A 224 14.14 -12.38 -25.92
N GLY A 225 15.02 -11.47 -26.24
CA GLY A 225 14.63 -10.17 -26.78
C GLY A 225 14.75 -9.02 -25.80
N TYR A 226 14.09 -7.92 -26.15
CA TYR A 226 14.10 -6.67 -25.38
C TYR A 226 12.71 -6.04 -25.45
N VAL A 227 12.52 -4.91 -24.77
CA VAL A 227 11.24 -4.20 -24.74
C VAL A 227 10.53 -4.14 -26.10
N GLY A 228 9.25 -4.49 -26.10
CA GLY A 228 8.43 -4.49 -27.31
C GLY A 228 8.69 -5.63 -28.27
N ASN A 229 9.81 -6.34 -28.09
CA ASN A 229 10.20 -7.43 -28.99
C ASN A 229 10.68 -8.63 -28.20
N PHE A 230 9.83 -9.19 -27.32
CA PHE A 230 10.21 -10.37 -26.54
C PHE A 230 9.69 -11.62 -27.24
N LYS A 231 10.50 -12.67 -27.25
CA LYS A 231 10.14 -13.96 -27.82
C LYS A 231 10.12 -14.90 -26.64
N VAL A 232 8.94 -15.43 -26.31
CA VAL A 232 8.76 -16.27 -25.13
C VAL A 232 8.39 -17.71 -25.45
N LYS A 233 8.86 -18.64 -24.62
CA LYS A 233 8.55 -20.06 -24.75
C LYS A 233 7.84 -20.48 -23.47
N ILE A 234 6.58 -20.95 -23.60
CA ILE A 234 5.77 -21.36 -22.46
C ILE A 234 5.60 -22.87 -22.54
N MET A 235 5.98 -23.57 -21.48
CA MET A 235 5.84 -25.03 -21.45
C MET A 235 4.49 -25.40 -20.85
N LYS A 236 3.55 -25.86 -21.69
CA LYS A 236 2.24 -26.30 -21.18
C LYS A 236 2.50 -27.68 -20.61
N LYS A 237 2.64 -27.78 -19.28
CA LYS A 237 2.92 -29.07 -18.65
C LYS A 237 1.75 -30.03 -18.88
N ALA A 238 2.06 -31.32 -18.97
CA ALA A 238 1.05 -32.34 -19.21
C ALA A 238 0.28 -32.71 -17.95
N ARG A 239 -1.06 -32.54 -17.99
CA ARG A 239 -1.93 -32.90 -16.89
C ARG A 239 -2.24 -34.39 -16.98
N TYR A 240 -1.98 -34.97 -18.18
CA TYR A 240 -2.26 -36.37 -18.52
C TYR A 240 -3.76 -36.57 -18.58
N ILE A 241 -4.49 -35.46 -18.86
CA ILE A 241 -5.94 -35.42 -19.00
C ILE A 241 -6.27 -34.41 -20.08
N ASP A 242 -7.18 -34.76 -20.99
CA ASP A 242 -7.60 -33.89 -22.07
C ASP A 242 -8.57 -32.85 -21.47
N GLU A 243 -8.15 -31.58 -21.41
CA GLU A 243 -8.97 -30.50 -20.85
C GLU A 243 -10.30 -30.35 -21.59
N THR A 244 -10.28 -30.51 -22.92
CA THR A 244 -11.48 -30.38 -23.75
C THR A 244 -12.56 -31.41 -23.36
N LYS A 245 -12.14 -32.64 -23.06
CA LYS A 245 -13.07 -33.71 -22.69
C LYS A 245 -13.42 -33.70 -21.19
N CYS A 246 -12.49 -33.28 -20.33
CA CYS A 246 -12.72 -33.26 -18.88
C CYS A 246 -13.83 -32.28 -18.46
N THR A 247 -14.65 -32.71 -17.49
CA THR A 247 -15.77 -31.92 -16.96
C THR A 247 -15.63 -31.60 -15.46
N GLY A 248 -14.49 -31.96 -14.88
CA GLY A 248 -14.25 -31.72 -13.45
C GLY A 248 -15.27 -32.34 -12.52
N CYS A 249 -15.79 -33.53 -12.88
CA CYS A 249 -16.79 -34.23 -12.06
C CYS A 249 -16.20 -34.85 -10.78
N GLY A 250 -14.90 -35.07 -10.77
CA GLY A 250 -14.19 -35.63 -9.62
C GLY A 250 -14.44 -37.09 -9.27
N GLN A 251 -15.03 -37.87 -10.18
CA GLN A 251 -15.31 -39.30 -9.90
C GLN A 251 -13.99 -40.09 -9.79
N CYS A 252 -13.02 -39.73 -10.61
CA CYS A 252 -11.69 -40.35 -10.65
C CYS A 252 -11.00 -40.30 -9.29
N SER A 253 -11.03 -39.13 -8.62
CA SER A 253 -10.39 -38.94 -7.33
C SER A 253 -10.99 -39.81 -6.22
N GLU A 254 -12.28 -40.16 -6.33
CA GLU A 254 -12.90 -41.00 -5.31
C GLU A 254 -12.40 -42.45 -5.37
N VAL A 255 -11.99 -42.93 -6.54
CA VAL A 255 -11.49 -44.31 -6.70
C VAL A 255 -9.97 -44.44 -6.70
N CYS A 256 -9.21 -43.33 -6.81
CA CYS A 256 -7.75 -43.42 -6.86
C CYS A 256 -7.16 -43.99 -5.56
N PRO A 257 -6.26 -44.98 -5.64
CA PRO A 257 -5.70 -45.57 -4.40
C PRO A 257 -4.49 -44.85 -3.84
N ILE A 258 -3.89 -43.92 -4.59
CA ILE A 258 -2.70 -43.21 -4.12
C ILE A 258 -3.10 -41.96 -3.34
N ASP A 259 -2.54 -41.81 -2.14
CA ASP A 259 -2.79 -40.66 -1.28
C ASP A 259 -1.49 -39.85 -1.25
N VAL A 260 -1.58 -38.57 -1.65
CA VAL A 260 -0.43 -37.65 -1.71
C VAL A 260 -0.74 -36.43 -0.84
N PRO A 261 0.22 -35.89 -0.07
CA PRO A 261 -0.10 -34.69 0.74
C PRO A 261 -0.48 -33.52 -0.14
N ASN A 262 -1.58 -32.82 0.19
CA ASN A 262 -2.06 -31.67 -0.58
C ASN A 262 -1.19 -30.46 -0.32
N GLU A 263 -0.60 -29.91 -1.39
CA GLU A 263 0.29 -28.76 -1.27
C GLU A 263 -0.55 -27.54 -0.93
N PHE A 264 -1.76 -27.47 -1.48
CA PHE A 264 -2.67 -26.36 -1.23
C PHE A 264 -3.04 -26.33 0.26
N ASP A 265 -3.17 -27.51 0.90
CA ASP A 265 -3.51 -27.58 2.32
C ASP A 265 -2.28 -27.54 3.25
N MET A 266 -1.11 -27.17 2.72
CA MET A 266 0.12 -27.04 3.49
C MET A 266 0.48 -28.27 4.32
N GLY A 267 0.25 -29.46 3.77
CA GLY A 267 0.56 -30.71 4.45
C GLY A 267 -0.45 -31.13 5.51
N ILE A 268 -1.51 -30.34 5.73
CA ILE A 268 -2.53 -30.68 6.73
C ILE A 268 -3.59 -31.58 6.11
N GLY A 269 -3.58 -31.70 4.79
CA GLY A 269 -4.55 -32.53 4.09
C GLY A 269 -3.94 -33.49 3.09
N MET A 270 -4.63 -34.60 2.85
CA MET A 270 -4.19 -35.60 1.88
C MET A 270 -5.08 -35.47 0.66
N ARG A 271 -4.48 -35.60 -0.53
CA ARG A 271 -5.19 -35.52 -1.80
C ARG A 271 -4.84 -36.79 -2.59
N LYS A 272 -5.43 -36.99 -3.76
CA LYS A 272 -5.13 -38.18 -4.56
C LYS A 272 -4.16 -37.83 -5.69
N ALA A 273 -3.59 -38.85 -6.37
CA ALA A 273 -2.65 -38.63 -7.48
C ALA A 273 -3.36 -37.86 -8.60
N ILE A 274 -4.66 -38.12 -8.77
CA ILE A 274 -5.51 -37.42 -9.76
C ILE A 274 -6.27 -36.41 -8.90
N TYR A 275 -6.16 -35.10 -9.21
CA TYR A 275 -6.78 -34.09 -8.34
C TYR A 275 -7.07 -32.71 -8.94
N LYS A 276 -7.76 -31.90 -8.13
CA LYS A 276 -8.11 -30.50 -8.39
C LYS A 276 -7.60 -29.76 -7.13
N PRO A 277 -6.84 -28.65 -7.25
CA PRO A 277 -6.30 -28.00 -6.03
C PRO A 277 -7.31 -27.70 -4.93
N PHE A 278 -8.43 -27.08 -5.30
CA PHE A 278 -9.52 -26.75 -4.37
C PHE A 278 -10.82 -26.85 -5.16
N PRO A 279 -11.99 -26.97 -4.50
CA PRO A 279 -13.25 -27.16 -5.26
C PRO A 279 -13.65 -26.04 -6.21
N GLN A 280 -13.25 -24.80 -5.95
CA GLN A 280 -13.60 -23.66 -6.81
C GLN A 280 -12.48 -23.34 -7.79
N ALA A 281 -11.55 -24.27 -7.99
CA ALA A 281 -10.41 -24.07 -8.88
C ALA A 281 -10.81 -23.77 -10.32
N VAL A 282 -10.00 -22.94 -10.99
CA VAL A 282 -10.20 -22.55 -12.38
C VAL A 282 -8.86 -22.66 -13.10
N PRO A 283 -8.77 -23.38 -14.22
CA PRO A 283 -9.84 -24.13 -14.90
C PRO A 283 -10.32 -25.31 -14.07
N ALA A 284 -11.65 -25.57 -14.10
CA ALA A 284 -12.25 -26.67 -13.34
C ALA A 284 -11.98 -28.00 -14.04
N LYS A 285 -10.70 -28.37 -14.13
CA LYS A 285 -10.24 -29.59 -14.78
C LYS A 285 -9.33 -30.32 -13.82
N TYR A 286 -9.15 -31.64 -14.00
CA TYR A 286 -8.30 -32.42 -13.12
C TYR A 286 -6.91 -32.59 -13.69
N THR A 287 -5.98 -33.03 -12.82
CA THR A 287 -4.58 -33.25 -13.18
C THR A 287 -4.08 -34.53 -12.52
N ILE A 288 -3.14 -35.23 -13.16
CA ILE A 288 -2.55 -36.44 -12.59
C ILE A 288 -1.11 -36.13 -12.23
N ASP A 289 -0.72 -36.42 -10.98
CA ASP A 289 0.65 -36.20 -10.52
C ASP A 289 1.41 -37.49 -10.83
N LYS A 290 2.28 -37.45 -11.84
CA LYS A 290 3.03 -38.64 -12.26
C LYS A 290 4.04 -39.12 -11.23
N GLU A 291 4.56 -38.24 -10.36
CA GLU A 291 5.53 -38.64 -9.34
C GLU A 291 4.94 -39.75 -8.44
N HIS A 292 3.62 -39.72 -8.19
CA HIS A 292 2.97 -40.69 -7.32
C HIS A 292 2.02 -41.65 -8.04
N CYS A 293 1.62 -41.35 -9.29
CA CYS A 293 0.70 -42.22 -10.02
C CYS A 293 1.36 -43.57 -10.34
N ILE A 294 0.64 -44.67 -10.08
CA ILE A 294 1.13 -46.04 -10.33
C ILE A 294 0.52 -46.66 -11.60
N GLU A 295 -0.33 -45.91 -12.30
CA GLU A 295 -0.99 -46.35 -13.54
C GLU A 295 -1.83 -47.61 -13.32
N CYS A 296 -2.65 -47.62 -12.26
CA CYS A 296 -3.52 -48.75 -11.95
C CYS A 296 -4.72 -48.81 -12.92
N GLY A 297 -5.10 -47.66 -13.48
CA GLY A 297 -6.20 -47.57 -14.43
C GLY A 297 -7.60 -47.44 -13.87
N LEU A 298 -7.76 -47.32 -12.55
CA LEU A 298 -9.09 -47.20 -11.95
C LEU A 298 -9.81 -45.91 -12.33
N CYS A 299 -9.10 -44.80 -12.49
CA CYS A 299 -9.71 -43.51 -12.83
C CYS A 299 -10.29 -43.51 -14.25
N ALA A 300 -9.65 -44.22 -15.18
CA ALA A 300 -10.11 -44.30 -16.57
C ALA A 300 -11.43 -45.08 -16.66
N LYS A 301 -11.68 -45.97 -15.70
CA LYS A 301 -12.90 -46.78 -15.64
C LYS A 301 -14.11 -45.92 -15.26
N VAL A 302 -13.89 -44.86 -14.46
CA VAL A 302 -14.98 -43.98 -14.02
C VAL A 302 -15.04 -42.67 -14.82
N CYS A 303 -14.19 -42.54 -15.84
CA CYS A 303 -14.16 -41.33 -16.67
C CYS A 303 -15.07 -41.50 -17.88
N GLY A 304 -16.27 -40.92 -17.80
CA GLY A 304 -17.26 -41.00 -18.87
C GLY A 304 -16.79 -40.45 -20.20
N PRO A 305 -16.27 -39.20 -20.22
CA PRO A 305 -15.80 -38.65 -21.50
C PRO A 305 -14.47 -39.24 -21.99
N ASN A 306 -13.86 -40.16 -21.22
CA ASN A 306 -12.57 -40.79 -21.57
C ASN A 306 -11.52 -39.72 -21.86
N ALA A 307 -11.40 -38.79 -20.91
CA ALA A 307 -10.47 -37.66 -20.99
C ALA A 307 -9.06 -38.01 -20.53
N ILE A 308 -8.87 -39.13 -19.82
CA ILE A 308 -7.55 -39.53 -19.32
C ILE A 308 -6.63 -39.96 -20.46
N ASP A 309 -5.39 -39.42 -20.48
CA ASP A 309 -4.41 -39.71 -21.52
C ASP A 309 -2.99 -39.74 -20.93
N PHE A 310 -2.51 -40.93 -20.55
CA PHE A 310 -1.18 -41.10 -19.96
C PHE A 310 -0.06 -40.85 -20.97
N ASP A 311 -0.38 -40.91 -22.27
CA ASP A 311 0.62 -40.70 -23.33
C ASP A 311 0.77 -39.22 -23.67
N GLN A 312 -0.08 -38.35 -23.10
CA GLN A 312 -0.04 -36.91 -23.34
C GLN A 312 1.37 -36.37 -23.07
N GLU A 313 1.89 -35.53 -23.97
CA GLU A 313 3.22 -34.95 -23.82
C GLU A 313 3.14 -33.45 -23.59
N PRO A 314 4.13 -32.83 -22.91
CA PRO A 314 4.07 -31.38 -22.72
C PRO A 314 4.25 -30.65 -24.05
N GLU A 315 3.63 -29.48 -24.18
CA GLU A 315 3.70 -28.68 -25.40
C GLU A 315 4.43 -27.37 -25.13
N ILE A 316 5.40 -27.00 -25.99
CA ILE A 316 6.13 -25.75 -25.82
C ILE A 316 5.52 -24.75 -26.79
N ILE A 317 4.84 -23.72 -26.25
CA ILE A 317 4.21 -22.70 -27.08
C ILE A 317 5.13 -21.50 -27.19
N GLU A 318 5.26 -20.96 -28.42
CA GLU A 318 6.12 -19.81 -28.69
C GLU A 318 5.23 -18.59 -28.87
N ALA A 319 5.45 -17.53 -28.08
CA ALA A 319 4.66 -16.32 -28.17
C ALA A 319 5.54 -15.09 -28.26
N GLU A 320 5.06 -14.09 -28.99
CA GLU A 320 5.76 -12.82 -29.14
C GLU A 320 5.00 -11.82 -28.27
N VAL A 321 5.70 -11.10 -27.38
CA VAL A 321 5.03 -10.12 -26.51
C VAL A 321 5.84 -8.82 -26.43
N GLY A 322 5.15 -7.75 -26.11
CA GLY A 322 5.78 -6.44 -26.01
C GLY A 322 6.18 -6.10 -24.58
N THR A 323 5.37 -6.54 -23.60
CA THR A 323 5.65 -6.26 -22.19
C THR A 323 5.40 -7.48 -21.34
N ILE A 324 6.14 -7.59 -20.23
CA ILE A 324 6.03 -8.71 -19.30
C ILE A 324 5.76 -8.19 -17.91
N ILE A 325 4.84 -8.82 -17.18
CA ILE A 325 4.55 -8.42 -15.81
C ILE A 325 4.75 -9.63 -14.93
N CYS A 326 5.61 -9.48 -13.91
CA CYS A 326 5.93 -10.55 -12.98
C CYS A 326 5.06 -10.43 -11.74
N ALA A 327 4.18 -11.44 -11.51
CA ALA A 327 3.29 -11.47 -10.35
C ALA A 327 3.29 -12.87 -9.73
N ILE A 328 4.51 -13.42 -9.50
CA ILE A 328 4.69 -14.77 -8.95
C ILE A 328 4.48 -14.89 -7.44
N GLY A 329 4.10 -13.81 -6.79
CA GLY A 329 3.79 -13.84 -5.37
C GLY A 329 4.87 -14.19 -4.39
N TYR A 330 4.48 -14.93 -3.34
CA TYR A 330 5.37 -15.27 -2.24
C TYR A 330 5.11 -16.64 -1.65
N ASP A 331 5.97 -17.01 -0.69
CA ASP A 331 5.90 -18.25 0.07
C ASP A 331 5.94 -17.87 1.54
N ALA A 332 5.36 -18.69 2.39
CA ALA A 332 5.37 -18.40 3.82
C ALA A 332 6.72 -18.82 4.39
N PHE A 333 7.24 -18.04 5.34
CA PHE A 333 8.50 -18.36 5.99
C PHE A 333 8.38 -19.75 6.64
N ASP A 334 9.47 -20.53 6.63
CA ASP A 334 9.52 -21.85 7.25
C ASP A 334 10.11 -21.62 8.64
N PRO A 335 9.31 -21.70 9.72
CA PRO A 335 9.86 -21.42 11.05
C PRO A 335 10.61 -22.55 11.74
N THR A 336 10.95 -23.62 11.02
CA THR A 336 11.71 -24.74 11.61
C THR A 336 13.03 -24.22 12.19
N VAL A 337 13.64 -23.20 11.54
CA VAL A 337 14.90 -22.59 11.97
C VAL A 337 14.83 -21.94 13.36
N ARG A 338 13.71 -21.30 13.74
CA ARG A 338 13.61 -20.69 15.07
C ARG A 338 13.29 -21.87 15.99
N GLU A 339 14.33 -22.61 16.38
CA GLU A 339 14.25 -23.83 17.18
C GLU A 339 13.56 -23.70 18.53
N GLU A 340 13.68 -22.56 19.19
CA GLU A 340 13.04 -22.35 20.50
C GLU A 340 11.51 -22.37 20.43
N TYR A 341 10.91 -22.22 19.24
CA TYR A 341 9.45 -22.24 19.07
C TYR A 341 8.90 -23.66 18.81
N GLY A 342 9.78 -24.60 18.50
CA GLY A 342 9.40 -26.00 18.30
C GLY A 342 8.62 -26.40 17.07
N TYR A 343 8.64 -25.60 16.00
CA TYR A 343 7.92 -25.97 14.79
C TYR A 343 8.64 -27.17 14.14
N GLY A 344 7.89 -28.21 13.85
CA GLY A 344 8.43 -29.44 13.27
C GLY A 344 8.78 -30.45 14.33
N VAL A 345 8.69 -30.04 15.61
CA VAL A 345 8.98 -30.89 16.76
C VAL A 345 7.67 -31.10 17.51
N TYR A 346 7.04 -30.01 17.92
CA TYR A 346 5.76 -30.07 18.64
C TYR A 346 4.60 -30.10 17.66
N ASP A 347 3.68 -31.06 17.86
CA ASP A 347 2.51 -31.25 17.01
C ASP A 347 1.58 -30.06 16.98
N ASN A 348 1.36 -29.43 18.14
CA ASN A 348 0.41 -28.32 18.24
C ASN A 348 0.97 -26.92 17.98
N VAL A 349 2.15 -26.83 17.37
CA VAL A 349 2.71 -25.54 17.00
C VAL A 349 2.48 -25.49 15.50
N VAL A 350 1.65 -24.56 15.03
CA VAL A 350 1.35 -24.46 13.60
C VAL A 350 1.67 -23.07 13.10
N THR A 351 1.67 -22.90 11.77
CA THR A 351 1.91 -21.59 11.16
C THR A 351 0.54 -20.98 10.91
N ALA A 352 0.50 -19.67 10.67
CA ALA A 352 -0.78 -19.00 10.39
C ALA A 352 -1.36 -19.45 9.06
N LEU A 353 -0.52 -19.84 8.09
CA LEU A 353 -1.01 -20.29 6.79
C LEU A 353 -1.66 -21.68 6.93
N GLU A 354 -1.18 -22.49 7.89
CA GLU A 354 -1.75 -23.80 8.16
C GLU A 354 -3.11 -23.59 8.84
N LEU A 355 -3.21 -22.53 9.67
CA LEU A 355 -4.45 -22.19 10.36
C LEU A 355 -5.48 -21.75 9.34
N GLU A 356 -5.08 -20.93 8.36
CA GLU A 356 -5.99 -20.49 7.30
C GLU A 356 -6.68 -21.70 6.68
N ARG A 357 -5.93 -22.79 6.44
CA ARG A 357 -6.48 -24.00 5.86
C ARG A 357 -7.38 -24.75 6.85
N MET A 358 -7.00 -24.80 8.14
CA MET A 358 -7.78 -25.48 9.17
C MET A 358 -9.11 -24.75 9.39
N ILE A 359 -9.05 -23.43 9.45
CA ILE A 359 -10.23 -22.61 9.68
C ILE A 359 -11.12 -22.47 8.43
N ASN A 360 -10.59 -22.71 7.22
CA ASN A 360 -11.36 -22.59 5.99
C ASN A 360 -12.52 -23.58 5.93
N ALA A 361 -13.73 -23.05 5.64
CA ALA A 361 -14.97 -23.83 5.53
C ALA A 361 -14.80 -25.06 4.64
N SER A 362 -14.03 -24.95 3.54
CA SER A 362 -13.78 -26.07 2.63
C SER A 362 -12.40 -26.69 2.82
N GLY A 363 -11.80 -26.50 3.99
CA GLY A 363 -10.49 -27.04 4.30
C GLY A 363 -10.48 -28.51 4.64
N PRO A 364 -9.31 -29.07 4.97
CA PRO A 364 -9.24 -30.50 5.31
C PRO A 364 -9.99 -30.91 6.58
N THR A 365 -10.21 -29.98 7.53
CA THR A 365 -10.91 -30.27 8.78
C THR A 365 -12.36 -29.80 8.72
N GLY A 366 -12.79 -29.32 7.55
CA GLY A 366 -14.14 -28.81 7.38
C GLY A 366 -14.39 -27.53 8.14
N GLY A 367 -13.34 -26.71 8.28
CA GLY A 367 -13.44 -25.45 8.99
C GLY A 367 -13.26 -25.56 10.50
N LYS A 368 -12.74 -26.70 10.98
CA LYS A 368 -12.54 -26.91 12.40
C LYS A 368 -11.08 -26.75 12.79
N VAL A 369 -10.82 -25.87 13.75
CA VAL A 369 -9.47 -25.64 14.26
C VAL A 369 -9.23 -26.71 15.31
N ILE A 370 -8.40 -27.71 14.99
CA ILE A 370 -8.12 -28.80 15.92
C ILE A 370 -6.63 -28.98 16.13
N ARG A 371 -6.28 -29.59 17.26
CA ARG A 371 -4.90 -29.87 17.60
C ARG A 371 -4.48 -31.08 16.79
N LEU A 372 -3.24 -31.09 16.28
CA LEU A 372 -2.77 -32.24 15.50
C LEU A 372 -2.37 -33.41 16.39
N SER A 373 -2.20 -33.17 17.72
CA SER A 373 -1.83 -34.23 18.66
C SER A 373 -2.99 -35.17 18.98
N ASP A 374 -4.18 -34.62 19.26
CA ASP A 374 -5.35 -35.44 19.63
C ASP A 374 -6.64 -35.14 18.86
N GLY A 375 -6.59 -34.26 17.87
CA GLY A 375 -7.78 -33.91 17.09
C GLY A 375 -8.83 -33.13 17.86
N GLN A 376 -8.46 -32.58 19.03
CA GLN A 376 -9.38 -31.82 19.87
C GLN A 376 -9.37 -30.36 19.50
N LYS A 377 -10.42 -29.59 19.87
CA LYS A 377 -10.43 -28.17 19.55
C LYS A 377 -9.73 -27.44 20.71
N PRO A 378 -8.79 -26.54 20.40
CA PRO A 378 -8.06 -25.85 21.47
C PRO A 378 -8.91 -24.79 22.14
N LYS A 379 -8.90 -24.75 23.48
CA LYS A 379 -9.66 -23.78 24.26
C LYS A 379 -8.83 -22.54 24.51
N ARG A 380 -7.49 -22.67 24.38
CA ARG A 380 -6.56 -21.58 24.60
C ARG A 380 -5.58 -21.54 23.44
N ILE A 381 -5.46 -20.38 22.78
CA ILE A 381 -4.56 -20.24 21.64
C ILE A 381 -3.67 -19.04 21.80
N ALA A 382 -2.41 -19.18 21.39
CA ALA A 382 -1.45 -18.08 21.43
C ALA A 382 -1.00 -17.81 20.02
N PHE A 383 -0.87 -16.54 19.66
CA PHE A 383 -0.37 -16.14 18.36
C PHE A 383 0.96 -15.51 18.66
N ILE A 384 2.01 -15.91 17.93
CA ILE A 384 3.34 -15.34 18.13
C ILE A 384 3.65 -14.53 16.88
N GLN A 385 3.79 -13.21 17.04
CA GLN A 385 4.05 -12.31 15.93
C GLN A 385 5.51 -12.24 15.52
N CYS A 386 5.76 -11.68 14.33
CA CYS A 386 7.09 -11.46 13.76
C CYS A 386 7.94 -12.72 13.63
N VAL A 387 7.33 -13.84 13.24
CA VAL A 387 8.05 -15.10 13.07
C VAL A 387 8.70 -15.10 11.69
N GLY A 388 10.00 -14.88 11.66
CA GLY A 388 10.76 -14.82 10.42
C GLY A 388 10.80 -13.43 9.82
N SER A 389 10.48 -12.44 10.64
CA SER A 389 10.44 -11.04 10.23
C SER A 389 11.04 -10.22 11.35
N ARG A 390 11.60 -9.06 11.02
CA ARG A 390 12.21 -8.16 12.02
C ARG A 390 13.18 -8.97 12.88
N ASP A 391 13.89 -9.92 12.25
CA ASP A 391 14.79 -10.84 12.92
C ASP A 391 16.12 -11.02 12.19
N ALA A 392 17.21 -10.53 12.78
CA ALA A 392 18.54 -10.63 12.19
C ALA A 392 19.09 -12.07 12.25
N LYS A 393 18.61 -12.88 13.21
CA LYS A 393 19.08 -14.26 13.36
C LYS A 393 18.66 -15.17 12.20
N VAL A 394 17.54 -14.87 11.53
CA VAL A 394 17.09 -15.67 10.39
C VAL A 394 17.41 -14.95 9.08
N GLY A 395 18.03 -13.79 9.17
CA GLY A 395 18.39 -12.99 8.00
C GLY A 395 17.27 -12.18 7.40
N ASN A 396 16.16 -11.98 8.14
CA ASN A 396 15.00 -11.22 7.64
C ASN A 396 14.74 -10.03 8.55
N LYS A 397 15.36 -8.90 8.23
CA LYS A 397 15.28 -7.66 9.01
C LYS A 397 14.15 -6.74 8.55
N TYR A 398 13.19 -7.27 7.79
CA TYR A 398 12.07 -6.49 7.28
C TYR A 398 10.78 -6.88 7.95
N CYS A 399 9.79 -6.01 7.82
CA CYS A 399 8.45 -6.23 8.33
C CYS A 399 7.68 -6.96 7.26
N SER A 400 6.98 -8.05 7.61
CA SER A 400 6.19 -8.78 6.60
C SER A 400 4.82 -8.15 6.31
N ASN A 401 4.52 -6.97 6.89
CA ASN A 401 3.34 -6.16 6.61
C ASN A 401 1.94 -6.66 6.99
N VAL A 402 1.62 -7.92 6.69
CA VAL A 402 0.28 -8.47 6.90
C VAL A 402 0.02 -9.30 8.17
N CYS A 403 1.07 -9.77 8.85
CA CYS A 403 0.91 -10.67 10.00
C CYS A 403 0.23 -10.08 11.21
N CYS A 404 0.24 -8.77 11.42
CA CYS A 404 -0.47 -8.23 12.59
C CYS A 404 -1.97 -8.34 12.29
N MET A 405 -2.36 -7.88 11.10
CA MET A 405 -3.73 -7.91 10.65
C MET A 405 -4.29 -9.30 10.48
N TYR A 406 -3.54 -10.26 9.92
CA TYR A 406 -4.14 -11.60 9.77
C TYR A 406 -4.24 -12.34 11.10
N ALA A 407 -3.41 -12.01 12.09
CA ALA A 407 -3.48 -12.68 13.39
C ALA A 407 -4.72 -12.18 14.12
N MET A 408 -5.02 -10.88 14.01
CA MET A 408 -6.22 -10.31 14.62
C MET A 408 -7.47 -10.83 13.89
N LYS A 409 -7.39 -10.98 12.57
CA LYS A 409 -8.51 -11.48 11.75
C LYS A 409 -8.83 -12.92 12.13
N ASN A 410 -7.85 -13.83 12.01
CA ASN A 410 -8.09 -15.24 12.34
C ASN A 410 -8.55 -15.40 13.79
N SER A 411 -8.10 -14.52 14.69
CA SER A 411 -8.51 -14.55 16.09
C SER A 411 -10.01 -14.21 16.19
N GLN A 412 -10.50 -13.30 15.33
CA GLN A 412 -11.92 -12.93 15.32
C GLN A 412 -12.75 -14.12 14.85
N LEU A 413 -12.27 -14.83 13.80
CA LEU A 413 -13.02 -15.97 13.27
C LEU A 413 -13.10 -17.10 14.28
N ILE A 414 -12.05 -17.31 15.06
CA ILE A 414 -12.06 -18.35 16.08
C ILE A 414 -13.08 -17.95 17.15
N LYS A 415 -13.17 -16.66 17.48
CA LYS A 415 -14.13 -16.16 18.46
C LYS A 415 -15.56 -16.29 17.92
N GLU A 416 -15.74 -16.14 16.60
CA GLU A 416 -17.07 -16.26 15.98
C GLU A 416 -17.51 -17.72 16.02
N LYS A 417 -16.60 -18.65 15.72
CA LYS A 417 -16.88 -20.08 15.72
C LYS A 417 -16.96 -20.64 17.15
N SER A 418 -16.06 -20.18 18.03
CA SER A 418 -15.97 -20.64 19.42
C SER A 418 -15.69 -19.48 20.38
N PRO A 419 -16.76 -18.80 20.85
CA PRO A 419 -16.59 -17.65 21.75
C PRO A 419 -15.85 -17.87 23.08
N ASP A 420 -15.86 -19.10 23.62
CA ASP A 420 -15.20 -19.38 24.89
C ASP A 420 -13.68 -19.47 24.78
N THR A 421 -13.14 -19.50 23.55
CA THR A 421 -11.71 -19.61 23.32
C THR A 421 -10.91 -18.41 23.85
N GLU A 422 -9.86 -18.71 24.60
CA GLU A 422 -8.95 -17.71 25.16
C GLU A 422 -7.89 -17.46 24.07
N ILE A 423 -7.77 -16.21 23.57
CA ILE A 423 -6.78 -15.92 22.54
C ILE A 423 -5.85 -14.80 22.96
N ASP A 424 -4.54 -15.04 22.89
CA ASP A 424 -3.52 -14.07 23.24
C ASP A 424 -2.60 -13.87 22.07
N ILE A 425 -2.27 -12.60 21.76
CA ILE A 425 -1.38 -12.28 20.66
C ILE A 425 -0.13 -11.67 21.27
N TYR A 426 1.03 -12.31 21.06
CA TYR A 426 2.30 -11.84 21.59
C TYR A 426 2.93 -11.03 20.49
N TYR A 427 3.01 -9.71 20.70
CA TYR A 427 3.50 -8.78 19.70
C TYR A 427 4.55 -7.79 20.23
N MET A 428 5.15 -7.04 19.30
CA MET A 428 6.13 -5.97 19.59
C MET A 428 5.42 -4.66 19.25
N ASP A 429 4.94 -4.56 18.00
CA ASP A 429 4.19 -3.40 17.52
C ASP A 429 3.00 -3.91 16.75
N ILE A 430 1.81 -3.34 16.98
CA ILE A 430 0.63 -3.73 16.21
C ILE A 430 0.66 -2.81 15.00
N ARG A 431 0.85 -3.37 13.81
CA ARG A 431 0.92 -2.61 12.57
C ARG A 431 -0.38 -2.76 11.79
N ALA A 432 -1.34 -1.91 12.17
CA ALA A 432 -2.69 -1.79 11.62
C ALA A 432 -2.73 -0.37 11.07
N PHE A 433 -2.01 -0.18 9.96
CA PHE A 433 -1.71 1.11 9.32
C PHE A 433 -2.57 1.59 8.16
N SER A 434 -3.42 0.76 7.57
CA SER A 434 -4.20 1.25 6.43
C SER A 434 -5.67 1.54 6.77
N LYS A 435 -6.46 1.92 5.76
CA LYS A 435 -7.87 2.28 5.97
C LYS A 435 -8.68 1.18 6.65
N GLY A 436 -9.22 1.50 7.83
CA GLY A 436 -10.02 0.58 8.63
C GLY A 436 -9.24 -0.42 9.47
N TYR A 437 -7.90 -0.40 9.39
CA TYR A 437 -7.05 -1.34 10.13
C TYR A 437 -6.96 -1.03 11.62
N GLU A 438 -6.80 0.24 11.98
CA GLU A 438 -6.73 0.57 13.40
C GLU A 438 -8.06 0.23 14.05
N GLU A 439 -9.15 0.47 13.32
CA GLU A 439 -10.50 0.22 13.78
C GLU A 439 -10.70 -1.30 13.95
N PHE A 440 -10.13 -2.09 13.04
CA PHE A 440 -10.17 -3.56 13.08
C PHE A 440 -9.44 -4.05 14.33
N TYR A 441 -8.33 -3.38 14.68
CA TYR A 441 -7.54 -3.70 15.87
C TYR A 441 -8.34 -3.34 17.14
N GLU A 442 -8.99 -2.19 17.15
CA GLU A 442 -9.81 -1.77 18.30
C GLU A 442 -10.95 -2.77 18.50
N ARG A 443 -11.61 -3.12 17.40
CA ARG A 443 -12.73 -4.03 17.38
C ARG A 443 -12.34 -5.42 17.86
N SER A 444 -11.14 -5.89 17.52
CA SER A 444 -10.61 -7.20 17.92
C SER A 444 -10.58 -7.33 19.45
N ALA A 445 -10.17 -6.26 20.12
CA ALA A 445 -10.10 -6.23 21.57
C ALA A 445 -11.45 -5.94 22.20
N LYS A 446 -12.11 -4.87 21.75
CA LYS A 446 -13.39 -4.43 22.31
C LYS A 446 -14.55 -5.38 22.03
N GLN A 447 -14.82 -5.70 20.75
CA GLN A 447 -15.94 -6.58 20.40
C GLN A 447 -15.64 -8.07 20.57
N TYR A 448 -14.45 -8.55 20.18
CA TYR A 448 -14.13 -9.99 20.26
C TYR A 448 -13.35 -10.44 21.50
N GLY A 449 -12.91 -9.51 22.33
CA GLY A 449 -12.20 -9.86 23.56
C GLY A 449 -10.83 -10.50 23.35
N ILE A 450 -10.19 -10.21 22.22
CA ILE A 450 -8.86 -10.75 21.92
C ILE A 450 -7.85 -10.01 22.77
N LYS A 451 -6.95 -10.75 23.44
CA LYS A 451 -5.96 -10.16 24.32
C LYS A 451 -4.63 -10.00 23.63
N PHE A 452 -3.86 -8.99 24.03
CA PHE A 452 -2.57 -8.69 23.44
C PHE A 452 -1.51 -8.57 24.52
N MET A 453 -0.37 -9.27 24.33
CA MET A 453 0.74 -9.23 25.28
C MET A 453 1.91 -8.57 24.59
N ARG A 454 2.37 -7.40 25.05
CA ARG A 454 3.51 -6.80 24.36
C ARG A 454 4.78 -7.47 24.86
N GLY A 455 5.26 -8.40 24.08
CA GLY A 455 6.47 -9.13 24.44
C GLY A 455 6.76 -10.22 23.43
N ARG A 456 7.96 -10.20 22.86
CA ARG A 456 8.35 -11.19 21.89
C ARG A 456 8.75 -12.45 22.66
N PRO A 457 8.06 -13.58 22.47
CA PRO A 457 8.40 -14.78 23.26
C PRO A 457 9.81 -15.29 23.05
N SER A 458 10.40 -15.77 24.15
CA SER A 458 11.74 -16.31 24.18
C SER A 458 11.73 -17.75 23.69
N GLN A 459 10.69 -18.52 24.05
CA GLN A 459 10.60 -19.90 23.62
C GLN A 459 9.21 -20.49 23.88
N VAL A 460 8.94 -21.63 23.24
CA VAL A 460 7.71 -22.38 23.39
C VAL A 460 8.14 -23.74 23.93
N ILE A 461 7.46 -24.25 24.96
CA ILE A 461 7.82 -25.53 25.56
C ILE A 461 6.61 -26.44 25.64
N GLU A 462 6.76 -27.68 25.20
CA GLU A 462 5.68 -28.65 25.20
C GLU A 462 5.69 -29.50 26.45
N ASP A 463 4.50 -29.80 26.96
CA ASP A 463 4.33 -30.69 28.10
C ASP A 463 4.23 -32.04 27.41
N PRO A 464 5.21 -32.94 27.58
CA PRO A 464 5.14 -34.23 26.87
C PRO A 464 3.92 -35.09 27.18
N GLU A 465 3.35 -34.94 28.38
CA GLU A 465 2.20 -35.73 28.78
C GLU A 465 0.87 -35.27 28.17
N THR A 466 0.69 -33.96 27.88
CA THR A 466 -0.57 -33.46 27.32
C THR A 466 -0.48 -32.91 25.89
N GLY A 467 0.71 -32.51 25.46
CA GLY A 467 0.88 -31.92 24.14
C GLY A 467 0.58 -30.44 24.17
N ASN A 468 0.24 -29.90 25.37
CA ASN A 468 -0.05 -28.49 25.54
C ASN A 468 1.26 -27.75 25.50
N LEU A 469 1.21 -26.48 25.16
CA LEU A 469 2.41 -25.67 25.02
C LEU A 469 2.43 -24.52 25.99
N VAL A 470 3.61 -24.15 26.43
CA VAL A 470 3.78 -23.02 27.32
C VAL A 470 4.58 -21.99 26.56
N VAL A 471 4.19 -20.73 26.65
CA VAL A 471 4.91 -19.65 25.96
C VAL A 471 5.64 -18.81 26.99
N ARG A 472 6.98 -18.79 26.93
CA ARG A 472 7.79 -18.00 27.85
C ARG A 472 8.01 -16.65 27.23
N ALA A 473 7.56 -15.59 27.92
CA ALA A 473 7.68 -14.25 27.40
C ALA A 473 7.57 -13.22 28.51
N GLU A 474 8.19 -12.06 28.33
CA GLU A 474 8.08 -11.00 29.32
C GLU A 474 6.97 -10.07 28.91
N ASP A 475 6.07 -9.74 29.83
CA ASP A 475 5.04 -8.77 29.52
C ASP A 475 5.81 -7.48 29.77
N THR A 476 6.27 -6.84 28.69
CA THR A 476 7.07 -5.63 28.78
C THR A 476 6.31 -4.46 29.42
N LEU A 477 4.98 -4.50 29.42
CA LEU A 477 4.18 -3.43 30.00
C LEU A 477 3.95 -3.61 31.50
N LEU A 478 4.33 -4.77 32.07
CA LEU A 478 4.24 -5.03 33.51
C LEU A 478 5.62 -5.26 34.12
N GLY A 479 6.63 -5.50 33.28
CA GLY A 479 7.98 -5.78 33.75
C GLY A 479 8.04 -7.12 34.48
N GLU A 480 7.19 -8.07 34.06
CA GLU A 480 7.12 -9.40 34.68
C GLU A 480 7.18 -10.49 33.63
N ILE A 481 7.67 -11.67 34.02
CA ILE A 481 7.79 -12.80 33.10
C ILE A 481 6.55 -13.68 33.15
N LEU A 482 5.97 -13.95 31.97
CA LEU A 482 4.78 -14.78 31.83
C LEU A 482 5.15 -16.18 31.38
N GLU A 483 4.39 -17.17 31.85
CA GLU A 483 4.55 -18.56 31.45
C GLU A 483 3.14 -19.14 31.38
N LYS A 484 2.36 -18.65 30.40
CA LYS A 484 0.99 -19.09 30.19
C LYS A 484 0.92 -20.36 29.34
N GLU A 485 -0.03 -21.25 29.66
CA GLU A 485 -0.21 -22.52 28.95
C GLU A 485 -1.24 -22.37 27.84
N TYR A 486 -1.05 -23.09 26.73
CA TYR A 486 -1.95 -23.02 25.58
C TYR A 486 -2.16 -24.38 24.98
N ASP A 487 -3.30 -24.55 24.34
CA ASP A 487 -3.63 -25.81 23.70
C ASP A 487 -3.10 -25.80 22.26
N LEU A 488 -2.88 -24.61 21.69
CA LEU A 488 -2.34 -24.50 20.33
C LEU A 488 -1.56 -23.21 20.21
N VAL A 489 -0.44 -23.23 19.49
CA VAL A 489 0.38 -22.03 19.29
C VAL A 489 0.47 -21.81 17.79
N VAL A 490 0.09 -20.61 17.35
CA VAL A 490 0.11 -20.23 15.94
C VAL A 490 1.26 -19.25 15.73
N LEU A 491 2.17 -19.60 14.82
CA LEU A 491 3.29 -18.74 14.51
C LEU A 491 2.89 -17.85 13.34
N SER A 492 2.83 -16.54 13.54
CA SER A 492 2.46 -15.63 12.48
C SER A 492 3.68 -15.45 11.59
N VAL A 493 3.88 -16.43 10.72
CA VAL A 493 5.01 -16.48 9.81
C VAL A 493 5.00 -15.33 8.82
N GLY A 494 6.18 -14.83 8.52
CA GLY A 494 6.34 -13.72 7.58
C GLY A 494 6.29 -14.21 6.15
N MET A 495 6.57 -13.30 5.22
CA MET A 495 6.59 -13.61 3.80
C MET A 495 8.02 -13.65 3.29
N VAL A 496 8.30 -14.60 2.40
CA VAL A 496 9.62 -14.73 1.77
C VAL A 496 9.35 -14.89 0.27
N PRO A 497 10.33 -14.71 -0.63
CA PRO A 497 10.05 -14.89 -2.06
C PRO A 497 9.62 -16.32 -2.37
N THR A 498 8.89 -16.53 -3.47
CA THR A 498 8.45 -17.89 -3.83
C THR A 498 9.66 -18.75 -4.22
N LYS A 499 9.55 -20.07 -4.03
CA LYS A 499 10.63 -21.01 -4.34
C LYS A 499 11.18 -20.85 -5.77
N SER A 500 10.29 -20.65 -6.76
CA SER A 500 10.68 -20.50 -8.17
C SER A 500 11.21 -19.12 -8.53
N ALA A 501 11.28 -18.19 -7.58
CA ALA A 501 11.74 -16.84 -7.87
C ALA A 501 13.11 -16.79 -8.55
N ASP A 502 14.06 -17.67 -8.17
CA ASP A 502 15.39 -17.65 -8.79
C ASP A 502 15.33 -17.97 -10.28
N GLU A 503 14.46 -18.93 -10.65
CA GLU A 503 14.30 -19.34 -12.05
C GLU A 503 13.74 -18.16 -12.86
N VAL A 504 12.73 -17.48 -12.32
CA VAL A 504 12.08 -16.35 -12.97
C VAL A 504 13.05 -15.18 -13.07
N GLN A 505 13.83 -14.94 -12.00
CA GLN A 505 14.82 -13.86 -11.96
C GLN A 505 15.79 -14.00 -13.15
N LYS A 506 16.30 -15.22 -13.38
CA LYS A 506 17.24 -15.48 -14.46
C LYS A 506 16.59 -15.32 -15.82
N ILE A 507 15.38 -15.84 -15.98
CA ILE A 507 14.66 -15.75 -17.26
C ILE A 507 14.38 -14.28 -17.65
N LEU A 508 13.92 -13.46 -16.71
CA LEU A 508 13.61 -12.06 -17.03
C LEU A 508 14.80 -11.12 -16.96
N GLY A 509 15.79 -11.45 -16.15
CA GLY A 509 16.97 -10.60 -16.00
C GLY A 509 16.64 -9.39 -15.16
N ILE A 510 16.13 -9.65 -13.95
CA ILE A 510 15.73 -8.60 -13.01
C ILE A 510 16.48 -8.80 -11.71
N SER A 511 16.55 -7.74 -10.90
CA SER A 511 17.29 -7.76 -9.64
C SER A 511 16.40 -7.92 -8.42
N ARG A 512 17.03 -8.18 -7.26
CA ARG A 512 16.33 -8.37 -6.00
C ARG A 512 16.81 -7.33 -4.99
N THR A 513 15.92 -6.93 -4.08
CA THR A 513 16.26 -5.95 -3.03
C THR A 513 16.89 -6.72 -1.87
N PRO A 514 17.43 -6.07 -0.83
CA PRO A 514 18.04 -6.83 0.27
C PRO A 514 17.12 -7.88 0.91
N ASP A 515 15.79 -7.65 0.89
CA ASP A 515 14.82 -8.59 1.45
C ASP A 515 14.62 -9.81 0.53
N GLN A 516 15.29 -9.83 -0.64
CA GLN A 516 15.24 -10.91 -1.62
C GLN A 516 14.02 -10.87 -2.52
N PHE A 517 13.15 -9.88 -2.36
CA PHE A 517 11.98 -9.77 -3.21
C PHE A 517 12.45 -9.01 -4.46
N PHE A 518 11.66 -8.95 -5.54
CA PHE A 518 12.10 -8.25 -6.75
C PHE A 518 12.19 -6.75 -6.54
N MET A 519 13.18 -6.15 -7.20
CA MET A 519 13.51 -4.73 -7.10
C MET A 519 12.86 -3.82 -8.14
N GLU A 520 12.12 -2.81 -7.66
CA GLU A 520 11.46 -1.81 -8.50
C GLU A 520 12.53 -0.82 -8.97
N ALA A 521 12.29 -0.12 -10.09
CA ALA A 521 13.26 0.85 -10.61
C ALA A 521 13.54 1.92 -9.58
N HIS A 522 12.49 2.42 -8.90
CA HIS A 522 12.65 3.41 -7.84
C HIS A 522 11.43 3.35 -6.96
N PRO A 523 11.61 3.30 -5.63
CA PRO A 523 10.44 3.21 -4.74
C PRO A 523 9.31 4.21 -4.99
N LYS A 524 9.66 5.43 -5.42
CA LYS A 524 8.69 6.50 -5.64
C LYS A 524 8.56 6.95 -7.09
N LEU A 525 9.65 7.01 -7.84
CA LEU A 525 9.61 7.43 -9.24
C LEU A 525 8.83 6.43 -10.09
N ARG A 526 9.15 5.13 -9.95
CA ARG A 526 8.54 4.03 -10.71
C ARG A 526 8.35 2.82 -9.80
N PRO A 527 7.27 2.78 -8.99
CA PRO A 527 7.09 1.66 -8.05
C PRO A 527 6.76 0.28 -8.63
N VAL A 528 6.30 0.17 -9.89
CA VAL A 528 5.98 -1.14 -10.45
C VAL A 528 6.83 -1.48 -11.69
N ASP A 529 7.77 -0.60 -12.04
CA ASP A 529 8.68 -0.83 -13.16
C ASP A 529 9.96 -1.45 -12.63
N THR A 530 10.74 -2.10 -13.49
CA THR A 530 12.05 -2.64 -13.11
C THR A 530 13.05 -1.88 -13.97
N ALA A 531 14.35 -1.96 -13.63
CA ALA A 531 15.36 -1.28 -14.44
C ALA A 531 15.43 -1.87 -15.86
N THR A 532 14.86 -3.07 -16.05
CA THR A 532 14.81 -3.73 -17.34
C THR A 532 13.55 -3.27 -18.07
N ASP A 533 13.72 -2.50 -19.14
CA ASP A 533 12.61 -1.97 -19.92
C ASP A 533 11.67 -3.06 -20.41
N GLY A 534 10.37 -2.80 -20.33
CA GLY A 534 9.34 -3.74 -20.77
C GLY A 534 8.98 -4.80 -19.73
N VAL A 535 9.66 -4.82 -18.57
CA VAL A 535 9.39 -5.80 -17.51
C VAL A 535 8.90 -5.03 -16.29
N TYR A 536 7.72 -5.41 -15.78
CA TYR A 536 7.09 -4.75 -14.64
C TYR A 536 6.84 -5.74 -13.51
N LEU A 537 6.43 -5.23 -12.34
CA LEU A 537 6.17 -6.06 -11.16
C LEU A 537 4.80 -5.81 -10.58
N ALA A 538 4.20 -6.83 -9.99
CA ALA A 538 2.89 -6.66 -9.37
C ALA A 538 2.65 -7.68 -8.29
N GLY A 539 2.27 -7.21 -7.12
CA GLY A 539 1.95 -8.08 -6.00
C GLY A 539 3.07 -8.33 -5.01
N ALA A 540 2.89 -9.38 -4.19
CA ALA A 540 3.83 -9.77 -3.16
C ALA A 540 5.25 -10.11 -3.64
N CYS A 541 5.47 -10.43 -4.94
CA CYS A 541 6.82 -10.75 -5.41
C CYS A 541 7.72 -9.52 -5.40
N GLN A 542 7.11 -8.33 -5.38
CA GLN A 542 7.85 -7.07 -5.32
C GLN A 542 8.13 -6.71 -3.85
N GLY A 543 7.42 -7.33 -2.91
CA GLY A 543 7.62 -7.06 -1.49
C GLY A 543 6.41 -7.45 -0.67
N PRO A 544 6.59 -7.74 0.63
CA PRO A 544 5.42 -8.11 1.46
C PRO A 544 4.32 -7.08 1.47
N LYS A 545 3.09 -7.49 1.13
CA LYS A 545 1.93 -6.59 1.12
C LYS A 545 0.65 -7.39 1.17
N ASP A 546 -0.48 -6.70 1.36
CA ASP A 546 -1.81 -7.30 1.46
C ASP A 546 -2.53 -7.29 0.12
N ILE A 547 -3.79 -7.82 0.10
CA ILE A 547 -4.59 -7.91 -1.14
C ILE A 547 -4.90 -6.52 -1.71
N PRO A 548 -5.47 -5.58 -0.94
CA PRO A 548 -5.74 -4.25 -1.51
C PRO A 548 -4.54 -3.67 -2.27
N ALA A 549 -3.36 -3.75 -1.67
CA ALA A 549 -2.12 -3.26 -2.26
C ALA A 549 -1.72 -4.04 -3.50
N SER A 550 -1.91 -5.36 -3.46
CA SER A 550 -1.57 -6.22 -4.59
C SER A 550 -2.45 -5.92 -5.78
N VAL A 551 -3.77 -5.76 -5.54
CA VAL A 551 -4.73 -5.44 -6.60
C VAL A 551 -4.38 -4.07 -7.17
N ALA A 552 -4.03 -3.11 -6.31
CA ALA A 552 -3.65 -1.77 -6.77
C ALA A 552 -2.41 -1.85 -7.66
N GLN A 553 -1.44 -2.69 -7.31
CA GLN A 553 -0.22 -2.87 -8.09
C GLN A 553 -0.47 -3.55 -9.42
N GLY A 554 -1.41 -4.47 -9.45
CA GLY A 554 -1.78 -5.17 -10.67
C GLY A 554 -2.35 -4.18 -11.66
N SER A 555 -3.19 -3.27 -11.16
CA SER A 555 -3.78 -2.22 -11.98
C SER A 555 -2.69 -1.21 -12.37
N ALA A 556 -1.81 -0.86 -11.44
CA ALA A 556 -0.72 0.06 -11.73
C ALA A 556 0.22 -0.55 -12.78
N ALA A 557 0.52 -1.85 -12.70
CA ALA A 557 1.38 -2.52 -13.68
C ALA A 557 0.71 -2.59 -15.05
N ALA A 558 -0.63 -2.67 -15.09
CA ALA A 558 -1.35 -2.71 -16.36
C ALA A 558 -1.20 -1.37 -17.05
N SER A 559 -1.28 -0.26 -16.29
CA SER A 559 -1.12 1.07 -16.86
C SER A 559 0.29 1.25 -17.40
N ARG A 560 1.29 0.87 -16.62
CA ARG A 560 2.68 1.03 -17.01
C ARG A 560 3.02 0.15 -18.21
N ALA A 561 2.56 -1.09 -18.21
CA ALA A 561 2.79 -2.01 -19.33
C ALA A 561 2.00 -1.60 -20.56
N ALA A 562 0.85 -0.93 -20.39
CA ALA A 562 0.02 -0.48 -21.51
C ALA A 562 0.67 0.69 -22.26
N ILE A 563 1.51 1.51 -21.60
CA ILE A 563 2.14 2.66 -22.25
C ILE A 563 2.94 2.24 -23.50
N PRO A 564 3.95 1.36 -23.39
CA PRO A 564 4.68 0.94 -24.60
C PRO A 564 3.76 0.35 -25.66
N LEU A 565 2.78 -0.46 -25.22
CA LEU A 565 1.81 -1.11 -26.10
C LEU A 565 0.96 -0.09 -26.85
N ALA A 566 0.44 0.91 -26.14
CA ALA A 566 -0.39 1.94 -26.77
C ALA A 566 0.46 2.80 -27.69
N LYS A 567 1.70 3.11 -27.29
CA LYS A 567 2.59 3.92 -28.12
C LYS A 567 2.88 3.20 -29.43
N GLY A 568 3.06 1.89 -29.37
CA GLY A 568 3.34 1.06 -30.54
C GLY A 568 4.76 1.19 -31.02
N GLU A 569 5.60 1.94 -30.29
CA GLU A 569 6.99 2.16 -30.65
C GLU A 569 7.76 2.67 -29.44
N VAL A 570 8.99 2.19 -29.24
CA VAL A 570 9.82 2.66 -28.13
C VAL A 570 11.24 2.89 -28.62
N GLU A 571 12.01 3.65 -27.85
CA GLU A 571 13.40 3.96 -28.18
C GLU A 571 14.31 3.10 -27.33
N VAL A 572 15.37 2.54 -27.94
CA VAL A 572 16.33 1.75 -27.18
C VAL A 572 17.72 2.37 -27.35
N GLU A 573 18.56 2.21 -26.33
CA GLU A 573 19.89 2.81 -26.33
C GLU A 573 20.78 2.30 -27.46
N PRO A 574 21.36 3.26 -28.20
CA PRO A 574 22.22 2.91 -29.35
C PRO A 574 23.67 2.49 -29.03
N ILE A 575 23.93 1.96 -27.83
CA ILE A 575 25.27 1.54 -27.41
C ILE A 575 25.61 0.15 -27.92
N ILE A 576 25.60 -0.01 -29.25
CA ILE A 576 25.82 -1.30 -29.87
C ILE A 576 27.20 -1.42 -30.50
N ALA A 577 27.62 -2.66 -30.72
CA ALA A 577 28.92 -2.95 -31.30
C ALA A 577 28.86 -2.98 -32.79
N SER A 578 29.91 -2.50 -33.44
CA SER A 578 30.02 -2.50 -34.90
C SER A 578 31.49 -2.73 -35.28
N VAL A 579 31.71 -3.43 -36.38
CA VAL A 579 33.05 -3.74 -36.85
C VAL A 579 33.53 -2.73 -37.88
N ASP A 580 34.78 -2.29 -37.78
CA ASP A 580 35.37 -1.39 -38.76
C ASP A 580 36.05 -2.37 -39.72
N ALA A 581 35.40 -2.66 -40.86
CA ALA A 581 35.89 -3.61 -41.85
C ALA A 581 37.29 -3.33 -42.38
N GLU A 582 37.80 -2.10 -42.23
CA GLU A 582 39.14 -1.77 -42.70
C GLU A 582 40.22 -2.34 -41.77
N ILE A 583 39.86 -2.57 -40.50
CA ILE A 583 40.79 -3.10 -39.50
C ILE A 583 40.58 -4.60 -39.25
N CYS A 584 39.34 -5.09 -39.38
CA CYS A 584 39.04 -6.50 -39.13
C CYS A 584 39.62 -7.43 -40.19
N GLY A 585 40.46 -8.36 -39.75
CA GLY A 585 41.08 -9.36 -40.62
C GLY A 585 40.43 -10.72 -40.48
N GLY A 586 39.25 -10.76 -39.88
CA GLY A 586 38.48 -11.99 -39.71
C GLY A 586 39.13 -13.05 -38.85
N CYS A 587 39.67 -12.66 -37.69
CA CYS A 587 40.29 -13.64 -36.80
C CYS A 587 39.25 -14.58 -36.13
N GLY A 588 37.99 -14.17 -36.11
CA GLY A 588 36.89 -14.96 -35.55
C GLY A 588 36.82 -15.04 -34.04
N VAL A 589 37.55 -14.17 -33.34
CA VAL A 589 37.56 -14.18 -31.88
C VAL A 589 36.24 -13.72 -31.26
N CYS A 590 35.54 -12.81 -31.92
CA CYS A 590 34.29 -12.21 -31.43
C CYS A 590 33.06 -13.10 -31.47
N VAL A 591 32.93 -13.89 -32.52
CA VAL A 591 31.76 -14.74 -32.80
C VAL A 591 31.21 -15.52 -31.60
N LYS A 592 32.03 -16.33 -30.92
CA LYS A 592 31.55 -17.14 -29.80
C LYS A 592 31.35 -16.35 -28.50
N GLN A 593 31.89 -15.13 -28.39
CA GLN A 593 31.73 -14.35 -27.16
C GLN A 593 30.32 -13.79 -26.97
N CYS A 594 29.53 -13.69 -28.05
CA CYS A 594 28.20 -13.15 -27.94
C CYS A 594 27.16 -14.20 -27.56
N PRO A 595 26.41 -13.98 -26.47
CA PRO A 595 25.37 -14.95 -26.12
C PRO A 595 24.21 -14.96 -27.11
N TYR A 596 24.03 -13.85 -27.85
CA TYR A 596 22.96 -13.68 -28.83
C TYR A 596 23.38 -13.95 -30.27
N GLY A 597 24.65 -14.26 -30.47
CA GLY A 597 25.19 -14.55 -31.81
C GLY A 597 25.11 -13.38 -32.77
N ALA A 598 25.33 -12.15 -32.29
CA ALA A 598 25.28 -10.97 -33.17
C ALA A 598 26.48 -10.87 -34.12
N PRO A 599 27.73 -11.10 -33.68
CA PRO A 599 28.87 -11.03 -34.60
C PRO A 599 28.94 -12.25 -35.52
N ARG A 600 29.05 -12.05 -36.84
CA ARG A 600 29.13 -13.15 -37.79
C ARG A 600 30.23 -12.91 -38.82
N LEU A 601 30.95 -13.96 -39.21
CA LEU A 601 31.99 -13.84 -40.23
C LEU A 601 31.32 -13.87 -41.59
N VAL A 602 31.49 -12.81 -42.38
CA VAL A 602 30.87 -12.73 -43.70
C VAL A 602 31.91 -12.43 -44.76
N GLU A 603 31.51 -12.52 -46.03
CA GLU A 603 32.37 -12.21 -47.17
C GLU A 603 32.01 -10.80 -47.63
N LYS A 604 32.99 -9.90 -47.69
CA LYS A 604 32.75 -8.51 -48.11
C LYS A 604 33.90 -8.08 -49.00
N ASP A 605 33.63 -7.79 -50.28
CA ASP A 605 34.65 -7.38 -51.24
C ASP A 605 35.74 -8.48 -51.38
N GLY A 606 35.29 -9.74 -51.44
CA GLY A 606 36.18 -10.89 -51.58
C GLY A 606 37.10 -11.17 -50.41
N LYS A 607 36.74 -10.69 -49.21
CA LYS A 607 37.56 -10.90 -48.02
C LYS A 607 36.68 -11.26 -46.82
N VAL A 608 37.16 -12.15 -45.93
CA VAL A 608 36.40 -12.53 -44.75
C VAL A 608 36.56 -11.45 -43.69
N VAL A 609 35.44 -11.01 -43.14
CA VAL A 609 35.42 -9.96 -42.14
C VAL A 609 34.25 -10.20 -41.20
N ALA A 610 34.36 -9.77 -39.94
CA ALA A 610 33.25 -9.95 -39.01
C ALA A 610 32.27 -8.82 -39.26
N GLU A 611 31.02 -9.07 -38.94
CA GLU A 611 29.97 -8.07 -39.11
C GLU A 611 28.93 -8.33 -38.05
N VAL A 612 28.53 -7.29 -37.32
CA VAL A 612 27.55 -7.45 -36.24
C VAL A 612 26.14 -7.22 -36.74
N ILE A 613 25.21 -8.15 -36.38
CA ILE A 613 23.79 -8.04 -36.69
C ILE A 613 23.26 -7.13 -35.60
N SER A 614 23.22 -5.82 -35.87
CA SER A 614 22.78 -4.79 -34.92
C SER A 614 21.60 -5.18 -34.02
N ALA A 615 20.56 -5.77 -34.61
CA ALA A 615 19.34 -6.17 -33.90
C ALA A 615 19.58 -7.18 -32.77
N LEU A 616 20.61 -8.03 -32.89
CA LEU A 616 20.91 -9.05 -31.87
C LEU A 616 21.88 -8.54 -30.79
N CYS A 617 22.47 -7.36 -30.97
CA CYS A 617 23.41 -6.81 -30.00
C CYS A 617 22.67 -6.03 -28.92
N LYS A 618 22.85 -6.40 -27.65
CA LYS A 618 22.22 -5.70 -26.52
C LYS A 618 23.14 -4.60 -25.95
N GLY A 619 24.41 -4.59 -26.35
CA GLY A 619 25.35 -3.56 -25.92
C GLY A 619 26.09 -3.84 -24.63
N CYS A 620 26.55 -5.07 -24.43
CA CYS A 620 27.29 -5.39 -23.22
C CYS A 620 28.74 -4.90 -23.29
N GLY A 621 29.36 -5.00 -24.45
CA GLY A 621 30.75 -4.56 -24.64
C GLY A 621 31.77 -5.67 -24.50
N THR A 622 31.32 -6.92 -24.50
CA THR A 622 32.23 -8.05 -24.36
C THR A 622 33.08 -8.29 -25.60
N CYS A 623 32.48 -8.43 -26.79
CA CYS A 623 33.32 -8.69 -27.97
C CYS A 623 34.27 -7.52 -28.29
N PRO A 624 33.89 -6.24 -28.14
CA PRO A 624 34.89 -5.18 -28.37
C PRO A 624 36.07 -5.29 -27.40
N ALA A 625 35.77 -5.66 -26.14
CA ALA A 625 36.83 -5.81 -25.13
C ALA A 625 37.79 -6.93 -25.51
N GLY A 626 37.26 -7.99 -26.10
CA GLY A 626 38.06 -9.13 -26.51
C GLY A 626 38.61 -9.08 -27.93
N CYS A 627 38.29 -8.02 -28.69
CA CYS A 627 38.77 -7.89 -30.07
C CYS A 627 40.26 -7.55 -30.09
N PRO A 628 41.11 -8.42 -30.64
CA PRO A 628 42.55 -8.14 -30.62
C PRO A 628 43.05 -7.11 -31.63
N SER A 629 42.22 -6.73 -32.62
CA SER A 629 42.61 -5.74 -33.64
C SER A 629 42.08 -4.32 -33.35
N GLY A 630 41.09 -4.21 -32.47
CA GLY A 630 40.48 -2.93 -32.17
C GLY A 630 39.40 -2.56 -33.17
N ALA A 631 39.09 -3.49 -34.10
CA ALA A 631 38.07 -3.28 -35.14
C ALA A 631 36.67 -3.19 -34.56
N LEU A 632 36.45 -3.81 -33.39
CA LEU A 632 35.15 -3.78 -32.74
C LEU A 632 35.11 -2.70 -31.68
N GLU A 633 34.10 -1.85 -31.72
CA GLU A 633 33.92 -0.80 -30.72
C GLU A 633 32.43 -0.69 -30.43
N GLN A 634 32.11 -0.46 -29.16
CA GLN A 634 30.76 -0.25 -28.66
C GLN A 634 30.55 1.25 -28.64
N ASP A 635 29.49 1.77 -29.28
CA ASP A 635 29.27 3.21 -29.23
C ASP A 635 29.02 3.62 -27.79
N HIS A 636 29.59 4.76 -27.36
CA HIS A 636 29.44 5.30 -26.00
C HIS A 636 30.34 4.66 -24.95
N PHE A 637 30.99 3.53 -25.26
CA PHE A 637 31.92 2.88 -24.34
C PHE A 637 33.08 2.39 -25.17
N LYS A 638 33.64 3.31 -25.96
CA LYS A 638 34.80 2.99 -26.79
C LYS A 638 36.04 2.98 -25.93
N THR A 639 37.05 2.21 -26.33
CA THR A 639 38.30 2.12 -25.58
C THR A 639 38.90 3.50 -25.35
N ILE A 640 38.90 4.36 -26.39
CA ILE A 640 39.46 5.71 -26.27
C ILE A 640 38.65 6.57 -25.30
N GLN A 641 37.32 6.39 -25.25
CA GLN A 641 36.50 7.15 -24.31
C GLN A 641 36.81 6.73 -22.87
N LEU A 642 36.97 5.43 -22.63
CA LEU A 642 37.30 4.94 -21.29
C LEU A 642 38.72 5.29 -20.92
N PHE A 643 39.63 5.32 -21.90
CA PHE A 643 41.03 5.68 -21.65
C PHE A 643 41.08 7.12 -21.15
N LYS A 644 40.30 8.02 -21.79
CA LYS A 644 40.28 9.43 -21.37
C LYS A 644 39.70 9.54 -19.97
N GLN A 645 38.64 8.77 -19.69
CA GLN A 645 38.00 8.80 -18.38
C GLN A 645 39.00 8.36 -17.30
N ILE A 646 39.84 7.34 -17.58
CA ILE A 646 40.85 6.87 -16.62
C ILE A 646 41.86 7.99 -16.36
N GLU A 647 42.35 8.65 -17.42
CA GLU A 647 43.32 9.74 -17.30
C GLU A 647 42.74 10.85 -16.44
N GLY A 648 41.45 11.12 -16.65
CA GLY A 648 40.69 12.15 -15.94
C GLY A 648 40.78 12.09 -14.43
N MET A 649 41.01 10.90 -13.86
CA MET A 649 41.12 10.74 -12.42
C MET A 649 42.40 11.39 -11.89
N PHE A 650 43.46 11.40 -12.72
CA PHE A 650 44.77 11.92 -12.33
C PHE A 650 45.16 13.24 -12.98
N ARG A 651 44.62 13.56 -14.16
CA ARG A 651 44.98 14.80 -14.83
C ARG A 651 43.98 15.23 -15.88
N ASP A 652 44.14 16.46 -16.36
CA ASP A 652 43.31 17.00 -17.42
C ASP A 652 44.05 16.70 -18.73
N THR A 653 43.33 16.53 -19.84
CA THR A 653 43.92 16.20 -21.14
C THR A 653 45.08 17.14 -21.54
N ALA A 654 44.92 18.47 -21.37
CA ALA A 654 45.94 19.45 -21.73
C ALA A 654 46.48 19.25 -23.16
N MET B 1 -36.33 33.20 38.59
CA MET B 1 -35.47 32.03 38.78
C MET B 1 -35.74 31.40 40.13
N LYS B 2 -36.37 30.21 40.11
CA LYS B 2 -36.72 29.46 41.31
C LYS B 2 -36.00 28.12 41.26
N TYR B 3 -35.14 27.86 42.25
CA TYR B 3 -34.39 26.62 42.30
C TYR B 3 -34.42 26.03 43.70
N ALA B 4 -34.45 24.70 43.79
CA ALA B 4 -34.43 24.00 45.07
C ALA B 4 -32.99 24.02 45.54
N PHE B 5 -32.72 24.56 46.72
CA PHE B 5 -31.34 24.66 47.21
C PHE B 5 -30.86 23.41 47.94
N PHE B 6 -29.98 22.62 47.29
CA PHE B 6 -29.42 21.43 47.92
C PHE B 6 -28.25 21.94 48.75
N LEU B 7 -28.25 21.66 50.06
CA LEU B 7 -27.22 22.14 50.99
C LEU B 7 -26.04 21.19 51.19
N GLY B 8 -26.32 19.89 51.23
CA GLY B 8 -25.29 18.90 51.46
C GLY B 8 -25.05 18.67 52.94
N CYS B 9 -23.76 18.58 53.34
CA CYS B 9 -23.39 18.35 54.74
C CYS B 9 -22.40 19.38 55.29
N ILE B 10 -21.24 19.51 54.63
CA ILE B 10 -20.16 20.40 55.08
C ILE B 10 -20.60 21.85 55.22
N MET B 11 -21.27 22.42 54.22
CA MET B 11 -21.69 23.82 54.32
C MET B 11 -22.69 24.06 55.47
N PRO B 12 -23.86 23.41 55.48
CA PRO B 12 -24.81 23.68 56.57
C PRO B 12 -24.35 23.30 57.97
N ASN B 13 -23.66 22.16 58.12
CA ASN B 13 -23.23 21.71 59.44
C ASN B 13 -21.84 22.14 59.89
N ARG B 14 -21.02 22.76 59.04
CA ARG B 14 -19.70 23.20 59.47
C ARG B 14 -19.38 24.61 58.98
N TYR B 15 -19.24 24.80 57.67
CA TYR B 15 -18.95 26.13 57.12
C TYR B 15 -20.26 26.81 56.74
N ALA B 16 -21.16 27.00 57.73
CA ALA B 16 -22.47 27.62 57.54
C ALA B 16 -22.43 29.04 56.97
N GLY B 17 -21.28 29.69 57.05
CA GLY B 17 -21.11 31.03 56.50
C GLY B 17 -21.26 31.04 54.99
N VAL B 18 -20.94 29.89 54.36
CA VAL B 18 -21.05 29.72 52.91
C VAL B 18 -22.54 29.74 52.56
N GLU B 19 -23.39 29.13 53.42
CA GLU B 19 -24.84 29.09 53.21
C GLU B 19 -25.41 30.50 53.28
N ALA B 20 -25.04 31.26 54.32
CA ALA B 20 -25.51 32.64 54.50
C ALA B 20 -25.08 33.51 53.34
N ALA B 21 -23.83 33.35 52.89
CA ALA B 21 -23.30 34.11 51.77
C ALA B 21 -24.06 33.78 50.49
N THR B 22 -24.31 32.49 50.23
CA THR B 22 -25.05 32.07 49.04
C THR B 22 -26.49 32.61 49.07
N ARG B 23 -27.16 32.47 50.22
CA ARG B 23 -28.53 32.93 50.37
C ARG B 23 -28.67 34.41 49.96
N THR B 24 -27.82 35.28 50.51
CA THR B 24 -27.83 36.71 50.19
C THR B 24 -27.39 37.00 48.76
N VAL B 25 -26.26 36.43 48.33
CA VAL B 25 -25.72 36.64 46.97
C VAL B 25 -26.75 36.24 45.91
N MET B 26 -27.38 35.06 46.06
CA MET B 26 -28.36 34.59 45.08
C MET B 26 -29.62 35.46 45.11
N GLU B 27 -29.99 36.01 46.28
CA GLU B 27 -31.17 36.89 46.38
C GLU B 27 -30.87 38.18 45.61
N LYS B 28 -29.66 38.73 45.80
CA LYS B 28 -29.22 39.95 45.12
C LYS B 28 -29.17 39.80 43.59
N LEU B 29 -29.01 38.57 43.10
CA LEU B 29 -28.93 38.28 41.66
C LEU B 29 -30.23 37.74 41.06
N GLY B 30 -31.35 38.02 41.71
CA GLY B 30 -32.67 37.62 41.25
C GLY B 30 -32.94 36.13 41.26
N VAL B 31 -32.45 35.41 42.28
CA VAL B 31 -32.69 33.96 42.36
C VAL B 31 -33.38 33.60 43.67
N GLU B 32 -34.53 32.92 43.57
CA GLU B 32 -35.31 32.49 44.73
C GLU B 32 -34.88 31.08 45.10
N LEU B 33 -34.38 30.89 46.32
CA LEU B 33 -33.93 29.57 46.79
C LEU B 33 -35.00 28.93 47.65
N VAL B 34 -35.50 27.76 47.23
CA VAL B 34 -36.53 27.03 47.96
C VAL B 34 -35.87 25.89 48.74
N ASP B 35 -36.44 25.52 49.89
CA ASP B 35 -35.86 24.47 50.73
C ASP B 35 -36.18 23.06 50.23
N MET B 36 -35.15 22.18 50.24
CA MET B 36 -35.32 20.79 49.85
C MET B 36 -35.53 20.05 51.16
N THR B 37 -36.74 20.14 51.68
CA THR B 37 -37.09 19.53 52.96
C THR B 37 -36.91 18.01 52.90
N GLY B 38 -36.04 17.50 53.75
CA GLY B 38 -35.75 16.06 53.81
C GLY B 38 -34.53 15.63 53.01
N ALA B 39 -33.83 16.58 52.36
CA ALA B 39 -32.64 16.26 51.58
C ALA B 39 -31.54 15.75 52.51
N SER B 40 -30.89 14.65 52.13
CA SER B 40 -29.84 14.02 52.92
C SER B 40 -28.49 14.23 52.25
N CYS B 41 -27.52 13.36 52.56
CA CYS B 41 -26.20 13.36 51.93
C CYS B 41 -26.49 13.13 50.44
N CYS B 42 -25.76 13.80 49.53
CA CYS B 42 -26.03 13.66 48.09
C CYS B 42 -26.24 12.22 47.57
N PRO B 43 -25.59 11.13 48.01
CA PRO B 43 -24.56 10.98 49.05
C PRO B 43 -23.15 11.14 48.52
N ALA B 44 -22.20 11.49 49.40
CA ALA B 44 -20.80 11.70 49.00
C ALA B 44 -20.31 10.57 48.10
N PRO B 45 -20.00 10.89 46.84
CA PRO B 45 -19.58 9.85 45.88
C PRO B 45 -18.24 9.16 46.18
N GLY B 46 -17.35 9.83 46.89
CA GLY B 46 -16.05 9.26 47.23
C GLY B 46 -16.15 7.93 47.95
N VAL B 47 -17.08 7.84 48.90
CA VAL B 47 -17.32 6.63 49.69
C VAL B 47 -18.42 5.78 49.06
N PHE B 48 -19.60 6.38 48.83
CA PHE B 48 -20.76 5.66 48.31
C PHE B 48 -20.56 5.13 46.88
N GLY B 49 -20.00 5.93 46.00
CA GLY B 49 -19.75 5.51 44.62
C GLY B 49 -18.70 4.42 44.54
N SER B 50 -17.71 4.50 45.44
CA SER B 50 -16.63 3.52 45.52
C SER B 50 -17.06 2.26 46.23
N PHE B 51 -17.99 2.36 47.18
CA PHE B 51 -18.47 1.19 47.93
C PHE B 51 -19.52 0.45 47.13
N ASP B 52 -20.55 1.15 46.67
CA ASP B 52 -21.63 0.51 45.91
C ASP B 52 -22.35 1.53 45.04
N GLN B 53 -22.13 1.43 43.72
CA GLN B 53 -22.77 2.33 42.75
C GLN B 53 -24.28 2.29 42.87
N LYS B 54 -24.86 1.10 43.10
CA LYS B 54 -26.31 0.95 43.24
C LYS B 54 -26.85 1.81 44.39
N THR B 55 -26.19 1.78 45.56
CA THR B 55 -26.61 2.56 46.71
C THR B 55 -26.38 4.05 46.49
N TRP B 56 -25.31 4.43 45.78
CA TRP B 56 -25.05 5.84 45.54
C TRP B 56 -26.17 6.43 44.66
N LEU B 57 -26.54 5.73 43.58
CA LEU B 57 -27.58 6.21 42.66
C LEU B 57 -28.98 6.19 43.26
N THR B 58 -29.31 5.18 44.07
CA THR B 58 -30.65 5.09 44.66
C THR B 58 -30.86 6.24 45.64
N LEU B 59 -29.88 6.53 46.49
CA LEU B 59 -29.98 7.62 47.45
C LEU B 59 -29.92 8.98 46.73
N ALA B 60 -29.19 9.05 45.61
CA ALA B 60 -29.11 10.30 44.86
C ALA B 60 -30.47 10.56 44.22
N ALA B 61 -31.09 9.49 43.68
CA ALA B 61 -32.40 9.56 43.05
C ALA B 61 -33.46 9.98 44.07
N ARG B 62 -33.33 9.49 45.32
CA ARG B 62 -34.26 9.85 46.39
C ARG B 62 -34.25 11.36 46.57
N ASN B 63 -33.05 11.97 46.57
CA ASN B 63 -32.90 13.42 46.72
C ASN B 63 -33.43 14.17 45.49
N LEU B 64 -33.27 13.59 44.29
CA LEU B 64 -33.75 14.21 43.05
C LEU B 64 -35.28 14.25 43.08
N CYS B 65 -35.93 13.20 43.63
CA CYS B 65 -37.38 13.13 43.73
C CYS B 65 -37.93 14.28 44.59
N ILE B 66 -37.21 14.69 45.66
CA ILE B 66 -37.65 15.78 46.53
C ILE B 66 -37.84 17.06 45.71
N ALA B 67 -36.91 17.36 44.79
CA ALA B 67 -37.03 18.55 43.95
C ALA B 67 -38.07 18.32 42.85
N GLU B 68 -38.21 17.07 42.38
CA GLU B 68 -39.18 16.73 41.35
C GLU B 68 -40.59 16.88 41.88
N GLU B 69 -40.82 16.48 43.15
CA GLU B 69 -42.13 16.61 43.79
C GLU B 69 -42.50 18.08 43.94
N MET B 70 -41.50 18.93 44.22
CA MET B 70 -41.71 20.38 44.34
C MET B 70 -41.94 21.01 42.97
N GLY B 71 -41.46 20.37 41.91
CA GLY B 71 -41.61 20.85 40.55
C GLY B 71 -40.61 21.93 40.17
N VAL B 72 -39.40 21.87 40.75
CA VAL B 72 -38.36 22.85 40.48
C VAL B 72 -37.02 22.15 40.22
N ASP B 73 -36.05 22.89 39.68
CA ASP B 73 -34.73 22.35 39.40
C ASP B 73 -33.88 22.47 40.66
N ILE B 74 -32.69 21.86 40.68
CA ILE B 74 -31.81 21.92 41.85
C ILE B 74 -30.61 22.82 41.59
N VAL B 75 -30.16 23.51 42.63
CA VAL B 75 -28.99 24.37 42.56
C VAL B 75 -28.11 24.00 43.74
N THR B 76 -26.80 23.93 43.54
CA THR B 76 -25.87 23.59 44.62
C THR B 76 -24.66 24.46 44.51
N VAL B 77 -23.92 24.57 45.61
CA VAL B 77 -22.70 25.38 45.64
C VAL B 77 -21.53 24.45 45.95
N CYS B 78 -21.70 23.15 45.65
CA CYS B 78 -20.65 22.18 45.88
C CYS B 78 -20.42 21.29 44.67
N ASN B 79 -19.14 21.11 44.32
CA ASN B 79 -18.75 20.26 43.19
C ASN B 79 -19.08 18.80 43.51
N GLY B 80 -18.91 18.41 44.76
CA GLY B 80 -19.19 17.06 45.21
C GLY B 80 -20.65 16.71 45.07
N CYS B 81 -21.53 17.64 45.48
CA CYS B 81 -22.97 17.44 45.39
C CYS B 81 -23.41 17.60 43.93
N TYR B 82 -22.81 18.58 43.23
CA TYR B 82 -23.11 18.82 41.83
C TYR B 82 -22.81 17.59 41.00
N GLY B 83 -21.61 17.06 41.17
CA GLY B 83 -21.20 15.87 40.44
C GLY B 83 -22.07 14.67 40.79
N SER B 84 -22.34 14.46 42.08
CA SER B 84 -23.17 13.34 42.53
C SER B 84 -24.59 13.39 41.97
N LEU B 85 -25.29 14.51 42.15
CA LEU B 85 -26.67 14.62 41.68
C LEU B 85 -26.78 14.82 40.17
N PHE B 86 -25.87 15.60 39.55
CA PHE B 86 -25.91 15.81 38.10
C PHE B 86 -25.66 14.49 37.37
N GLU B 87 -24.63 13.72 37.79
CA GLU B 87 -24.31 12.45 37.15
C GLU B 87 -25.39 11.41 37.46
N ALA B 88 -26.00 11.47 38.65
CA ALA B 88 -27.07 10.53 38.98
C ALA B 88 -28.25 10.80 38.05
N ALA B 89 -28.59 12.09 37.90
CA ALA B 89 -29.69 12.51 37.03
C ALA B 89 -29.44 12.11 35.58
N HIS B 90 -28.23 12.39 35.07
CA HIS B 90 -27.89 12.05 33.68
C HIS B 90 -28.01 10.55 33.42
N LEU B 91 -27.58 9.74 34.39
CA LEU B 91 -27.61 8.29 34.28
C LEU B 91 -29.05 7.76 34.26
N LEU B 92 -29.93 8.32 35.09
CA LEU B 92 -31.33 7.90 35.15
C LEU B 92 -32.08 8.29 33.87
N HIS B 93 -31.66 9.36 33.19
CA HIS B 93 -32.28 9.80 31.95
C HIS B 93 -31.73 9.01 30.75
N ASP B 94 -30.43 8.68 30.78
CA ASP B 94 -29.74 7.97 29.69
C ASP B 94 -29.87 6.45 29.75
N ASN B 95 -29.79 5.86 30.95
CA ASN B 95 -29.86 4.40 31.13
C ASN B 95 -31.19 3.92 31.72
N LYS B 96 -32.00 3.21 30.92
CA LYS B 96 -33.31 2.70 31.36
C LYS B 96 -33.17 1.57 32.38
N GLU B 97 -32.14 0.74 32.25
CA GLU B 97 -31.93 -0.37 33.18
C GLU B 97 -31.61 0.18 34.57
N ALA B 98 -30.79 1.23 34.62
CA ALA B 98 -30.42 1.86 35.89
C ALA B 98 -31.65 2.55 36.49
N LEU B 99 -32.50 3.15 35.63
CA LEU B 99 -33.72 3.82 36.09
C LEU B 99 -34.68 2.79 36.68
N ASN B 100 -34.90 1.67 35.96
CA ASN B 100 -35.80 0.62 36.42
C ASN B 100 -35.32 0.03 37.76
N PHE B 101 -34.01 -0.17 37.90
CA PHE B 101 -33.46 -0.73 39.15
C PHE B 101 -33.79 0.19 40.32
N VAL B 102 -33.45 1.46 40.16
CA VAL B 102 -33.65 2.49 41.17
C VAL B 102 -35.13 2.66 41.52
N ASN B 103 -36.00 2.74 40.52
CA ASN B 103 -37.43 2.91 40.76
C ASN B 103 -38.05 1.73 41.51
N GLU B 104 -37.52 0.50 41.32
CA GLU B 104 -38.02 -0.66 42.05
C GLU B 104 -37.73 -0.48 43.54
N LYS B 105 -36.55 0.08 43.85
CA LYS B 105 -36.13 0.35 45.23
C LYS B 105 -36.89 1.57 45.78
N LEU B 106 -37.04 2.62 44.95
CA LEU B 106 -37.76 3.83 45.38
C LEU B 106 -39.24 3.56 45.59
N ASP B 107 -39.81 2.58 44.88
CA ASP B 107 -41.22 2.22 45.02
C ASP B 107 -41.54 1.72 46.44
N LYS B 108 -40.54 1.19 47.15
CA LYS B 108 -40.72 0.69 48.52
C LYS B 108 -40.89 1.85 49.49
N VAL B 109 -40.48 3.06 49.10
CA VAL B 109 -40.59 4.26 49.92
C VAL B 109 -41.74 5.19 49.47
N GLY B 110 -42.32 4.91 48.31
CA GLY B 110 -43.42 5.70 47.76
C GLY B 110 -42.96 6.76 46.78
N LYS B 111 -41.69 6.69 46.34
CA LYS B 111 -41.14 7.64 45.39
C LYS B 111 -40.88 6.97 44.05
N GLU B 112 -40.71 7.79 43.00
CA GLU B 112 -40.46 7.30 41.65
C GLU B 112 -39.87 8.45 40.82
N TYR B 113 -38.63 8.31 40.35
CA TYR B 113 -38.00 9.37 39.56
C TYR B 113 -38.55 9.33 38.13
N LYS B 114 -38.97 10.50 37.62
CA LYS B 114 -39.57 10.60 36.29
C LYS B 114 -38.68 11.33 35.24
N GLY B 115 -37.53 11.85 35.64
CA GLY B 115 -36.59 12.50 34.73
C GLY B 115 -36.83 13.95 34.36
N ASN B 116 -37.46 14.75 35.23
CA ASN B 116 -37.71 16.16 34.92
C ASN B 116 -36.83 17.14 35.72
N VAL B 117 -35.85 16.63 36.50
CA VAL B 117 -34.99 17.49 37.31
C VAL B 117 -33.66 17.80 36.62
N LYS B 118 -33.26 19.07 36.66
CA LYS B 118 -31.99 19.53 36.11
C LYS B 118 -31.18 19.98 37.31
N VAL B 119 -29.92 19.56 37.39
CA VAL B 119 -29.05 19.94 38.52
C VAL B 119 -28.14 21.05 38.03
N ARG B 120 -28.07 22.16 38.78
CA ARG B 120 -27.25 23.30 38.41
C ARG B 120 -26.21 23.62 39.46
N HIS B 121 -25.10 24.19 39.01
CA HIS B 121 -24.03 24.63 39.89
C HIS B 121 -24.11 26.16 39.85
N PHE B 122 -24.25 26.82 41.00
CA PHE B 122 -24.39 28.28 41.04
C PHE B 122 -23.40 29.07 40.18
N ALA B 123 -22.12 28.66 40.09
CA ALA B 123 -21.14 29.37 39.28
C ALA B 123 -21.50 29.28 37.80
N GLU B 124 -22.01 28.12 37.39
CA GLU B 124 -22.43 27.86 36.00
C GLU B 124 -23.75 28.59 35.73
N LEU B 125 -24.68 28.56 36.70
CA LEU B 125 -25.97 29.25 36.60
C LEU B 125 -25.73 30.76 36.48
N ILE B 126 -24.76 31.29 37.23
CA ILE B 126 -24.39 32.71 37.20
C ILE B 126 -23.82 33.10 35.84
N TYR B 127 -22.91 32.29 35.31
CA TYR B 127 -22.25 32.56 34.04
C TYR B 127 -23.14 32.46 32.81
N ASN B 128 -23.87 31.36 32.67
CA ASN B 128 -24.74 31.11 31.50
C ASN B 128 -26.10 31.79 31.51
N ASP B 129 -26.77 31.87 32.66
CA ASP B 129 -28.12 32.43 32.72
C ASP B 129 -28.23 33.87 33.20
N ILE B 130 -27.60 34.18 34.33
CA ILE B 130 -27.67 35.52 34.92
C ILE B 130 -26.75 36.51 34.20
N GLY B 131 -25.48 36.15 34.10
CA GLY B 131 -24.47 36.98 33.44
C GLY B 131 -23.47 37.54 34.44
N VAL B 132 -22.21 37.63 34.02
CA VAL B 132 -21.14 38.15 34.87
C VAL B 132 -21.37 39.65 35.09
N ASP B 133 -21.91 40.34 34.08
CA ASP B 133 -22.19 41.78 34.17
C ASP B 133 -23.07 42.11 35.37
N LYS B 134 -24.04 41.25 35.69
CA LYS B 134 -24.94 41.47 36.83
C LYS B 134 -24.21 41.32 38.18
N ILE B 135 -23.05 40.63 38.20
CA ILE B 135 -22.27 40.49 39.44
C ILE B 135 -21.64 41.85 39.72
N ALA B 136 -20.96 42.43 38.71
CA ALA B 136 -20.30 43.72 38.80
C ALA B 136 -21.25 44.86 39.17
N GLU B 137 -22.51 44.79 38.73
CA GLU B 137 -23.50 45.82 39.03
C GLU B 137 -23.79 45.90 40.53
N LYS B 138 -23.73 44.75 41.22
CA LYS B 138 -24.02 44.68 42.65
C LYS B 138 -22.79 44.80 43.56
N VAL B 139 -21.60 45.09 43.01
CA VAL B 139 -20.38 45.21 43.82
C VAL B 139 -20.36 46.54 44.60
N GLU B 140 -20.41 46.45 45.94
CA GLU B 140 -20.37 47.61 46.83
C GLU B 140 -18.92 47.90 47.26
N ARG B 141 -18.14 46.81 47.50
CA ARG B 141 -16.75 46.93 47.94
C ARG B 141 -15.80 46.16 47.02
N PRO B 142 -15.22 46.79 46.00
CA PRO B 142 -14.29 46.05 45.11
C PRO B 142 -13.09 45.48 45.86
N LEU B 143 -12.73 44.21 45.59
CA LEU B 143 -11.63 43.53 46.25
C LEU B 143 -10.33 43.67 45.47
N ASN B 144 -9.35 44.40 46.03
CA ASN B 144 -8.05 44.60 45.38
C ASN B 144 -7.08 43.53 45.86
N ILE B 145 -7.34 42.26 45.51
CA ILE B 145 -6.50 41.13 45.92
C ILE B 145 -6.24 40.18 44.77
N ASN B 146 -5.22 39.35 44.94
CA ASN B 146 -4.82 38.33 43.97
C ASN B 146 -5.44 37.02 44.45
N VAL B 147 -6.22 36.36 43.59
CA VAL B 147 -6.90 35.13 43.95
C VAL B 147 -6.37 33.92 43.20
N GLY B 148 -6.13 32.85 43.94
CA GLY B 148 -5.71 31.57 43.39
C GLY B 148 -6.98 30.78 43.17
N VAL B 149 -7.51 30.82 41.95
CA VAL B 149 -8.76 30.14 41.62
C VAL B 149 -8.59 28.63 41.55
N HIS B 150 -9.38 27.90 42.34
CA HIS B 150 -9.35 26.43 42.35
C HIS B 150 -10.72 25.95 41.88
N TYR B 151 -10.81 25.52 40.62
CA TYR B 151 -12.06 25.06 40.03
C TYR B 151 -12.59 23.81 40.70
N GLY B 152 -11.70 22.88 40.95
CA GLY B 152 -12.07 21.58 41.51
C GLY B 152 -12.36 20.69 40.32
N CYS B 153 -12.36 19.39 40.50
CA CYS B 153 -12.55 18.47 39.39
C CYS B 153 -13.99 18.15 39.05
N HIS B 154 -14.87 18.12 40.04
CA HIS B 154 -16.26 17.75 39.80
C HIS B 154 -17.16 18.89 39.36
N PHE B 155 -16.58 20.04 39.00
CA PHE B 155 -17.39 21.14 38.52
C PHE B 155 -17.54 20.97 37.01
N LEU B 156 -16.42 21.00 36.28
CA LEU B 156 -16.44 20.88 34.81
C LEU B 156 -16.37 19.46 34.26
N LYS B 157 -15.91 18.48 35.06
CA LYS B 157 -15.79 17.11 34.55
C LYS B 157 -16.83 16.15 35.15
N PRO B 158 -17.26 15.12 34.40
CA PRO B 158 -16.85 14.77 33.03
C PRO B 158 -17.46 15.74 32.01
N THR B 159 -16.64 16.25 31.07
CA THR B 159 -17.09 17.21 30.06
C THR B 159 -18.11 16.63 29.10
N ASP B 160 -18.11 15.30 28.92
CA ASP B 160 -19.06 14.65 28.01
C ASP B 160 -20.51 14.79 28.47
N VAL B 161 -20.73 14.96 29.79
CA VAL B 161 -22.07 15.11 30.35
C VAL B 161 -22.34 16.54 30.85
N LYS B 162 -21.33 17.20 31.45
CA LYS B 162 -21.49 18.56 31.99
C LYS B 162 -21.68 19.61 30.89
N HIS B 163 -20.90 19.53 29.80
CA HIS B 163 -20.98 20.48 28.69
C HIS B 163 -20.79 21.94 29.13
N LEU B 164 -19.87 22.17 30.07
CA LEU B 164 -19.57 23.50 30.57
C LEU B 164 -18.24 24.01 30.02
N GLY B 165 -17.96 23.70 28.76
CA GLY B 165 -16.72 24.12 28.11
C GLY B 165 -15.51 23.30 28.49
N SER B 166 -14.33 23.84 28.18
CA SER B 166 -13.05 23.18 28.43
C SER B 166 -12.70 23.06 29.90
N ALA B 167 -12.22 21.88 30.31
CA ALA B 167 -11.79 21.62 31.68
C ALA B 167 -10.25 21.72 31.74
N GLU B 168 -9.62 21.98 30.57
CA GLU B 168 -8.18 22.10 30.42
C GLU B 168 -7.76 23.56 30.56
N ARG B 169 -8.47 24.47 29.86
CA ARG B 169 -8.20 25.92 29.89
C ARG B 169 -9.51 26.69 30.12
N PRO B 170 -10.19 26.48 31.27
CA PRO B 170 -11.44 27.20 31.52
C PRO B 170 -11.27 28.69 31.88
N VAL B 171 -12.36 29.45 31.75
CA VAL B 171 -12.41 30.90 32.01
C VAL B 171 -13.59 31.30 32.94
N MET B 172 -14.60 30.42 33.11
CA MET B 172 -15.80 30.66 33.93
C MET B 172 -15.55 31.35 35.28
N LEU B 173 -14.86 30.68 36.23
CA LEU B 173 -14.60 31.25 37.55
C LEU B 173 -13.67 32.45 37.49
N ASP B 174 -12.75 32.48 36.52
CA ASP B 174 -11.82 33.59 36.40
C ASP B 174 -12.58 34.88 36.13
N GLU B 175 -13.64 34.83 35.31
CA GLU B 175 -14.43 36.02 35.01
C GLU B 175 -15.37 36.40 36.16
N ILE B 176 -15.88 35.42 36.92
CA ILE B 176 -16.76 35.71 38.04
C ILE B 176 -15.95 36.35 39.17
N VAL B 177 -14.73 35.84 39.41
CA VAL B 177 -13.86 36.37 40.45
C VAL B 177 -13.40 37.77 40.06
N GLU B 178 -13.06 37.97 38.77
CA GLU B 178 -12.60 39.27 38.27
C GLU B 178 -13.71 40.34 38.28
N ALA B 179 -14.99 39.92 38.37
CA ALA B 179 -16.10 40.88 38.40
C ALA B 179 -16.11 41.63 39.74
N THR B 180 -15.59 40.98 40.78
CA THR B 180 -15.51 41.56 42.12
C THR B 180 -14.40 42.61 42.22
N GLY B 181 -13.49 42.62 41.25
CA GLY B 181 -12.36 43.53 41.23
C GLY B 181 -11.06 42.78 41.47
N ALA B 182 -11.17 41.52 41.92
CA ALA B 182 -10.01 40.67 42.19
C ALA B 182 -9.31 40.26 40.90
N LYS B 183 -8.07 39.75 41.02
CA LYS B 183 -7.28 39.30 39.88
C LYS B 183 -7.07 37.81 39.99
N SER B 184 -7.44 37.02 38.96
CA SER B 184 -7.23 35.58 39.00
C SER B 184 -5.83 35.35 38.51
N VAL B 185 -4.92 34.99 39.41
CA VAL B 185 -3.53 34.78 39.03
C VAL B 185 -3.34 33.44 38.35
N PRO B 186 -2.54 33.38 37.26
CA PRO B 186 -2.27 32.09 36.64
C PRO B 186 -1.19 31.40 37.46
N TYR B 187 -1.37 30.12 37.79
CA TYR B 187 -0.37 29.40 38.57
C TYR B 187 -0.16 28.02 38.00
N ALA B 188 1.01 27.43 38.27
CA ALA B 188 1.37 26.11 37.74
C ALA B 188 0.40 25.03 38.18
N ASP B 189 0.08 24.12 37.25
CA ASP B 189 -0.84 23.00 37.48
C ASP B 189 -2.16 23.50 38.05
N LYS B 190 -2.67 24.60 37.49
CA LYS B 190 -3.91 25.22 37.93
C LYS B 190 -5.10 24.26 37.99
N MET B 191 -5.27 23.39 36.99
CA MET B 191 -6.42 22.48 36.95
C MET B 191 -6.25 21.15 37.71
N MET B 192 -5.16 20.96 38.46
CA MET B 192 -4.98 19.70 39.19
C MET B 192 -5.93 19.60 40.40
N CYS B 193 -6.08 18.37 40.88
CA CYS B 193 -6.93 18.02 42.00
C CYS B 193 -6.35 18.52 43.33
N CYS B 194 -7.21 18.81 44.32
CA CYS B 194 -6.74 19.26 45.63
C CYS B 194 -6.21 18.06 46.43
N GLY B 195 -6.67 16.86 46.07
CA GLY B 195 -6.26 15.62 46.71
C GLY B 195 -7.28 14.94 47.59
N ALA B 196 -8.39 15.62 47.92
CA ALA B 196 -9.42 15.04 48.81
C ALA B 196 -10.41 14.07 48.17
N GLY B 197 -10.75 14.29 46.91
CA GLY B 197 -11.72 13.47 46.18
C GLY B 197 -11.48 11.97 46.24
N GLY B 198 -12.50 11.21 45.88
CA GLY B 198 -12.46 9.75 45.86
C GLY B 198 -12.19 9.09 47.20
N GLY B 199 -12.53 9.76 48.28
CA GLY B 199 -12.28 9.24 49.64
C GLY B 199 -10.81 9.18 49.98
N VAL B 200 -9.98 9.91 49.22
CA VAL B 200 -8.53 9.91 49.43
C VAL B 200 -8.16 10.66 50.71
N ARG B 201 -8.87 11.75 51.03
CA ARG B 201 -8.60 12.51 52.26
C ARG B 201 -8.65 11.58 53.47
N ALA B 202 -9.71 10.76 53.56
CA ALA B 202 -9.90 9.84 54.68
C ALA B 202 -8.98 8.61 54.65
N ARG B 203 -8.83 7.97 53.49
CA ARG B 203 -8.01 6.77 53.36
C ARG B 203 -6.51 7.06 53.34
N GLU B 204 -6.08 8.03 52.52
CA GLU B 204 -4.66 8.40 52.39
C GLU B 204 -4.49 9.91 52.62
N LEU B 205 -4.58 10.34 53.88
CA LEU B 205 -4.46 11.76 54.24
C LEU B 205 -3.15 12.38 53.78
N GLU B 206 -2.02 11.69 53.99
CA GLU B 206 -0.72 12.23 53.59
C GLU B 206 -0.68 12.47 52.09
N LEU B 207 -1.27 11.56 51.29
CA LEU B 207 -1.33 11.69 49.83
C LEU B 207 -2.12 12.94 49.46
N SER B 208 -3.31 13.10 50.05
CA SER B 208 -4.16 14.26 49.78
C SER B 208 -3.47 15.58 50.12
N LEU B 209 -2.73 15.62 51.24
CA LEU B 209 -2.03 16.83 51.68
C LEU B 209 -0.87 17.19 50.77
N ASP B 210 -0.23 16.18 50.16
CA ASP B 210 0.89 16.42 49.25
C ASP B 210 0.39 17.23 48.05
N MET B 211 -0.78 16.86 47.52
CA MET B 211 -1.38 17.55 46.38
C MET B 211 -1.86 18.94 46.79
N THR B 212 -2.47 19.07 47.98
CA THR B 212 -2.94 20.38 48.45
C THR B 212 -1.74 21.30 48.65
N ASN B 213 -0.67 20.77 49.24
CA ASN B 213 0.54 21.53 49.47
C ASN B 213 1.10 22.05 48.14
N GLU B 214 1.14 21.20 47.10
CA GLU B 214 1.63 21.61 45.78
C GLU B 214 0.80 22.78 45.24
N LYS B 215 -0.54 22.69 45.36
CA LYS B 215 -1.45 23.74 44.90
C LYS B 215 -1.22 25.04 45.68
N ILE B 216 -1.17 24.96 47.01
CA ILE B 216 -0.96 26.15 47.86
C ILE B 216 0.38 26.79 47.48
N GLU B 217 1.44 25.98 47.38
CA GLU B 217 2.78 26.46 47.02
C GLU B 217 2.78 27.16 45.67
N ASN B 218 2.12 26.56 44.66
CA ASN B 218 2.05 27.14 43.32
C ASN B 218 1.27 28.43 43.31
N MET B 219 0.16 28.51 44.07
CA MET B 219 -0.64 29.74 44.14
C MET B 219 0.16 30.85 44.79
N ILE B 220 0.88 30.54 45.87
CA ILE B 220 1.69 31.53 46.58
C ILE B 220 2.79 32.08 45.66
N LYS B 221 3.47 31.21 44.92
CA LYS B 221 4.53 31.63 44.00
C LYS B 221 3.97 32.57 42.93
N ALA B 222 2.68 32.40 42.57
CA ALA B 222 2.02 33.24 41.56
C ALA B 222 1.49 34.58 42.13
N GLY B 223 1.81 34.88 43.38
CA GLY B 223 1.40 36.12 44.00
C GLY B 223 0.00 36.11 44.58
N ALA B 224 -0.60 34.93 44.79
CA ALA B 224 -1.94 34.84 45.34
C ALA B 224 -1.99 35.27 46.81
N ASP B 225 -3.05 35.99 47.18
CA ASP B 225 -3.26 36.45 48.55
C ASP B 225 -4.20 35.47 49.27
N CYS B 226 -4.95 34.67 48.48
CA CYS B 226 -5.90 33.70 49.02
C CYS B 226 -6.28 32.73 47.92
N THR B 227 -7.14 31.76 48.25
CA THR B 227 -7.63 30.79 47.29
C THR B 227 -9.14 30.81 47.33
N VAL B 228 -9.77 30.67 46.16
CA VAL B 228 -11.22 30.67 46.05
C VAL B 228 -11.64 29.35 45.40
N ASN B 229 -12.65 28.71 45.98
CA ASN B 229 -13.15 27.45 45.48
C ASN B 229 -14.66 27.48 45.38
N VAL B 230 -15.24 26.42 44.82
CA VAL B 230 -16.68 26.27 44.66
C VAL B 230 -17.01 24.89 45.19
N CYS B 231 -16.41 24.53 46.33
CA CYS B 231 -16.62 23.21 46.90
C CYS B 231 -16.22 23.13 48.37
N PRO B 232 -17.20 22.96 49.29
CA PRO B 232 -16.85 22.81 50.71
C PRO B 232 -15.80 21.73 50.98
N PHE B 233 -15.72 20.71 50.11
CA PHE B 233 -14.74 19.63 50.25
C PHE B 233 -13.33 20.17 49.96
N CYS B 234 -13.19 20.97 48.88
CA CYS B 234 -11.91 21.59 48.53
C CYS B 234 -11.57 22.55 49.66
N HIS B 235 -12.56 23.35 50.08
CA HIS B 235 -12.45 24.33 51.15
C HIS B 235 -11.86 23.68 52.40
N LEU B 236 -12.45 22.56 52.84
CA LEU B 236 -11.97 21.83 54.01
C LEU B 236 -10.54 21.33 53.80
N GLN B 237 -10.23 20.83 52.59
CA GLN B 237 -8.91 20.33 52.27
C GLN B 237 -7.86 21.43 52.29
N PHE B 238 -8.18 22.61 51.75
CA PHE B 238 -7.23 23.72 51.75
C PHE B 238 -7.10 24.35 53.15
N ASP B 239 -8.22 24.52 53.84
CA ASP B 239 -8.27 25.14 55.17
C ASP B 239 -7.76 24.22 56.29
N ARG B 240 -8.43 23.09 56.55
CA ARG B 240 -8.01 22.15 57.60
C ARG B 240 -6.68 21.49 57.19
N GLY B 241 -6.49 21.25 55.89
CA GLY B 241 -5.26 20.63 55.39
C GLY B 241 -4.02 21.42 55.77
N GLN B 242 -4.12 22.74 55.81
CA GLN B 242 -2.98 23.59 56.19
C GLN B 242 -2.57 23.34 57.64
N ILE B 243 -3.54 23.05 58.51
CA ILE B 243 -3.27 22.74 59.92
C ILE B 243 -2.58 21.37 59.95
N GLU B 244 -3.08 20.43 59.15
CA GLU B 244 -2.53 19.09 59.08
C GLU B 244 -1.14 19.08 58.42
N ILE B 245 -0.88 20.01 57.49
CA ILE B 245 0.42 20.14 56.83
C ILE B 245 1.42 20.70 57.85
N LYS B 246 0.97 21.67 58.68
CA LYS B 246 1.80 22.28 59.72
C LYS B 246 2.16 21.22 60.78
N GLU B 247 1.16 20.45 61.23
CA GLU B 247 1.36 19.42 62.24
C GLU B 247 2.25 18.26 61.75
N LYS B 248 2.02 17.77 60.52
CA LYS B 248 2.77 16.65 59.96
C LYS B 248 4.11 17.03 59.32
N PHE B 249 4.15 18.11 58.52
CA PHE B 249 5.36 18.51 57.80
C PHE B 249 6.04 19.79 58.28
N GLY B 250 5.44 20.52 59.22
CA GLY B 250 6.02 21.74 59.74
C GLY B 250 6.00 22.94 58.81
N LYS B 251 5.32 22.84 57.66
CA LYS B 251 5.24 23.95 56.71
C LYS B 251 4.07 24.85 57.05
N GLU B 252 4.31 26.16 57.18
CA GLU B 252 3.27 27.13 57.51
C GLU B 252 3.10 28.14 56.38
N TYR B 253 1.87 28.31 55.90
CA TYR B 253 1.55 29.24 54.82
C TYR B 253 0.61 30.35 55.28
N ASN B 254 -0.33 30.05 56.20
CA ASN B 254 -1.31 31.03 56.68
C ASN B 254 -1.98 31.66 55.45
N PHE B 255 -2.45 30.79 54.56
CA PHE B 255 -3.08 31.15 53.29
C PHE B 255 -4.61 31.14 53.39
N PRO B 256 -5.27 32.32 53.42
CA PRO B 256 -6.74 32.34 53.54
C PRO B 256 -7.47 31.53 52.48
N VAL B 257 -8.52 30.80 52.91
CA VAL B 257 -9.33 29.95 52.05
C VAL B 257 -10.75 30.48 52.05
N LEU B 258 -11.30 30.77 50.88
CA LEU B 258 -12.67 31.27 50.77
C LEU B 258 -13.45 30.49 49.74
N HIS B 259 -14.76 30.43 49.93
CA HIS B 259 -15.66 29.80 48.97
C HIS B 259 -16.04 30.97 48.06
N LEU B 260 -16.39 30.71 46.80
CA LEU B 260 -16.74 31.81 45.89
C LEU B 260 -17.89 32.67 46.42
N SER B 261 -18.91 32.06 47.05
CA SER B 261 -20.03 32.84 47.58
C SER B 261 -19.57 33.81 48.66
N GLN B 262 -18.58 33.41 49.49
CA GLN B 262 -18.03 34.28 50.54
C GLN B 262 -17.27 35.44 49.89
N LEU B 263 -16.52 35.17 48.80
CA LEU B 263 -15.79 36.21 48.10
C LEU B 263 -16.79 37.18 47.47
N LEU B 264 -17.80 36.62 46.80
CA LEU B 264 -18.86 37.43 46.18
C LEU B 264 -19.55 38.26 47.25
N GLY B 265 -19.87 37.63 48.38
CA GLY B 265 -20.52 38.29 49.51
C GLY B 265 -19.77 39.54 49.94
N LEU B 266 -18.47 39.43 50.20
CA LEU B 266 -17.66 40.58 50.61
C LEU B 266 -17.80 41.70 49.58
N ALA B 267 -17.75 41.34 48.29
CA ALA B 267 -17.90 42.32 47.21
C ALA B 267 -19.32 42.91 47.18
N MET B 268 -20.35 42.11 47.52
CA MET B 268 -21.73 42.60 47.55
C MET B 268 -21.97 43.62 48.67
N GLY B 269 -21.04 43.71 49.61
CA GLY B 269 -21.15 44.62 50.75
C GLY B 269 -21.75 43.93 51.96
N MET B 270 -21.36 42.66 52.17
CA MET B 270 -21.84 41.84 53.28
C MET B 270 -20.90 41.98 54.49
N ASP B 271 -21.47 41.87 55.70
CA ASP B 271 -20.65 41.96 56.91
C ASP B 271 -19.86 40.65 57.06
N PRO B 272 -18.51 40.74 57.19
CA PRO B 272 -17.70 39.51 57.34
C PRO B 272 -18.16 38.59 58.48
N LYS B 273 -18.94 39.10 59.45
CA LYS B 273 -19.45 38.30 60.55
C LYS B 273 -20.43 37.25 60.04
N ASP B 274 -21.30 37.64 59.08
CA ASP B 274 -22.30 36.75 58.45
C ASP B 274 -21.60 35.65 57.66
N LEU B 275 -20.40 35.96 57.13
CA LEU B 275 -19.62 35.01 56.37
C LEU B 275 -18.95 33.93 57.25
N ALA B 276 -19.01 34.07 58.60
CA ALA B 276 -18.45 33.12 59.56
C ALA B 276 -17.01 32.73 59.25
N LEU B 277 -16.16 33.74 59.02
CA LEU B 277 -14.75 33.52 58.71
C LEU B 277 -13.94 33.09 59.95
N SER B 278 -14.50 33.26 61.16
CA SER B 278 -13.81 32.86 62.41
C SER B 278 -13.85 31.34 62.57
N VAL B 279 -14.73 30.66 61.82
CA VAL B 279 -14.88 29.21 61.84
C VAL B 279 -13.72 28.57 61.06
N HIS B 280 -13.11 29.34 60.15
CA HIS B 280 -12.02 28.84 59.33
C HIS B 280 -10.81 28.51 60.18
N GLN B 281 -10.10 27.45 59.82
CA GLN B 281 -8.91 26.99 60.51
C GLN B 281 -7.78 27.99 60.29
N ILE B 282 -7.72 28.58 59.08
CA ILE B 282 -6.72 29.59 58.75
C ILE B 282 -7.46 30.92 58.78
N SER B 283 -6.99 31.87 59.59
CA SER B 283 -7.64 33.16 59.69
C SER B 283 -7.64 33.91 58.37
N VAL B 284 -8.74 34.61 58.10
CA VAL B 284 -8.92 35.41 56.89
C VAL B 284 -8.66 36.88 57.23
N ASP B 285 -8.41 37.19 58.52
CA ASP B 285 -8.13 38.56 58.96
C ASP B 285 -7.02 39.22 58.15
N PRO B 286 -5.87 38.55 57.88
CA PRO B 286 -4.84 39.20 57.07
C PRO B 286 -5.35 39.64 55.69
N LEU B 287 -6.26 38.86 55.09
CA LEU B 287 -6.82 39.21 53.80
C LEU B 287 -7.79 40.38 53.94
N LEU B 288 -8.54 40.44 55.05
CA LEU B 288 -9.49 41.53 55.29
C LEU B 288 -8.78 42.89 55.41
N LYS B 289 -7.47 42.90 55.73
CA LYS B 289 -6.70 44.13 55.85
C LYS B 289 -6.20 44.60 54.47
N LYS B 290 -6.30 43.73 53.44
CA LYS B 290 -5.86 44.00 52.07
C LYS B 290 -6.98 44.41 51.10
N ILE B 291 -8.19 43.87 51.29
CA ILE B 291 -9.31 44.15 50.39
C ILE B 291 -9.65 45.64 50.30
N MET C 1 7.35 -14.58 38.45
CA MET C 1 6.80 -15.43 37.40
C MET C 1 5.29 -15.51 37.51
N ILE C 2 4.58 -15.26 36.41
CA ILE C 2 3.12 -15.32 36.39
C ILE C 2 2.68 -16.49 35.54
N TYR C 3 1.99 -17.46 36.13
CA TYR C 3 1.49 -18.62 35.41
C TYR C 3 0.00 -18.43 35.12
N SER C 4 -0.58 -19.28 34.27
CA SER C 4 -2.00 -19.21 33.95
C SER C 4 -2.82 -19.53 35.21
N SER C 5 -2.28 -20.42 36.06
CA SER C 5 -2.90 -20.85 37.32
C SER C 5 -3.03 -19.70 38.32
N ASP C 6 -2.19 -18.66 38.19
CA ASP C 6 -2.23 -17.51 39.08
C ASP C 6 -3.22 -16.45 38.58
N LEU C 7 -3.81 -16.63 37.38
CA LEU C 7 -4.72 -15.65 36.82
C LEU C 7 -6.17 -16.08 36.78
N ASN C 8 -7.06 -15.08 36.79
CA ASN C 8 -8.52 -15.23 36.71
C ASN C 8 -8.92 -14.73 35.33
N LYS C 9 -9.23 -15.66 34.41
CA LYS C 9 -9.62 -15.29 33.04
C LYS C 9 -10.93 -14.49 32.99
N ASN C 10 -11.78 -14.61 34.03
CA ASN C 10 -13.07 -13.91 34.08
C ASN C 10 -13.06 -12.56 34.82
N LEU C 11 -11.90 -12.07 35.28
CA LEU C 11 -11.83 -10.81 36.02
C LEU C 11 -12.50 -9.63 35.29
N ALA C 12 -12.16 -9.40 34.02
CA ALA C 12 -12.76 -8.31 33.24
C ALA C 12 -14.27 -8.45 33.22
N SER C 13 -14.76 -9.64 32.88
CA SER C 13 -16.19 -9.95 32.82
C SER C 13 -16.86 -9.73 34.17
N GLN C 14 -16.15 -10.05 35.28
CA GLN C 14 -16.69 -9.87 36.63
C GLN C 14 -16.75 -8.40 36.98
N ILE C 15 -15.79 -7.60 36.48
CA ILE C 15 -15.78 -6.16 36.71
C ILE C 15 -16.97 -5.57 35.94
N ILE C 16 -17.16 -5.99 34.68
CA ILE C 16 -18.27 -5.51 33.85
C ILE C 16 -19.60 -5.89 34.50
N GLU C 17 -19.72 -7.13 34.99
CA GLU C 17 -20.93 -7.61 35.66
C GLU C 17 -21.28 -6.65 36.81
N ALA C 18 -20.31 -6.33 37.67
CA ALA C 18 -20.52 -5.42 38.81
C ALA C 18 -20.97 -4.03 38.37
N GLY C 19 -20.47 -3.58 37.22
CA GLY C 19 -20.80 -2.29 36.66
C GLY C 19 -22.10 -2.28 35.88
N THR C 20 -22.84 -3.40 35.88
CA THR C 20 -24.12 -3.54 35.19
C THR C 20 -25.22 -3.65 36.25
N PRO C 21 -26.27 -2.80 36.19
CA PRO C 21 -26.55 -1.76 35.20
C PRO C 21 -25.98 -0.39 35.54
N ILE C 22 -25.35 -0.22 36.72
CA ILE C 22 -24.78 1.08 37.12
C ILE C 22 -23.26 0.96 37.31
N PRO C 23 -22.41 1.78 36.63
CA PRO C 23 -22.73 2.87 35.70
C PRO C 23 -23.18 2.44 34.30
N GLY C 24 -23.07 1.16 33.99
CA GLY C 24 -23.49 0.66 32.68
C GLY C 24 -22.54 -0.37 32.11
N ASP C 25 -23.09 -1.32 31.34
CA ASP C 25 -22.30 -2.36 30.69
C ASP C 25 -21.39 -1.69 29.67
N ASP C 26 -21.95 -0.83 28.82
CA ASP C 26 -21.17 -0.11 27.81
C ASP C 26 -20.02 0.69 28.43
N VAL C 27 -20.27 1.32 29.58
CA VAL C 27 -19.28 2.14 30.28
C VAL C 27 -18.12 1.31 30.83
N VAL C 28 -18.40 0.26 31.60
CA VAL C 28 -17.35 -0.55 32.19
C VAL C 28 -16.70 -1.47 31.16
N SER C 29 -17.47 -1.97 30.17
CA SER C 29 -16.85 -2.82 29.14
C SER C 29 -15.86 -2.03 28.27
N SER C 30 -15.80 -0.70 28.46
CA SER C 30 -14.86 0.14 27.71
C SER C 30 -13.41 -0.23 28.06
N LEU C 31 -13.18 -0.89 29.22
CA LEU C 31 -11.84 -1.32 29.62
C LEU C 31 -11.22 -2.20 28.53
N LYS C 32 -12.05 -2.93 27.78
CA LYS C 32 -11.60 -3.80 26.71
C LYS C 32 -11.01 -3.05 25.50
N ALA C 33 -11.20 -1.72 25.42
CA ALA C 33 -10.65 -0.92 24.31
C ALA C 33 -9.26 -0.35 24.62
N CYS C 34 -8.79 -0.51 25.87
CA CYS C 34 -7.50 0.01 26.28
C CYS C 34 -6.35 -0.54 25.46
N TYR C 35 -5.44 0.34 24.99
CA TYR C 35 -4.28 -0.11 24.24
C TYR C 35 -2.97 0.21 24.96
N GLN C 36 -3.04 0.33 26.30
CA GLN C 36 -1.90 0.57 27.18
C GLN C 36 -0.94 1.66 26.72
N CYS C 37 -1.47 2.84 26.44
CA CYS C 37 -0.66 3.95 25.98
C CYS C 37 -0.01 4.74 27.14
N GLY C 38 -0.61 4.71 28.32
CA GLY C 38 -0.07 5.39 29.49
C GLY C 38 -0.51 6.83 29.67
N THR C 39 -1.36 7.37 28.77
CA THR C 39 -1.85 8.75 28.89
C THR C 39 -2.49 8.95 30.26
N CYS C 40 -3.21 7.94 30.76
CA CYS C 40 -3.86 8.03 32.06
C CYS C 40 -2.84 8.19 33.19
N THR C 41 -1.76 7.38 33.16
CA THR C 41 -0.71 7.42 34.18
C THR C 41 0.01 8.78 34.20
N GLY C 42 0.38 9.29 33.04
CA GLY C 42 1.04 10.59 32.94
C GLY C 42 0.15 11.75 33.39
N SER C 43 -1.18 11.56 33.33
CA SER C 43 -2.18 12.56 33.72
C SER C 43 -2.55 12.47 35.21
N CYS C 44 -2.28 11.33 35.83
CA CYS C 44 -2.65 11.09 37.22
C CYS C 44 -1.92 11.94 38.25
N PRO C 45 -2.66 12.70 39.07
CA PRO C 45 -2.00 13.50 40.12
C PRO C 45 -1.37 12.63 41.20
N SER C 46 -2.02 11.51 41.54
CA SER C 46 -1.53 10.60 42.57
C SER C 46 -0.29 9.80 42.13
N GLY C 47 -0.18 9.48 40.85
CA GLY C 47 0.96 8.71 40.36
C GLY C 47 2.27 9.47 40.47
N ARG C 48 2.19 10.80 40.46
CA ARG C 48 3.36 11.67 40.56
C ARG C 48 4.03 11.61 41.93
N ARG C 49 3.33 11.13 42.96
CA ARG C 49 3.87 11.05 44.32
C ARG C 49 3.70 9.67 44.97
N THR C 50 3.40 8.63 44.19
CA THR C 50 3.23 7.27 44.72
C THR C 50 3.61 6.26 43.66
N SER C 51 3.44 4.96 43.98
CA SER C 51 3.72 3.85 43.07
C SER C 51 2.49 3.55 42.20
N TYR C 52 1.38 4.29 42.38
CA TYR C 52 0.14 4.10 41.63
C TYR C 52 0.31 4.43 40.15
N ARG C 53 0.01 3.47 39.26
CA ARG C 53 0.09 3.64 37.82
C ARG C 53 -1.28 3.24 37.25
N THR C 54 -2.07 4.23 36.83
CA THR C 54 -3.42 4.00 36.30
C THR C 54 -3.52 2.90 35.22
N ARG C 55 -2.64 2.89 34.21
CA ARG C 55 -2.79 1.84 33.18
C ARG C 55 -2.49 0.44 33.69
N LYS C 56 -1.70 0.29 34.77
CA LYS C 56 -1.45 -1.04 35.30
C LYS C 56 -2.75 -1.63 35.90
N VAL C 57 -3.66 -0.77 36.38
CA VAL C 57 -4.94 -1.24 36.93
C VAL C 57 -5.73 -1.88 35.79
N ILE C 58 -5.78 -1.22 34.63
CA ILE C 58 -6.49 -1.72 33.45
C ILE C 58 -5.77 -2.97 32.91
N ARG C 59 -4.42 -2.97 32.93
CA ARG C 59 -3.62 -4.11 32.47
C ARG C 59 -3.92 -5.34 33.31
N LYS C 60 -3.93 -5.18 34.63
CA LYS C 60 -4.21 -6.27 35.55
C LYS C 60 -5.63 -6.79 35.37
N ALA C 61 -6.59 -5.89 35.09
CA ALA C 61 -7.97 -6.31 34.87
C ALA C 61 -8.05 -7.16 33.59
N LEU C 62 -7.35 -6.75 32.53
CA LEU C 62 -7.33 -7.50 31.27
C LEU C 62 -6.52 -8.78 31.36
N LEU C 63 -5.40 -8.74 32.08
CA LEU C 63 -4.52 -9.90 32.23
C LEU C 63 -5.15 -10.95 33.15
N GLY C 64 -5.96 -10.50 34.11
CA GLY C 64 -6.61 -11.40 35.05
C GLY C 64 -5.96 -11.47 36.42
N MET C 65 -5.17 -10.45 36.79
CA MET C 65 -4.53 -10.42 38.10
C MET C 65 -5.53 -9.83 39.09
N ASP C 66 -6.30 -10.69 39.76
CA ASP C 66 -7.31 -10.26 40.73
C ASP C 66 -6.72 -9.62 42.00
N ASP C 67 -5.39 -9.68 42.23
CA ASP C 67 -4.79 -9.03 43.40
C ASP C 67 -5.08 -7.52 43.35
N VAL C 68 -5.43 -7.00 42.15
CA VAL C 68 -5.80 -5.60 41.96
C VAL C 68 -6.96 -5.23 42.89
N LEU C 69 -7.83 -6.19 43.24
CA LEU C 69 -8.98 -5.94 44.14
C LEU C 69 -8.49 -5.75 45.58
N ASP C 70 -7.33 -6.34 45.93
CA ASP C 70 -6.74 -6.24 47.27
C ASP C 70 -5.76 -5.06 47.35
N SER C 71 -5.55 -4.37 46.24
CA SER C 71 -4.63 -3.25 46.12
C SER C 71 -5.01 -2.01 46.93
N ASP C 72 -4.01 -1.35 47.52
CA ASP C 72 -4.21 -0.09 48.25
C ASP C 72 -4.19 1.01 47.19
N ASP C 73 -3.45 0.76 46.09
CA ASP C 73 -3.28 1.70 44.98
C ASP C 73 -4.58 2.16 44.32
N ILE C 74 -5.56 1.27 44.12
CA ILE C 74 -6.83 1.67 43.50
C ILE C 74 -7.55 2.72 44.34
N TRP C 75 -7.28 2.75 45.66
CA TRP C 75 -7.88 3.71 46.58
C TRP C 75 -7.10 5.04 46.65
N LYS C 76 -6.06 5.21 45.80
CA LYS C 76 -5.28 6.44 45.76
C LYS C 76 -5.85 7.39 44.68
N CYS C 77 -6.78 6.88 43.85
CA CYS C 77 -7.43 7.65 42.79
C CYS C 77 -8.36 8.69 43.44
N THR C 78 -8.20 9.97 43.09
CA THR C 78 -9.04 11.02 43.66
C THR C 78 -10.29 11.25 42.82
N THR C 79 -10.43 10.50 41.69
CA THR C 79 -11.55 10.63 40.76
C THR C 79 -11.56 12.02 40.14
N CYS C 80 -10.38 12.53 39.78
CA CYS C 80 -10.26 13.85 39.16
C CYS C 80 -10.75 13.84 37.71
N TYR C 81 -10.96 12.65 37.10
CA TYR C 81 -11.44 12.49 35.73
C TYR C 81 -10.44 12.97 34.66
N THR C 82 -9.17 13.23 35.01
CA THR C 82 -8.23 13.69 33.98
C THR C 82 -7.89 12.57 33.01
N CYS C 83 -7.80 11.33 33.49
CA CYS C 83 -7.53 10.17 32.65
C CYS C 83 -8.72 9.94 31.72
N TYR C 84 -9.91 9.94 32.31
CA TYR C 84 -11.19 9.76 31.61
C TYR C 84 -11.28 10.74 30.44
N GLU C 85 -10.96 12.01 30.70
CA GLU C 85 -11.02 13.08 29.71
C GLU C 85 -10.02 12.96 28.59
N ARG C 86 -8.82 12.47 28.88
CA ARG C 86 -7.76 12.38 27.89
C ARG C 86 -7.60 11.03 27.20
N CYS C 87 -8.27 9.97 27.67
CA CYS C 87 -8.08 8.66 27.04
C CYS C 87 -8.43 8.64 25.54
N PRO C 88 -7.45 8.28 24.70
CA PRO C 88 -7.72 8.25 23.26
C PRO C 88 -8.53 7.04 22.77
N ARG C 89 -8.86 6.08 23.67
CA ARG C 89 -9.66 4.91 23.28
C ARG C 89 -11.05 4.94 23.95
N ASP C 90 -11.43 6.10 24.52
CA ASP C 90 -12.71 6.31 25.20
C ASP C 90 -12.92 5.36 26.37
N VAL C 91 -11.83 4.95 27.04
CA VAL C 91 -11.97 4.08 28.20
C VAL C 91 -12.51 4.97 29.32
N LYS C 92 -13.60 4.55 29.96
CA LYS C 92 -14.23 5.32 31.05
C LYS C 92 -13.48 4.89 32.30
N VAL C 93 -12.20 5.27 32.35
CA VAL C 93 -11.22 4.90 33.38
C VAL C 93 -11.69 5.11 34.80
N THR C 94 -12.11 6.34 35.12
CA THR C 94 -12.54 6.65 36.47
C THR C 94 -13.70 5.76 36.91
N GLU C 95 -14.61 5.42 35.98
CA GLU C 95 -15.75 4.57 36.28
C GLU C 95 -15.31 3.12 36.49
N ILE C 96 -14.32 2.66 35.72
CA ILE C 96 -13.81 1.29 35.88
C ILE C 96 -13.13 1.18 37.26
N ILE C 97 -12.37 2.21 37.67
CA ILE C 97 -11.69 2.20 38.97
C ILE C 97 -12.76 2.10 40.07
N LYS C 98 -13.82 2.93 39.98
CA LYS C 98 -14.90 2.90 40.97
C LYS C 98 -15.59 1.53 41.02
N THR C 99 -15.80 0.90 39.85
CA THR C 99 -16.42 -0.43 39.78
C THR C 99 -15.47 -1.45 40.39
N ILE C 100 -14.15 -1.31 40.16
CA ILE C 100 -13.19 -2.23 40.76
C ILE C 100 -13.24 -2.05 42.28
N ARG C 101 -13.39 -0.79 42.76
CA ARG C 101 -13.48 -0.50 44.20
C ARG C 101 -14.72 -1.17 44.80
N ASN C 102 -15.81 -1.31 44.02
CA ASN C 102 -17.04 -1.96 44.47
C ASN C 102 -16.74 -3.44 44.76
N LEU C 103 -15.96 -4.11 43.89
CA LEU C 103 -15.59 -5.50 44.09
C LEU C 103 -14.60 -5.62 45.23
N ALA C 104 -13.75 -4.61 45.42
CA ALA C 104 -12.80 -4.60 46.52
C ALA C 104 -13.59 -4.44 47.83
N ALA C 105 -14.65 -3.62 47.81
CA ALA C 105 -15.50 -3.42 48.98
C ALA C 105 -16.25 -4.69 49.32
N GLN C 106 -16.73 -5.41 48.30
CA GLN C 106 -17.45 -6.68 48.49
C GLN C 106 -16.54 -7.71 49.14
N LYS C 107 -15.25 -7.72 48.74
CA LYS C 107 -14.26 -8.66 49.27
C LYS C 107 -13.80 -8.29 50.70
N GLY C 108 -14.22 -7.13 51.19
CA GLY C 108 -13.87 -6.66 52.52
C GLY C 108 -12.79 -5.59 52.57
N ASN C 109 -12.25 -5.18 51.41
CA ASN C 109 -11.19 -4.18 51.39
C ASN C 109 -11.78 -2.75 51.49
N MET C 110 -12.26 -2.38 52.68
CA MET C 110 -12.84 -1.05 52.98
C MET C 110 -12.18 -0.48 54.23
N ALA C 111 -11.85 0.82 54.22
CA ALA C 111 -11.21 1.46 55.38
C ALA C 111 -12.22 1.92 56.42
N LYS C 112 -11.90 1.74 57.70
CA LYS C 112 -12.77 2.14 58.81
C LYS C 112 -13.28 3.55 58.61
N ALA C 113 -12.40 4.48 58.21
CA ALA C 113 -12.83 5.86 58.02
C ALA C 113 -13.96 5.96 57.01
N HIS C 114 -13.90 5.20 55.91
CA HIS C 114 -14.94 5.22 54.90
C HIS C 114 -16.20 4.57 55.45
N LYS C 115 -16.04 3.48 56.23
CA LYS C 115 -17.16 2.77 56.84
C LYS C 115 -17.83 3.67 57.87
N MET C 116 -17.04 4.52 58.55
CA MET C 116 -17.57 5.44 59.55
C MET C 116 -18.43 6.49 58.86
N THR C 117 -17.95 7.01 57.72
CA THR C 117 -18.67 8.02 56.95
C THR C 117 -19.98 7.44 56.43
N ALA C 118 -19.96 6.18 55.98
CA ALA C 118 -21.15 5.51 55.48
C ALA C 118 -22.15 5.31 56.61
N MET C 119 -21.66 4.96 57.81
CA MET C 119 -22.50 4.75 58.98
C MET C 119 -23.19 6.06 59.37
N TYR C 120 -22.48 7.21 59.28
CA TYR C 120 -23.07 8.49 59.65
C TYR C 120 -24.23 8.85 58.73
N VAL C 121 -24.14 8.46 57.45
CA VAL C 121 -25.20 8.75 56.47
C VAL C 121 -26.44 7.88 56.74
N LEU C 122 -26.29 6.64 57.21
CA LEU C 122 -27.52 5.88 57.44
C LEU C 122 -28.11 6.21 58.80
N LYS C 123 -27.26 6.37 59.83
CA LYS C 123 -27.71 6.69 61.19
C LYS C 123 -28.26 8.11 61.26
N TYR C 124 -27.42 9.12 60.98
CA TYR C 124 -27.83 10.53 61.05
C TYR C 124 -28.29 11.13 59.71
N GLY C 125 -28.19 10.35 58.63
CA GLY C 125 -28.58 10.83 57.30
C GLY C 125 -27.54 11.69 56.61
N HIS C 126 -26.46 12.08 57.31
CA HIS C 126 -25.43 12.95 56.75
C HIS C 126 -24.03 12.49 57.08
N ALA C 127 -23.11 12.65 56.11
CA ALA C 127 -21.70 12.26 56.27
C ALA C 127 -21.04 13.15 57.31
N VAL C 128 -21.44 14.43 57.35
CA VAL C 128 -20.93 15.42 58.29
C VAL C 128 -22.18 15.98 58.98
N PRO C 129 -22.69 15.29 60.01
CA PRO C 129 -23.92 15.77 60.66
C PRO C 129 -23.73 17.01 61.54
N ALA C 130 -24.86 17.63 61.90
CA ALA C 130 -24.87 18.84 62.74
C ALA C 130 -24.47 18.52 64.16
N ASN C 131 -23.73 19.45 64.78
CA ASN C 131 -23.25 19.34 66.15
C ASN C 131 -23.91 20.44 66.99
N LYS C 132 -23.66 20.48 68.30
CA LYS C 132 -24.23 21.52 69.17
C LYS C 132 -23.70 22.89 68.73
N ASN C 133 -22.42 22.94 68.32
CA ASN C 133 -21.78 24.18 67.87
C ASN C 133 -22.40 24.70 66.56
N THR C 134 -23.01 23.82 65.75
CA THR C 134 -23.65 24.19 64.48
C THR C 134 -24.83 25.10 64.78
N ALA C 135 -25.71 24.65 65.68
CA ALA C 135 -26.90 25.40 66.10
C ALA C 135 -26.54 26.81 66.54
N GLU C 136 -25.44 26.95 67.30
CA GLU C 136 -24.97 28.23 67.80
C GLU C 136 -24.43 29.11 66.67
N LEU C 137 -23.65 28.50 65.76
CA LEU C 137 -23.06 29.23 64.64
C LEU C 137 -24.12 29.70 63.64
N ARG C 138 -25.06 28.81 63.28
CA ARG C 138 -26.13 29.12 62.33
C ARG C 138 -27.02 30.26 62.81
N LYS C 139 -27.51 30.19 64.04
CA LYS C 139 -28.38 31.25 64.55
C LYS C 139 -27.65 32.59 64.67
N SER C 140 -26.32 32.58 64.86
CA SER C 140 -25.53 33.81 64.97
C SER C 140 -25.32 34.53 63.64
N ILE C 141 -25.66 33.90 62.49
CA ILE C 141 -25.47 34.54 61.19
C ILE C 141 -26.79 34.61 60.37
N GLY C 142 -27.92 34.63 61.08
CA GLY C 142 -29.24 34.75 60.47
C GLY C 142 -29.88 33.49 59.91
N LEU C 143 -29.17 32.35 59.96
CA LEU C 143 -29.75 31.12 59.43
C LEU C 143 -30.62 30.44 60.44
N SER C 144 -31.45 29.50 59.98
CA SER C 144 -32.31 28.71 60.86
C SER C 144 -31.39 27.89 61.76
N GLU C 145 -31.76 27.72 63.04
CA GLU C 145 -30.94 26.96 63.99
C GLU C 145 -30.62 25.58 63.42
N LYS C 146 -31.61 24.91 62.79
CA LYS C 146 -31.43 23.61 62.17
C LYS C 146 -31.77 23.74 60.69
N ALA C 147 -30.94 23.17 59.80
CA ALA C 147 -31.16 23.25 58.36
C ALA C 147 -32.29 22.32 57.91
N PRO C 148 -33.01 22.64 56.81
CA PRO C 148 -34.09 21.74 56.36
C PRO C 148 -33.49 20.50 55.68
N ILE C 149 -32.96 19.59 56.49
CA ILE C 149 -32.30 18.38 56.00
C ILE C 149 -32.83 17.12 56.67
N ALA C 150 -32.43 15.96 56.15
CA ALA C 150 -32.83 14.65 56.63
C ALA C 150 -32.49 14.40 58.10
N GLN C 151 -31.41 14.99 58.61
CA GLN C 151 -31.01 14.77 60.00
C GLN C 151 -32.14 15.07 61.00
N PHE C 152 -33.04 16.01 60.67
CA PHE C 152 -34.13 16.40 61.55
C PHE C 152 -35.51 15.92 61.09
N SER C 153 -35.57 15.02 60.09
CA SER C 153 -36.82 14.47 59.59
C SER C 153 -36.85 12.95 59.77
N GLU C 154 -37.56 12.45 60.79
CA GLU C 154 -37.65 11.01 61.02
C GLU C 154 -38.25 10.30 59.80
N LYS C 155 -39.07 11.00 58.99
CA LYS C 155 -39.68 10.44 57.79
C LYS C 155 -38.61 10.08 56.78
N ASP C 156 -37.77 11.06 56.42
CA ASP C 156 -36.69 10.86 55.46
C ASP C 156 -35.60 9.95 55.99
N LEU C 157 -35.35 9.94 57.30
CA LEU C 157 -34.34 9.05 57.86
C LEU C 157 -34.80 7.60 57.71
N ASN C 158 -36.11 7.33 57.93
CA ASN C 158 -36.68 6.00 57.79
C ASN C 158 -36.71 5.56 56.32
N GLU C 159 -36.91 6.52 55.38
CA GLU C 159 -36.94 6.23 53.95
C GLU C 159 -35.58 5.69 53.52
N MET C 160 -34.52 6.37 53.93
CA MET C 160 -33.17 5.94 53.60
C MET C 160 -32.89 4.58 54.23
N ASN C 161 -33.27 4.41 55.51
CA ASN C 161 -33.06 3.16 56.22
C ASN C 161 -33.73 1.98 55.52
N THR C 162 -34.86 2.21 54.82
CA THR C 162 -35.57 1.17 54.09
C THR C 162 -34.81 0.83 52.80
N LEU C 163 -34.29 1.86 52.11
CA LEU C 163 -33.53 1.72 50.86
C LEU C 163 -32.20 1.03 51.16
N ILE C 164 -31.48 1.49 52.20
CA ILE C 164 -30.20 0.90 52.64
C ILE C 164 -30.37 -0.59 52.87
N LYS C 165 -31.49 -0.99 53.50
CA LYS C 165 -31.78 -2.39 53.78
C LYS C 165 -32.09 -3.15 52.49
N GLU C 166 -32.87 -2.53 51.59
CA GLU C 166 -33.23 -3.13 50.30
C GLU C 166 -32.00 -3.34 49.41
N LEU C 167 -31.03 -2.42 49.50
CA LEU C 167 -29.80 -2.51 48.70
C LEU C 167 -28.77 -3.42 49.35
N GLY C 168 -28.93 -3.69 50.65
CA GLY C 168 -28.00 -4.54 51.39
C GLY C 168 -26.72 -3.79 51.73
N PHE C 169 -26.76 -2.45 51.67
CA PHE C 169 -25.61 -1.60 51.96
C PHE C 169 -25.23 -1.69 53.44
N ASP C 170 -26.22 -1.95 54.30
CA ASP C 170 -26.02 -2.13 55.75
C ASP C 170 -25.15 -3.37 55.99
N GLU C 171 -25.42 -4.46 55.23
CA GLU C 171 -24.65 -5.71 55.33
C GLU C 171 -23.24 -5.51 54.77
N LEU C 172 -23.12 -4.72 53.69
CA LEU C 172 -21.85 -4.44 53.04
C LEU C 172 -20.86 -3.79 54.00
N ILE C 173 -21.27 -2.70 54.68
CA ILE C 173 -20.39 -2.00 55.62
C ILE C 173 -20.35 -2.69 57.00
N GLY C 174 -21.27 -3.63 57.23
CA GLY C 174 -21.33 -4.37 58.48
C GLY C 174 -21.98 -3.59 59.59
N PHE C 175 -23.10 -2.93 59.28
CA PHE C 175 -23.82 -2.13 60.28
C PHE C 175 -25.02 -2.88 60.84
N ASP C 176 -25.09 -2.98 62.16
CA ASP C 176 -26.20 -3.64 62.84
C ASP C 176 -27.11 -2.54 63.39
N TRP C 177 -28.43 -2.69 63.22
CA TRP C 177 -29.39 -1.68 63.67
C TRP C 177 -29.70 -1.77 65.16
N GLU C 178 -29.63 -2.98 65.74
CA GLU C 178 -29.89 -3.18 67.18
C GLU C 178 -28.74 -2.56 67.97
N LYS C 179 -27.50 -2.87 67.57
CA LYS C 179 -26.29 -2.36 68.21
C LYS C 179 -26.12 -0.85 67.97
N GLY C 180 -26.54 -0.38 66.82
CA GLY C 180 -26.42 1.04 66.46
C GLY C 180 -24.99 1.45 66.18
N ALA C 181 -24.20 0.55 65.57
CA ALA C 181 -22.79 0.82 65.25
C ALA C 181 -22.27 -0.23 64.27
N LEU C 182 -21.03 -0.05 63.79
CA LEU C 182 -20.41 -0.99 62.84
C LEU C 182 -19.96 -2.24 63.60
N LYS C 183 -20.46 -3.42 63.19
CA LYS C 183 -20.06 -4.66 63.84
C LYS C 183 -18.61 -4.98 63.43
N GLU C 184 -17.84 -5.63 64.33
CA GLU C 184 -16.44 -5.97 64.11
C GLU C 184 -15.64 -4.82 63.48
N GLU D 3 48.88 12.07 5.43
CA GLU D 3 49.57 12.74 4.32
C GLU D 3 49.18 12.12 2.98
N TRP D 4 49.65 10.89 2.69
CA TRP D 4 49.34 10.20 1.44
C TRP D 4 48.03 9.44 1.57
N GLU D 5 47.22 9.50 0.51
CA GLU D 5 45.96 8.79 0.47
C GLU D 5 45.98 7.98 -0.81
N PRO D 6 45.68 6.67 -0.74
CA PRO D 6 45.73 5.87 -1.96
C PRO D 6 44.78 6.32 -3.06
N LYS D 7 45.20 6.12 -4.30
CA LYS D 7 44.43 6.46 -5.49
C LYS D 7 43.86 5.18 -6.06
N ILE D 8 42.55 4.98 -5.94
CA ILE D 8 41.92 3.76 -6.42
C ILE D 8 40.92 4.07 -7.53
N ILE D 9 40.91 3.25 -8.57
CA ILE D 9 39.97 3.42 -9.68
C ILE D 9 39.10 2.20 -9.70
N GLY D 10 37.82 2.41 -9.97
CA GLY D 10 36.85 1.32 -10.01
C GLY D 10 36.15 1.21 -11.35
N PHE D 11 35.82 -0.01 -11.74
CA PHE D 11 35.08 -0.29 -12.97
C PHE D 11 33.89 -1.09 -12.51
N CYS D 12 32.68 -0.52 -12.59
CA CYS D 12 31.49 -1.21 -12.10
C CYS D 12 30.43 -1.32 -13.17
N CYS D 13 29.85 -2.52 -13.32
CA CYS D 13 28.82 -2.73 -14.33
C CYS D 13 27.53 -2.03 -13.91
N ASN D 14 26.87 -1.45 -14.88
CA ASN D 14 25.65 -0.70 -14.69
C ASN D 14 24.53 -1.46 -13.99
N TRP D 15 24.30 -2.70 -14.39
CA TRP D 15 23.19 -3.49 -13.87
C TRP D 15 23.34 -3.98 -12.45
N CYS D 16 24.56 -4.23 -11.98
CA CYS D 16 24.72 -4.73 -10.61
C CYS D 16 25.64 -3.88 -9.74
N THR D 17 26.95 -3.99 -9.90
CA THR D 17 27.87 -3.27 -9.02
C THR D 17 27.66 -1.76 -8.97
N TYR D 18 27.39 -1.12 -10.10
CA TYR D 18 27.17 0.33 -10.09
C TYR D 18 25.93 0.61 -9.22
N GLY D 19 24.94 -0.28 -9.32
CA GLY D 19 23.70 -0.20 -8.53
C GLY D 19 23.98 -0.48 -7.06
N GLY D 20 24.85 -1.45 -6.81
CA GLY D 20 25.25 -1.80 -5.44
C GLY D 20 25.96 -0.63 -4.78
N ALA D 21 26.72 0.15 -5.56
CA ALA D 21 27.41 1.33 -5.06
C ALA D 21 26.36 2.43 -4.79
N ASP D 22 25.30 2.50 -5.62
CA ASP D 22 24.21 3.47 -5.44
C ASP D 22 23.42 3.14 -4.17
N THR D 23 23.20 1.83 -3.93
CA THR D 23 22.46 1.35 -2.75
C THR D 23 23.21 1.74 -1.48
N ALA D 24 24.55 1.60 -1.49
CA ALA D 24 25.37 1.98 -0.34
C ALA D 24 25.19 3.48 -0.07
N GLY D 25 25.07 4.26 -1.15
CA GLY D 25 24.85 5.69 -1.06
C GLY D 25 23.49 6.01 -0.48
N VAL D 26 22.43 5.40 -1.03
CA VAL D 26 21.08 5.63 -0.51
C VAL D 26 21.01 5.29 0.98
N GLY D 27 21.68 4.21 1.37
CA GLY D 27 21.71 3.76 2.76
C GLY D 27 22.69 4.51 3.64
N ARG D 28 23.41 5.50 3.09
CA ARG D 28 24.41 6.30 3.80
C ARG D 28 25.45 5.41 4.47
N MET D 29 25.87 4.38 3.74
CA MET D 29 26.86 3.40 4.19
C MET D 29 28.23 4.01 3.86
N GLN D 30 28.87 4.62 4.87
CA GLN D 30 30.16 5.29 4.69
C GLN D 30 31.32 4.37 4.37
N TYR D 31 32.22 4.84 3.51
CA TYR D 31 33.43 4.12 3.16
C TYR D 31 34.52 5.10 2.72
N PRO D 32 35.80 4.69 2.63
CA PRO D 32 36.86 5.66 2.28
C PRO D 32 36.77 6.34 0.92
N PRO D 33 37.11 7.64 0.87
CA PRO D 33 37.03 8.38 -0.40
C PRO D 33 38.20 8.26 -1.37
N SER D 34 38.83 7.08 -1.48
CA SER D 34 39.96 6.90 -2.40
C SER D 34 39.49 6.50 -3.79
N ILE D 35 38.46 5.65 -3.87
CA ILE D 35 37.95 5.18 -5.16
C ILE D 35 37.15 6.22 -5.95
N ARG D 36 37.25 6.14 -7.27
CA ARG D 36 36.50 6.93 -8.24
C ARG D 36 35.99 5.86 -9.19
N ILE D 37 34.68 5.65 -9.25
CA ILE D 37 34.10 4.60 -10.09
C ILE D 37 33.82 5.03 -11.51
N ILE D 38 34.10 4.13 -12.46
CA ILE D 38 33.84 4.31 -13.88
C ILE D 38 32.74 3.33 -14.24
N ARG D 39 31.69 3.79 -14.92
CA ARG D 39 30.59 2.91 -15.30
C ARG D 39 30.83 2.29 -16.66
N VAL D 40 30.42 1.02 -16.79
CA VAL D 40 30.43 0.24 -18.02
C VAL D 40 29.11 -0.49 -18.00
N MET D 41 28.66 -1.05 -19.12
CA MET D 41 27.37 -1.75 -19.12
C MET D 41 27.50 -3.17 -18.57
N CYS D 42 28.70 -3.75 -18.67
CA CYS D 42 28.92 -5.13 -18.26
C CYS D 42 30.36 -5.28 -17.83
N SER D 43 30.65 -6.20 -16.89
CA SER D 43 32.05 -6.44 -16.50
C SER D 43 32.78 -7.07 -17.69
N GLY D 44 32.02 -7.60 -18.65
CA GLY D 44 32.57 -8.16 -19.87
C GLY D 44 33.27 -7.09 -20.71
N ARG D 45 32.98 -5.80 -20.44
CA ARG D 45 33.62 -4.68 -21.14
C ARG D 45 35.06 -4.51 -20.64
N ILE D 46 35.33 -4.95 -19.40
CA ILE D 46 36.65 -4.79 -18.81
C ILE D 46 37.65 -5.78 -19.38
N GLU D 47 38.84 -5.28 -19.66
CA GLU D 47 39.91 -6.09 -20.22
C GLU D 47 41.25 -5.55 -19.70
N PRO D 48 42.34 -6.31 -19.85
CA PRO D 48 43.65 -5.85 -19.34
C PRO D 48 44.11 -4.44 -19.72
N SER D 49 43.85 -3.99 -20.94
CA SER D 49 44.31 -2.67 -21.39
C SER D 49 43.83 -1.55 -20.46
N LEU D 50 42.57 -1.60 -20.03
CA LEU D 50 42.00 -0.59 -19.13
C LEU D 50 42.63 -0.63 -17.74
N ILE D 51 42.88 -1.83 -17.21
CA ILE D 51 43.48 -1.99 -15.89
C ILE D 51 44.93 -1.51 -15.92
N LEU D 52 45.67 -1.93 -16.95
CA LEU D 52 47.08 -1.56 -17.10
C LEU D 52 47.21 -0.07 -17.34
N LYS D 53 46.24 0.52 -18.04
CA LYS D 53 46.22 1.96 -18.31
C LYS D 53 46.07 2.69 -16.98
N ALA D 54 45.24 2.17 -16.06
CA ALA D 54 45.03 2.78 -14.75
C ALA D 54 46.32 2.80 -13.94
N PHE D 55 47.09 1.72 -13.99
CA PHE D 55 48.37 1.65 -13.26
C PHE D 55 49.38 2.64 -13.83
N LYS D 56 49.46 2.74 -15.17
CA LYS D 56 50.38 3.67 -15.84
C LYS D 56 50.10 5.09 -15.39
N GLU D 57 48.81 5.47 -15.29
CA GLU D 57 48.41 6.81 -14.90
C GLU D 57 48.71 7.15 -13.43
N GLY D 58 48.88 6.14 -12.59
CA GLY D 58 49.18 6.36 -11.17
C GLY D 58 48.31 5.62 -10.17
N ALA D 59 47.48 4.68 -10.60
CA ALA D 59 46.62 3.96 -9.66
C ALA D 59 47.40 3.11 -8.68
N ASP D 60 47.05 3.21 -7.38
CA ASP D 60 47.66 2.41 -6.32
C ASP D 60 46.88 1.12 -6.22
N GLY D 61 45.60 1.17 -6.61
CA GLY D 61 44.72 0.00 -6.61
C GLY D 61 43.68 0.10 -7.70
N VAL D 62 43.23 -1.04 -8.24
CA VAL D 62 42.22 -1.05 -9.28
C VAL D 62 41.13 -2.04 -8.85
N PHE D 63 39.87 -1.60 -8.86
CA PHE D 63 38.75 -2.44 -8.46
C PHE D 63 37.83 -2.69 -9.63
N VAL D 64 37.32 -3.92 -9.75
CA VAL D 64 36.38 -4.28 -10.81
C VAL D 64 35.17 -5.00 -10.20
N GLY D 65 33.99 -4.45 -10.41
CA GLY D 65 32.75 -5.01 -9.90
C GLY D 65 31.80 -5.47 -10.98
N GLY D 66 31.28 -6.69 -10.84
CA GLY D 66 30.35 -7.25 -11.81
C GLY D 66 29.23 -8.06 -11.18
N CYS D 67 28.35 -8.63 -12.02
CA CYS D 67 27.23 -9.44 -11.56
C CYS D 67 27.74 -10.75 -11.02
N HIS D 68 26.97 -11.40 -10.15
CA HIS D 68 27.38 -12.71 -9.66
C HIS D 68 27.45 -13.64 -10.85
N LEU D 69 28.27 -14.69 -10.78
CA LEU D 69 28.36 -15.60 -11.92
C LEU D 69 27.02 -16.30 -12.09
N GLY D 70 26.43 -16.13 -13.25
CA GLY D 70 25.12 -16.68 -13.61
C GLY D 70 24.04 -15.61 -13.61
N ASP D 71 24.35 -14.42 -13.06
CA ASP D 71 23.40 -13.30 -12.96
C ASP D 71 23.72 -12.14 -13.92
N CYS D 72 24.67 -12.30 -14.84
CA CYS D 72 25.01 -11.21 -15.77
C CYS D 72 23.77 -10.73 -16.51
N HIS D 73 23.59 -9.40 -16.61
CA HIS D 73 22.43 -8.86 -17.32
C HIS D 73 22.49 -9.27 -18.79
N TYR D 74 23.70 -9.48 -19.30
CA TYR D 74 23.91 -9.90 -20.68
C TYR D 74 24.33 -11.38 -20.73
N ASP D 75 23.77 -12.19 -19.83
CA ASP D 75 23.97 -13.63 -19.70
C ASP D 75 25.35 -14.14 -19.33
N SER D 76 26.41 -13.78 -20.08
CA SER D 76 27.72 -14.35 -19.79
C SER D 76 28.96 -13.45 -19.94
N GLY D 77 28.78 -12.15 -19.94
CA GLY D 77 29.91 -11.24 -20.06
C GLY D 77 30.92 -11.40 -18.94
N ASN D 78 30.43 -11.59 -17.71
CA ASN D 78 31.33 -11.75 -16.55
C ASN D 78 32.17 -13.02 -16.59
N TYR D 79 31.77 -14.03 -17.37
CA TYR D 79 32.55 -15.26 -17.47
C TYR D 79 33.83 -14.98 -18.25
N LYS D 80 33.76 -14.05 -19.22
CA LYS D 80 34.92 -13.64 -20.02
C LYS D 80 35.83 -12.81 -19.14
N TRP D 81 35.25 -11.83 -18.42
CA TRP D 81 36.04 -10.99 -17.53
C TRP D 81 36.75 -11.88 -16.50
N GLN D 82 36.06 -12.87 -15.96
CA GLN D 82 36.69 -13.74 -14.96
C GLN D 82 37.93 -14.43 -15.53
N ARG D 83 37.91 -14.87 -16.80
CA ARG D 83 39.08 -15.53 -17.38
C ARG D 83 40.20 -14.51 -17.58
N ARG D 84 39.85 -13.27 -17.95
CA ARG D 84 40.83 -12.21 -18.17
C ARG D 84 41.53 -11.79 -16.89
N VAL D 85 40.76 -11.58 -15.82
CA VAL D 85 41.33 -11.14 -14.54
C VAL D 85 42.30 -12.16 -13.96
N MET D 86 42.06 -13.47 -14.15
CA MET D 86 42.96 -14.48 -13.58
C MET D 86 44.33 -14.42 -14.21
N MET D 87 44.38 -14.14 -15.51
CA MET D 87 45.64 -14.01 -16.23
C MET D 87 46.29 -12.69 -15.82
N LEU D 88 45.48 -11.66 -15.65
CA LEU D 88 45.94 -10.32 -15.29
C LEU D 88 46.61 -10.29 -13.93
N TYR D 89 46.11 -11.06 -12.96
CA TYR D 89 46.71 -11.12 -11.63
C TYR D 89 48.16 -11.55 -11.71
N GLU D 90 48.41 -12.57 -12.53
CA GLU D 90 49.76 -13.12 -12.70
C GLU D 90 50.62 -12.24 -13.61
N LEU D 91 50.03 -11.55 -14.59
CA LEU D 91 50.80 -10.65 -15.45
C LEU D 91 51.33 -9.51 -14.59
N LEU D 92 50.48 -8.97 -13.70
CA LEU D 92 50.85 -7.89 -12.80
C LEU D 92 52.05 -8.29 -11.94
N GLU D 93 52.04 -9.53 -11.39
CA GLU D 93 53.15 -10.00 -10.55
C GLU D 93 54.46 -10.05 -11.33
N GLU D 94 54.41 -10.43 -12.62
CA GLU D 94 55.61 -10.46 -13.46
C GLU D 94 56.15 -9.05 -13.69
N LEU D 95 55.26 -8.04 -13.68
CA LEU D 95 55.65 -6.64 -13.85
C LEU D 95 56.01 -5.97 -12.53
N GLY D 96 56.05 -6.75 -11.45
CA GLY D 96 56.40 -6.21 -10.13
C GLY D 96 55.29 -5.42 -9.46
N ILE D 97 54.04 -5.60 -9.93
CA ILE D 97 52.87 -4.93 -9.36
C ILE D 97 52.17 -5.99 -8.53
N GLU D 98 52.04 -5.75 -7.23
CA GLU D 98 51.41 -6.73 -6.34
C GLU D 98 50.01 -7.12 -6.79
N LYS D 99 49.77 -8.43 -6.86
CA LYS D 99 48.50 -9.07 -7.22
C LYS D 99 47.33 -8.43 -6.45
N GLU D 100 47.59 -8.07 -5.18
CA GLU D 100 46.65 -7.46 -4.26
C GLU D 100 46.23 -6.03 -4.64
N ARG D 101 46.94 -5.39 -5.57
CA ARG D 101 46.59 -4.04 -6.01
C ARG D 101 45.40 -4.08 -6.95
N LEU D 102 45.04 -5.29 -7.39
CA LEU D 102 43.89 -5.51 -8.28
C LEU D 102 42.89 -6.29 -7.46
N ASN D 103 41.62 -5.88 -7.48
CA ASN D 103 40.60 -6.59 -6.74
C ASN D 103 39.35 -6.67 -7.58
N HIS D 104 38.77 -7.86 -7.69
CA HIS D 104 37.57 -8.06 -8.46
C HIS D 104 36.54 -8.70 -7.54
N GLU D 105 35.28 -8.27 -7.62
CA GLU D 105 34.23 -8.82 -6.78
C GLU D 105 32.94 -8.87 -7.55
N TRP D 106 32.04 -9.75 -7.10
CA TRP D 106 30.73 -9.91 -7.70
C TRP D 106 29.79 -9.29 -6.69
N ILE D 107 29.17 -8.16 -7.03
CA ILE D 107 28.28 -7.44 -6.11
C ILE D 107 26.99 -7.06 -6.82
N SER D 108 25.85 -7.55 -6.32
CA SER D 108 24.54 -7.27 -6.94
C SER D 108 24.05 -5.83 -6.76
N ALA D 109 22.96 -5.50 -7.45
CA ALA D 109 22.32 -4.18 -7.44
C ALA D 109 21.90 -3.69 -6.06
N SER D 110 21.54 -4.60 -5.15
CA SER D 110 21.11 -4.24 -3.80
C SER D 110 22.15 -4.51 -2.73
N GLU D 111 23.32 -5.05 -3.09
CA GLU D 111 24.33 -5.37 -2.09
C GLU D 111 25.18 -4.17 -1.68
N GLY D 112 24.55 -3.21 -1.01
CA GLY D 112 25.20 -1.99 -0.56
C GLY D 112 26.17 -2.26 0.58
N GLU D 113 25.76 -3.10 1.54
CA GLU D 113 26.59 -3.47 2.68
C GLU D 113 27.86 -4.15 2.17
N LYS D 114 27.72 -5.09 1.23
CA LYS D 114 28.86 -5.80 0.67
C LYS D 114 29.79 -4.81 -0.01
N PHE D 115 29.22 -3.88 -0.80
CA PHE D 115 30.02 -2.87 -1.49
C PHE D 115 30.78 -2.02 -0.48
N GLN D 116 30.08 -1.57 0.57
CA GLN D 116 30.70 -0.75 1.62
C GLN D 116 31.90 -1.48 2.24
N ASN D 117 31.70 -2.73 2.67
CA ASN D 117 32.74 -3.52 3.31
C ASN D 117 33.87 -3.83 2.35
N THR D 118 33.55 -4.05 1.07
CA THR D 118 34.55 -4.33 0.04
C THR D 118 35.43 -3.10 -0.15
N MET D 119 34.83 -1.89 -0.15
CA MET D 119 35.58 -0.65 -0.30
C MET D 119 36.48 -0.42 0.90
N LYS D 120 35.98 -0.75 2.11
CA LYS D 120 36.76 -0.59 3.33
C LYS D 120 37.96 -1.51 3.31
N ASP D 121 37.72 -2.79 2.99
CA ASP D 121 38.78 -3.80 2.95
C ASP D 121 39.82 -3.49 1.87
N PHE D 122 39.38 -3.11 0.68
CA PHE D 122 40.31 -2.80 -0.41
C PHE D 122 41.13 -1.55 -0.09
N TYR D 123 40.52 -0.56 0.57
CA TYR D 123 41.25 0.66 0.95
C TYR D 123 42.36 0.31 1.94
N ASN D 124 42.03 -0.48 2.97
CA ASN D 124 43.00 -0.88 4.00
C ASN D 124 44.14 -1.69 3.40
N LYS D 125 43.84 -2.52 2.39
CA LYS D 125 44.85 -3.34 1.74
C LYS D 125 45.83 -2.47 0.95
N ILE D 126 45.32 -1.49 0.21
CA ILE D 126 46.17 -0.59 -0.57
C ILE D 126 46.93 0.34 0.36
N GLU D 127 46.24 0.89 1.36
CA GLU D 127 46.86 1.80 2.32
C GLU D 127 48.05 1.10 3.01
N ALA D 128 47.90 -0.18 3.36
CA ALA D 128 48.95 -0.95 4.02
C ALA D 128 50.11 -1.24 3.05
N LEU D 129 49.81 -1.47 1.77
CA LEU D 129 50.84 -1.73 0.75
C LEU D 129 51.65 -0.47 0.47
N GLY D 130 51.06 0.69 0.67
CA GLY D 130 51.73 1.96 0.40
C GLY D 130 51.54 2.33 -1.05
N PRO D 131 52.11 3.45 -1.52
CA PRO D 131 51.91 3.81 -2.93
C PRO D 131 52.63 2.93 -3.94
N CYS D 132 52.06 2.85 -5.17
CA CYS D 132 52.65 2.10 -6.28
C CYS D 132 53.65 3.06 -6.92
N LYS D 133 54.91 2.65 -7.08
CA LYS D 133 55.94 3.54 -7.62
C LYS D 133 56.07 3.55 -9.16
N LEU D 134 55.14 2.94 -9.88
CA LEU D 134 55.22 2.89 -11.35
C LEU D 134 55.37 4.25 -12.00
N LYS D 135 54.39 5.13 -11.84
CA LYS D 135 54.41 6.44 -12.47
C LYS D 135 55.69 7.22 -12.17
N GLU D 136 56.19 7.13 -10.93
CA GLU D 136 57.42 7.85 -10.55
C GLU D 136 58.59 7.31 -11.35
N GLU D 137 58.71 5.98 -11.44
CA GLU D 137 59.79 5.35 -12.19
C GLU D 137 59.71 5.68 -13.69
N LEU D 138 58.50 5.75 -14.24
CA LEU D 138 58.33 6.07 -15.66
C LEU D 138 58.64 7.54 -15.95
N ASP D 139 58.40 8.44 -14.98
CA ASP D 139 58.68 9.86 -15.16
C ASP D 139 60.18 10.14 -15.10
N LYS D 140 60.97 9.25 -14.46
CA LYS D 140 62.42 9.43 -14.36
C LYS D 140 63.07 9.38 -15.75
N VAL E 2 66.38 13.19 -54.05
CA VAL E 2 66.01 13.48 -52.67
C VAL E 2 67.12 13.02 -51.73
N LYS E 3 67.54 13.90 -50.80
CA LYS E 3 68.61 13.57 -49.86
C LYS E 3 68.08 12.72 -48.72
N ILE E 4 68.54 11.46 -48.61
CA ILE E 4 68.09 10.60 -47.51
C ILE E 4 69.28 10.13 -46.70
N ALA E 5 69.02 9.83 -45.43
CA ALA E 5 70.05 9.37 -44.51
C ALA E 5 69.50 8.25 -43.68
N THR E 6 70.36 7.36 -43.20
CA THR E 6 69.93 6.28 -42.35
C THR E 6 70.87 6.20 -41.16
N THR E 7 70.41 5.60 -40.08
CA THR E 7 71.23 5.40 -38.90
C THR E 7 70.63 4.28 -38.10
N TRP E 8 71.38 3.78 -37.15
CA TRP E 8 70.91 2.70 -36.32
C TRP E 8 71.19 3.02 -34.87
N LEU E 9 70.28 2.59 -34.00
CA LEU E 9 70.36 2.85 -32.57
C LEU E 9 70.42 1.51 -31.81
N GLY E 10 69.47 1.23 -30.91
CA GLY E 10 69.50 -0.01 -30.13
C GLY E 10 68.93 -1.25 -30.82
N GLY E 11 69.12 -1.35 -32.12
CA GLY E 11 68.63 -2.49 -32.89
C GLY E 11 69.67 -3.56 -33.17
N CYS E 12 69.48 -4.28 -34.29
CA CYS E 12 70.35 -5.40 -34.69
C CYS E 12 70.97 -5.27 -36.09
N SER E 13 70.56 -4.26 -36.90
CA SER E 13 70.99 -4.01 -38.29
C SER E 13 70.04 -4.70 -39.31
N GLY E 14 69.11 -5.52 -38.82
CA GLY E 14 68.17 -6.26 -39.65
C GLY E 14 67.37 -5.44 -40.63
N CYS E 15 66.98 -4.22 -40.23
CA CYS E 15 66.20 -3.37 -41.12
C CYS E 15 67.03 -2.86 -42.27
N HIS E 16 68.31 -2.57 -42.01
CA HIS E 16 69.23 -2.14 -43.07
C HIS E 16 69.44 -3.34 -43.99
N ILE E 17 69.57 -4.54 -43.42
CA ILE E 17 69.74 -5.74 -44.22
C ILE E 17 68.49 -5.97 -45.06
N SER E 18 67.28 -5.68 -44.52
CA SER E 18 66.07 -5.85 -45.30
C SER E 18 66.06 -4.84 -46.46
N LEU E 19 66.59 -3.62 -46.24
CA LEU E 19 66.68 -2.62 -47.30
C LEU E 19 67.63 -3.15 -48.38
N LEU E 20 68.73 -3.81 -47.98
CA LEU E 20 69.68 -4.40 -48.93
C LEU E 20 69.04 -5.57 -49.63
N ASP E 21 68.04 -6.21 -49.01
CA ASP E 21 67.33 -7.33 -49.62
C ASP E 21 66.39 -6.88 -50.75
N LEU E 22 66.49 -5.61 -51.17
CA LEU E 22 65.74 -5.12 -52.32
C LEU E 22 66.52 -5.69 -53.51
N HIS E 23 67.81 -6.00 -53.28
CA HIS E 23 68.72 -6.60 -54.24
C HIS E 23 68.90 -5.69 -55.46
N GLU E 24 68.66 -6.19 -56.67
CA GLU E 24 68.80 -5.38 -57.88
C GLU E 24 68.01 -4.05 -57.77
N GLU E 25 66.86 -4.07 -57.07
CA GLU E 25 66.01 -2.87 -56.90
C GLU E 25 66.65 -1.80 -56.02
N LEU E 26 67.61 -2.17 -55.15
CA LEU E 26 68.27 -1.18 -54.30
C LEU E 26 69.03 -0.17 -55.18
N LEU E 27 69.70 -0.67 -56.23
CA LEU E 27 70.46 0.19 -57.14
C LEU E 27 69.51 1.14 -57.85
N ASN E 28 68.32 0.66 -58.23
CA ASN E 28 67.34 1.51 -58.89
C ASN E 28 66.85 2.58 -57.92
N LEU E 29 66.68 2.23 -56.64
CA LEU E 29 66.25 3.19 -55.63
C LEU E 29 67.32 4.26 -55.41
N LEU E 30 68.59 3.85 -55.37
CA LEU E 30 69.69 4.79 -55.16
C LEU E 30 69.94 5.71 -56.37
N GLU E 31 69.33 5.41 -57.52
CA GLU E 31 69.47 6.24 -58.72
C GLU E 31 68.58 7.46 -58.58
N ASN E 32 67.39 7.26 -57.99
CA ASN E 32 66.40 8.31 -57.78
C ASN E 32 66.56 9.01 -56.43
N VAL E 33 67.54 8.59 -55.61
CA VAL E 33 67.78 9.19 -54.29
C VAL E 33 69.27 9.43 -54.05
N GLU E 34 69.58 10.41 -53.19
CA GLU E 34 70.94 10.76 -52.81
C GLU E 34 71.16 10.29 -51.36
N LEU E 35 71.94 9.22 -51.18
CA LEU E 35 72.22 8.70 -49.85
C LEU E 35 73.40 9.51 -49.29
N VAL E 36 73.12 10.43 -48.37
CA VAL E 36 74.13 11.31 -47.80
C VAL E 36 74.77 10.77 -46.51
N HIS E 37 74.11 9.83 -45.83
CA HIS E 37 74.62 9.24 -44.58
C HIS E 37 74.04 7.83 -44.43
N CYS E 38 74.90 6.86 -44.09
CA CYS E 38 74.55 5.46 -43.91
C CYS E 38 75.80 4.77 -43.39
N PRO E 39 75.97 4.66 -42.05
CA PRO E 39 77.19 4.07 -41.52
C PRO E 39 77.62 2.72 -42.10
N VAL E 40 76.69 1.82 -42.33
CA VAL E 40 77.02 0.49 -42.87
C VAL E 40 77.52 0.53 -44.33
N LEU E 41 77.12 1.55 -45.12
CA LEU E 41 77.50 1.61 -46.54
C LEU E 41 78.55 2.63 -46.92
N MET E 42 78.61 3.78 -46.23
CA MET E 42 79.56 4.82 -46.58
C MET E 42 80.26 5.40 -45.37
N ASP E 43 81.31 6.19 -45.63
CA ASP E 43 82.17 6.77 -44.61
C ASP E 43 81.88 8.22 -44.23
N VAL E 44 80.65 8.70 -44.44
CA VAL E 44 80.28 10.05 -44.03
C VAL E 44 80.03 9.88 -42.53
N LYS E 45 80.92 10.40 -41.70
CA LYS E 45 80.85 10.24 -40.26
C LYS E 45 79.75 11.04 -39.58
N GLU E 46 79.59 12.31 -39.95
CA GLU E 46 78.58 13.16 -39.32
C GLU E 46 77.32 13.27 -40.15
N ILE E 47 76.17 13.43 -39.49
CA ILE E 47 74.91 13.58 -40.19
C ILE E 47 74.93 14.98 -40.81
N PRO E 48 74.74 15.12 -42.14
CA PRO E 48 74.77 16.45 -42.73
C PRO E 48 73.47 17.21 -42.52
N ASP E 49 73.47 18.50 -42.85
CA ASP E 49 72.28 19.33 -42.72
C ASP E 49 71.42 19.12 -43.95
N GLU E 50 70.22 19.69 -43.96
CA GLU E 50 69.30 19.61 -45.09
C GLU E 50 68.89 18.19 -45.53
N VAL E 51 68.83 17.22 -44.60
CA VAL E 51 68.39 15.87 -44.94
C VAL E 51 66.86 15.93 -45.12
N GLU E 52 66.33 15.25 -46.15
CA GLU E 52 64.89 15.26 -46.42
C GLU E 52 64.20 14.13 -45.66
N VAL E 53 64.64 12.90 -45.88
CA VAL E 53 64.05 11.72 -45.23
C VAL E 53 65.11 11.01 -44.41
N ALA E 54 64.77 10.61 -43.20
CA ALA E 54 65.70 9.90 -42.32
C ALA E 54 65.07 8.59 -41.89
N LEU E 55 65.79 7.47 -42.09
CA LEU E 55 65.33 6.14 -41.68
C LEU E 55 66.12 5.82 -40.42
N ILE E 56 65.48 5.87 -39.26
CA ILE E 56 66.16 5.58 -38.00
C ILE E 56 65.79 4.20 -37.53
N GLU E 57 66.77 3.29 -37.50
CA GLU E 57 66.54 1.90 -37.06
C GLU E 57 66.89 1.80 -35.57
N GLY E 58 66.19 0.91 -34.87
CA GLY E 58 66.45 0.68 -33.46
C GLY E 58 65.75 1.63 -32.51
N GLY E 59 65.58 1.17 -31.27
CA GLY E 59 64.97 1.95 -30.22
C GLY E 59 66.05 2.63 -29.40
N ILE E 60 65.67 3.30 -28.30
CA ILE E 60 66.62 3.99 -27.45
C ILE E 60 67.10 3.07 -26.33
N ARG E 61 68.39 2.74 -26.34
CA ARG E 61 69.02 1.90 -25.34
C ARG E 61 70.11 2.66 -24.53
N ASN E 62 70.80 3.64 -25.13
CA ASN E 62 71.83 4.40 -24.40
C ASN E 62 71.81 5.88 -24.72
N GLU E 63 72.62 6.67 -23.98
CA GLU E 63 72.68 8.12 -24.15
C GLU E 63 73.16 8.56 -25.52
N GLU E 64 73.94 7.71 -26.22
CA GLU E 64 74.44 8.04 -27.55
C GLU E 64 73.29 7.93 -28.54
N ASN E 65 72.41 6.93 -28.39
CA ASN E 65 71.27 6.79 -29.28
C ASN E 65 70.38 8.01 -29.13
N LEU E 66 70.16 8.43 -27.88
CA LEU E 66 69.33 9.59 -27.57
C LEU E 66 69.91 10.82 -28.27
N GLU E 67 71.23 10.99 -28.19
CA GLU E 67 71.92 12.11 -28.83
C GLU E 67 71.74 12.10 -30.33
N ILE E 68 71.93 10.94 -30.96
CA ILE E 68 71.82 10.77 -32.41
C ILE E 68 70.39 10.97 -32.89
N ALA E 69 69.40 10.49 -32.13
CA ALA E 69 67.99 10.65 -32.48
C ALA E 69 67.66 12.14 -32.56
N LYS E 70 68.08 12.90 -31.54
CA LYS E 70 67.87 14.35 -31.48
C LYS E 70 68.66 15.05 -32.60
N GLU E 71 69.86 14.57 -32.88
CA GLU E 71 70.72 15.15 -33.94
C GLU E 71 70.04 14.95 -35.29
N MET E 72 69.60 13.73 -35.59
CA MET E 72 68.93 13.42 -36.84
C MET E 72 67.61 14.17 -36.96
N ARG E 73 66.89 14.34 -35.84
CA ARG E 73 65.62 15.05 -35.83
C ARG E 73 65.82 16.53 -36.24
N GLU E 74 66.88 17.18 -35.74
CA GLU E 74 67.14 18.58 -36.07
C GLU E 74 67.65 18.78 -37.51
N ARG E 75 68.33 17.78 -38.09
CA ARG E 75 68.84 17.88 -39.45
C ARG E 75 67.89 17.31 -40.50
N ALA E 76 66.97 16.40 -40.11
CA ALA E 76 66.02 15.81 -41.05
C ALA E 76 64.67 16.49 -41.04
N LYS E 77 64.03 16.59 -42.22
CA LYS E 77 62.71 17.19 -42.37
C LYS E 77 61.67 16.14 -42.03
N ILE E 78 61.88 14.91 -42.51
CA ILE E 78 60.99 13.78 -42.23
C ILE E 78 61.79 12.71 -41.53
N VAL E 79 61.27 12.20 -40.40
CA VAL E 79 61.91 11.15 -39.62
C VAL E 79 61.02 9.93 -39.64
N ILE E 80 61.60 8.77 -39.93
CA ILE E 80 60.84 7.52 -39.98
C ILE E 80 61.37 6.55 -38.95
N ALA E 81 60.49 6.03 -38.09
CA ALA E 81 60.90 5.02 -37.11
C ALA E 81 60.96 3.76 -37.96
N PHE E 82 62.17 3.37 -38.36
CA PHE E 82 62.41 2.24 -39.27
C PHE E 82 62.44 0.89 -38.56
N GLY E 83 61.32 0.17 -38.59
CA GLY E 83 61.24 -1.15 -37.97
C GLY E 83 60.66 -1.17 -36.58
N THR E 84 60.33 -2.38 -36.12
CA THR E 84 59.72 -2.65 -34.81
C THR E 84 60.52 -2.15 -33.62
N CYS E 85 61.87 -2.17 -33.67
CA CYS E 85 62.64 -1.68 -32.53
C CYS E 85 62.40 -0.18 -32.36
N ALA E 86 62.50 0.58 -33.46
CA ALA E 86 62.30 2.02 -33.45
C ALA E 86 60.86 2.37 -33.14
N ALA E 87 59.93 1.64 -33.76
CA ALA E 87 58.50 1.84 -33.59
C ALA E 87 57.93 1.39 -32.24
N PHE E 88 58.34 0.23 -31.72
CA PHE E 88 57.80 -0.30 -30.46
C PHE E 88 58.80 -0.71 -29.37
N GLY E 89 60.10 -0.72 -29.66
CA GLY E 89 61.11 -1.10 -28.68
C GLY E 89 61.84 -2.38 -29.05
N GLY E 90 61.10 -3.36 -29.53
CA GLY E 90 61.65 -4.62 -29.99
C GLY E 90 62.08 -5.58 -28.89
N VAL E 91 62.79 -6.64 -29.30
CA VAL E 91 63.30 -7.67 -28.39
C VAL E 91 64.21 -7.07 -27.33
N PRO E 92 65.09 -6.10 -27.65
CA PRO E 92 65.95 -5.52 -26.59
C PRO E 92 65.13 -4.95 -25.44
N GLY E 93 63.88 -4.57 -25.74
CA GLY E 93 62.95 -4.06 -24.75
C GLY E 93 62.72 -5.01 -23.59
N LEU E 94 62.96 -6.32 -23.78
CA LEU E 94 62.78 -7.29 -22.69
C LEU E 94 63.76 -7.04 -21.54
N GLY E 95 64.78 -6.23 -21.79
CA GLY E 95 65.74 -5.85 -20.75
C GLY E 95 65.08 -4.98 -19.70
N ASN E 96 63.91 -4.40 -20.04
CA ASN E 96 63.13 -3.55 -19.13
C ASN E 96 62.59 -4.35 -17.95
N LEU E 97 62.66 -5.68 -18.03
CA LEU E 97 62.23 -6.56 -16.95
C LEU E 97 63.31 -6.69 -15.90
N TYR E 98 64.46 -6.08 -16.15
CA TYR E 98 65.61 -6.11 -15.26
C TYR E 98 66.17 -4.72 -15.13
N SER E 99 66.91 -4.46 -14.06
CA SER E 99 67.55 -3.16 -13.89
C SER E 99 68.78 -3.17 -14.79
N ASN E 100 69.25 -1.99 -15.20
CA ASN E 100 70.43 -1.92 -16.05
C ASN E 100 71.63 -2.55 -15.34
N ASP E 101 71.72 -2.37 -14.01
CA ASP E 101 72.81 -2.97 -13.25
C ASP E 101 72.79 -4.49 -13.38
N GLU E 102 71.60 -5.10 -13.41
CA GLU E 102 71.48 -6.55 -13.56
C GLU E 102 71.92 -7.01 -14.95
N LEU E 103 71.59 -6.24 -16.00
CA LEU E 103 71.97 -6.60 -17.35
C LEU E 103 73.49 -6.58 -17.48
N LEU E 104 74.10 -5.48 -17.02
CA LEU E 104 75.54 -5.29 -17.08
C LEU E 104 76.31 -6.26 -16.18
N ASP E 105 75.80 -6.52 -14.97
CA ASP E 105 76.50 -7.45 -14.07
C ASP E 105 76.58 -8.85 -14.68
N LYS E 106 75.53 -9.28 -15.39
CA LYS E 106 75.51 -10.60 -16.01
C LYS E 106 76.55 -10.67 -17.12
N ALA E 107 76.47 -9.71 -18.05
CA ALA E 107 77.36 -9.65 -19.20
C ALA E 107 78.81 -9.43 -18.86
N TYR E 108 79.12 -8.70 -17.77
CA TYR E 108 80.51 -8.40 -17.43
C TYR E 108 81.02 -9.01 -16.12
N LYS E 109 80.19 -9.79 -15.40
CA LYS E 109 80.67 -10.40 -14.16
C LYS E 109 80.28 -11.86 -13.95
N THR E 110 78.98 -12.17 -13.93
CA THR E 110 78.53 -13.53 -13.63
C THR E 110 78.40 -14.51 -14.82
N THR E 111 78.65 -14.10 -16.05
CA THR E 111 78.58 -15.08 -17.15
C THR E 111 79.70 -16.09 -16.86
N ILE E 112 79.45 -17.40 -17.05
CA ILE E 112 80.42 -18.45 -16.67
C ILE E 112 81.82 -18.29 -17.25
N THR E 113 81.96 -17.83 -18.51
CA THR E 113 83.28 -17.66 -19.10
C THR E 113 83.96 -16.34 -18.75
N THR E 114 83.29 -15.45 -18.00
CA THR E 114 83.89 -14.16 -17.67
C THR E 114 84.87 -14.23 -16.51
N LYS E 115 86.06 -13.62 -16.71
CA LYS E 115 87.08 -13.53 -15.68
C LYS E 115 87.28 -12.04 -15.43
N ASN E 116 86.59 -11.52 -14.41
CA ASN E 116 86.63 -10.12 -14.04
C ASN E 116 86.62 -10.06 -12.51
N ASP E 117 87.77 -10.37 -11.90
CA ASP E 117 87.90 -10.38 -10.43
C ASP E 117 87.74 -8.98 -9.86
N ASP E 118 88.13 -7.94 -10.61
CA ASP E 118 88.01 -6.55 -10.18
C ASP E 118 86.55 -6.12 -10.14
N GLY E 119 85.71 -6.76 -10.94
CA GLY E 119 84.28 -6.45 -11.00
C GLY E 119 84.00 -5.11 -11.67
N ILE E 120 84.77 -4.79 -12.71
CA ILE E 120 84.59 -3.52 -13.41
C ILE E 120 83.47 -3.60 -14.44
N ILE E 121 82.79 -2.48 -14.64
CA ILE E 121 81.72 -2.37 -15.62
C ILE E 121 82.25 -1.33 -16.60
N PRO E 122 82.41 -1.65 -17.89
CA PRO E 122 82.92 -0.63 -18.82
C PRO E 122 82.24 0.72 -18.64
N ASN E 123 83.03 1.75 -18.36
CA ASN E 123 82.52 3.10 -18.11
C ASN E 123 83.40 4.19 -18.73
N GLU E 124 84.38 3.82 -19.57
CA GLU E 124 85.25 4.79 -20.19
C GLU E 124 85.01 4.79 -21.70
N GLU E 125 84.71 5.96 -22.27
CA GLU E 125 84.46 6.12 -23.71
C GLU E 125 83.30 5.29 -24.23
N VAL E 126 82.37 4.88 -23.34
CA VAL E 126 81.19 4.11 -23.71
C VAL E 126 79.98 4.84 -23.13
N PRO E 127 78.85 4.91 -23.83
CA PRO E 127 77.69 5.63 -23.28
C PRO E 127 76.98 4.83 -22.21
N GLU E 128 76.41 5.52 -21.22
CA GLU E 128 75.65 4.86 -20.17
C GLU E 128 74.33 4.42 -20.78
N LEU E 129 73.69 3.40 -20.21
CA LEU E 129 72.41 2.94 -20.73
C LEU E 129 71.35 3.88 -20.19
N VAL E 130 70.25 4.03 -20.93
CA VAL E 130 69.11 4.85 -20.53
C VAL E 130 68.33 3.97 -19.56
N SER E 131 67.62 4.56 -18.59
CA SER E 131 66.88 3.81 -17.56
C SER E 131 66.12 2.60 -18.12
N ARG E 132 65.56 2.72 -19.32
CA ARG E 132 64.81 1.63 -19.94
C ARG E 132 64.76 1.83 -21.44
N VAL E 133 64.52 0.76 -22.18
CA VAL E 133 64.41 0.87 -23.63
C VAL E 133 63.15 1.67 -23.93
N LYS E 134 63.24 2.62 -24.85
CA LYS E 134 62.10 3.44 -25.20
C LYS E 134 61.93 3.48 -26.71
N PRO E 135 60.68 3.49 -27.20
CA PRO E 135 60.49 3.62 -28.65
C PRO E 135 61.02 4.98 -29.08
N LEU E 136 61.35 5.14 -30.36
CA LEU E 136 61.90 6.39 -30.87
C LEU E 136 60.99 7.59 -30.60
N SER E 137 59.69 7.42 -30.75
CA SER E 137 58.69 8.46 -30.56
C SER E 137 58.63 9.05 -29.15
N GLU E 138 59.19 8.35 -28.15
CA GLU E 138 59.18 8.82 -26.77
C GLU E 138 60.19 9.94 -26.55
N VAL E 139 61.22 10.03 -27.41
CA VAL E 139 62.28 11.01 -27.25
C VAL E 139 62.29 12.09 -28.34
N ILE E 140 61.74 11.81 -29.52
CA ILE E 140 61.68 12.80 -30.61
C ILE E 140 60.36 12.68 -31.36
N GLU E 141 60.04 13.69 -32.16
CA GLU E 141 58.84 13.66 -32.97
C GLU E 141 59.12 12.77 -34.16
N VAL E 142 58.30 11.74 -34.37
CA VAL E 142 58.47 10.80 -35.47
C VAL E 142 57.34 11.06 -36.47
N ASP E 143 57.66 11.26 -37.75
CA ASP E 143 56.65 11.56 -38.77
C ASP E 143 55.96 10.30 -39.27
N TYR E 144 56.71 9.23 -39.54
CA TYR E 144 56.15 7.97 -40.00
C TYR E 144 56.86 6.80 -39.37
N PHE E 145 56.31 5.61 -39.52
CA PHE E 145 56.94 4.41 -38.99
C PHE E 145 56.68 3.24 -39.92
N ILE E 146 57.69 2.37 -40.06
CA ILE E 146 57.58 1.18 -40.90
C ILE E 146 57.68 0.02 -39.93
N PRO E 147 56.54 -0.60 -39.57
CA PRO E 147 56.61 -1.71 -38.61
C PRO E 147 57.14 -2.99 -39.26
N GLY E 148 57.62 -3.89 -38.42
CA GLY E 148 58.18 -5.15 -38.88
C GLY E 148 59.54 -5.43 -38.29
N CYS E 149 59.84 -6.70 -38.07
CA CYS E 149 61.11 -7.11 -37.50
C CYS E 149 61.80 -8.15 -38.39
N PRO E 150 62.34 -7.76 -39.54
CA PRO E 150 62.34 -6.41 -40.12
C PRO E 150 61.19 -6.22 -41.12
N PRO E 151 60.88 -4.97 -41.50
CA PRO E 151 59.82 -4.76 -42.51
C PRO E 151 60.24 -5.41 -43.81
N ASN E 152 59.31 -5.99 -44.58
CA ASN E 152 59.71 -6.63 -45.84
C ASN E 152 60.29 -5.59 -46.81
N PRO E 153 61.28 -5.96 -47.63
CA PRO E 153 61.90 -4.97 -48.53
C PRO E 153 60.92 -4.14 -49.36
N GLU E 154 59.90 -4.80 -49.92
CA GLU E 154 58.91 -4.16 -50.76
C GLU E 154 58.16 -3.06 -50.02
N MET E 155 57.84 -3.27 -48.74
CA MET E 155 57.16 -2.27 -47.94
C MET E 155 58.06 -1.07 -47.71
N ILE E 156 59.36 -1.30 -47.50
CA ILE E 156 60.30 -0.20 -47.27
C ILE E 156 60.34 0.68 -48.53
N ALA E 157 60.41 0.04 -49.71
CA ALA E 157 60.45 0.77 -50.98
C ALA E 157 59.18 1.57 -51.21
N GLU E 158 57.99 0.98 -50.99
CA GLU E 158 56.70 1.65 -51.17
C GLU E 158 56.61 2.93 -50.32
N VAL E 159 57.10 2.87 -49.08
CA VAL E 159 57.07 4.01 -48.15
C VAL E 159 57.96 5.14 -48.66
N VAL E 160 59.21 4.81 -48.98
CA VAL E 160 60.16 5.80 -49.47
C VAL E 160 59.70 6.36 -50.82
N LYS E 161 59.18 5.49 -51.70
CA LYS E 161 58.69 5.92 -53.01
C LYS E 161 57.50 6.87 -52.88
N ALA E 162 56.66 6.68 -51.86
CA ALA E 162 55.50 7.57 -51.65
C ALA E 162 55.98 8.96 -51.27
N LEU E 163 57.02 9.03 -50.41
CA LEU E 163 57.56 10.31 -49.98
C LEU E 163 58.25 11.01 -51.15
N LEU E 164 58.85 10.24 -52.06
CA LEU E 164 59.51 10.77 -53.26
C LEU E 164 58.48 11.43 -54.18
N GLU E 165 57.27 10.87 -54.23
CA GLU E 165 56.18 11.36 -55.07
C GLU E 165 55.28 12.38 -54.35
N GLY E 166 55.66 12.81 -53.16
CA GLY E 166 54.89 13.77 -52.39
C GLY E 166 53.56 13.21 -51.92
N LYS E 167 53.49 11.88 -51.76
CA LYS E 167 52.28 11.18 -51.32
C LYS E 167 52.46 10.72 -49.87
N GLU E 168 51.34 10.47 -49.18
CA GLU E 168 51.36 10.03 -47.79
C GLU E 168 51.49 8.51 -47.76
N PRO E 169 52.48 7.95 -47.04
CA PRO E 169 52.59 6.49 -46.99
C PRO E 169 51.39 5.88 -46.24
N GLU E 170 50.96 4.70 -46.66
CA GLU E 170 49.83 4.05 -46.01
C GLU E 170 50.22 2.63 -45.60
N LEU E 171 50.12 2.35 -44.31
CA LEU E 171 50.44 1.03 -43.82
C LEU E 171 49.20 0.16 -43.92
N PRO E 172 49.32 -1.16 -44.11
CA PRO E 172 48.11 -1.99 -44.12
C PRO E 172 47.47 -1.88 -42.74
N LYS E 173 46.13 -1.94 -42.65
CA LYS E 173 45.42 -1.74 -41.39
C LYS E 173 44.89 -2.96 -40.66
N LYS E 174 44.80 -4.12 -41.31
CA LYS E 174 44.20 -5.30 -40.66
C LYS E 174 45.16 -6.14 -39.86
N ASN E 175 44.59 -7.08 -39.09
CA ASN E 175 45.42 -8.00 -38.34
C ASN E 175 45.84 -9.10 -39.33
N LEU E 176 46.74 -9.99 -38.94
CA LEU E 176 47.32 -10.99 -39.83
C LEU E 176 46.44 -12.13 -40.36
N CYS E 177 45.32 -12.47 -39.72
CA CYS E 177 44.51 -13.60 -40.18
C CYS E 177 44.01 -13.52 -41.64
N GLU E 178 43.77 -12.32 -42.16
CA GLU E 178 43.30 -12.17 -43.54
C GLU E 178 44.36 -12.71 -44.51
N GLU E 179 45.61 -12.29 -44.33
CA GLU E 179 46.73 -12.72 -45.17
C GLU E 179 47.09 -14.17 -44.95
N CYS E 180 47.00 -14.64 -43.70
CA CYS E 180 47.33 -16.01 -43.36
C CYS E 180 46.53 -17.00 -44.19
N ALA E 181 47.19 -18.04 -44.70
CA ALA E 181 46.57 -19.07 -45.53
C ALA E 181 45.92 -20.18 -44.71
N ARG E 182 46.01 -20.13 -43.38
CA ARG E 182 45.43 -21.18 -42.54
C ARG E 182 43.92 -21.13 -42.58
N LYS E 183 43.28 -22.28 -42.29
CA LYS E 183 41.83 -22.40 -42.31
C LYS E 183 41.18 -21.99 -40.98
N LYS E 184 40.24 -21.04 -41.03
CA LYS E 184 39.52 -20.57 -39.86
C LYS E 184 38.07 -21.09 -39.89
N SER E 185 37.54 -21.45 -38.72
CA SER E 185 36.16 -21.96 -38.64
C SER E 185 35.14 -20.85 -38.78
N GLU E 186 34.03 -21.13 -39.48
CA GLU E 186 32.94 -20.16 -39.68
C GLU E 186 32.24 -19.94 -38.34
N GLU E 187 32.23 -20.98 -37.50
CA GLU E 187 31.61 -20.95 -36.17
C GLU E 187 32.32 -19.99 -35.21
N GLY E 188 33.57 -19.68 -35.50
CA GLY E 188 34.38 -18.79 -34.67
C GLY E 188 35.47 -19.54 -33.94
N VAL E 189 36.35 -18.80 -33.28
CA VAL E 189 37.47 -19.38 -32.54
C VAL E 189 37.02 -19.91 -31.17
N ALA E 190 37.49 -21.12 -30.84
CA ALA E 190 37.23 -21.79 -29.57
C ALA E 190 38.51 -22.53 -29.23
N ILE E 191 39.07 -22.27 -28.05
CA ILE E 191 40.33 -22.88 -27.62
C ILE E 191 40.06 -23.82 -26.44
N GLU E 192 40.40 -25.11 -26.60
CA GLU E 192 40.19 -26.12 -25.55
C GLU E 192 41.35 -26.21 -24.56
N THR E 193 42.59 -26.12 -25.04
CA THR E 193 43.78 -26.20 -24.18
C THR E 193 44.89 -25.31 -24.73
N ILE E 194 45.85 -24.90 -23.88
CA ILE E 194 46.98 -24.09 -24.33
C ILE E 194 48.22 -24.95 -24.32
N LYS E 195 48.93 -24.99 -25.46
CA LYS E 195 50.14 -25.80 -25.65
C LYS E 195 51.37 -24.93 -25.88
N ARG E 196 52.55 -25.42 -25.44
CA ARG E 196 53.81 -24.72 -25.70
C ARG E 196 54.12 -25.10 -27.16
N ASN E 197 54.89 -24.28 -27.88
CA ASN E 197 55.18 -24.57 -29.28
C ASN E 197 55.73 -25.98 -29.57
N TYR E 198 56.45 -26.58 -28.62
CA TYR E 198 56.99 -27.94 -28.82
C TYR E 198 55.95 -29.04 -28.55
N GLU E 199 54.91 -28.75 -27.76
CA GLU E 199 53.88 -29.73 -27.43
C GLU E 199 52.99 -30.08 -28.63
N GLY E 200 52.68 -31.36 -28.76
CA GLY E 200 51.84 -31.86 -29.85
C GLY E 200 52.51 -31.81 -31.20
N ASN E 201 51.72 -32.06 -32.26
CA ASN E 201 52.17 -32.03 -33.64
C ASN E 201 51.12 -31.22 -34.40
N PRO E 202 51.42 -29.96 -34.75
CA PRO E 202 50.40 -29.13 -35.41
C PRO E 202 49.93 -29.55 -36.79
N ASP E 203 48.63 -29.34 -37.03
CA ASP E 203 47.97 -29.60 -38.30
C ASP E 203 48.45 -28.48 -39.23
N PRO E 204 48.98 -28.79 -40.42
CA PRO E 204 49.46 -27.69 -41.29
C PRO E 204 48.40 -26.83 -41.98
N GLU E 205 47.13 -27.23 -41.95
CA GLU E 205 46.06 -26.46 -42.60
C GLU E 205 45.24 -25.62 -41.62
N LYS E 206 44.92 -26.18 -40.45
CA LYS E 206 44.08 -25.50 -39.47
C LYS E 206 44.80 -24.38 -38.74
N CYS E 207 44.04 -23.30 -38.42
CA CYS E 207 44.54 -22.12 -37.70
C CYS E 207 45.25 -22.58 -36.43
N LEU E 208 46.46 -22.06 -36.18
CA LEU E 208 47.24 -22.44 -35.01
C LEU E 208 46.63 -22.01 -33.69
N LEU E 209 45.90 -20.90 -33.66
CA LEU E 209 45.27 -20.44 -32.43
C LEU E 209 44.16 -21.41 -32.05
N GLU E 210 43.37 -21.86 -33.03
CA GLU E 210 42.29 -22.81 -32.79
C GLU E 210 42.84 -24.14 -32.26
N GLN E 211 44.07 -24.50 -32.63
CA GLN E 211 44.72 -25.73 -32.19
C GLN E 211 45.33 -25.65 -30.78
N GLY E 212 45.25 -24.48 -30.14
CA GLY E 212 45.77 -24.31 -28.78
C GLY E 212 47.14 -23.67 -28.67
N TYR E 213 47.68 -23.14 -29.77
CA TYR E 213 49.00 -22.49 -29.73
C TYR E 213 48.79 -20.98 -29.63
N ILE E 214 49.67 -20.28 -28.92
CA ILE E 214 49.54 -18.83 -28.78
C ILE E 214 50.03 -18.16 -30.05
N CYS E 215 49.12 -17.83 -30.96
CA CYS E 215 49.48 -17.16 -32.21
C CYS E 215 49.09 -15.69 -32.10
N LEU E 216 50.10 -14.81 -32.18
CA LEU E 216 49.90 -13.35 -32.10
C LEU E 216 49.29 -12.73 -33.37
N GLY E 217 49.09 -13.51 -34.41
CA GLY E 217 48.51 -13.01 -35.66
C GLY E 217 47.25 -12.20 -35.47
N ILE E 218 46.42 -12.62 -34.52
CA ILE E 218 45.16 -11.93 -34.22
C ILE E 218 45.39 -10.50 -33.72
N ALA E 219 46.46 -10.27 -32.95
CA ALA E 219 46.79 -8.95 -32.40
C ALA E 219 47.99 -8.32 -33.09
N THR E 220 48.26 -8.69 -34.35
CA THR E 220 49.41 -8.17 -35.07
C THR E 220 49.00 -7.64 -36.44
N ARG E 221 49.58 -6.53 -36.86
CA ARG E 221 49.30 -5.94 -38.17
C ARG E 221 49.76 -6.87 -39.28
N GLU E 222 48.99 -6.90 -40.36
CA GLU E 222 49.30 -7.71 -41.55
C GLU E 222 50.43 -6.99 -42.33
N GLY E 223 50.84 -7.55 -43.46
CA GLY E 223 51.87 -6.94 -44.29
C GLY E 223 53.07 -7.82 -44.56
N CYS E 224 53.41 -8.70 -43.62
CA CYS E 224 54.54 -9.60 -43.74
C CYS E 224 54.25 -10.78 -44.68
N GLY E 225 52.98 -11.11 -44.85
CA GLY E 225 52.56 -12.23 -45.69
C GLY E 225 52.35 -13.48 -44.86
N ALA E 226 52.48 -13.34 -43.53
CA ALA E 226 52.31 -14.43 -42.56
C ALA E 226 53.21 -15.61 -42.90
N PRO E 227 54.53 -15.40 -43.03
CA PRO E 227 55.41 -16.52 -43.35
C PRO E 227 55.58 -17.52 -42.22
N CYS E 228 55.40 -17.09 -40.97
CA CYS E 228 55.58 -17.99 -39.84
C CYS E 228 54.52 -19.09 -39.81
N PRO E 229 53.20 -18.80 -39.73
CA PRO E 229 52.24 -19.91 -39.78
C PRO E 229 52.37 -20.73 -41.05
N SER E 230 52.70 -20.09 -42.18
CA SER E 230 52.88 -20.80 -43.45
C SER E 230 54.10 -21.74 -43.37
N SER E 231 55.08 -21.39 -42.51
CA SER E 231 56.27 -22.21 -42.33
C SER E 231 56.13 -23.21 -41.17
N GLY E 232 54.93 -23.35 -40.61
CA GLY E 232 54.65 -24.29 -39.55
C GLY E 232 54.78 -23.83 -38.11
N VAL E 233 54.93 -22.52 -37.86
CA VAL E 233 55.06 -22.05 -36.47
C VAL E 233 54.11 -20.87 -36.22
N PRO E 234 53.67 -20.65 -34.97
CA PRO E 234 52.78 -19.50 -34.72
C PRO E 234 53.46 -18.15 -34.91
N CYS E 235 52.65 -17.11 -35.12
CA CYS E 235 53.16 -15.75 -35.28
C CYS E 235 53.61 -15.26 -33.91
N SER E 236 54.76 -14.59 -33.85
CA SER E 236 55.29 -14.07 -32.59
C SER E 236 54.91 -12.57 -32.38
N GLY E 237 54.21 -11.99 -33.36
CA GLY E 237 53.75 -10.61 -33.31
C GLY E 237 54.79 -9.56 -33.61
N CYS E 238 55.82 -9.92 -34.38
CA CYS E 238 56.93 -9.01 -34.68
C CYS E 238 56.56 -7.76 -35.49
N SER E 239 55.40 -7.69 -36.16
CA SER E 239 55.02 -6.47 -36.90
C SER E 239 54.35 -5.44 -35.97
N GLY E 240 54.05 -5.85 -34.74
CA GLY E 240 53.41 -4.97 -33.79
C GLY E 240 51.91 -4.88 -33.99
N PRO E 241 51.25 -4.08 -33.15
CA PRO E 241 49.78 -3.99 -33.25
C PRO E 241 49.26 -3.13 -34.39
N THR E 242 47.93 -3.12 -34.54
CA THR E 242 47.26 -2.32 -35.56
C THR E 242 47.20 -0.89 -35.04
N ASP E 243 46.71 0.03 -35.88
CA ASP E 243 46.61 1.44 -35.48
C ASP E 243 45.59 1.66 -34.36
N ALA E 244 44.64 0.73 -34.19
CA ALA E 244 43.59 0.82 -33.18
C ALA E 244 43.92 0.12 -31.85
N VAL E 245 45.15 -0.36 -31.68
CA VAL E 245 45.54 -1.04 -30.45
C VAL E 245 46.84 -0.44 -29.96
N VAL E 246 46.83 0.11 -28.74
CA VAL E 246 48.01 0.71 -28.13
C VAL E 246 48.90 -0.37 -27.57
N ASP E 247 48.34 -1.22 -26.71
CA ASP E 247 49.07 -2.29 -26.03
C ASP E 247 48.72 -3.64 -26.65
N GLN E 248 49.63 -4.19 -27.45
CA GLN E 248 49.45 -5.45 -28.17
C GLN E 248 49.24 -6.64 -27.26
N GLY E 249 50.09 -6.77 -26.26
CA GLY E 249 50.01 -7.88 -25.32
C GLY E 249 48.72 -7.93 -24.54
N ALA E 250 48.22 -6.78 -24.09
CA ALA E 250 46.98 -6.67 -23.34
C ALA E 250 45.81 -7.14 -24.19
N LYS E 251 45.77 -6.71 -25.45
CA LYS E 251 44.71 -7.10 -26.36
C LYS E 251 44.78 -8.58 -26.70
N MET E 252 46.00 -9.13 -26.83
CA MET E 252 46.16 -10.55 -27.13
C MET E 252 45.64 -11.36 -25.94
N ILE E 253 46.00 -10.95 -24.72
CA ILE E 253 45.56 -11.63 -23.50
C ILE E 253 44.03 -11.57 -23.41
N SER E 254 43.46 -10.41 -23.73
CA SER E 254 42.00 -10.27 -23.69
C SER E 254 41.33 -11.29 -24.61
N ALA E 255 41.77 -11.34 -25.88
CA ALA E 255 41.23 -12.23 -26.90
C ALA E 255 41.39 -13.70 -26.51
N LEU E 256 42.58 -14.08 -26.08
CA LEU E 256 42.89 -15.44 -25.68
C LEU E 256 42.01 -15.91 -24.54
N CYS E 257 41.93 -15.10 -23.47
CA CYS E 257 41.12 -15.40 -22.29
C CYS E 257 39.65 -15.55 -22.65
N SER E 258 39.16 -14.70 -23.57
CA SER E 258 37.76 -14.72 -23.98
C SER E 258 37.36 -16.00 -24.69
N ASP E 259 38.17 -16.48 -25.64
CA ASP E 259 37.84 -17.68 -26.39
C ASP E 259 38.31 -18.98 -25.73
N PHE E 260 39.08 -18.90 -24.64
CA PHE E 260 39.54 -20.10 -23.96
C PHE E 260 38.36 -20.74 -23.23
N GLY E 261 38.03 -21.97 -23.60
CA GLY E 261 36.92 -22.71 -23.00
C GLY E 261 35.56 -22.09 -23.29
N ILE E 262 35.46 -21.29 -24.37
CA ILE E 262 34.21 -20.62 -24.76
C ILE E 262 33.07 -21.60 -25.05
N ASP E 263 33.38 -22.83 -25.47
CA ASP E 263 32.33 -23.83 -25.74
C ASP E 263 31.79 -24.38 -24.42
N ASN E 264 32.56 -24.23 -23.33
CA ASN E 264 32.19 -24.64 -21.96
C ASN E 264 32.31 -23.37 -21.10
N ASP E 265 31.89 -22.23 -21.67
CA ASP E 265 31.99 -20.88 -21.10
C ASP E 265 31.75 -20.76 -19.60
N ARG E 266 30.60 -21.22 -19.13
CA ARG E 266 30.23 -21.09 -17.72
C ARG E 266 30.93 -22.08 -16.80
N ASP E 267 31.41 -23.19 -17.33
CA ASP E 267 32.02 -24.22 -16.50
C ASP E 267 33.54 -24.30 -16.62
N VAL E 268 34.15 -23.66 -17.61
CA VAL E 268 35.62 -23.73 -17.74
C VAL E 268 36.27 -23.08 -16.52
N ASP E 269 37.29 -23.75 -15.98
CA ASP E 269 38.02 -23.24 -14.83
C ASP E 269 38.89 -22.06 -15.30
N PRO E 270 38.68 -20.85 -14.74
CA PRO E 270 39.50 -19.71 -15.19
C PRO E 270 40.96 -19.77 -14.74
N MET E 271 41.33 -20.72 -13.87
CA MET E 271 42.70 -20.85 -13.38
C MET E 271 43.57 -21.68 -14.32
N ILE E 272 42.98 -22.45 -15.25
CA ILE E 272 43.75 -23.29 -16.16
C ILE E 272 44.75 -22.47 -16.99
N LEU E 273 44.23 -21.46 -17.71
CA LEU E 273 45.04 -20.61 -18.58
C LEU E 273 46.22 -19.94 -17.85
N PRO E 274 46.03 -19.19 -16.75
CA PRO E 274 47.19 -18.60 -16.06
C PRO E 274 48.27 -19.61 -15.64
N LYS E 275 47.87 -20.81 -15.16
CA LYS E 275 48.83 -21.84 -14.75
C LYS E 275 49.57 -22.42 -15.94
N SER E 276 48.92 -22.49 -17.11
CA SER E 276 49.52 -23.05 -18.31
C SER E 276 50.65 -22.19 -18.88
N ILE E 277 50.54 -20.86 -18.78
CA ILE E 277 51.53 -19.93 -19.30
C ILE E 277 52.54 -19.52 -18.23
N LYS E 278 53.69 -20.20 -18.20
CA LYS E 278 54.74 -19.95 -17.22
C LYS E 278 55.50 -18.64 -17.46
N ASP E 279 55.52 -18.14 -18.71
CA ASP E 279 56.19 -16.88 -19.07
C ASP E 279 55.18 -16.01 -19.79
N LYS E 280 54.42 -15.22 -19.04
CA LYS E 280 53.39 -14.36 -19.62
C LYS E 280 53.96 -13.18 -20.40
N ILE E 281 54.93 -12.46 -19.84
CA ILE E 281 55.48 -11.31 -20.57
C ILE E 281 56.15 -11.76 -21.86
N GLY E 282 56.94 -12.81 -21.80
CA GLY E 282 57.61 -13.33 -22.99
C GLY E 282 56.66 -13.89 -24.02
N SER E 283 55.47 -14.33 -23.61
CA SER E 283 54.49 -14.87 -24.53
C SER E 283 53.75 -13.76 -25.29
N PHE E 284 53.47 -12.62 -24.62
CA PHE E 284 52.69 -11.53 -25.22
C PHE E 284 53.40 -10.21 -25.51
N TYR E 285 54.66 -10.03 -25.08
CA TYR E 285 55.37 -8.76 -25.31
C TYR E 285 56.79 -8.93 -25.85
N LYS E 286 57.03 -9.94 -26.70
CA LYS E 286 58.36 -10.17 -27.24
C LYS E 286 58.95 -8.98 -27.96
N PHE E 287 58.14 -8.28 -28.75
CA PHE E 287 58.58 -7.17 -29.57
C PHE E 287 58.08 -5.80 -29.19
N THR E 288 57.21 -5.68 -28.19
CA THR E 288 56.61 -4.38 -27.88
C THR E 288 56.55 -3.99 -26.41
N LEU E 289 57.32 -4.64 -25.53
CA LEU E 289 57.25 -4.28 -24.09
C LEU E 289 57.47 -2.79 -23.84
N PRO E 290 58.46 -2.14 -24.46
CA PRO E 290 58.66 -0.72 -24.18
C PRO E 290 57.52 0.21 -24.58
N SER E 291 56.64 -0.24 -25.49
CA SER E 291 55.51 0.57 -25.93
C SER E 291 54.19 0.18 -25.21
N ALA E 292 54.26 -0.73 -24.23
CA ALA E 292 53.10 -1.18 -23.46
C ALA E 292 52.74 -0.16 -22.39
N PHE E 293 51.53 -0.26 -21.81
CA PHE E 293 51.13 0.66 -20.74
C PHE E 293 52.11 0.51 -19.58
N VAL E 294 52.40 -0.74 -19.17
CA VAL E 294 53.38 -1.00 -18.11
C VAL E 294 54.62 -1.57 -18.83
N PRO E 295 55.61 -0.73 -19.17
CA PRO E 295 56.76 -1.20 -19.95
C PRO E 295 57.96 -1.71 -19.19
N ILE E 296 57.88 -1.79 -17.87
CA ILE E 296 59.01 -2.25 -17.07
C ILE E 296 58.53 -3.16 -15.97
N ARG E 297 59.46 -3.84 -15.31
CA ARG E 297 59.15 -4.67 -14.17
C ARG E 297 59.55 -3.80 -12.99
N LEU E 298 58.65 -3.53 -12.05
CA LEU E 298 59.00 -2.71 -10.89
C LEU E 298 59.89 -3.50 -9.95
N LYS E 299 60.99 -2.88 -9.50
CA LYS E 299 61.96 -3.49 -8.58
C LYS E 299 61.78 -2.94 -7.18
N VAL F 2 96.82 16.34 -28.20
CA VAL F 2 95.91 16.18 -29.33
C VAL F 2 95.17 14.85 -29.19
N LYS F 3 93.83 14.90 -29.22
CA LYS F 3 93.00 13.70 -29.11
C LYS F 3 92.15 13.53 -30.36
N LEU F 4 92.49 12.57 -31.23
CA LEU F 4 91.71 12.32 -32.44
C LEU F 4 90.79 11.15 -32.20
N SER F 5 89.70 11.09 -32.95
CA SER F 5 88.75 10.00 -32.78
C SER F 5 88.05 9.68 -34.09
N VAL F 6 88.10 8.40 -34.50
CA VAL F 6 87.42 7.92 -35.69
C VAL F 6 86.06 7.41 -35.22
N GLU F 7 84.99 8.16 -35.41
CA GLU F 7 83.69 7.68 -34.98
C GLU F 7 82.55 8.21 -35.84
N PRO F 8 81.68 7.30 -36.32
CA PRO F 8 81.67 5.86 -36.10
C PRO F 8 82.61 5.14 -37.07
N VAL F 9 82.93 3.88 -36.77
CA VAL F 9 83.72 3.09 -37.69
C VAL F 9 82.67 2.70 -38.72
N THR F 10 82.93 2.98 -39.99
CA THR F 10 81.96 2.70 -41.04
C THR F 10 82.29 1.42 -41.80
N ARG F 11 81.28 0.90 -42.49
CA ARG F 11 81.36 -0.33 -43.27
C ARG F 11 81.74 -1.53 -42.40
N VAL F 12 81.04 -1.62 -41.28
CA VAL F 12 81.13 -2.68 -40.29
C VAL F 12 79.72 -2.72 -39.72
N GLU F 13 79.31 -3.82 -39.11
CA GLU F 13 77.99 -3.88 -38.50
C GLU F 13 78.17 -3.52 -37.03
N GLY F 14 77.30 -2.67 -36.51
CA GLY F 14 77.36 -2.26 -35.12
C GLY F 14 78.05 -0.94 -34.87
N HIS F 15 78.18 -0.58 -33.59
CA HIS F 15 78.75 0.69 -33.16
C HIS F 15 80.14 0.56 -32.56
N GLY F 16 81.12 1.08 -33.27
CA GLY F 16 82.49 1.05 -32.83
C GLY F 16 83.20 2.36 -33.13
N LYS F 17 84.31 2.59 -32.43
CA LYS F 17 85.12 3.78 -32.65
C LYS F 17 86.56 3.52 -32.30
N ILE F 18 87.45 4.30 -32.90
CA ILE F 18 88.88 4.18 -32.64
C ILE F 18 89.34 5.51 -32.09
N SER F 19 90.02 5.50 -30.95
CA SER F 19 90.53 6.73 -30.36
C SER F 19 92.04 6.75 -30.56
N VAL F 20 92.58 7.88 -31.04
CA VAL F 20 94.00 8.06 -31.31
C VAL F 20 94.48 9.26 -30.51
N SER F 21 95.38 9.05 -29.56
CA SER F 21 95.87 10.16 -28.72
C SER F 21 97.37 10.36 -28.81
N PHE F 22 97.80 11.61 -28.59
CA PHE F 22 99.20 12.01 -28.61
C PHE F 22 99.55 12.75 -27.33
N ASP F 23 100.82 12.66 -26.91
CA ASP F 23 101.29 13.35 -25.69
C ASP F 23 101.54 14.84 -25.99
N ASP F 24 101.94 15.62 -24.97
CA ASP F 24 102.22 17.06 -25.16
C ASP F 24 103.40 17.31 -26.10
N SER F 25 104.31 16.32 -26.25
CA SER F 25 105.47 16.44 -27.15
C SER F 25 105.13 16.07 -28.59
N GLY F 26 103.87 15.67 -28.84
CA GLY F 26 103.40 15.31 -30.16
C GLY F 26 103.58 13.85 -30.57
N ASN F 27 104.06 13.01 -29.65
CA ASN F 27 104.26 11.59 -29.96
C ASN F 27 103.01 10.75 -29.70
N LEU F 28 102.81 9.70 -30.51
CA LEU F 28 101.66 8.81 -30.37
C LEU F 28 101.72 8.13 -29.02
N ASP F 29 100.64 8.24 -28.24
CA ASP F 29 100.56 7.72 -26.87
C ASP F 29 99.60 6.54 -26.68
N LYS F 30 98.36 6.69 -27.14
CA LYS F 30 97.37 5.64 -26.96
C LYS F 30 96.45 5.51 -28.15
N VAL F 31 96.24 4.26 -28.58
CA VAL F 31 95.37 3.94 -29.71
C VAL F 31 94.52 2.77 -29.24
N ARG F 32 93.19 2.93 -29.18
CA ARG F 32 92.32 1.87 -28.72
C ARG F 32 91.08 1.71 -29.58
N PHE F 33 90.52 0.49 -29.63
CA PHE F 33 89.29 0.20 -30.35
C PHE F 33 88.19 0.05 -29.32
N HIS F 34 87.14 0.90 -29.40
CA HIS F 34 86.03 0.86 -28.44
C HIS F 34 84.74 0.45 -29.11
N VAL F 35 83.96 -0.39 -28.43
CA VAL F 35 82.65 -0.83 -28.89
C VAL F 35 81.71 -0.16 -27.90
N VAL F 36 80.79 0.65 -28.42
CA VAL F 36 79.89 1.48 -27.62
C VAL F 36 78.43 1.02 -27.50
N GLU F 37 78.16 -0.27 -27.65
CA GLU F 37 76.79 -0.76 -27.56
C GLU F 37 76.70 -2.05 -26.75
N VAL F 38 75.58 -2.26 -26.08
CA VAL F 38 75.31 -3.47 -25.31
C VAL F 38 73.79 -3.48 -25.05
N ARG F 39 73.15 -4.66 -25.16
CA ARG F 39 71.70 -4.79 -24.95
C ARG F 39 71.33 -5.71 -23.78
N GLY F 40 72.19 -6.64 -23.42
CA GLY F 40 71.95 -7.54 -22.28
C GLY F 40 71.12 -8.77 -22.55
N PHE F 41 71.27 -9.39 -23.72
CA PHE F 41 70.50 -10.59 -24.06
C PHE F 41 70.71 -11.72 -23.06
N GLU F 42 71.93 -11.88 -22.55
CA GLU F 42 72.21 -12.97 -21.61
C GLU F 42 71.36 -12.90 -20.35
N LYS F 43 71.08 -11.70 -19.87
CA LYS F 43 70.30 -11.53 -18.66
C LYS F 43 68.82 -11.53 -18.93
N PHE F 44 68.35 -10.80 -19.95
CA PHE F 44 66.92 -10.73 -20.22
C PHE F 44 66.33 -12.03 -20.76
N LEU F 45 67.16 -12.98 -21.22
CA LEU F 45 66.64 -14.26 -21.67
C LEU F 45 66.19 -15.06 -20.42
N GLU F 46 66.64 -14.67 -19.21
CA GLU F 46 66.22 -15.35 -17.98
C GLU F 46 64.74 -15.14 -17.76
N GLY F 47 64.03 -16.22 -17.51
CA GLY F 47 62.58 -16.19 -17.31
C GLY F 47 61.82 -16.51 -18.58
N ARG F 48 62.52 -16.55 -19.72
CA ARG F 48 61.87 -16.83 -20.99
C ARG F 48 61.71 -18.33 -21.19
N TYR F 49 60.78 -18.73 -22.06
CA TYR F 49 60.60 -20.14 -22.38
C TYR F 49 61.86 -20.51 -23.15
N VAL F 50 62.51 -21.62 -22.83
CA VAL F 50 63.72 -21.98 -23.55
C VAL F 50 63.46 -22.20 -25.05
N GLU F 51 62.26 -22.68 -25.43
CA GLU F 51 61.93 -22.90 -26.84
C GLU F 51 61.75 -21.60 -27.64
N ASP F 52 61.69 -20.44 -26.94
CA ASP F 52 61.55 -19.13 -27.60
C ASP F 52 62.94 -18.52 -27.85
N ALA F 53 64.01 -19.17 -27.36
CA ALA F 53 65.37 -18.67 -27.57
C ALA F 53 65.69 -18.53 -29.05
N PRO F 54 65.33 -19.51 -29.92
CA PRO F 54 65.61 -19.34 -31.35
C PRO F 54 64.78 -18.23 -32.02
N ILE F 55 63.84 -17.61 -31.28
CA ILE F 55 63.03 -16.48 -31.78
C ILE F 55 63.75 -15.19 -31.34
N TYR F 56 64.28 -15.17 -30.11
CA TYR F 56 64.97 -14.01 -29.56
C TYR F 56 66.41 -13.81 -30.01
N THR F 57 67.23 -14.87 -30.03
CA THR F 57 68.64 -14.74 -30.39
C THR F 57 68.86 -14.21 -31.79
N PRO F 58 68.09 -14.59 -32.83
CA PRO F 58 68.33 -13.99 -34.15
C PRO F 58 68.36 -12.46 -34.10
N ARG F 59 67.60 -11.86 -33.16
CA ARG F 59 67.55 -10.40 -33.00
C ARG F 59 68.84 -9.82 -32.40
N ILE F 60 69.84 -10.67 -32.18
CA ILE F 60 71.13 -10.21 -31.70
C ILE F 60 71.77 -9.52 -32.91
N CYS F 61 71.52 -10.06 -34.11
CA CYS F 61 72.08 -9.49 -35.32
C CYS F 61 71.27 -9.80 -36.58
N GLY F 62 71.11 -8.79 -37.42
CA GLY F 62 70.37 -8.89 -38.68
C GLY F 62 71.12 -9.50 -39.84
N ILE F 63 72.44 -9.61 -39.74
CA ILE F 63 73.24 -10.22 -40.80
C ILE F 63 73.34 -11.71 -40.58
N CYS F 64 73.76 -12.11 -39.38
CA CYS F 64 73.97 -13.52 -39.04
C CYS F 64 72.85 -14.11 -38.16
N GLN F 65 71.61 -13.69 -38.38
CA GLN F 65 70.47 -14.20 -37.59
C GLN F 65 70.30 -15.72 -37.68
N VAL F 66 70.69 -16.33 -38.84
CA VAL F 66 70.59 -17.77 -39.06
C VAL F 66 71.50 -18.50 -38.08
N ALA F 67 72.76 -18.09 -38.01
CA ALA F 67 73.73 -18.71 -37.11
C ALA F 67 73.16 -18.75 -35.69
N HIS F 68 72.58 -17.63 -35.23
CA HIS F 68 71.98 -17.56 -33.90
C HIS F 68 70.76 -18.47 -33.80
N HIS F 69 69.91 -18.48 -34.83
CA HIS F 69 68.73 -19.34 -34.84
C HIS F 69 69.14 -20.79 -34.67
N LEU F 70 70.17 -21.21 -35.40
CA LEU F 70 70.64 -22.60 -35.34
C LEU F 70 71.43 -22.90 -34.06
N ALA F 71 72.26 -21.96 -33.57
CA ALA F 71 73.00 -22.19 -32.33
C ALA F 71 72.00 -22.34 -31.19
N SER F 72 70.92 -21.54 -31.19
CA SER F 72 69.90 -21.63 -30.14
C SER F 72 69.11 -22.91 -30.30
N ALA F 73 68.71 -23.23 -31.53
CA ALA F 73 67.95 -24.45 -31.79
C ALA F 73 68.73 -25.67 -31.29
N LYS F 74 70.05 -25.68 -31.49
CA LYS F 74 70.93 -26.76 -31.05
C LYS F 74 70.98 -26.83 -29.52
N ALA F 75 71.12 -25.68 -28.87
CA ALA F 75 71.18 -25.67 -27.40
C ALA F 75 69.84 -26.16 -26.85
N VAL F 76 68.75 -25.74 -27.49
CA VAL F 76 67.40 -26.13 -27.08
C VAL F 76 67.20 -27.64 -27.25
N ASP F 77 67.71 -28.22 -28.34
CA ASP F 77 67.58 -29.66 -28.55
C ASP F 77 68.30 -30.42 -27.45
N ASN F 78 69.41 -29.86 -26.94
CA ASN F 78 70.18 -30.48 -25.87
C ASN F 78 69.45 -30.30 -24.53
N VAL F 79 68.73 -29.19 -24.35
CA VAL F 79 67.98 -28.96 -23.12
C VAL F 79 66.83 -29.99 -23.05
N PHE F 80 66.20 -30.34 -24.19
CA PHE F 80 65.11 -31.32 -24.22
C PHE F 80 65.62 -32.77 -24.49
N GLY F 81 66.93 -32.97 -24.44
CA GLY F 81 67.57 -34.28 -24.66
C GLY F 81 67.11 -35.00 -25.92
N VAL F 82 66.90 -34.26 -27.01
CA VAL F 82 66.42 -34.85 -28.26
C VAL F 82 67.45 -34.81 -29.39
N LYS F 83 67.65 -35.95 -30.07
CA LYS F 83 68.54 -36.04 -31.21
C LYS F 83 67.62 -35.85 -32.42
N ILE F 84 67.87 -34.82 -33.22
CA ILE F 84 67.00 -34.52 -34.36
C ILE F 84 67.25 -35.46 -35.54
N PRO F 85 66.22 -35.73 -36.37
CA PRO F 85 66.42 -36.63 -37.52
C PRO F 85 67.47 -36.10 -38.50
N GLU F 86 68.10 -37.01 -39.26
CA GLU F 86 69.13 -36.64 -40.22
C GLU F 86 68.65 -35.58 -41.21
N THR F 87 67.38 -35.66 -41.66
CA THR F 87 66.83 -34.68 -42.59
C THR F 87 66.87 -33.27 -42.00
N ALA F 88 66.56 -33.13 -40.70
CA ALA F 88 66.57 -31.84 -40.03
C ALA F 88 67.98 -31.27 -39.99
N GLU F 89 68.98 -32.11 -39.72
CA GLU F 89 70.38 -31.67 -39.67
C GLU F 89 70.80 -31.14 -41.04
N LEU F 90 70.36 -31.82 -42.11
CA LEU F 90 70.70 -31.43 -43.47
C LEU F 90 70.03 -30.11 -43.83
N LEU F 91 68.74 -29.97 -43.49
CA LEU F 91 68.00 -28.73 -43.76
C LEU F 91 68.64 -27.57 -42.99
N ARG F 92 69.00 -27.82 -41.72
CA ARG F 92 69.62 -26.80 -40.89
C ARG F 92 70.95 -26.36 -41.49
N ASN F 93 71.78 -27.32 -41.92
CA ASN F 93 73.07 -27.02 -42.54
C ASN F 93 72.88 -26.32 -43.88
N LEU F 94 71.84 -26.68 -44.65
CA LEU F 94 71.58 -26.05 -45.94
C LEU F 94 71.28 -24.55 -45.72
N MET F 95 70.47 -24.25 -44.70
CA MET F 95 70.11 -22.87 -44.34
C MET F 95 71.39 -22.13 -43.93
N HIS F 96 72.21 -22.78 -43.11
CA HIS F 96 73.46 -22.24 -42.60
C HIS F 96 74.44 -21.89 -43.72
N GLN F 97 74.53 -22.74 -44.74
CA GLN F 97 75.45 -22.51 -45.87
C GLN F 97 74.92 -21.37 -46.74
N GLY F 98 73.61 -21.30 -46.92
CA GLY F 98 72.99 -20.22 -47.69
C GLY F 98 73.22 -18.88 -47.03
N ALA F 99 73.15 -18.85 -45.69
CA ALA F 99 73.38 -17.64 -44.89
C ALA F 99 74.82 -17.20 -45.01
N THR F 100 75.77 -18.16 -44.98
CA THR F 100 77.20 -17.87 -45.09
C THR F 100 77.50 -17.24 -46.45
N VAL F 101 76.82 -17.70 -47.51
CA VAL F 101 77.00 -17.14 -48.85
C VAL F 101 76.58 -15.67 -48.82
N HIS F 102 75.41 -15.38 -48.22
CA HIS F 102 74.90 -14.01 -48.14
C HIS F 102 75.82 -13.13 -47.30
N SER F 103 76.29 -13.63 -46.14
CA SER F 103 77.14 -12.85 -45.25
C SER F 103 78.53 -12.56 -45.84
N HIS F 104 79.19 -13.58 -46.38
CA HIS F 104 80.52 -13.41 -46.98
C HIS F 104 80.47 -12.52 -48.21
N ALA F 105 79.41 -12.65 -49.03
CA ALA F 105 79.26 -11.83 -50.23
C ALA F 105 79.02 -10.39 -49.81
N LEU F 106 78.15 -10.19 -48.81
CA LEU F 106 77.83 -8.87 -48.27
C LEU F 106 79.10 -8.17 -47.82
N HIS F 107 79.86 -8.80 -46.94
CA HIS F 107 81.09 -8.21 -46.43
C HIS F 107 82.13 -7.92 -47.50
N PHE F 108 82.52 -8.92 -48.28
CA PHE F 108 83.57 -8.68 -49.27
C PHE F 108 83.23 -7.57 -50.25
N TYR F 109 82.03 -7.58 -50.83
CA TYR F 109 81.66 -6.58 -51.83
C TYR F 109 81.10 -5.26 -51.32
N MET F 110 80.15 -5.30 -50.36
CA MET F 110 79.52 -4.09 -49.84
C MET F 110 80.40 -3.34 -48.87
N LEU F 111 81.14 -4.07 -48.02
CA LEU F 111 81.89 -3.45 -46.95
C LEU F 111 83.40 -3.38 -47.16
N ALA F 112 84.04 -4.46 -47.57
CA ALA F 112 85.49 -4.48 -47.73
C ALA F 112 86.04 -3.95 -49.06
N ALA F 113 85.49 -4.42 -50.19
CA ALA F 113 85.96 -4.06 -51.53
C ALA F 113 86.19 -2.56 -51.77
N PRO F 114 85.35 -1.64 -51.26
CA PRO F 114 85.60 -0.22 -51.52
C PRO F 114 87.05 0.20 -51.22
N ASP F 115 87.61 -0.31 -50.12
CA ASP F 115 88.99 -0.03 -49.70
C ASP F 115 90.00 -0.74 -50.57
N LEU F 116 89.70 -1.99 -50.97
CA LEU F 116 90.61 -2.78 -51.80
C LEU F 116 90.68 -2.20 -53.21
N MET F 117 89.58 -1.64 -53.68
CA MET F 117 89.50 -1.04 -55.01
C MET F 117 90.08 0.37 -54.96
N PHE F 118 89.76 1.13 -53.90
CA PHE F 118 90.23 2.51 -53.74
C PHE F 118 90.96 2.72 -52.40
N PRO F 119 92.18 2.18 -52.24
CA PRO F 119 92.87 2.37 -50.95
C PRO F 119 93.52 3.74 -50.73
N THR F 120 93.84 4.50 -51.81
CA THR F 120 94.50 5.80 -51.68
C THR F 120 93.68 7.03 -52.03
N THR F 121 92.39 6.88 -52.31
CA THR F 121 91.57 8.04 -52.64
C THR F 121 91.24 8.88 -51.40
N ASP F 122 90.97 10.18 -51.62
CA ASP F 122 90.57 11.11 -50.55
C ASP F 122 89.06 11.36 -50.67
N ASP F 123 88.39 10.76 -51.66
CA ASP F 123 86.95 10.91 -51.90
C ASP F 123 86.14 9.80 -51.22
N VAL F 124 85.45 10.15 -50.13
CA VAL F 124 84.62 9.20 -49.39
C VAL F 124 83.33 8.84 -50.16
N LEU F 125 82.87 9.73 -51.05
CA LEU F 125 81.66 9.46 -51.83
C LEU F 125 81.92 8.39 -52.91
N LYS F 126 83.21 8.08 -53.15
CA LYS F 126 83.64 7.07 -54.12
C LYS F 126 83.98 5.75 -53.41
N ARG F 127 84.34 5.83 -52.13
CA ARG F 127 84.73 4.64 -51.36
C ARG F 127 83.52 3.94 -50.75
N ASN F 128 82.69 3.33 -51.59
CA ASN F 128 81.50 2.59 -51.16
C ASN F 128 80.94 1.77 -52.33
N LEU F 129 79.87 1.03 -52.07
CA LEU F 129 79.14 0.18 -53.02
C LEU F 129 78.82 0.92 -54.32
N MET F 130 78.34 2.15 -54.20
CA MET F 130 77.91 2.98 -55.31
C MET F 130 79.10 3.40 -56.18
N GLY F 131 80.23 3.66 -55.54
CA GLY F 131 81.45 4.02 -56.25
C GLY F 131 81.94 2.86 -57.10
N ILE F 132 81.87 1.64 -56.56
CA ILE F 132 82.27 0.44 -57.30
C ILE F 132 81.29 0.24 -58.46
N ALA F 133 80.00 0.40 -58.19
CA ALA F 133 78.96 0.22 -59.21
C ALA F 133 79.08 1.17 -60.39
N LYS F 134 79.53 2.41 -60.16
CA LYS F 134 79.67 3.37 -61.26
C LYS F 134 80.76 2.94 -62.23
N GLU F 135 81.92 2.50 -61.70
CA GLU F 135 83.05 2.08 -62.54
C GLU F 135 82.94 0.63 -62.98
N HIS F 136 82.62 -0.27 -62.04
CA HIS F 136 82.51 -1.70 -62.30
C HIS F 136 81.14 -2.23 -61.88
N PRO F 137 80.10 -1.97 -62.67
CA PRO F 137 78.76 -2.46 -62.31
C PRO F 137 78.63 -3.99 -62.24
N GLU F 138 79.44 -4.73 -63.01
CA GLU F 138 79.37 -6.19 -63.01
C GLU F 138 79.79 -6.78 -61.65
N ILE F 139 80.70 -6.10 -60.95
CA ILE F 139 81.17 -6.55 -59.64
C ILE F 139 80.03 -6.57 -58.63
N ILE F 140 79.24 -5.49 -58.58
CA ILE F 140 78.12 -5.36 -57.65
C ILE F 140 76.92 -6.20 -58.11
N LYS F 141 76.67 -6.29 -59.41
CA LYS F 141 75.53 -7.09 -59.91
C LYS F 141 75.74 -8.55 -59.52
N ASP F 142 77.00 -9.02 -59.57
CA ASP F 142 77.37 -10.39 -59.20
C ASP F 142 77.25 -10.57 -57.69
N ALA F 143 77.64 -9.54 -56.91
CA ALA F 143 77.53 -9.56 -55.45
C ALA F 143 76.07 -9.66 -55.04
N ILE F 144 75.21 -8.93 -55.76
CA ILE F 144 73.78 -8.93 -55.47
C ILE F 144 73.21 -10.31 -55.80
N GLU F 145 73.66 -10.92 -56.91
CA GLU F 145 73.20 -12.24 -57.30
C GLU F 145 73.58 -13.27 -56.23
N LEU F 146 74.83 -13.21 -55.76
CA LEU F 146 75.33 -14.13 -54.73
C LEU F 146 74.49 -14.02 -53.47
N ARG F 147 74.24 -12.79 -53.01
CA ARG F 147 73.43 -12.53 -51.82
C ARG F 147 72.01 -13.00 -52.02
N LYS F 148 71.41 -12.68 -53.17
CA LYS F 148 70.05 -13.08 -53.49
C LYS F 148 69.92 -14.59 -53.40
N ALA F 149 70.89 -15.32 -53.97
CA ALA F 149 70.90 -16.78 -53.95
C ALA F 149 70.97 -17.32 -52.52
N GLY F 150 71.86 -16.75 -51.73
CA GLY F 150 72.04 -17.14 -50.33
C GLY F 150 70.76 -16.94 -49.54
N GLN F 151 70.20 -15.72 -49.60
CA GLN F 151 68.95 -15.36 -48.89
C GLN F 151 67.77 -16.19 -49.37
N ASN F 152 67.78 -16.64 -50.64
CA ASN F 152 66.69 -17.45 -51.19
C ASN F 152 66.70 -18.81 -50.48
N VAL F 153 67.88 -19.41 -50.31
CA VAL F 153 68.01 -20.69 -49.62
C VAL F 153 67.50 -20.50 -48.18
N VAL F 154 67.88 -19.40 -47.51
CA VAL F 154 67.45 -19.14 -46.14
C VAL F 154 65.93 -18.97 -46.09
N ARG F 155 65.35 -18.23 -47.03
CA ARG F 155 63.90 -18.03 -47.04
C ARG F 155 63.15 -19.34 -47.26
N VAL F 156 63.63 -20.17 -48.19
CA VAL F 156 62.99 -21.44 -48.51
C VAL F 156 63.10 -22.44 -47.36
N VAL F 157 64.28 -22.59 -46.77
CA VAL F 157 64.48 -23.55 -45.68
C VAL F 157 64.06 -23.00 -44.31
N GLY F 158 64.29 -21.71 -44.09
CA GLY F 158 63.98 -21.02 -42.83
C GLY F 158 62.65 -20.30 -42.74
N GLY F 159 61.96 -20.15 -43.86
CA GLY F 159 60.68 -19.46 -43.88
C GLY F 159 60.82 -17.96 -44.09
N ARG F 160 61.91 -17.38 -43.57
CA ARG F 160 62.20 -15.95 -43.69
C ARG F 160 63.67 -15.77 -43.98
N ALA F 161 64.03 -14.83 -44.86
CA ALA F 161 65.42 -14.58 -45.20
C ALA F 161 66.16 -13.93 -44.04
N ILE F 162 65.44 -13.07 -43.27
CA ILE F 162 66.00 -12.39 -42.10
C ILE F 162 65.18 -12.88 -40.90
N HIS F 163 65.83 -13.62 -39.98
CA HIS F 163 65.22 -14.20 -38.77
C HIS F 163 64.41 -15.43 -39.15
N PRO F 164 65.08 -16.53 -39.54
CA PRO F 164 64.35 -17.74 -39.91
C PRO F 164 63.62 -18.32 -38.71
N VAL F 165 62.62 -19.17 -38.94
CA VAL F 165 61.81 -19.72 -37.84
C VAL F 165 61.59 -21.24 -37.84
N THR F 166 62.19 -21.99 -38.77
CA THR F 166 61.94 -23.43 -38.84
C THR F 166 62.70 -24.32 -37.88
N ALA F 167 63.83 -23.88 -37.32
CA ALA F 167 64.56 -24.72 -36.37
C ALA F 167 63.79 -24.72 -35.04
N VAL F 168 62.99 -25.76 -34.83
CA VAL F 168 62.15 -25.91 -33.64
C VAL F 168 62.64 -27.08 -32.77
N VAL F 169 61.99 -27.30 -31.62
CA VAL F 169 62.38 -28.37 -30.70
C VAL F 169 62.24 -29.72 -31.39
N GLY F 170 63.35 -30.45 -31.51
CA GLY F 170 63.35 -31.76 -32.12
C GLY F 170 63.67 -31.82 -33.60
N GLY F 171 63.65 -30.69 -34.28
CA GLY F 171 63.95 -30.68 -35.71
C GLY F 171 63.49 -29.43 -36.45
N GLN F 172 62.78 -29.63 -37.57
CA GLN F 172 62.28 -28.54 -38.40
C GLN F 172 60.78 -28.54 -38.44
N SER F 173 60.16 -27.35 -38.55
CA SER F 173 58.70 -27.22 -38.59
C SER F 173 58.12 -27.51 -39.97
N LYS F 174 58.96 -27.58 -41.00
CA LYS F 174 58.50 -27.88 -42.36
C LYS F 174 59.57 -28.60 -43.15
N SER F 175 59.15 -29.29 -44.20
CA SER F 175 60.06 -30.04 -45.06
C SER F 175 60.34 -29.25 -46.32
N LEU F 176 61.39 -29.62 -47.04
CA LEU F 176 61.74 -28.99 -48.31
C LEU F 176 61.00 -29.79 -49.37
N LYS F 177 60.05 -29.17 -50.07
CA LYS F 177 59.28 -29.87 -51.10
C LYS F 177 60.18 -30.18 -52.28
N GLU F 178 59.93 -31.30 -52.98
CA GLU F 178 60.76 -31.72 -54.12
C GLU F 178 60.89 -30.60 -55.17
N GLU F 179 59.80 -29.86 -55.42
CA GLU F 179 59.80 -28.75 -56.39
C GLU F 179 60.78 -27.66 -55.95
N GLU F 180 60.76 -27.32 -54.65
CA GLU F 180 61.64 -26.29 -54.08
C GLU F 180 63.08 -26.73 -54.18
N ARG F 181 63.36 -27.99 -53.84
CA ARG F 181 64.70 -28.54 -53.89
C ARG F 181 65.24 -28.48 -55.30
N ASP F 182 64.41 -28.83 -56.29
CA ASP F 182 64.81 -28.83 -57.70
C ASP F 182 65.17 -27.43 -58.20
N GLU F 183 64.39 -26.41 -57.83
CA GLU F 183 64.68 -25.05 -58.28
C GLU F 183 65.95 -24.52 -57.61
N LEU F 184 66.13 -24.79 -56.32
CA LEU F 184 67.33 -24.34 -55.63
C LEU F 184 68.55 -25.03 -56.22
N LEU F 185 68.38 -26.30 -56.64
CA LEU F 185 69.47 -27.07 -57.23
C LEU F 185 69.89 -26.52 -58.59
N LYS F 186 68.93 -26.03 -59.39
CA LYS F 186 69.24 -25.43 -60.69
C LYS F 186 70.03 -24.14 -60.46
N LEU F 187 69.54 -23.30 -59.55
CA LEU F 187 70.14 -22.02 -59.18
C LEU F 187 71.48 -22.16 -58.47
N SER F 188 71.76 -23.32 -57.89
CA SER F 188 72.99 -23.59 -57.14
C SER F 188 74.29 -23.50 -57.96
N GLU F 189 74.25 -23.92 -59.23
CA GLU F 189 75.45 -23.89 -60.07
C GLU F 189 75.96 -22.47 -60.24
N ARG F 190 75.03 -21.55 -60.48
CA ARG F 190 75.36 -20.14 -60.66
C ARG F 190 76.06 -19.57 -59.43
N THR F 191 75.61 -19.97 -58.23
CA THR F 191 76.21 -19.46 -57.00
C THR F 191 77.66 -19.88 -56.89
N ILE F 192 77.97 -21.13 -57.23
CA ILE F 192 79.34 -21.64 -57.16
C ILE F 192 80.19 -20.86 -58.18
N GLU F 193 79.64 -20.66 -59.37
CA GLU F 193 80.29 -19.93 -60.46
C GLU F 193 80.65 -18.51 -60.05
N LEU F 194 79.69 -17.77 -59.49
CA LEU F 194 79.95 -16.39 -59.06
C LEU F 194 80.95 -16.37 -57.92
N SER F 195 80.87 -17.33 -57.00
CA SER F 195 81.80 -17.41 -55.87
C SER F 195 83.22 -17.68 -56.37
N GLU F 196 83.36 -18.47 -57.47
CA GLU F 196 84.67 -18.76 -58.05
C GLU F 196 85.20 -17.52 -58.74
N LYS F 197 84.32 -16.76 -59.40
CA LYS F 197 84.70 -15.51 -60.06
C LYS F 197 85.13 -14.49 -59.01
N SER F 198 84.54 -14.57 -57.82
CA SER F 198 84.86 -13.65 -56.73
C SER F 198 86.28 -13.83 -56.19
N ILE F 199 86.80 -15.06 -56.23
CA ILE F 199 88.15 -15.33 -55.75
C ILE F 199 89.14 -14.58 -56.61
N GLU F 200 88.94 -14.58 -57.94
CA GLU F 200 89.81 -13.88 -58.87
C GLU F 200 89.75 -12.38 -58.61
N VAL F 201 88.54 -11.85 -58.33
CA VAL F 201 88.37 -10.44 -58.02
C VAL F 201 89.22 -10.12 -56.78
N GLY F 202 89.11 -10.97 -55.76
CA GLY F 202 89.84 -10.83 -54.52
C GLY F 202 91.34 -10.87 -54.72
N LYS F 203 91.82 -11.80 -55.56
CA LYS F 203 93.24 -11.92 -55.86
C LYS F 203 93.71 -10.59 -56.43
N LYS F 204 93.04 -10.15 -57.50
CA LYS F 204 93.35 -8.91 -58.21
C LYS F 204 93.26 -7.70 -57.28
N LEU F 205 92.27 -7.68 -56.37
CA LEU F 205 92.11 -6.56 -55.44
C LEU F 205 93.14 -6.61 -54.32
N LEU F 206 93.52 -7.81 -53.86
CA LEU F 206 94.54 -7.92 -52.82
C LEU F 206 95.94 -7.65 -53.41
N GLU F 207 96.11 -7.80 -54.75
CA GLU F 207 97.38 -7.51 -55.40
C GLU F 207 97.58 -6.00 -55.37
N ASN F 208 96.48 -5.25 -55.58
CA ASN F 208 96.49 -3.78 -55.54
C ASN F 208 96.84 -3.29 -54.13
N ILE F 209 96.45 -4.07 -53.10
CA ILE F 209 96.73 -3.76 -51.70
C ILE F 209 98.20 -4.01 -51.42
N LYS F 210 98.75 -5.11 -51.96
CA LYS F 210 100.16 -5.45 -51.78
C LYS F 210 101.04 -4.39 -52.46
N ASP F 211 100.59 -3.83 -53.59
CA ASP F 211 101.35 -2.80 -54.32
C ASP F 211 101.46 -1.49 -53.52
N GLU F 212 100.58 -1.27 -52.54
CA GLU F 212 100.60 -0.06 -51.72
C GLU F 212 101.15 -0.36 -50.32
N ASP F 213 101.74 -1.56 -50.12
CA ASP F 213 102.31 -2.00 -48.84
C ASP F 213 101.27 -1.96 -47.73
N LEU F 214 100.05 -2.44 -48.04
CA LEU F 214 98.95 -2.47 -47.08
C LEU F 214 98.53 -3.91 -46.76
N LEU F 215 99.28 -4.91 -47.26
CA LEU F 215 98.94 -6.30 -47.00
C LEU F 215 99.32 -6.74 -45.60
N ASP F 216 100.30 -6.05 -44.98
CA ASP F 216 100.78 -6.39 -43.63
C ASP F 216 100.17 -5.51 -42.52
N ILE F 217 99.15 -4.68 -42.82
CA ILE F 217 98.56 -3.81 -41.81
C ILE F 217 97.97 -4.62 -40.65
N GLY F 218 98.24 -4.18 -39.44
CA GLY F 218 97.77 -4.82 -38.22
C GLY F 218 98.33 -6.21 -37.98
N TYR F 219 99.46 -6.54 -38.63
CA TYR F 219 100.05 -7.87 -38.46
C TYR F 219 100.52 -8.16 -37.05
N PHE F 220 100.18 -9.36 -36.57
CA PHE F 220 100.58 -9.90 -35.27
C PHE F 220 100.31 -11.40 -35.33
N GLU F 221 101.02 -12.18 -34.53
CA GLU F 221 100.84 -13.63 -34.53
C GLU F 221 99.99 -14.03 -33.35
N SER F 222 99.21 -15.10 -33.50
CA SER F 222 98.33 -15.57 -32.42
C SER F 222 97.88 -17.00 -32.67
N ALA F 223 97.11 -17.54 -31.71
CA ALA F 223 96.53 -18.86 -31.85
C ALA F 223 95.32 -18.67 -32.77
N HIS F 224 94.76 -19.78 -33.27
CA HIS F 224 93.61 -19.70 -34.18
C HIS F 224 92.63 -20.79 -33.82
N MET F 225 91.33 -20.45 -33.80
CA MET F 225 90.28 -21.40 -33.42
C MET F 225 89.27 -21.56 -34.53
N GLY F 226 88.79 -22.79 -34.68
CA GLY F 226 87.80 -23.14 -35.68
C GLY F 226 87.23 -24.51 -35.46
N MET F 227 86.10 -24.82 -36.09
CA MET F 227 85.45 -26.11 -35.96
C MET F 227 85.95 -27.06 -37.04
N VAL F 228 86.22 -28.32 -36.66
CA VAL F 228 86.70 -29.34 -37.60
C VAL F 228 85.93 -30.64 -37.42
N ASN F 229 85.55 -31.27 -38.53
CA ASN F 229 84.86 -32.57 -38.52
C ASN F 229 85.88 -33.59 -39.00
N ASN F 230 86.55 -34.27 -38.06
CA ASN F 230 87.59 -35.26 -38.37
C ASN F 230 88.76 -34.54 -39.08
N GLY F 231 89.07 -33.34 -38.61
CA GLY F 231 90.15 -32.50 -39.14
C GLY F 231 89.77 -31.67 -40.36
N VAL F 232 88.58 -31.91 -40.95
CA VAL F 232 88.11 -31.20 -42.13
C VAL F 232 87.29 -29.96 -41.76
N HIS F 233 87.39 -28.91 -42.58
CA HIS F 233 86.67 -27.65 -42.41
C HIS F 233 85.17 -27.93 -42.36
N ASP F 234 84.49 -27.43 -41.31
CA ASP F 234 83.05 -27.62 -41.16
C ASP F 234 82.48 -26.46 -40.35
N LEU F 235 81.43 -25.81 -40.87
CA LEU F 235 80.81 -24.69 -40.17
C LEU F 235 79.60 -25.11 -39.35
N TYR F 236 79.15 -26.36 -39.50
CA TYR F 236 77.96 -26.84 -38.79
C TYR F 236 78.24 -27.84 -37.67
N ASP F 237 78.94 -28.94 -37.97
CA ASP F 237 79.22 -29.96 -36.96
C ASP F 237 80.70 -30.29 -36.85
N GLY F 238 81.12 -30.70 -35.66
CA GLY F 238 82.50 -31.06 -35.39
C GLY F 238 82.94 -30.65 -34.00
N LYS F 239 84.25 -30.60 -33.80
CA LYS F 239 84.84 -30.22 -32.52
C LYS F 239 85.62 -28.96 -32.75
N LEU F 240 85.81 -28.16 -31.70
CA LEU F 240 86.55 -26.92 -31.82
C LEU F 240 88.04 -27.19 -31.66
N ARG F 241 88.83 -26.87 -32.69
CA ARG F 241 90.27 -27.09 -32.66
C ARG F 241 91.01 -25.77 -32.53
N VAL F 242 92.07 -25.74 -31.71
CA VAL F 242 92.90 -24.56 -31.50
C VAL F 242 94.32 -24.90 -31.91
N VAL F 243 94.96 -24.05 -32.71
CA VAL F 243 96.35 -24.26 -33.12
C VAL F 243 97.14 -23.10 -32.56
N ASN F 244 98.43 -23.30 -32.30
CA ASN F 244 99.27 -22.23 -31.77
C ASN F 244 99.78 -21.38 -32.93
N SER F 245 100.58 -20.33 -32.66
CA SER F 245 101.13 -19.45 -33.71
C SER F 245 102.01 -20.21 -34.71
N GLU F 246 102.59 -21.35 -34.32
CA GLU F 246 103.44 -22.14 -35.22
C GLU F 246 102.64 -23.27 -35.92
N GLY F 247 101.33 -23.32 -35.71
CA GLY F 247 100.44 -24.29 -36.35
C GLY F 247 100.21 -25.62 -35.68
N LYS F 248 100.83 -25.88 -34.53
CA LYS F 248 100.64 -27.16 -33.86
C LYS F 248 99.34 -27.14 -33.07
N VAL F 249 98.53 -28.20 -33.18
CA VAL F 249 97.25 -28.28 -32.47
C VAL F 249 97.46 -28.30 -30.95
N GLU F 250 96.83 -27.35 -30.26
CA GLU F 250 96.92 -27.26 -28.81
C GLU F 250 95.69 -27.89 -28.18
N TYR F 251 94.51 -27.62 -28.73
CA TYR F 251 93.26 -28.16 -28.20
C TYR F 251 92.34 -28.69 -29.29
N GLU F 252 91.47 -29.62 -28.90
CA GLU F 252 90.45 -30.23 -29.75
C GLU F 252 89.38 -30.65 -28.76
N PHE F 253 88.24 -29.95 -28.73
CA PHE F 253 87.21 -30.26 -27.74
C PHE F 253 85.81 -30.09 -28.24
N ASP F 254 84.87 -30.83 -27.62
CA ASP F 254 83.46 -30.74 -27.96
C ASP F 254 82.97 -29.39 -27.45
N PRO F 255 82.16 -28.65 -28.24
CA PRO F 255 81.69 -27.33 -27.78
C PRO F 255 81.09 -27.26 -26.38
N SER F 256 80.51 -28.35 -25.87
CA SER F 256 79.92 -28.34 -24.52
C SER F 256 80.94 -28.11 -23.40
N GLU F 257 82.25 -28.28 -23.68
CA GLU F 257 83.32 -28.09 -22.69
C GLU F 257 84.05 -26.74 -22.86
N TYR F 258 83.51 -25.83 -23.70
CA TYR F 258 84.12 -24.53 -23.99
C TYR F 258 84.49 -23.68 -22.77
N MET F 259 83.75 -23.78 -21.66
CA MET F 259 84.02 -22.97 -20.46
C MET F 259 85.36 -23.33 -19.80
N ASN F 260 85.92 -24.50 -20.10
CA ASN F 260 87.20 -24.95 -19.55
C ASN F 260 88.37 -24.52 -20.46
N TYR F 261 88.08 -23.97 -21.64
CA TYR F 261 89.11 -23.52 -22.58
C TYR F 261 89.09 -22.01 -22.82
N ILE F 262 87.89 -21.40 -22.90
CA ILE F 262 87.75 -19.97 -23.16
C ILE F 262 87.47 -19.16 -21.89
N ALA F 263 88.07 -17.96 -21.81
CA ALA F 263 87.88 -17.02 -20.72
C ALA F 263 87.65 -15.66 -21.37
N GLU F 264 86.87 -14.79 -20.73
CA GLU F 264 86.58 -13.46 -21.28
C GLU F 264 86.91 -12.35 -20.30
N GLY F 265 87.90 -11.56 -20.64
CA GLY F 265 88.31 -10.43 -19.80
C GLY F 265 87.48 -9.20 -20.08
N VAL F 266 87.53 -8.24 -19.17
CA VAL F 266 86.78 -6.99 -19.29
C VAL F 266 87.73 -5.82 -19.13
N LYS F 267 87.57 -4.78 -19.97
CA LYS F 267 88.39 -3.58 -19.88
C LYS F 267 87.46 -2.38 -19.72
N PRO F 268 87.87 -1.31 -19.02
CA PRO F 268 86.95 -0.19 -18.81
C PRO F 268 86.59 0.64 -20.04
N TYR F 269 87.41 0.60 -21.09
CA TYR F 269 87.19 1.42 -22.28
C TYR F 269 86.33 0.78 -23.37
N SER F 270 85.73 -0.39 -23.13
CA SER F 270 84.89 -0.99 -24.18
C SER F 270 83.81 -1.93 -23.66
N TYR F 271 82.64 -1.93 -24.34
CA TYR F 271 81.57 -2.85 -23.99
C TYR F 271 81.87 -4.23 -24.58
N LEU F 272 82.88 -4.35 -25.45
CA LEU F 272 83.23 -5.64 -26.01
C LEU F 272 84.31 -6.30 -25.16
N LYS F 273 84.05 -7.53 -24.71
CA LYS F 273 84.99 -8.26 -23.88
C LYS F 273 86.23 -8.71 -24.65
N PHE F 274 87.24 -9.17 -23.94
CA PHE F 274 88.51 -9.58 -24.52
C PHE F 274 88.81 -11.04 -24.18
N PRO F 275 88.37 -11.99 -25.01
CA PRO F 275 88.62 -13.41 -24.68
C PRO F 275 90.05 -13.89 -24.87
N TYR F 276 90.33 -15.09 -24.36
CA TYR F 276 91.65 -15.71 -24.47
C TYR F 276 91.57 -17.17 -24.05
N LEU F 277 92.63 -17.93 -24.36
CA LEU F 277 92.69 -19.34 -23.97
C LEU F 277 92.96 -19.34 -22.46
N LYS F 278 91.93 -19.69 -21.70
CA LYS F 278 91.91 -19.73 -20.23
C LYS F 278 93.24 -20.12 -19.56
N ASP F 279 93.82 -21.23 -20.00
CA ASP F 279 95.06 -21.78 -19.45
C ASP F 279 96.32 -21.00 -19.86
N LYS F 280 96.33 -20.37 -21.03
CA LYS F 280 97.49 -19.60 -21.47
C LYS F 280 97.56 -18.19 -20.85
N GLY F 281 96.40 -17.61 -20.55
CA GLY F 281 96.31 -16.27 -19.97
C GLY F 281 96.08 -15.19 -21.01
N GLU F 282 95.86 -13.95 -20.57
CA GLU F 282 95.59 -12.83 -21.48
C GLU F 282 96.77 -12.48 -22.37
N GLU F 283 98.00 -12.62 -21.88
CA GLU F 283 99.18 -12.28 -22.66
C GLU F 283 99.51 -13.35 -23.71
N ASP F 284 99.64 -14.60 -23.27
CA ASP F 284 99.99 -15.71 -24.15
C ASP F 284 98.80 -16.49 -24.77
N GLY F 285 97.57 -16.19 -24.36
CA GLY F 285 96.40 -16.91 -24.87
C GLY F 285 95.52 -16.22 -25.89
N ILE F 286 96.04 -15.22 -26.61
CA ILE F 286 95.22 -14.52 -27.61
C ILE F 286 94.97 -15.41 -28.83
N TYR F 287 93.72 -15.44 -29.32
CA TYR F 287 93.37 -16.23 -30.48
C TYR F 287 92.44 -15.48 -31.40
N ARG F 288 92.30 -15.95 -32.64
CA ARG F 288 91.42 -15.32 -33.62
C ARG F 288 90.44 -16.35 -34.16
N VAL F 289 89.32 -15.87 -34.68
CA VAL F 289 88.27 -16.74 -35.21
C VAL F 289 87.85 -16.35 -36.63
N ASN F 290 87.10 -17.24 -37.27
CA ASN F 290 86.57 -17.08 -38.63
C ASN F 290 87.61 -17.21 -39.75
N THR F 291 87.11 -17.26 -40.99
CA THR F 291 87.81 -17.40 -42.26
C THR F 291 89.26 -17.91 -42.15
N LEU F 292 90.26 -17.02 -42.04
CA LEU F 292 91.65 -17.43 -41.98
C LEU F 292 91.94 -18.37 -40.81
N SER F 293 91.36 -18.10 -39.65
CA SER F 293 91.55 -18.93 -38.47
C SER F 293 91.00 -20.33 -38.74
N ARG F 294 89.84 -20.42 -39.38
CA ARG F 294 89.21 -21.70 -39.70
C ARG F 294 90.05 -22.46 -40.73
N LEU F 295 90.60 -21.76 -41.73
CA LEU F 295 91.43 -22.42 -42.73
C LEU F 295 92.71 -22.93 -42.06
N ASN F 296 93.28 -22.14 -41.14
CA ASN F 296 94.50 -22.49 -40.43
C ASN F 296 94.37 -23.76 -39.58
N VAL F 297 93.21 -23.98 -38.94
CA VAL F 297 93.02 -25.18 -38.11
C VAL F 297 92.59 -26.40 -38.92
N SER F 298 92.02 -26.20 -40.11
CA SER F 298 91.54 -27.30 -40.95
C SER F 298 92.66 -27.99 -41.69
N ASP F 299 92.54 -29.32 -41.85
CA ASP F 299 93.52 -30.10 -42.60
C ASP F 299 93.21 -29.89 -44.09
N LYS F 300 91.91 -29.74 -44.42
CA LYS F 300 91.46 -29.51 -45.79
C LYS F 300 90.02 -29.01 -45.84
N MET F 301 89.57 -28.59 -47.03
CA MET F 301 88.20 -28.13 -47.25
C MET F 301 87.40 -29.38 -47.61
N ALA F 302 86.08 -29.37 -47.34
CA ALA F 302 85.22 -30.52 -47.65
C ALA F 302 84.74 -30.50 -49.09
N THR F 303 84.96 -29.41 -49.83
CA THR F 303 84.50 -29.29 -51.22
C THR F 303 85.67 -29.26 -52.19
N PRO F 304 85.49 -29.84 -53.39
CA PRO F 304 86.61 -29.92 -54.33
C PRO F 304 87.15 -28.59 -54.87
N LEU F 305 86.27 -27.67 -55.28
CA LEU F 305 86.75 -26.40 -55.82
C LEU F 305 87.45 -25.54 -54.78
N ALA F 306 86.88 -25.42 -53.59
CA ALA F 306 87.47 -24.61 -52.52
C ALA F 306 88.84 -25.17 -52.12
N GLN F 307 88.98 -26.50 -52.13
CA GLN F 307 90.22 -27.19 -51.76
C GLN F 307 91.39 -26.81 -52.69
N LYS F 308 91.11 -26.58 -53.99
CA LYS F 308 92.16 -26.20 -54.94
C LYS F 308 92.72 -24.82 -54.59
N TYR F 309 91.85 -23.84 -54.34
CA TYR F 309 92.27 -22.48 -53.99
C TYR F 309 92.93 -22.45 -52.62
N TYR F 310 92.50 -23.35 -51.72
CA TYR F 310 93.07 -23.45 -50.38
C TYR F 310 94.49 -24.02 -50.48
N ASP F 311 94.65 -25.08 -51.27
CA ASP F 311 95.97 -25.70 -51.44
C ASP F 311 96.93 -24.72 -52.12
N GLU F 312 96.44 -23.97 -53.12
CA GLU F 312 97.25 -22.96 -53.82
C GLU F 312 97.65 -21.85 -52.84
N PHE F 313 96.74 -21.48 -51.95
CA PHE F 313 96.96 -20.43 -50.95
C PHE F 313 97.95 -20.87 -49.88
N VAL F 314 97.80 -22.10 -49.35
CA VAL F 314 98.71 -22.62 -48.33
C VAL F 314 100.14 -22.71 -48.85
N LYS F 315 100.31 -23.10 -50.12
CA LYS F 315 101.65 -23.20 -50.71
C LYS F 315 102.32 -21.82 -50.84
N GLU F 316 101.52 -20.75 -51.03
CA GLU F 316 102.05 -19.39 -51.19
C GLU F 316 102.29 -18.65 -49.89
N PHE F 317 101.34 -18.72 -48.95
CA PHE F 317 101.43 -18.00 -47.67
C PHE F 317 101.73 -18.87 -46.47
N GLY F 318 101.81 -20.18 -46.66
CA GLY F 318 102.11 -21.10 -45.57
C GLY F 318 100.94 -21.35 -44.65
N LYS F 319 101.21 -21.97 -43.52
CA LYS F 319 100.20 -22.31 -42.53
C LYS F 319 100.85 -22.38 -41.15
N PRO F 320 100.33 -21.66 -40.13
CA PRO F 320 99.15 -20.79 -40.17
C PRO F 320 99.50 -19.40 -40.67
N CYS F 321 98.60 -18.79 -41.44
CA CYS F 321 98.79 -17.44 -41.96
C CYS F 321 98.23 -16.48 -40.90
N HIS F 322 98.99 -15.46 -40.51
CA HIS F 322 98.59 -14.50 -39.47
C HIS F 322 98.20 -13.13 -40.00
N HIS F 323 98.25 -12.95 -41.33
CA HIS F 323 97.94 -11.66 -41.94
C HIS F 323 96.47 -11.29 -41.85
N PRO F 324 96.11 -10.19 -41.15
CA PRO F 324 94.70 -9.80 -41.08
C PRO F 324 94.06 -9.56 -42.43
N MET F 325 94.78 -8.95 -43.38
CA MET F 325 94.23 -8.69 -44.71
C MET F 325 93.96 -9.96 -45.52
N LEU F 326 94.59 -11.08 -45.17
CA LEU F 326 94.34 -12.34 -45.90
C LEU F 326 93.00 -12.97 -45.48
N PHE F 327 92.40 -12.49 -44.37
CA PHE F 327 91.08 -12.97 -43.93
C PHE F 327 90.08 -12.75 -45.09
N HIS F 328 90.26 -11.64 -45.86
CA HIS F 328 89.42 -11.32 -47.01
C HIS F 328 89.49 -12.48 -48.01
N TYR F 329 90.70 -12.96 -48.30
CA TYR F 329 90.90 -14.06 -49.23
C TYR F 329 90.33 -15.37 -48.71
N ALA F 330 90.55 -15.68 -47.43
CA ALA F 330 90.01 -16.91 -46.84
C ALA F 330 88.47 -16.84 -46.84
N ARG F 331 87.90 -15.64 -46.72
CA ARG F 331 86.45 -15.43 -46.74
C ARG F 331 85.89 -15.87 -48.08
N LEU F 332 86.59 -15.50 -49.16
CA LEU F 332 86.20 -15.83 -50.52
C LEU F 332 86.30 -17.32 -50.77
N ILE F 333 87.27 -17.99 -50.14
CA ILE F 333 87.43 -19.43 -50.27
C ILE F 333 86.22 -20.07 -49.59
N GLU F 334 85.83 -19.57 -48.41
CA GLU F 334 84.68 -20.07 -47.68
C GLU F 334 83.37 -19.78 -48.42
N LEU F 335 83.31 -18.63 -49.11
CA LEU F 335 82.13 -18.25 -49.90
C LEU F 335 81.89 -19.34 -50.95
N LEU F 336 82.96 -19.75 -51.65
CA LEU F 336 82.91 -20.80 -52.67
C LEU F 336 82.57 -22.14 -52.01
N SER F 337 83.23 -22.47 -50.89
CA SER F 337 82.98 -23.72 -50.19
C SER F 337 81.52 -23.82 -49.76
N SER F 338 80.94 -22.72 -49.25
CA SER F 338 79.53 -22.73 -48.83
C SER F 338 78.62 -22.89 -50.04
N ALA F 339 78.94 -22.21 -51.14
CA ALA F 339 78.15 -22.32 -52.37
C ALA F 339 78.17 -23.78 -52.84
N GLU F 340 79.33 -24.43 -52.74
CA GLU F 340 79.47 -25.83 -53.12
C GLU F 340 78.68 -26.72 -52.17
N MET F 341 78.69 -26.41 -50.87
CA MET F 341 77.93 -27.22 -49.89
C MET F 341 76.45 -27.12 -50.12
N VAL F 342 75.95 -25.98 -50.61
CA VAL F 342 74.53 -25.81 -50.86
C VAL F 342 74.11 -26.84 -51.91
N LYS F 343 74.88 -26.95 -53.00
CA LYS F 343 74.62 -27.91 -54.07
C LYS F 343 74.70 -29.34 -53.52
N GLU F 344 75.76 -29.64 -52.76
CA GLU F 344 75.97 -30.96 -52.18
C GLU F 344 74.80 -31.38 -51.29
N LEU F 345 74.31 -30.47 -50.43
CA LEU F 345 73.18 -30.77 -49.54
C LEU F 345 71.89 -30.94 -50.34
N LEU F 346 71.69 -30.13 -51.39
CA LEU F 346 70.49 -30.24 -52.22
C LEU F 346 70.55 -31.54 -53.05
N GLU F 347 71.76 -32.01 -53.41
CA GLU F 347 71.91 -33.25 -54.18
C GLU F 347 71.65 -34.49 -53.33
N ASN F 348 71.67 -34.36 -51.99
CA ASN F 348 71.41 -35.46 -51.08
C ASN F 348 69.90 -35.71 -51.09
N ASP F 349 69.48 -36.96 -51.33
CA ASP F 349 68.06 -37.31 -51.38
C ASP F 349 67.34 -37.20 -50.04
N LYS F 350 68.07 -37.24 -48.91
CA LYS F 350 67.47 -37.13 -47.58
C LYS F 350 66.97 -35.71 -47.31
N ILE F 351 67.45 -34.70 -48.07
CA ILE F 351 67.05 -33.30 -47.89
C ILE F 351 65.53 -33.10 -48.05
N VAL F 352 64.86 -33.89 -48.92
CA VAL F 352 63.42 -33.78 -49.17
C VAL F 352 62.57 -34.70 -48.28
N GLY F 353 63.20 -35.43 -47.36
CA GLY F 353 62.51 -36.36 -46.48
C GLY F 353 61.40 -35.75 -45.64
N GLU F 354 60.46 -36.58 -45.17
CA GLU F 354 59.33 -36.14 -44.36
C GLU F 354 59.54 -36.38 -42.86
N ASP F 355 60.57 -37.12 -42.47
CA ASP F 355 60.85 -37.35 -41.04
C ASP F 355 61.75 -36.18 -40.64
N ILE F 356 61.12 -35.02 -40.40
CA ILE F 356 61.82 -33.78 -40.08
C ILE F 356 61.87 -33.45 -38.60
N ARG F 357 61.10 -34.13 -37.75
CA ARG F 357 61.13 -33.80 -36.33
C ARG F 357 60.95 -35.01 -35.42
N ALA F 358 61.63 -34.95 -34.26
CA ALA F 358 61.60 -35.96 -33.21
C ALA F 358 60.83 -35.42 -32.00
N GLU F 359 60.22 -36.32 -31.21
CA GLU F 359 59.45 -35.92 -30.03
C GLU F 359 60.41 -35.43 -28.93
N PRO F 360 60.14 -34.30 -28.25
CA PRO F 360 61.07 -33.86 -27.19
C PRO F 360 61.06 -34.82 -26.01
N GLU F 361 62.25 -35.08 -25.45
CA GLU F 361 62.41 -35.98 -24.31
C GLU F 361 62.34 -35.17 -23.02
N GLU F 362 62.59 -35.81 -21.85
CA GLU F 362 62.53 -35.10 -20.57
C GLU F 362 63.54 -33.95 -20.53
N VAL F 363 63.19 -32.87 -19.81
CA VAL F 363 64.05 -31.70 -19.72
C VAL F 363 65.37 -31.95 -18.99
N VAL F 364 66.47 -31.79 -19.70
CA VAL F 364 67.82 -31.88 -19.16
C VAL F 364 68.08 -30.41 -18.87
N GLY F 365 68.47 -30.08 -17.65
CA GLY F 365 68.67 -28.69 -17.24
C GLY F 365 69.68 -27.84 -17.97
N ASP F 366 70.53 -28.42 -18.84
CA ASP F 366 71.56 -27.66 -19.55
C ASP F 366 71.66 -28.07 -21.03
N GLY F 367 72.12 -27.14 -21.85
CA GLY F 367 72.30 -27.37 -23.28
C GLY F 367 73.23 -26.35 -23.91
N VAL F 368 74.22 -26.84 -24.66
CA VAL F 368 75.19 -25.98 -25.36
C VAL F 368 74.98 -26.22 -26.84
N GLY F 369 74.81 -25.15 -27.58
CA GLY F 369 74.61 -25.19 -29.02
C GLY F 369 75.77 -24.45 -29.65
N CYS F 370 76.38 -25.02 -30.69
CA CYS F 370 77.52 -24.35 -31.29
C CYS F 370 77.62 -24.56 -32.78
N VAL F 371 77.90 -23.48 -33.48
CA VAL F 371 78.06 -23.47 -34.93
C VAL F 371 79.13 -22.44 -35.25
N GLU F 372 79.67 -22.49 -36.45
CA GLU F 372 80.67 -21.50 -36.84
C GLU F 372 79.89 -20.45 -37.58
N ALA F 373 79.70 -19.28 -36.98
CA ALA F 373 78.99 -18.21 -37.64
C ALA F 373 79.95 -17.65 -38.67
N PRO F 374 79.49 -16.91 -39.68
CA PRO F 374 80.43 -16.36 -40.66
C PRO F 374 81.60 -15.58 -40.06
N ARG F 375 81.41 -15.01 -38.86
CA ARG F 375 82.43 -14.21 -38.18
C ARG F 375 83.14 -14.92 -37.05
N GLY F 376 82.92 -16.22 -36.90
CA GLY F 376 83.62 -16.98 -35.86
C GLY F 376 82.79 -18.00 -35.12
N THR F 377 83.44 -18.69 -34.17
CA THR F 377 82.79 -19.70 -33.34
C THR F 377 81.66 -19.05 -32.58
N LEU F 378 80.47 -19.63 -32.65
CA LEU F 378 79.30 -19.10 -31.97
C LEU F 378 78.84 -20.13 -30.96
N ILE F 379 78.73 -19.74 -29.69
CA ILE F 379 78.29 -20.67 -28.64
C ILE F 379 77.10 -20.08 -27.88
N HIS F 380 75.99 -20.83 -27.83
CA HIS F 380 74.79 -20.45 -27.08
C HIS F 380 74.69 -21.48 -25.98
N HIS F 381 74.74 -21.04 -24.72
CA HIS F 381 74.68 -21.93 -23.57
C HIS F 381 73.51 -21.53 -22.69
N PHE F 382 72.53 -22.42 -22.51
CA PHE F 382 71.35 -22.13 -21.69
C PHE F 382 71.22 -23.11 -20.54
N LYS F 383 70.77 -22.59 -19.39
CA LYS F 383 70.50 -23.39 -18.20
C LYS F 383 69.03 -23.13 -17.90
N THR F 384 68.25 -24.16 -17.55
CA THR F 384 66.82 -23.98 -17.29
C THR F 384 66.35 -24.77 -16.10
N ASP F 385 65.10 -24.52 -15.70
CA ASP F 385 64.47 -25.24 -14.59
C ASP F 385 63.78 -26.47 -15.18
N ASP F 386 63.04 -27.23 -14.37
CA ASP F 386 62.35 -28.44 -14.83
C ASP F 386 61.24 -28.15 -15.85
N ASP F 387 60.69 -26.92 -15.87
CA ASP F 387 59.63 -26.52 -16.80
C ASP F 387 60.19 -25.89 -18.09
N GLY F 388 61.50 -25.91 -18.26
CA GLY F 388 62.13 -25.35 -19.44
C GLY F 388 62.18 -23.84 -19.48
N ILE F 389 62.13 -23.18 -18.31
CA ILE F 389 62.22 -21.73 -18.24
C ILE F 389 63.68 -21.42 -17.99
N ILE F 390 64.26 -20.56 -18.81
CA ILE F 390 65.68 -20.20 -18.69
C ILE F 390 65.99 -19.61 -17.32
N THR F 391 67.11 -20.04 -16.72
CA THR F 391 67.58 -19.56 -15.41
C THR F 391 68.90 -18.82 -15.58
N ASP F 392 69.72 -19.23 -16.55
CA ASP F 392 71.01 -18.60 -16.84
C ASP F 392 71.38 -18.88 -18.28
N THR F 393 72.17 -17.99 -18.88
CA THR F 393 72.64 -18.15 -20.24
C THR F 393 74.00 -17.51 -20.39
N ASN F 394 74.76 -17.97 -21.37
CA ASN F 394 76.06 -17.41 -21.70
C ASN F 394 76.18 -17.49 -23.20
N LEU F 395 76.57 -16.38 -23.82
CA LEU F 395 76.72 -16.31 -25.26
C LEU F 395 78.14 -15.84 -25.61
N VAL F 396 78.95 -16.70 -26.23
CA VAL F 396 80.30 -16.35 -26.65
C VAL F 396 80.11 -16.13 -28.13
N VAL F 397 79.90 -14.88 -28.54
CA VAL F 397 79.55 -14.59 -29.92
C VAL F 397 80.68 -14.12 -30.81
N ALA F 398 81.07 -15.02 -31.72
CA ALA F 398 82.05 -14.84 -32.78
C ALA F 398 83.01 -13.63 -32.67
N THR F 399 82.64 -12.45 -33.21
CA THR F 399 83.47 -11.24 -33.23
C THR F 399 84.11 -10.89 -31.86
N VAL F 400 83.48 -11.25 -30.72
CA VAL F 400 84.10 -10.93 -29.43
C VAL F 400 85.50 -11.54 -29.37
N GLN F 401 85.69 -12.73 -29.95
CA GLN F 401 86.97 -13.42 -29.93
C GLN F 401 88.04 -12.74 -30.78
N ASN F 402 87.64 -11.87 -31.73
CA ASN F 402 88.59 -11.12 -32.55
C ASN F 402 88.75 -9.70 -31.99
N ASN F 403 88.20 -9.42 -30.79
CA ASN F 403 88.31 -8.08 -30.21
C ASN F 403 89.75 -7.76 -29.84
N PRO F 404 90.49 -8.68 -29.17
CA PRO F 404 91.90 -8.37 -28.87
C PRO F 404 92.69 -8.10 -30.16
N ALA F 405 92.46 -8.92 -31.19
CA ALA F 405 93.13 -8.75 -32.49
C ALA F 405 92.86 -7.38 -33.08
N MET F 406 91.61 -6.90 -32.99
CA MET F 406 91.24 -5.59 -33.52
C MET F 406 91.88 -4.47 -32.70
N ASP F 407 91.91 -4.62 -31.37
CA ASP F 407 92.52 -3.62 -30.48
C ASP F 407 94.04 -3.58 -30.70
N ILE F 408 94.65 -4.75 -30.94
CA ILE F 408 96.09 -4.85 -31.19
C ILE F 408 96.39 -4.32 -32.60
N GLY F 409 95.70 -4.86 -33.58
CA GLY F 409 95.89 -4.50 -34.98
C GLY F 409 95.76 -3.02 -35.29
N VAL F 410 94.77 -2.38 -34.70
CA VAL F 410 94.57 -0.95 -34.93
C VAL F 410 95.76 -0.15 -34.37
N ARG F 411 96.35 -0.65 -33.28
CA ARG F 411 97.51 -0.07 -32.61
C ARG F 411 98.75 -0.24 -33.52
N LYS F 412 98.92 -1.45 -34.09
CA LYS F 412 100.04 -1.77 -34.99
C LYS F 412 99.98 -0.90 -36.26
N VAL F 413 98.78 -0.57 -36.73
CA VAL F 413 98.63 0.26 -37.93
C VAL F 413 99.12 1.67 -37.61
N ALA F 414 98.66 2.24 -36.49
CA ALA F 414 99.06 3.59 -36.09
C ALA F 414 100.57 3.66 -35.83
N GLU F 415 101.15 2.60 -35.26
CA GLU F 415 102.59 2.57 -34.97
C GLU F 415 103.40 2.63 -36.28
N LYS F 416 102.89 1.97 -37.33
CA LYS F 416 103.55 1.94 -38.63
C LYS F 416 103.41 3.24 -39.43
N TYR F 417 102.24 3.91 -39.35
CA TYR F 417 102.00 5.11 -40.15
C TYR F 417 101.98 6.43 -39.40
N ILE F 418 101.88 6.41 -38.07
CA ILE F 418 101.81 7.66 -37.31
C ILE F 418 102.94 7.85 -36.34
N LYS F 419 103.49 9.06 -36.35
CA LYS F 419 104.56 9.53 -35.46
C LYS F 419 104.08 10.84 -34.80
N ALA F 420 103.36 11.68 -35.55
CA ALA F 420 102.82 12.97 -35.07
C ALA F 420 101.38 13.16 -35.57
N PRO F 421 100.58 14.05 -34.95
CA PRO F 421 99.19 14.23 -35.41
C PRO F 421 99.01 14.59 -36.88
N GLU F 422 100.04 15.19 -37.51
CA GLU F 422 99.97 15.57 -38.92
C GLU F 422 99.95 14.33 -39.82
N ASP F 423 100.49 13.20 -39.32
CA ASP F 423 100.52 11.94 -40.06
C ASP F 423 99.16 11.24 -40.05
N ALA F 424 98.25 11.62 -39.14
CA ALA F 424 96.93 11.01 -39.04
C ALA F 424 96.01 11.63 -40.09
N THR F 425 96.28 11.32 -41.36
CA THR F 425 95.52 11.83 -42.50
C THR F 425 94.30 10.96 -42.75
N PRO F 426 93.35 11.41 -43.58
CA PRO F 426 92.17 10.58 -43.87
C PRO F 426 92.52 9.16 -44.35
N GLN F 427 93.52 9.02 -45.21
CA GLN F 427 93.93 7.70 -45.72
C GLN F 427 94.49 6.82 -44.60
N VAL F 428 95.36 7.38 -43.73
CA VAL F 428 95.96 6.63 -42.63
C VAL F 428 94.90 6.24 -41.61
N LEU F 429 93.92 7.13 -41.34
CA LEU F 429 92.86 6.79 -40.41
C LEU F 429 92.01 5.67 -41.03
N ASN F 430 91.86 5.68 -42.37
CA ASN F 430 91.10 4.63 -43.05
C ASN F 430 91.88 3.32 -43.05
N TYR F 431 93.23 3.36 -43.01
CA TYR F 431 94.02 2.12 -42.95
C TYR F 431 93.68 1.41 -41.63
N MET F 432 93.45 2.18 -40.56
CA MET F 432 93.10 1.61 -39.25
C MET F 432 91.70 0.98 -39.31
N GLU F 433 90.80 1.60 -40.09
CA GLU F 433 89.46 1.05 -40.26
C GLU F 433 89.52 -0.18 -41.17
N MET F 434 90.47 -0.20 -42.14
CA MET F 434 90.64 -1.33 -43.05
C MET F 434 91.05 -2.58 -42.27
N LEU F 435 91.82 -2.40 -41.19
CA LEU F 435 92.24 -3.52 -40.36
C LEU F 435 91.01 -4.06 -39.63
N ILE F 436 90.19 -3.17 -39.05
CA ILE F 436 88.98 -3.57 -38.35
C ILE F 436 88.11 -4.36 -39.33
N ARG F 437 87.89 -3.80 -40.54
CA ARG F 437 87.07 -4.41 -41.57
C ARG F 437 87.58 -5.77 -42.06
N ALA F 438 88.88 -6.05 -41.97
CA ALA F 438 89.41 -7.33 -42.41
C ALA F 438 88.86 -8.49 -41.59
N TYR F 439 88.46 -8.25 -40.34
CA TYR F 439 87.90 -9.29 -39.48
C TYR F 439 86.40 -9.45 -39.66
N ASP F 440 85.76 -8.63 -40.51
CA ASP F 440 84.33 -8.68 -40.76
C ASP F 440 83.62 -8.60 -39.41
N PRO F 441 83.85 -7.53 -38.63
CA PRO F 441 83.21 -7.44 -37.31
C PRO F 441 81.73 -7.09 -37.36
N CYS F 442 80.98 -7.71 -36.45
CA CYS F 442 79.55 -7.53 -36.25
C CYS F 442 79.49 -7.23 -34.76
N LEU F 443 79.52 -5.93 -34.43
CA LEU F 443 79.59 -5.45 -33.05
C LEU F 443 78.28 -5.59 -32.27
N SER F 444 77.12 -5.69 -32.93
CA SER F 444 75.86 -5.90 -32.23
C SER F 444 75.93 -7.33 -31.70
N CYS F 445 76.44 -8.22 -32.54
CA CYS F 445 76.66 -9.64 -32.26
C CYS F 445 77.61 -9.81 -31.11
N ALA F 446 78.78 -9.20 -31.24
CA ALA F 446 79.88 -9.28 -30.29
C ALA F 446 79.53 -8.92 -28.86
N THR F 447 78.72 -7.87 -28.67
CA THR F 447 78.31 -7.40 -27.34
C THR F 447 77.04 -8.06 -26.82
N HIS F 448 76.05 -8.27 -27.68
CA HIS F 448 74.76 -8.88 -27.34
C HIS F 448 74.20 -8.32 -26.04
N GLU G 2 -46.48 -14.74 -20.39
CA GLU G 2 -45.62 -15.90 -20.14
C GLU G 2 -45.50 -16.15 -18.63
N GLU G 3 -45.84 -17.36 -18.17
CA GLU G 3 -45.79 -17.69 -16.75
C GLU G 3 -44.34 -17.72 -16.25
N PRO G 4 -44.02 -17.04 -15.14
CA PRO G 4 -42.64 -17.08 -14.65
C PRO G 4 -42.18 -18.47 -14.21
N ARG G 5 -40.89 -18.76 -14.46
CA ARG G 5 -40.22 -20.01 -14.10
C ARG G 5 -38.97 -19.57 -13.38
N ILE G 6 -38.99 -19.61 -12.06
CA ILE G 6 -37.89 -19.11 -11.25
C ILE G 6 -36.93 -20.17 -10.75
N GLY G 7 -35.68 -19.77 -10.67
CA GLY G 7 -34.59 -20.56 -10.13
C GLY G 7 -34.11 -19.78 -8.93
N VAL G 8 -34.09 -20.38 -7.75
CA VAL G 8 -33.65 -19.68 -6.54
C VAL G 8 -32.33 -20.30 -6.09
N TYR G 9 -31.34 -19.48 -5.76
CA TYR G 9 -30.03 -19.99 -5.34
C TYR G 9 -29.59 -19.36 -4.03
N VAL G 10 -29.52 -20.17 -2.95
CA VAL G 10 -29.12 -19.68 -1.63
C VAL G 10 -27.64 -19.96 -1.41
N CYS G 11 -26.86 -18.91 -1.18
CA CYS G 11 -25.43 -19.05 -0.94
C CYS G 11 -25.14 -19.22 0.54
N HIS G 12 -24.05 -19.91 0.86
CA HIS G 12 -23.60 -20.08 2.25
C HIS G 12 -22.47 -19.09 2.52
N CYS G 13 -21.76 -18.67 1.46
CA CYS G 13 -20.58 -17.80 1.58
C CYS G 13 -19.63 -18.45 2.58
N GLY G 14 -19.37 -19.74 2.37
CA GLY G 14 -18.54 -20.52 3.28
C GLY G 14 -19.36 -20.74 4.53
N VAL G 15 -19.13 -19.89 5.53
CA VAL G 15 -19.90 -19.89 6.77
C VAL G 15 -20.40 -18.47 7.07
N ASN G 16 -20.06 -17.49 6.22
CA ASN G 16 -20.49 -16.11 6.41
C ASN G 16 -22.02 -16.03 6.46
N ILE G 17 -22.73 -16.85 5.65
CA ILE G 17 -24.20 -16.91 5.67
C ILE G 17 -24.64 -18.18 6.41
N GLY G 18 -24.10 -19.32 5.98
CA GLY G 18 -24.44 -20.63 6.52
C GLY G 18 -24.22 -20.86 8.01
N GLY G 19 -23.32 -20.09 8.61
CA GLY G 19 -23.05 -20.21 10.04
C GLY G 19 -24.17 -19.67 10.91
N THR G 20 -24.92 -18.67 10.40
CA THR G 20 -26.04 -18.06 11.11
C THR G 20 -27.38 -18.49 10.51
N VAL G 21 -27.52 -18.35 9.19
CA VAL G 21 -28.75 -18.70 8.47
C VAL G 21 -28.72 -20.17 8.07
N ASP G 22 -29.83 -20.88 8.25
CA ASP G 22 -29.94 -22.30 7.87
C ASP G 22 -30.28 -22.30 6.39
N CYS G 23 -29.25 -22.23 5.52
CA CYS G 23 -29.43 -22.16 4.07
C CYS G 23 -30.20 -23.33 3.48
N PRO G 24 -29.91 -24.60 3.85
CA PRO G 24 -30.70 -25.70 3.28
C PRO G 24 -32.20 -25.59 3.60
N ASP G 25 -32.54 -25.02 4.78
CA ASP G 25 -33.94 -24.85 5.18
C ASP G 25 -34.58 -23.72 4.38
N VAL G 26 -33.81 -22.65 4.09
CA VAL G 26 -34.28 -21.52 3.29
C VAL G 26 -34.52 -22.03 1.87
N THR G 27 -33.69 -22.98 1.42
CA THR G 27 -33.80 -23.56 0.08
C THR G 27 -35.08 -24.39 -0.02
N GLU G 28 -35.40 -25.21 0.99
CA GLU G 28 -36.63 -26.00 0.96
C GLU G 28 -37.84 -25.08 1.03
N PHE G 29 -37.71 -23.94 1.70
CA PHE G 29 -38.80 -22.98 1.79
C PHE G 29 -39.05 -22.36 0.41
N ALA G 30 -37.98 -21.99 -0.31
CA ALA G 30 -38.10 -21.40 -1.63
C ALA G 30 -38.87 -22.34 -2.57
N LYS G 31 -38.70 -23.66 -2.41
CA LYS G 31 -39.40 -24.64 -3.27
C LYS G 31 -40.92 -24.54 -3.11
N THR G 32 -41.41 -24.08 -1.94
CA THR G 32 -42.85 -23.96 -1.69
C THR G 32 -43.45 -22.71 -2.35
N LEU G 33 -42.63 -21.75 -2.77
CA LEU G 33 -43.11 -20.52 -3.40
C LEU G 33 -43.58 -20.77 -4.82
N LYS G 34 -44.66 -20.06 -5.22
CA LYS G 34 -45.25 -20.20 -6.54
C LYS G 34 -44.27 -19.79 -7.64
N ASN G 35 -44.21 -20.57 -8.73
CA ASN G 35 -43.34 -20.35 -9.89
C ASN G 35 -41.90 -20.78 -9.68
N VAL G 36 -41.54 -21.30 -8.49
CA VAL G 36 -40.18 -21.75 -8.25
C VAL G 36 -40.07 -23.17 -8.79
N VAL G 37 -39.38 -23.31 -9.92
CA VAL G 37 -39.18 -24.60 -10.57
C VAL G 37 -38.04 -25.34 -9.88
N VAL G 38 -36.94 -24.64 -9.57
CA VAL G 38 -35.80 -25.28 -8.89
C VAL G 38 -35.22 -24.33 -7.86
N ALA G 39 -34.71 -24.87 -6.75
CA ALA G 39 -34.09 -24.12 -5.69
C ALA G 39 -32.88 -24.90 -5.21
N ARG G 40 -31.71 -24.26 -5.12
CA ARG G 40 -30.51 -24.96 -4.69
C ARG G 40 -29.67 -24.09 -3.79
N ASP G 41 -28.77 -24.72 -3.05
CA ASP G 41 -27.86 -24.00 -2.17
C ASP G 41 -26.45 -24.49 -2.44
N TYR G 42 -25.47 -23.58 -2.42
CA TYR G 42 -24.09 -23.94 -2.65
C TYR G 42 -23.20 -23.03 -1.79
N LYS G 43 -22.00 -23.50 -1.42
CA LYS G 43 -21.09 -22.74 -0.56
C LYS G 43 -20.69 -21.37 -1.10
N TYR G 44 -20.44 -21.28 -2.42
CA TYR G 44 -20.02 -20.04 -3.07
C TYR G 44 -20.69 -19.89 -4.42
N MET G 45 -21.83 -19.24 -4.45
CA MET G 45 -22.60 -19.05 -5.68
C MET G 45 -21.85 -18.26 -6.76
N CYS G 46 -21.00 -17.34 -6.37
CA CYS G 46 -20.27 -16.55 -7.36
C CYS G 46 -19.10 -17.32 -7.98
N ALA G 47 -18.67 -18.43 -7.33
CA ALA G 47 -17.56 -19.22 -7.84
C ALA G 47 -17.95 -20.01 -9.08
N ASP G 48 -16.95 -20.54 -9.79
CA ASP G 48 -17.17 -21.32 -11.01
C ASP G 48 -18.28 -22.38 -10.87
N PRO G 49 -18.25 -23.29 -9.88
CA PRO G 49 -19.33 -24.29 -9.78
C PRO G 49 -20.72 -23.71 -9.61
N GLY G 50 -20.82 -22.60 -8.90
CA GLY G 50 -22.09 -21.94 -8.67
C GLY G 50 -22.64 -21.29 -9.93
N GLN G 51 -21.78 -20.59 -10.68
CA GLN G 51 -22.20 -19.94 -11.91
C GLN G 51 -22.66 -20.97 -12.96
N GLU G 52 -21.93 -22.08 -13.09
CA GLU G 52 -22.28 -23.14 -14.05
C GLU G 52 -23.61 -23.78 -13.66
N MET G 53 -23.83 -23.96 -12.35
CA MET G 53 -25.07 -24.54 -11.82
C MET G 53 -26.27 -23.68 -12.24
N ILE G 54 -26.14 -22.36 -12.17
CA ILE G 54 -27.22 -21.45 -12.57
C ILE G 54 -27.42 -21.55 -14.07
N LYS G 55 -26.33 -21.41 -14.85
CA LYS G 55 -26.39 -21.46 -16.30
C LYS G 55 -26.97 -22.79 -16.83
N LYS G 56 -26.65 -23.90 -16.16
CA LYS G 56 -27.16 -25.22 -16.52
C LYS G 56 -28.68 -25.27 -16.34
N ASP G 57 -29.20 -24.82 -15.18
CA ASP G 57 -30.64 -24.85 -14.91
C ASP G 57 -31.43 -23.90 -15.80
N ILE G 58 -30.84 -22.75 -16.18
CA ILE G 58 -31.55 -21.83 -17.07
C ILE G 58 -31.88 -22.57 -18.37
N LYS G 59 -30.91 -23.31 -18.91
CA LYS G 59 -31.07 -24.07 -20.14
C LYS G 59 -31.95 -25.29 -19.91
N GLU G 60 -31.56 -26.12 -18.94
CA GLU G 60 -32.25 -27.38 -18.62
C GLU G 60 -33.72 -27.19 -18.23
N HIS G 61 -34.02 -26.33 -17.24
CA HIS G 61 -35.38 -26.11 -16.78
C HIS G 61 -36.08 -24.93 -17.48
N ASN G 62 -35.49 -24.36 -18.54
CA ASN G 62 -36.11 -23.25 -19.27
C ASN G 62 -36.62 -22.17 -18.30
N LEU G 63 -35.69 -21.62 -17.51
CA LEU G 63 -36.06 -20.59 -16.56
C LEU G 63 -36.15 -19.25 -17.25
N ASN G 64 -37.05 -18.38 -16.77
CA ASN G 64 -37.20 -17.04 -17.30
C ASN G 64 -36.97 -16.00 -16.19
N ARG G 65 -36.55 -16.46 -14.98
CA ARG G 65 -36.23 -15.60 -13.84
C ARG G 65 -35.23 -16.32 -12.95
N VAL G 66 -34.32 -15.57 -12.33
CA VAL G 66 -33.34 -16.15 -11.41
C VAL G 66 -33.24 -15.27 -10.17
N VAL G 67 -33.15 -15.91 -8.99
CA VAL G 67 -33.02 -15.21 -7.73
C VAL G 67 -31.79 -15.77 -7.04
N VAL G 68 -30.90 -14.88 -6.59
CA VAL G 68 -29.72 -15.29 -5.85
C VAL G 68 -29.83 -14.67 -4.46
N ALA G 69 -29.90 -15.53 -3.43
CA ALA G 69 -29.97 -15.08 -2.05
C ALA G 69 -28.57 -15.18 -1.50
N ALA G 70 -27.84 -14.06 -1.44
CA ALA G 70 -26.46 -14.06 -0.98
C ALA G 70 -25.99 -12.69 -0.42
N CYS G 71 -24.92 -12.13 -0.99
CA CYS G 71 -24.34 -10.85 -0.57
C CYS G 71 -25.21 -9.69 -1.07
N SER G 72 -24.68 -8.47 -0.99
CA SER G 72 -25.39 -7.28 -1.44
C SER G 72 -25.34 -7.17 -2.95
N PRO G 73 -26.41 -6.70 -3.62
CA PRO G 73 -26.34 -6.53 -5.07
C PRO G 73 -25.26 -5.52 -5.45
N ARG G 74 -24.97 -4.57 -4.55
CA ARG G 74 -23.96 -3.54 -4.78
C ARG G 74 -22.57 -4.16 -4.96
N LEU G 75 -22.41 -5.45 -4.59
CA LEU G 75 -21.15 -6.16 -4.74
C LEU G 75 -21.16 -7.03 -5.99
N HIS G 76 -22.10 -7.98 -6.10
CA HIS G 76 -22.10 -8.91 -7.22
C HIS G 76 -23.30 -8.91 -8.15
N GLU G 77 -24.11 -7.85 -8.18
CA GLU G 77 -25.23 -7.83 -9.13
C GLU G 77 -24.67 -7.90 -10.56
N PRO G 78 -23.58 -7.17 -10.88
CA PRO G 78 -23.04 -7.25 -12.24
C PRO G 78 -22.52 -8.64 -12.61
N THR G 79 -21.95 -9.37 -11.64
CA THR G 79 -21.40 -10.70 -11.92
C THR G 79 -22.51 -11.72 -12.22
N PHE G 80 -23.61 -11.72 -11.44
CA PHE G 80 -24.69 -12.66 -11.71
C PHE G 80 -25.46 -12.26 -12.97
N ARG G 81 -25.43 -10.97 -13.34
CA ARG G 81 -26.08 -10.50 -14.56
C ARG G 81 -25.31 -11.03 -15.78
N ARG G 82 -23.97 -11.03 -15.74
CA ARG G 82 -23.16 -11.56 -16.83
C ARG G 82 -23.40 -13.07 -16.92
N CYS G 83 -23.44 -13.73 -15.76
CA CYS G 83 -23.65 -15.18 -15.64
C CYS G 83 -24.95 -15.62 -16.31
N VAL G 84 -26.09 -15.03 -15.93
CA VAL G 84 -27.37 -15.41 -16.53
C VAL G 84 -27.46 -15.04 -18.01
N ALA G 85 -26.89 -13.89 -18.40
CA ALA G 85 -26.90 -13.46 -19.81
C ALA G 85 -26.19 -14.45 -20.71
N GLU G 86 -25.15 -15.15 -20.20
CA GLU G 86 -24.42 -16.15 -20.99
C GLU G 86 -25.30 -17.36 -21.26
N ALA G 87 -26.27 -17.64 -20.37
CA ALA G 87 -27.17 -18.77 -20.54
C ALA G 87 -28.41 -18.39 -21.37
N GLY G 88 -28.46 -17.16 -21.86
CA GLY G 88 -29.57 -16.68 -22.69
C GLY G 88 -30.68 -15.95 -21.94
N LEU G 89 -30.58 -15.81 -20.61
CA LEU G 89 -31.60 -15.12 -19.83
C LEU G 89 -31.30 -13.62 -19.78
N ASN G 90 -32.30 -12.77 -20.06
CA ASN G 90 -32.10 -11.32 -20.02
C ASN G 90 -31.55 -10.94 -18.65
N PRO G 91 -30.49 -10.10 -18.57
CA PRO G 91 -29.93 -9.76 -17.25
C PRO G 91 -30.86 -9.03 -16.28
N PHE G 92 -31.98 -8.45 -16.74
CA PHE G 92 -32.90 -7.76 -15.85
C PHE G 92 -34.03 -8.65 -15.37
N LEU G 93 -33.91 -9.96 -15.61
CA LEU G 93 -34.88 -10.94 -15.14
C LEU G 93 -34.17 -11.71 -14.02
N PHE G 94 -33.26 -11.03 -13.34
CA PHE G 94 -32.47 -11.56 -12.24
C PHE G 94 -32.69 -10.67 -11.01
N GLU G 95 -32.90 -11.27 -9.82
CA GLU G 95 -33.12 -10.49 -8.60
C GLU G 95 -32.23 -10.98 -7.47
N PHE G 96 -31.71 -10.05 -6.69
CA PHE G 96 -30.85 -10.35 -5.54
C PHE G 96 -31.60 -10.24 -4.23
N ALA G 97 -31.32 -11.16 -3.29
CA ALA G 97 -31.86 -11.13 -1.93
C ALA G 97 -30.62 -11.00 -1.04
N ASN G 98 -30.48 -9.89 -0.32
CA ASN G 98 -29.31 -9.68 0.54
C ASN G 98 -29.54 -10.36 1.88
N ILE G 99 -28.95 -11.56 2.06
CA ILE G 99 -29.09 -12.32 3.30
C ILE G 99 -27.78 -12.40 4.07
N ARG G 100 -26.74 -11.69 3.62
CA ARG G 100 -25.45 -11.71 4.31
C ARG G 100 -25.26 -10.41 5.09
N GLU G 101 -25.01 -9.29 4.39
CA GLU G 101 -24.82 -7.99 5.04
C GLU G 101 -26.06 -7.58 5.82
N HIS G 102 -27.24 -7.86 5.25
CA HIS G 102 -28.53 -7.51 5.84
C HIS G 102 -29.15 -8.57 6.73
N CYS G 103 -28.47 -9.70 6.96
CA CYS G 103 -29.09 -10.71 7.79
C CYS G 103 -28.08 -11.53 8.61
N SER G 104 -27.34 -12.46 7.97
CA SER G 104 -26.38 -13.32 8.67
C SER G 104 -25.32 -12.57 9.46
N TRP G 105 -24.81 -11.46 8.92
CA TRP G 105 -23.77 -10.70 9.60
C TRP G 105 -24.26 -9.78 10.70
N VAL G 106 -25.57 -9.50 10.76
CA VAL G 106 -26.14 -8.60 11.76
C VAL G 106 -27.07 -9.29 12.74
N HIS G 107 -27.35 -10.59 12.55
CA HIS G 107 -28.23 -11.34 13.45
C HIS G 107 -27.55 -12.65 13.84
N MET G 108 -26.24 -12.60 14.09
CA MET G 108 -25.45 -13.78 14.44
C MET G 108 -25.92 -14.49 15.69
N HIS G 109 -26.44 -13.75 16.66
CA HIS G 109 -26.89 -14.34 17.93
C HIS G 109 -28.38 -14.70 17.94
N GLU G 110 -29.06 -14.59 16.79
CA GLU G 110 -30.48 -14.92 16.66
C GLU G 110 -30.65 -15.69 15.37
N LYS G 111 -30.09 -16.91 15.35
CA LYS G 111 -30.10 -17.80 14.20
C LYS G 111 -31.49 -18.20 13.72
N GLU G 112 -32.41 -18.45 14.65
CA GLU G 112 -33.78 -18.85 14.27
C GLU G 112 -34.50 -17.70 13.56
N LYS G 113 -34.37 -16.47 14.09
CA LYS G 113 -35.00 -15.29 13.50
C LYS G 113 -34.26 -14.85 12.24
N ALA G 114 -32.95 -15.12 12.16
CA ALA G 114 -32.16 -14.79 10.97
C ALA G 114 -32.64 -15.69 9.82
N THR G 115 -32.94 -16.97 10.14
CA THR G 115 -33.41 -17.93 9.14
C THR G 115 -34.78 -17.51 8.64
N GLU G 116 -35.72 -17.19 9.57
CA GLU G 116 -37.06 -16.72 9.23
C GLU G 116 -36.96 -15.51 8.34
N LYS G 117 -36.05 -14.61 8.69
CA LYS G 117 -35.85 -13.37 7.94
C LYS G 117 -35.34 -13.65 6.55
N ALA G 118 -34.34 -14.53 6.41
CA ALA G 118 -33.80 -14.87 5.10
C ALA G 118 -34.90 -15.43 4.20
N LYS G 119 -35.82 -16.23 4.77
CA LYS G 119 -36.95 -16.78 4.01
C LYS G 119 -37.84 -15.65 3.47
N ASP G 120 -38.13 -14.64 4.32
CA ASP G 120 -38.95 -13.51 3.91
C ASP G 120 -38.24 -12.71 2.83
N LEU G 121 -36.93 -12.51 2.98
CA LEU G 121 -36.14 -11.76 1.98
C LEU G 121 -36.15 -12.52 0.65
N VAL G 122 -36.10 -13.85 0.69
CA VAL G 122 -36.15 -14.66 -0.53
C VAL G 122 -37.54 -14.52 -1.16
N ARG G 123 -38.60 -14.57 -0.33
CA ARG G 123 -39.97 -14.42 -0.83
C ARG G 123 -40.20 -13.03 -1.42
N MET G 124 -39.53 -12.01 -0.88
CA MET G 124 -39.63 -10.63 -1.37
C MET G 124 -38.94 -10.50 -2.73
N ALA G 125 -37.76 -11.13 -2.89
CA ALA G 125 -37.03 -11.09 -4.16
C ALA G 125 -37.80 -11.87 -5.23
N VAL G 126 -38.36 -13.02 -4.84
CA VAL G 126 -39.17 -13.85 -5.72
C VAL G 126 -40.40 -13.05 -6.17
N ALA G 127 -41.00 -12.31 -5.24
CA ALA G 127 -42.20 -11.52 -5.54
C ALA G 127 -41.90 -10.44 -6.57
N LYS G 128 -40.79 -9.71 -6.41
CA LYS G 128 -40.42 -8.69 -7.39
C LYS G 128 -40.07 -9.37 -8.71
N ALA G 129 -39.30 -10.47 -8.64
CA ALA G 129 -38.86 -11.24 -9.80
C ALA G 129 -39.98 -11.54 -10.76
N ARG G 130 -41.11 -12.07 -10.25
CA ARG G 130 -42.26 -12.43 -11.08
C ARG G 130 -42.66 -11.30 -12.01
N LEU G 131 -42.58 -10.05 -11.52
CA LEU G 131 -42.99 -8.89 -12.32
C LEU G 131 -41.83 -8.15 -12.99
N LEU G 132 -40.62 -8.72 -13.00
CA LEU G 132 -39.50 -8.08 -13.69
C LEU G 132 -39.67 -8.25 -15.19
N GLU G 133 -39.13 -7.31 -15.96
CA GLU G 133 -39.25 -7.31 -17.41
C GLU G 133 -37.89 -7.36 -18.06
N PRO G 134 -37.79 -7.94 -19.26
CA PRO G 134 -36.49 -7.96 -19.93
C PRO G 134 -36.15 -6.56 -20.42
N LEU G 135 -34.95 -6.09 -20.13
CA LEU G 135 -34.52 -4.74 -20.52
C LEU G 135 -33.20 -4.83 -21.27
N GLU G 136 -32.86 -3.75 -21.98
CA GLU G 136 -31.62 -3.69 -22.74
C GLU G 136 -30.69 -2.63 -22.16
N PHE G 137 -29.44 -2.99 -21.87
CA PHE G 137 -28.44 -2.05 -21.35
C PHE G 137 -28.32 -0.91 -22.34
N ILE G 138 -28.19 0.32 -21.86
CA ILE G 138 -28.05 1.47 -22.76
C ILE G 138 -26.59 1.63 -23.15
N LYS G 139 -26.28 1.49 -24.44
CA LYS G 139 -24.92 1.64 -24.93
C LYS G 139 -24.67 3.13 -25.14
N VAL G 140 -23.63 3.68 -24.51
CA VAL G 140 -23.30 5.10 -24.64
C VAL G 140 -21.84 5.24 -25.04
N GLY G 141 -21.56 6.29 -25.81
CA GLY G 141 -20.20 6.55 -26.26
C GLY G 141 -19.36 7.16 -25.15
N VAL G 142 -18.04 7.00 -25.25
CA VAL G 142 -17.12 7.53 -24.26
C VAL G 142 -16.27 8.61 -24.90
N THR G 143 -16.30 9.83 -24.33
CA THR G 143 -15.49 10.94 -24.82
C THR G 143 -14.04 10.56 -24.54
N GLN G 144 -13.17 10.60 -25.55
CA GLN G 144 -11.76 10.21 -25.40
C GLN G 144 -10.95 11.30 -24.73
N ARG G 145 -11.23 11.54 -23.44
CA ARG G 145 -10.54 12.57 -22.67
C ARG G 145 -10.74 12.32 -21.19
N ALA G 146 -9.72 12.60 -20.38
CA ALA G 146 -9.79 12.39 -18.94
C ALA G 146 -9.56 13.71 -18.20
N LEU G 147 -10.04 13.75 -16.94
CA LEU G 147 -9.89 14.91 -16.08
C LEU G 147 -9.28 14.46 -14.77
N VAL G 148 -8.19 15.09 -14.35
CA VAL G 148 -7.56 14.76 -13.08
C VAL G 148 -7.69 16.01 -12.21
N ILE G 149 -8.26 15.85 -11.03
CA ILE G 149 -8.46 16.94 -10.10
C ILE G 149 -7.42 16.81 -8.99
N GLY G 150 -6.44 17.72 -8.99
CA GLY G 150 -5.37 17.75 -8.02
C GLY G 150 -4.03 17.45 -8.65
N GLY G 151 -3.13 18.43 -8.62
CA GLY G 151 -1.80 18.29 -9.22
C GLY G 151 -0.70 17.91 -8.24
N GLY G 152 -0.97 16.95 -7.37
CA GLY G 152 0.01 16.46 -6.41
C GLY G 152 0.75 15.29 -7.00
N VAL G 153 1.52 14.54 -6.20
CA VAL G 153 2.27 13.41 -6.77
C VAL G 153 1.34 12.35 -7.38
N ALA G 154 0.17 12.09 -6.77
CA ALA G 154 -0.79 11.10 -7.27
C ALA G 154 -1.41 11.54 -8.59
N GLY G 155 -1.93 12.76 -8.61
CA GLY G 155 -2.58 13.33 -9.79
C GLY G 155 -1.64 13.50 -10.97
N ILE G 156 -0.40 13.91 -10.71
CA ILE G 156 0.59 14.07 -11.78
C ILE G 156 0.86 12.70 -12.42
N GLN G 157 0.94 11.65 -11.61
CA GLN G 157 1.18 10.29 -12.11
C GLN G 157 0.05 9.80 -12.99
N THR G 158 -1.22 10.07 -12.59
CA THR G 158 -2.37 9.64 -13.39
C THR G 158 -2.32 10.34 -14.74
N ALA G 159 -2.11 11.66 -14.72
CA ALA G 159 -2.07 12.45 -15.94
C ALA G 159 -0.91 12.03 -16.85
N LEU G 160 0.28 11.79 -16.28
CA LEU G 160 1.43 11.37 -17.09
C LEU G 160 1.19 10.01 -17.72
N ASP G 161 0.59 9.08 -16.98
CA ASP G 161 0.30 7.75 -17.52
C ASP G 161 -0.78 7.79 -18.61
N LEU G 162 -1.86 8.54 -18.39
CA LEU G 162 -2.92 8.63 -19.40
C LEU G 162 -2.40 9.34 -20.64
N GLY G 163 -1.62 10.40 -20.43
CA GLY G 163 -1.00 11.13 -21.53
C GLY G 163 -0.08 10.23 -22.31
N ASP G 164 0.78 9.47 -21.58
CA ASP G 164 1.74 8.54 -22.20
C ASP G 164 1.03 7.45 -23.02
N MET G 165 -0.18 7.04 -22.59
CA MET G 165 -0.95 6.03 -23.32
C MET G 165 -1.50 6.63 -24.63
N GLY G 166 -1.65 7.95 -24.66
CA GLY G 166 -2.16 8.66 -25.83
C GLY G 166 -3.53 9.29 -25.64
N PHE G 167 -4.01 9.36 -24.40
CA PHE G 167 -5.31 9.97 -24.12
C PHE G 167 -5.16 11.44 -23.78
N GLU G 168 -6.06 12.29 -24.31
CA GLU G 168 -6.02 13.71 -23.98
C GLU G 168 -6.40 13.79 -22.51
N THR G 169 -5.65 14.56 -21.72
CA THR G 169 -5.94 14.65 -20.29
C THR G 169 -5.92 16.09 -19.83
N ILE G 170 -6.82 16.42 -18.91
CA ILE G 170 -6.91 17.75 -18.32
C ILE G 170 -6.51 17.63 -16.87
N LEU G 171 -5.50 18.38 -16.43
CA LEU G 171 -5.06 18.33 -15.04
C LEU G 171 -5.39 19.67 -14.40
N VAL G 172 -6.30 19.67 -13.41
CA VAL G 172 -6.72 20.89 -12.73
C VAL G 172 -6.04 20.97 -11.37
N GLU G 173 -5.33 22.07 -11.12
CA GLU G 173 -4.62 22.31 -9.87
C GLU G 173 -5.10 23.62 -9.27
N LYS G 174 -5.60 23.56 -8.03
CA LYS G 174 -6.16 24.69 -7.28
C LYS G 174 -5.17 25.82 -7.00
N THR G 175 -3.97 25.51 -6.53
CA THR G 175 -2.98 26.54 -6.21
C THR G 175 -2.20 26.96 -7.46
N PRO G 176 -1.39 28.06 -7.38
CA PRO G 176 -0.59 28.48 -8.54
C PRO G 176 0.39 27.45 -9.08
N SER G 177 0.77 26.44 -8.26
CA SER G 177 1.71 25.42 -8.69
C SER G 177 1.27 23.99 -8.39
N VAL G 178 1.79 23.06 -9.18
CA VAL G 178 1.56 21.64 -9.00
C VAL G 178 2.64 21.19 -8.02
N GLY G 179 2.56 19.97 -7.56
CA GLY G 179 3.54 19.42 -6.62
C GLY G 179 2.94 18.90 -5.34
N GLY G 180 1.89 19.56 -4.86
CA GLY G 180 1.21 19.16 -3.64
C GLY G 180 2.06 19.23 -2.39
N ARG G 181 1.70 18.43 -1.37
CA ARG G 181 2.43 18.42 -0.10
C ARG G 181 3.82 17.85 -0.26
N MET G 182 4.03 17.00 -1.27
CA MET G 182 5.36 16.42 -1.49
C MET G 182 6.35 17.55 -1.73
N ALA G 183 5.94 18.62 -2.44
CA ALA G 183 6.82 19.76 -2.71
C ALA G 183 7.24 20.50 -1.45
N GLN G 184 6.45 20.42 -0.38
CA GLN G 184 6.76 21.09 0.89
C GLN G 184 7.79 20.32 1.70
N LEU G 185 7.94 19.02 1.44
CA LEU G 185 8.86 18.19 2.19
C LEU G 185 10.30 18.45 1.80
N ASP G 186 11.25 18.29 2.73
CA ASP G 186 12.65 18.49 2.39
C ASP G 186 13.06 17.20 1.72
N LYS G 187 13.08 16.11 2.49
CA LYS G 187 13.44 14.80 1.97
C LYS G 187 12.29 13.83 2.10
N THR G 188 12.41 12.66 1.49
CA THR G 188 11.34 11.68 1.57
C THR G 188 11.88 10.32 1.98
N PHE G 189 11.20 9.69 2.95
CA PHE G 189 11.57 8.37 3.44
C PHE G 189 11.09 7.34 2.41
N PRO G 190 11.71 6.16 2.34
CA PRO G 190 12.83 5.67 3.15
C PRO G 190 14.21 5.95 2.53
N THR G 191 14.26 6.45 1.28
CA THR G 191 15.51 6.71 0.59
C THR G 191 16.23 8.00 1.03
N ASN G 192 15.48 8.95 1.58
CA ASN G 192 15.97 10.24 2.01
C ASN G 192 16.49 11.06 0.82
N ASP G 193 15.78 10.92 -0.28
CA ASP G 193 16.03 11.68 -1.49
C ASP G 193 15.33 13.00 -1.24
N CYS G 194 15.68 14.07 -1.95
CA CYS G 194 14.92 15.29 -1.78
C CYS G 194 13.59 15.01 -2.43
N SER G 195 12.49 15.63 -1.96
CA SER G 195 11.22 15.39 -2.62
C SER G 195 11.35 15.94 -4.04
N ILE G 196 12.12 17.01 -4.21
CA ILE G 196 12.36 17.64 -5.51
C ILE G 196 12.85 16.62 -6.52
N CYS G 197 13.82 15.76 -6.12
CA CYS G 197 14.43 14.72 -6.95
C CYS G 197 13.44 13.93 -7.77
N ILE G 198 12.37 13.47 -7.10
CA ILE G 198 11.36 12.64 -7.73
C ILE G 198 10.23 13.47 -8.29
N LEU G 199 9.87 14.54 -7.62
CA LEU G 199 8.76 15.38 -8.02
C LEU G 199 9.04 16.40 -9.11
N ALA G 200 10.04 17.28 -8.93
CA ALA G 200 10.32 18.34 -9.92
C ALA G 200 10.39 17.88 -11.37
N PRO G 201 11.11 16.79 -11.70
CA PRO G 201 11.13 16.34 -13.10
C PRO G 201 9.74 15.93 -13.59
N LYS G 202 8.90 15.35 -12.71
CA LYS G 202 7.53 14.95 -13.06
C LYS G 202 6.66 16.20 -13.26
N MET G 203 6.89 17.27 -12.46
CA MET G 203 6.12 18.51 -12.59
C MET G 203 6.47 19.19 -13.91
N VAL G 204 7.76 19.18 -14.25
CA VAL G 204 8.28 19.75 -15.50
C VAL G 204 7.66 19.01 -16.68
N ASP G 205 7.65 17.67 -16.62
CA ASP G 205 7.11 16.82 -17.69
C ASP G 205 5.59 16.99 -17.90
N VAL G 206 4.82 17.05 -16.81
CA VAL G 206 3.36 17.17 -16.91
C VAL G 206 2.95 18.53 -17.49
N ALA G 207 3.77 19.57 -17.28
CA ALA G 207 3.48 20.91 -17.80
C ALA G 207 3.86 21.10 -19.27
N LYS G 208 4.57 20.15 -19.89
CA LYS G 208 4.95 20.24 -21.30
C LYS G 208 4.55 19.00 -22.08
N HIS G 209 3.63 18.20 -21.53
CA HIS G 209 3.19 16.97 -22.17
C HIS G 209 2.23 17.28 -23.31
N PRO G 210 2.46 16.75 -24.52
CA PRO G 210 1.54 17.03 -25.64
C PRO G 210 0.08 16.66 -25.39
N ASN G 211 -0.19 15.59 -24.61
CA ASN G 211 -1.56 15.16 -24.34
C ASN G 211 -2.11 15.64 -23.01
N VAL G 212 -1.38 16.50 -22.28
CA VAL G 212 -1.88 16.99 -20.99
C VAL G 212 -2.06 18.50 -21.06
N LYS G 213 -3.25 18.98 -20.69
CA LYS G 213 -3.55 20.39 -20.63
C LYS G 213 -3.60 20.73 -19.16
N LEU G 214 -2.58 21.43 -18.65
CA LEU G 214 -2.52 21.78 -17.24
C LEU G 214 -3.20 23.11 -16.97
N TYR G 215 -4.16 23.10 -16.03
CA TYR G 215 -4.88 24.29 -15.61
C TYR G 215 -4.45 24.53 -14.19
N ALA G 216 -3.39 25.32 -13.99
CA ALA G 216 -2.89 25.65 -12.66
C ALA G 216 -3.72 26.83 -12.15
N TYR G 217 -3.80 27.01 -10.82
CA TYR G 217 -4.61 28.10 -10.24
C TYR G 217 -6.02 28.07 -10.83
N SER G 218 -6.60 26.85 -10.89
CA SER G 218 -7.95 26.63 -11.42
C SER G 218 -8.68 25.62 -10.57
N GLU G 219 -10.02 25.67 -10.56
CA GLU G 219 -10.84 24.75 -9.79
C GLU G 219 -12.01 24.26 -10.63
N VAL G 220 -12.45 23.02 -10.41
CA VAL G 220 -13.61 22.49 -11.12
C VAL G 220 -14.80 23.06 -10.36
N VAL G 221 -15.68 23.80 -11.04
CA VAL G 221 -16.83 24.43 -10.39
C VAL G 221 -18.15 23.73 -10.72
N ASP G 222 -18.15 22.83 -11.70
CA ASP G 222 -19.37 22.12 -12.06
C ASP G 222 -19.07 20.88 -12.89
N VAL G 223 -19.84 19.81 -12.64
CA VAL G 223 -19.71 18.56 -13.37
C VAL G 223 -21.12 18.05 -13.59
N GLN G 224 -21.50 17.88 -14.85
CA GLN G 224 -22.82 17.36 -15.20
C GLN G 224 -22.58 16.14 -16.06
N GLY G 225 -23.55 15.26 -16.12
CA GLY G 225 -23.44 14.06 -16.95
C GLY G 225 -23.20 12.78 -16.18
N TYR G 226 -22.77 11.75 -16.92
CA TYR G 226 -22.51 10.42 -16.40
C TYR G 226 -21.29 9.85 -17.12
N VAL G 227 -20.85 8.64 -16.74
CA VAL G 227 -19.68 7.99 -17.34
C VAL G 227 -19.59 8.14 -18.86
N GLY G 228 -18.41 8.52 -19.33
CA GLY G 228 -18.13 8.69 -20.75
C GLY G 228 -18.71 9.96 -21.34
N ASN G 229 -19.64 10.60 -20.64
CA ASN G 229 -20.32 11.79 -21.12
C ASN G 229 -20.41 12.85 -20.03
N PHE G 230 -19.27 13.32 -19.52
CA PHE G 230 -19.27 14.35 -18.49
C PHE G 230 -19.03 15.70 -19.13
N LYS G 231 -19.76 16.73 -18.68
CA LYS G 231 -19.61 18.10 -19.17
C LYS G 231 -19.09 18.87 -17.96
N VAL G 232 -17.85 19.37 -18.06
CA VAL G 232 -17.20 20.04 -16.95
C VAL G 232 -16.92 21.53 -17.17
N LYS G 233 -17.00 22.31 -16.09
CA LYS G 233 -16.72 23.74 -16.11
C LYS G 233 -15.55 23.99 -15.18
N ILE G 234 -14.48 24.54 -15.72
CA ILE G 234 -13.27 24.83 -14.97
C ILE G 234 -13.11 26.31 -14.81
N MET G 235 -12.91 26.79 -13.58
CA MET G 235 -12.73 28.21 -13.38
C MET G 235 -11.25 28.52 -13.32
N LYS G 236 -10.72 29.14 -14.38
CA LYS G 236 -9.34 29.55 -14.42
C LYS G 236 -9.30 30.86 -13.64
N LYS G 237 -8.74 30.82 -12.42
CA LYS G 237 -8.69 32.01 -11.58
C LYS G 237 -7.70 33.00 -12.14
N ALA G 238 -7.93 34.30 -11.89
CA ALA G 238 -7.08 35.36 -12.41
C ALA G 238 -5.83 35.57 -11.56
N ARG G 239 -4.65 35.39 -12.18
CA ARG G 239 -3.36 35.61 -11.52
C ARG G 239 -3.04 37.11 -11.56
N TYR G 240 -3.75 37.85 -12.44
CA TYR G 240 -3.58 39.28 -12.70
C TYR G 240 -2.23 39.51 -13.35
N ILE G 241 -1.75 38.45 -14.04
CA ILE G 241 -0.49 38.42 -14.77
C ILE G 241 -0.69 37.56 -16.01
N ASP G 242 -0.23 38.05 -17.17
CA ASP G 242 -0.33 37.31 -18.43
C ASP G 242 0.74 36.22 -18.42
N GLU G 243 0.32 34.95 -18.34
CA GLU G 243 1.24 33.80 -18.31
C GLU G 243 2.14 33.75 -19.55
N THR G 244 1.59 34.09 -20.72
CA THR G 244 2.32 34.07 -21.98
C THR G 244 3.50 35.04 -21.96
N LYS G 245 3.32 36.22 -21.36
CA LYS G 245 4.37 37.25 -21.28
C LYS G 245 5.31 37.04 -20.09
N CYS G 246 4.80 36.50 -18.97
CA CYS G 246 5.61 36.29 -17.77
C CYS G 246 6.74 35.28 -17.97
N THR G 247 7.91 35.57 -17.39
CA THR G 247 9.11 34.72 -17.48
C THR G 247 9.58 34.20 -16.11
N GLY G 248 8.81 34.47 -15.07
CA GLY G 248 9.16 34.05 -13.72
C GLY G 248 10.51 34.53 -13.23
N CYS G 249 10.90 35.75 -13.62
CA CYS G 249 12.19 36.32 -13.21
C CYS G 249 12.23 36.74 -11.74
N GLY G 250 11.05 36.98 -11.15
CA GLY G 250 10.92 37.37 -9.75
C GLY G 250 11.38 38.77 -9.37
N GLN G 251 11.59 39.65 -10.34
CA GLN G 251 12.02 41.02 -10.03
C GLN G 251 10.93 41.79 -9.29
N CYS G 252 9.67 41.56 -9.68
CA CYS G 252 8.49 42.17 -9.07
C CYS G 252 8.42 41.95 -7.57
N SER G 253 8.65 40.71 -7.13
CA SER G 253 8.60 40.35 -5.70
C SER G 253 9.66 41.06 -4.87
N GLU G 254 10.81 41.42 -5.46
CA GLU G 254 11.85 42.11 -4.70
C GLU G 254 11.46 43.55 -4.36
N VAL G 255 10.61 44.19 -5.21
CA VAL G 255 10.19 45.57 -4.97
C VAL G 255 8.80 45.71 -4.32
N CYS G 256 8.01 44.63 -4.23
CA CYS G 256 6.67 44.72 -3.65
C CYS G 256 6.72 45.12 -2.17
N PRO G 257 5.92 46.11 -1.73
CA PRO G 257 5.96 46.52 -0.33
C PRO G 257 5.06 45.72 0.62
N ILE G 258 4.14 44.91 0.08
CA ILE G 258 3.23 44.12 0.90
C ILE G 258 3.85 42.79 1.29
N ASP G 259 3.78 42.44 2.58
CA ASP G 259 4.28 41.18 3.10
C ASP G 259 3.07 40.36 3.57
N VAL G 260 2.88 39.15 3.01
CA VAL G 260 1.76 38.27 3.32
C VAL G 260 2.30 36.92 3.81
N PRO G 261 1.70 36.28 4.83
CA PRO G 261 2.22 34.97 5.25
C PRO G 261 2.10 33.93 4.13
N ASN G 262 3.18 33.21 3.83
CA ASN G 262 3.15 32.19 2.77
C ASN G 262 2.41 30.96 3.31
N GLU G 263 1.41 30.51 2.56
CA GLU G 263 0.58 29.36 2.91
C GLU G 263 1.38 28.08 2.73
N PHE G 264 2.27 28.09 1.73
CA PHE G 264 3.15 26.96 1.44
C PHE G 264 4.06 26.72 2.64
N ASP G 265 4.49 27.80 3.31
CA ASP G 265 5.36 27.69 4.47
C ASP G 265 4.60 27.50 5.80
N MET G 266 3.31 27.18 5.74
CA MET G 266 2.47 26.92 6.92
C MET G 266 2.50 28.02 7.98
N GLY G 267 2.51 29.28 7.55
CA GLY G 267 2.50 30.41 8.46
C GLY G 267 3.81 30.71 9.18
N ILE G 268 4.93 30.17 8.67
CA ILE G 268 6.25 30.41 9.25
C ILE G 268 6.95 31.50 8.44
N GLY G 269 6.97 31.29 7.13
CA GLY G 269 7.59 32.20 6.18
C GLY G 269 6.62 33.18 5.56
N MET G 270 7.15 34.35 5.17
CA MET G 270 6.37 35.40 4.54
C MET G 270 6.69 35.46 3.06
N ARG G 271 5.78 36.07 2.30
CA ARG G 271 5.94 36.23 0.86
C ARG G 271 5.40 37.60 0.51
N LYS G 272 5.40 37.95 -0.78
CA LYS G 272 4.89 39.23 -1.21
C LYS G 272 3.51 39.05 -1.82
N ALA G 273 2.79 40.16 -2.03
CA ALA G 273 1.46 40.09 -2.65
C ALA G 273 1.61 39.48 -4.04
N ILE G 274 2.73 39.76 -4.72
CA ILE G 274 3.06 39.19 -6.03
C ILE G 274 4.06 38.06 -5.70
N TYR G 275 3.75 36.81 -6.08
CA TYR G 275 4.61 35.69 -5.68
C TYR G 275 4.55 34.41 -6.50
N LYS G 276 5.44 33.48 -6.12
CA LYS G 276 5.57 32.12 -6.65
C LYS G 276 5.55 31.22 -5.40
N PRO G 277 4.74 30.15 -5.35
CA PRO G 277 4.69 29.33 -4.11
C PRO G 277 6.04 28.90 -3.55
N PHE G 278 6.90 28.36 -4.42
CA PHE G 278 8.24 27.93 -4.05
C PHE G 278 9.14 28.17 -5.27
N PRO G 279 10.46 28.21 -5.12
CA PRO G 279 11.32 28.53 -6.27
C PRO G 279 11.28 27.56 -7.46
N GLN G 280 10.96 26.28 -7.23
CA GLN G 280 10.91 25.28 -8.30
C GLN G 280 9.47 25.07 -8.79
N ALA G 281 8.57 26.01 -8.47
CA ALA G 281 7.17 25.91 -8.85
C ALA G 281 6.94 25.82 -10.34
N VAL G 282 5.90 25.06 -10.73
CA VAL G 282 5.51 24.86 -12.12
C VAL G 282 3.99 25.04 -12.22
N PRO G 283 3.48 25.91 -13.10
CA PRO G 283 4.21 26.74 -14.06
C PRO G 283 5.04 27.81 -13.37
N ALA G 284 6.24 28.07 -13.90
CA ALA G 284 7.16 29.06 -13.34
C ALA G 284 6.69 30.47 -13.71
N LYS G 285 5.49 30.84 -13.22
CA LYS G 285 4.86 32.12 -13.48
C LYS G 285 4.46 32.71 -12.14
N TYR G 286 4.29 34.03 -12.07
CA TYR G 286 3.93 34.68 -10.82
C TYR G 286 2.44 34.93 -10.73
N THR G 287 1.97 35.24 -9.52
CA THR G 287 0.56 35.51 -9.22
C THR G 287 0.46 36.69 -8.27
N ILE G 288 -0.62 37.47 -8.37
CA ILE G 288 -0.85 38.60 -7.46
C ILE G 288 -2.03 38.24 -6.57
N ASP G 289 -1.87 38.38 -5.26
CA ASP G 289 -2.94 38.11 -4.30
C ASP G 289 -3.68 39.44 -4.11
N LYS G 290 -4.89 39.58 -4.68
CA LYS G 290 -5.60 40.86 -4.56
C LYS G 290 -6.12 41.16 -3.16
N GLU G 291 -6.29 40.15 -2.29
CA GLU G 291 -6.75 40.41 -0.91
C GLU G 291 -5.78 41.37 -0.21
N HIS G 292 -4.48 41.30 -0.53
CA HIS G 292 -3.46 42.15 0.09
C HIS G 292 -2.84 43.18 -0.84
N CYS G 293 -3.00 43.05 -2.16
CA CYS G 293 -2.42 44.01 -3.10
C CYS G 293 -3.06 45.40 -2.94
N ILE G 294 -2.22 46.45 -2.89
CA ILE G 294 -2.68 47.83 -2.74
C ILE G 294 -2.62 48.61 -4.06
N GLU G 295 -2.18 47.95 -5.15
CA GLU G 295 -2.07 48.56 -6.49
C GLU G 295 -1.14 49.78 -6.49
N CYS G 296 0.05 49.63 -5.87
CA CYS G 296 1.04 50.70 -5.82
C CYS G 296 1.72 50.89 -7.18
N GLY G 297 1.77 49.84 -7.99
CA GLY G 297 2.37 49.87 -9.33
C GLY G 297 3.87 49.66 -9.42
N LEU G 298 4.55 49.36 -8.31
CA LEU G 298 5.99 49.16 -8.33
C LEU G 298 6.43 47.93 -9.14
N CYS G 299 5.64 46.85 -9.12
CA CYS G 299 5.98 45.62 -9.85
C CYS G 299 5.90 45.81 -11.36
N ALA G 300 4.98 46.66 -11.84
CA ALA G 300 4.81 46.91 -13.28
C ALA G 300 5.99 47.71 -13.85
N LYS G 301 6.60 48.61 -13.08
CA LYS G 301 7.74 49.38 -13.57
C LYS G 301 8.92 48.45 -13.82
N VAL G 302 9.05 47.46 -12.95
CA VAL G 302 10.10 46.44 -13.00
C VAL G 302 9.87 45.37 -14.08
N CYS G 303 8.61 45.00 -14.32
CA CYS G 303 8.26 43.97 -15.30
C CYS G 303 8.61 44.34 -16.75
N GLY G 304 9.67 43.73 -17.29
CA GLY G 304 10.13 43.98 -18.65
C GLY G 304 9.12 43.62 -19.73
N PRO G 305 8.58 42.37 -19.71
CA PRO G 305 7.60 42.00 -20.74
C PRO G 305 6.23 42.65 -20.57
N ASN G 306 6.02 43.45 -19.50
CA ASN G 306 4.74 44.12 -19.22
C ASN G 306 3.61 43.09 -19.16
N ALA G 307 3.84 42.03 -18.38
CA ALA G 307 2.91 40.92 -18.19
C ALA G 307 1.83 41.22 -17.15
N ILE G 308 2.03 42.23 -16.29
CA ILE G 308 1.06 42.54 -15.24
C ILE G 308 -0.23 43.12 -15.83
N ASP G 309 -1.39 42.58 -15.39
CA ASP G 309 -2.70 43.00 -15.87
C ASP G 309 -3.74 42.95 -14.75
N PHE G 310 -3.95 44.08 -14.05
CA PHE G 310 -4.91 44.16 -12.95
C PHE G 310 -6.36 44.05 -13.41
N ASP G 311 -6.62 44.28 -14.70
CA ASP G 311 -7.97 44.20 -15.26
C ASP G 311 -8.33 42.78 -15.69
N GLN G 312 -7.37 41.84 -15.64
CA GLN G 312 -7.58 40.45 -16.01
C GLN G 312 -8.77 39.87 -15.24
N GLU G 313 -9.66 39.15 -15.93
CA GLU G 313 -10.85 38.53 -15.30
C GLU G 313 -10.74 37.01 -15.33
N PRO G 314 -11.39 36.31 -14.39
CA PRO G 314 -11.33 34.84 -14.42
C PRO G 314 -12.09 34.29 -15.63
N GLU G 315 -11.64 33.14 -16.15
CA GLU G 315 -12.24 32.51 -17.32
C GLU G 315 -12.85 31.15 -16.96
N ILE G 316 -14.08 30.88 -17.40
CA ILE G 316 -14.72 29.58 -17.16
C ILE G 316 -14.59 28.75 -18.43
N ILE G 317 -13.78 27.69 -18.37
CA ILE G 317 -13.56 26.81 -19.52
C ILE G 317 -14.49 25.62 -19.46
N GLU G 318 -15.12 25.28 -20.60
CA GLU G 318 -16.04 24.15 -20.68
C GLU G 318 -15.35 23.00 -21.38
N ALA G 319 -15.29 21.82 -20.74
CA ALA G 319 -14.64 20.65 -21.31
C ALA G 319 -15.53 19.43 -21.23
N GLU G 320 -15.40 18.55 -22.23
CA GLU G 320 -16.15 17.30 -22.26
C GLU G 320 -15.13 16.20 -21.92
N VAL G 321 -15.44 15.33 -20.94
CA VAL G 321 -14.52 14.26 -20.56
C VAL G 321 -15.26 12.94 -20.36
N GLY G 322 -14.55 11.85 -20.50
CA GLY G 322 -15.12 10.53 -20.34
C GLY G 322 -14.93 9.96 -18.94
N THR G 323 -13.79 10.27 -18.30
CA THR G 323 -13.49 9.78 -16.97
C THR G 323 -12.88 10.88 -16.11
N ILE G 324 -13.12 10.80 -14.80
CA ILE G 324 -12.62 11.79 -13.84
C ILE G 324 -11.83 11.08 -12.75
N ILE G 325 -10.66 11.63 -12.38
CA ILE G 325 -9.83 11.05 -11.31
C ILE G 325 -9.66 12.12 -10.24
N CYS G 326 -10.05 11.78 -9.02
CA CYS G 326 -9.96 12.69 -7.90
C CYS G 326 -8.66 12.42 -7.13
N ALA G 327 -7.75 13.39 -7.12
CA ALA G 327 -6.46 13.28 -6.44
C ALA G 327 -6.17 14.58 -5.67
N ILE G 328 -7.17 15.08 -4.91
CA ILE G 328 -7.08 16.34 -4.16
C ILE G 328 -6.27 16.25 -2.86
N GLY G 329 -5.71 15.09 -2.58
CA GLY G 329 -4.86 14.94 -1.41
C GLY G 329 -5.46 15.12 -0.04
N TYR G 330 -4.67 15.72 0.85
CA TYR G 330 -5.03 15.88 2.25
C TYR G 330 -4.51 17.17 2.86
N ASP G 331 -4.94 17.44 4.10
CA ASP G 331 -4.50 18.57 4.91
C ASP G 331 -3.98 17.97 6.21
N ALA G 332 -3.06 18.67 6.88
CA ALA G 332 -2.53 18.19 8.15
C ALA G 332 -3.53 18.49 9.25
N PHE G 333 -3.65 17.58 10.21
CA PHE G 333 -4.54 17.77 11.34
C PHE G 333 -4.13 19.06 12.07
N ASP G 334 -5.12 19.81 12.60
CA ASP G 334 -4.88 21.04 13.35
C ASP G 334 -4.88 20.62 14.82
N PRO G 335 -3.71 20.57 15.49
CA PRO G 335 -3.70 20.09 16.87
C PRO G 335 -4.08 21.10 17.95
N THR G 336 -4.65 22.26 17.58
CA THR G 336 -5.08 23.26 18.56
C THR G 336 -6.09 22.63 19.53
N VAL G 337 -6.93 21.69 19.05
CA VAL G 337 -7.94 21.00 19.85
C VAL G 337 -7.36 20.17 21.01
N ARG G 338 -6.20 19.52 20.82
CA ARG G 338 -5.59 18.73 21.91
C ARG G 338 -4.89 19.79 22.77
N GLU G 339 -5.68 20.45 23.63
CA GLU G 339 -5.24 21.57 24.49
C GLU G 339 -4.07 21.27 25.42
N GLU G 340 -3.96 20.05 25.92
CA GLU G 340 -2.86 19.69 26.82
C GLU G 340 -1.47 19.76 26.16
N TYR G 341 -1.40 19.78 24.81
CA TYR G 341 -0.13 19.85 24.09
C TYR G 341 0.33 21.30 23.83
N GLY G 342 -0.57 22.26 24.04
CA GLY G 342 -0.24 23.68 23.89
C GLY G 342 -0.04 24.26 22.50
N TYR G 343 -0.50 23.59 21.44
CA TYR G 343 -0.31 24.15 20.11
C TYR G 343 -1.18 25.40 19.96
N GLY G 344 -0.56 26.50 19.54
CA GLY G 344 -1.25 27.77 19.39
C GLY G 344 -1.12 28.62 20.64
N VAL G 345 -0.54 28.04 21.70
CA VAL G 345 -0.31 28.73 22.97
C VAL G 345 1.19 28.87 23.15
N TYR G 346 1.92 27.75 23.15
CA TYR G 346 3.36 27.76 23.31
C TYR G 346 4.04 27.96 21.97
N ASP G 347 5.01 28.87 21.95
CA ASP G 347 5.79 29.21 20.75
C ASP G 347 6.56 28.05 20.16
N ASN G 348 7.22 27.27 21.02
CA ASN G 348 8.08 26.17 20.58
C ASN G 348 7.41 24.82 20.38
N VAL G 349 6.08 24.78 20.28
CA VAL G 349 5.36 23.55 20.01
C VAL G 349 4.97 23.71 18.54
N VAL G 350 5.52 22.87 17.67
CA VAL G 350 5.23 22.97 16.24
C VAL G 350 4.69 21.65 15.72
N THR G 351 4.16 21.66 14.50
CA THR G 351 3.66 20.44 13.86
C THR G 351 4.80 19.90 13.01
N ALA G 352 4.71 18.65 12.59
CA ALA G 352 5.74 18.05 11.75
C ALA G 352 5.78 18.69 10.37
N LEU G 353 4.63 19.18 9.88
CA LEU G 353 4.59 19.82 8.55
C LEU G 353 5.27 21.19 8.62
N GLU G 354 5.24 21.84 9.79
CA GLU G 354 5.92 23.13 9.99
C GLU G 354 7.42 22.86 10.05
N LEU G 355 7.82 21.71 10.61
CA LEU G 355 9.22 21.30 10.70
C LEU G 355 9.75 21.03 9.30
N GLU G 356 8.97 20.35 8.47
CA GLU G 356 9.37 20.06 7.09
C GLU G 356 9.79 21.36 6.41
N ARG G 357 9.06 22.44 6.64
CA ARG G 357 9.37 23.75 6.05
C ARG G 357 10.61 24.38 6.70
N MET G 358 10.75 24.24 8.02
CA MET G 358 11.91 24.79 8.74
C MET G 358 13.18 24.08 8.33
N ILE G 359 13.12 22.76 8.23
CA ILE G 359 14.26 21.93 7.85
C ILE G 359 14.59 21.98 6.35
N ASN G 360 13.63 22.38 5.50
CA ASN G 360 13.85 22.45 4.05
C ASN G 360 14.92 23.45 3.67
N ALA G 361 15.91 22.99 2.86
CA ALA G 361 17.03 23.81 2.39
C ALA G 361 16.56 25.14 1.79
N SER G 362 15.41 25.17 1.10
CA SER G 362 14.87 26.39 0.50
C SER G 362 13.69 26.95 1.31
N GLY G 363 13.61 26.59 2.58
CA GLY G 363 12.53 27.05 3.45
C GLY G 363 12.72 28.46 3.96
N PRO G 364 11.79 28.96 4.79
CA PRO G 364 11.91 30.32 5.30
C PRO G 364 13.11 30.58 6.23
N THR G 365 13.65 29.53 6.87
CA THR G 365 14.80 29.66 7.79
C THR G 365 16.08 29.22 7.09
N GLY G 366 16.00 28.93 5.80
CA GLY G 366 17.15 28.49 5.04
C GLY G 366 17.65 27.12 5.48
N GLY G 367 16.72 26.26 5.89
CA GLY G 367 17.03 24.91 6.34
C GLY G 367 17.46 24.82 7.79
N LYS G 368 17.22 25.87 8.58
CA LYS G 368 17.60 25.88 9.98
C LYS G 368 16.42 25.64 10.90
N VAL G 369 16.52 24.63 11.77
CA VAL G 369 15.47 24.31 12.71
C VAL G 369 15.71 25.22 13.90
N ILE G 370 14.86 26.24 14.08
CA ILE G 370 14.99 27.18 15.18
C ILE G 370 13.72 27.31 15.97
N ARG G 371 13.85 27.81 17.20
CA ARG G 371 12.71 28.01 18.07
C ARG G 371 12.09 29.36 17.71
N LEU G 372 10.77 29.47 17.77
CA LEU G 372 10.09 30.72 17.46
C LEU G 372 10.30 31.71 18.60
N SER G 373 10.28 31.23 19.85
CA SER G 373 10.46 32.06 21.03
C SER G 373 11.71 32.94 21.02
N ASP G 374 12.85 32.41 20.54
CA ASP G 374 14.09 33.20 20.53
C ASP G 374 14.97 33.04 19.28
N GLY G 375 14.52 32.29 18.28
CA GLY G 375 15.29 32.08 17.06
C GLY G 375 16.53 31.23 17.24
N GLN G 376 16.64 30.52 18.38
CA GLN G 376 17.79 29.68 18.68
C GLN G 376 17.59 28.28 18.15
N LYS G 377 18.68 27.54 18.04
CA LYS G 377 18.65 26.16 17.58
C LYS G 377 18.30 25.26 18.77
N PRO G 378 17.30 24.36 18.69
CA PRO G 378 17.03 23.51 19.86
C PRO G 378 18.04 22.38 19.98
N LYS G 379 18.57 22.18 21.18
CA LYS G 379 19.55 21.12 21.46
C LYS G 379 18.83 19.83 21.87
N ARG G 380 17.56 19.94 22.29
CA ARG G 380 16.75 18.80 22.72
C ARG G 380 15.39 18.90 22.04
N ILE G 381 14.98 17.85 21.33
CA ILE G 381 13.71 17.85 20.62
C ILE G 381 12.91 16.61 20.97
N ALA G 382 11.59 16.78 21.11
CA ALA G 382 10.69 15.66 21.38
C ALA G 382 9.71 15.58 20.24
N PHE G 383 9.42 14.37 19.79
CA PHE G 383 8.43 14.12 18.75
C PHE G 383 7.30 13.43 19.47
N ILE G 384 6.07 13.90 19.29
CA ILE G 384 4.90 13.27 19.90
C ILE G 384 4.10 12.64 18.79
N GLN G 385 3.99 11.31 18.81
CA GLN G 385 3.28 10.56 17.78
C GLN G 385 1.78 10.50 17.98
N CYS G 386 1.06 10.09 16.92
CA CYS G 386 -0.39 9.93 16.89
C CYS G 386 -1.19 11.19 17.29
N VAL G 387 -0.74 12.36 16.84
CA VAL G 387 -1.43 13.60 17.15
C VAL G 387 -2.57 13.77 16.15
N GLY G 388 -3.80 13.53 16.61
CA GLY G 388 -4.98 13.62 15.77
C GLY G 388 -5.29 12.33 15.05
N SER G 389 -4.70 11.23 15.55
CA SER G 389 -4.88 9.90 14.98
C SER G 389 -5.01 8.93 16.12
N ARG G 390 -5.70 7.80 15.88
CA ARG G 390 -5.88 6.77 16.90
C ARG G 390 -6.41 7.42 18.17
N ASP G 391 -7.28 8.43 18.01
CA ASP G 391 -7.82 9.23 19.10
C ASP G 391 -9.32 9.47 18.97
N ALA G 392 -10.11 8.88 19.88
CA ALA G 392 -11.56 9.04 19.87
C ALA G 392 -11.99 10.42 20.33
N LYS G 393 -11.16 11.12 21.13
CA LYS G 393 -11.50 12.44 21.63
C LYS G 393 -11.55 13.51 20.54
N VAL G 394 -10.78 13.33 19.45
CA VAL G 394 -10.78 14.29 18.33
C VAL G 394 -11.61 13.75 17.17
N GLY G 395 -12.18 12.57 17.34
CA GLY G 395 -13.00 11.93 16.32
C GLY G 395 -12.23 11.23 15.22
N ASN G 396 -10.93 10.96 15.43
CA ASN G 396 -10.08 10.31 14.44
C ASN G 396 -9.52 9.01 14.99
N LYS G 397 -10.25 7.91 14.80
CA LYS G 397 -9.90 6.59 15.30
C LYS G 397 -9.07 5.76 14.31
N TYR G 398 -8.48 6.41 13.32
CA TYR G 398 -7.68 5.74 12.31
C TYR G 398 -6.21 6.08 12.46
N CYS G 399 -5.37 5.26 11.84
CA CYS G 399 -3.93 5.45 11.82
C CYS G 399 -3.63 6.33 10.63
N SER G 400 -2.82 7.39 10.82
CA SER G 400 -2.47 8.27 9.71
C SER G 400 -1.35 7.73 8.80
N ASN G 401 -0.88 6.49 9.04
CA ASN G 401 0.07 5.75 8.20
C ASN G 401 1.52 6.24 8.06
N VAL G 402 1.73 7.54 7.84
CA VAL G 402 3.06 8.08 7.57
C VAL G 402 3.82 8.74 8.72
N CYS G 403 3.16 9.09 9.82
CA CYS G 403 3.77 9.83 10.92
C CYS G 403 4.88 9.10 11.68
N CYS G 404 4.91 7.75 11.69
CA CYS G 404 6.01 7.07 12.39
C CYS G 404 7.27 7.27 11.56
N MET G 405 7.15 7.02 10.25
CA MET G 405 8.26 7.13 9.31
C MET G 405 8.76 8.54 9.13
N TYR G 406 7.87 9.55 9.04
CA TYR G 406 8.34 10.92 8.86
C TYR G 406 8.97 11.49 10.13
N ALA G 407 8.63 10.96 11.31
CA ALA G 407 9.23 11.44 12.55
C ALA G 407 10.64 10.88 12.65
N MET G 408 10.82 9.62 12.25
CA MET G 408 12.15 9.00 12.28
C MET G 408 13.03 9.63 11.19
N LYS G 409 12.43 9.96 10.04
CA LYS G 409 13.15 10.59 8.93
C LYS G 409 13.65 11.98 9.33
N ASN G 410 12.74 12.88 9.73
CA ASN G 410 13.12 14.23 10.13
C ASN G 410 14.12 14.21 11.28
N SER G 411 14.03 13.20 12.16
CA SER G 411 14.96 13.06 13.27
C SER G 411 16.37 12.74 12.72
N GLN G 412 16.46 11.97 11.63
CA GLN G 412 17.74 11.64 11.01
C GLN G 412 18.35 12.89 10.40
N LEU G 413 17.52 13.70 9.73
CA LEU G 413 17.95 14.95 9.10
C LEU G 413 18.54 15.91 10.14
N ILE G 414 17.89 16.01 11.31
CA ILE G 414 18.35 16.90 12.37
C ILE G 414 19.69 16.39 12.88
N LYS G 415 19.86 15.06 12.98
CA LYS G 415 21.12 14.47 13.43
C LYS G 415 22.22 14.69 12.38
N GLU G 416 21.87 14.73 11.10
CA GLU G 416 22.84 14.96 10.03
C GLU G 416 23.30 16.41 10.07
N LYS G 417 22.37 17.34 10.29
CA LYS G 417 22.68 18.78 10.36
C LYS G 417 23.34 19.14 11.69
N SER G 418 22.84 18.56 12.80
CA SER G 418 23.32 18.82 14.16
C SER G 418 23.41 17.53 14.99
N PRO G 419 24.55 16.83 14.90
CA PRO G 419 24.72 15.56 15.64
C PRO G 419 24.57 15.58 17.16
N ASP G 420 24.83 16.73 17.81
CA ASP G 420 24.74 16.82 19.27
C ASP G 420 23.29 16.89 19.77
N THR G 421 22.31 17.07 18.87
CA THR G 421 20.91 17.16 19.25
C THR G 421 20.35 15.89 19.88
N GLU G 422 19.69 16.05 21.03
CA GLU G 422 19.05 14.96 21.74
C GLU G 422 17.64 14.83 21.14
N ILE G 423 17.29 13.66 20.58
CA ILE G 423 15.96 13.49 19.98
C ILE G 423 15.24 12.30 20.59
N ASP G 424 14.01 12.53 21.08
CA ASP G 424 13.18 11.49 21.67
C ASP G 424 11.86 11.43 20.94
N ILE G 425 11.40 10.22 20.62
CA ILE G 425 10.13 10.02 19.93
C ILE G 425 9.21 9.32 20.90
N TYR G 426 8.08 9.96 21.25
CA TYR G 426 7.10 9.39 22.17
C TYR G 426 6.07 8.70 21.30
N TYR G 427 6.03 7.37 21.36
CA TYR G 427 5.16 6.56 20.52
C TYR G 427 4.37 5.50 21.27
N MET G 428 3.43 4.85 20.56
CA MET G 428 2.62 3.75 21.07
C MET G 428 3.08 2.50 20.31
N ASP G 429 3.04 2.58 18.97
CA ASP G 429 3.51 1.52 18.08
C ASP G 429 4.31 2.16 16.98
N ILE G 430 5.48 1.60 16.63
CA ILE G 430 6.26 2.11 15.53
C ILE G 430 5.74 1.36 14.31
N ARG G 431 5.12 2.07 13.36
CA ARG G 431 4.57 1.44 12.17
C ARG G 431 5.43 1.72 10.96
N ALA G 432 6.46 0.88 10.83
CA ALA G 432 7.46 0.86 9.77
C ALA G 432 7.22 -0.49 9.13
N PHE G 433 6.16 -0.53 8.33
CA PHE G 433 5.57 -1.73 7.72
C PHE G 433 5.89 -2.07 6.27
N SER G 434 6.42 -1.15 5.47
CA SER G 434 6.70 -1.43 4.06
C SER G 434 8.18 -1.74 3.78
N LYS G 435 8.52 -1.88 2.51
CA LYS G 435 9.86 -2.22 2.06
C LYS G 435 10.93 -1.24 2.50
N GLY G 436 11.85 -1.70 3.32
CA GLY G 436 12.94 -0.90 3.84
C GLY G 436 12.58 -0.04 5.04
N TYR G 437 11.31 -0.10 5.48
CA TYR G 437 10.84 0.70 6.60
C TYR G 437 11.35 0.22 7.97
N GLU G 438 11.31 -1.09 8.23
CA GLU G 438 11.79 -1.61 9.50
C GLU G 438 13.29 -1.33 9.60
N GLU G 439 13.99 -1.43 8.48
CA GLU G 439 15.42 -1.20 8.38
C GLU G 439 15.72 0.28 8.67
N PHE G 440 14.85 1.18 8.18
CA PHE G 440 14.97 2.62 8.39
C PHE G 440 14.79 2.93 9.89
N TYR G 441 13.90 2.19 10.56
CA TYR G 441 13.65 2.32 12.00
C TYR G 441 14.88 1.81 12.78
N GLU G 442 15.44 0.68 12.38
CA GLU G 442 16.65 0.14 13.03
C GLU G 442 17.80 1.14 12.89
N ARG G 443 18.00 1.64 11.67
CA ARG G 443 19.07 2.59 11.39
C ARG G 443 18.91 3.90 12.17
N SER G 444 17.67 4.36 12.38
CA SER G 444 17.39 5.58 13.12
C SER G 444 17.97 5.50 14.53
N ALA G 445 17.83 4.34 15.15
CA ALA G 445 18.33 4.11 16.50
C ALA G 445 19.83 3.76 16.49
N LYS G 446 20.22 2.79 15.66
CA LYS G 446 21.59 2.31 15.58
C LYS G 446 22.59 3.33 15.03
N GLN G 447 22.36 3.86 13.82
CA GLN G 447 23.27 4.81 13.19
C GLN G 447 23.10 6.25 13.68
N TYR G 448 21.86 6.73 13.85
CA TYR G 448 21.63 8.13 14.24
C TYR G 448 21.40 8.38 15.73
N GLY G 449 21.32 7.33 16.55
CA GLY G 449 21.14 7.48 17.98
C GLY G 449 19.84 8.11 18.41
N ILE G 450 18.78 7.96 17.60
CA ILE G 450 17.46 8.52 17.92
C ILE G 450 16.84 7.63 18.99
N LYS G 451 16.31 8.25 20.06
CA LYS G 451 15.72 7.53 21.17
C LYS G 451 14.22 7.43 21.04
N PHE G 452 13.64 6.36 21.58
CA PHE G 452 12.21 6.12 21.51
C PHE G 452 11.65 5.83 22.90
N MET G 453 10.55 6.51 23.27
CA MET G 453 9.90 6.34 24.56
C MET G 453 8.53 5.75 24.31
N ARG G 454 8.25 4.52 24.76
CA ARG G 454 6.92 3.99 24.51
C ARG G 454 5.97 4.56 25.54
N GLY G 455 5.25 5.57 25.14
CA GLY G 455 4.31 6.23 26.03
C GLY G 455 3.68 7.43 25.37
N ARG G 456 2.35 7.46 25.34
CA ARG G 456 1.64 8.58 24.73
C ARG G 456 1.62 9.70 25.77
N PRO G 457 2.21 10.86 25.47
CA PRO G 457 2.24 11.93 26.48
C PRO G 457 0.89 12.44 26.93
N SER G 458 0.80 12.75 28.22
CA SER G 458 -0.41 13.26 28.85
C SER G 458 -0.54 14.75 28.60
N GLN G 459 0.57 15.47 28.61
CA GLN G 459 0.55 16.90 28.36
C GLN G 459 1.94 17.49 28.13
N VAL G 460 1.96 18.71 27.60
CA VAL G 460 3.19 19.46 27.35
C VAL G 460 3.05 20.72 28.19
N ILE G 461 4.10 21.11 28.92
CA ILE G 461 4.05 22.29 29.78
C ILE G 461 5.23 23.19 29.51
N GLU G 462 4.98 24.49 29.34
CA GLU G 462 6.01 25.48 29.05
C GLU G 462 6.56 26.09 30.32
N ASP G 463 7.86 26.39 30.33
CA ASP G 463 8.50 27.05 31.46
C ASP G 463 8.42 28.52 31.04
N PRO G 464 7.64 29.36 31.73
CA PRO G 464 7.51 30.75 31.27
C PRO G 464 8.80 31.57 31.19
N GLU G 465 9.82 31.25 31.99
CA GLU G 465 11.06 32.01 31.95
C GLU G 465 11.98 31.64 30.79
N THR G 466 11.94 30.40 30.27
CA THR G 466 12.83 30.02 29.18
C THR G 466 12.13 29.69 27.85
N GLY G 467 10.86 29.34 27.89
CA GLY G 467 10.14 28.96 26.68
C GLY G 467 10.36 27.48 26.37
N ASN G 468 11.12 26.78 27.23
CA ASN G 468 11.39 25.36 27.07
C ASN G 468 10.14 24.62 27.45
N LEU G 469 10.00 23.41 26.93
CA LEU G 469 8.82 22.60 27.18
C LEU G 469 9.15 21.33 27.92
N VAL G 470 8.24 20.90 28.75
CA VAL G 470 8.38 19.66 29.51
C VAL G 470 7.30 18.72 28.99
N VAL G 471 7.65 17.46 28.73
CA VAL G 471 6.69 16.47 28.23
C VAL G 471 6.39 15.48 29.33
N ARG G 472 5.13 15.44 29.80
CA ARG G 472 4.72 14.52 30.84
C ARG G 472 4.23 13.25 30.19
N ALA G 473 4.87 12.13 30.50
CA ALA G 473 4.50 10.86 29.90
C ALA G 473 5.00 9.72 30.73
N GLU G 474 4.33 8.58 30.65
CA GLU G 474 4.77 7.40 31.36
C GLU G 474 5.60 6.56 30.44
N ASP G 475 6.78 6.13 30.89
CA ASP G 475 7.58 5.23 30.07
C ASP G 475 6.93 3.91 30.42
N THR G 476 6.07 3.41 29.53
CA THR G 476 5.33 2.16 29.77
C THR G 476 6.24 0.94 29.90
N LEU G 477 7.47 1.02 29.40
CA LEU G 477 8.40 -0.10 29.47
C LEU G 477 9.19 -0.12 30.77
N LEU G 478 9.09 0.95 31.58
CA LEU G 478 9.75 1.02 32.89
C LEU G 478 8.72 1.14 34.03
N GLY G 479 7.48 1.46 33.69
CA GLY G 479 6.43 1.65 34.68
C GLY G 479 6.70 2.87 35.54
N GLU G 480 7.34 3.89 34.95
CA GLU G 480 7.69 5.13 35.66
C GLU G 480 7.27 6.34 34.87
N ILE G 481 7.02 7.46 35.57
CA ILE G 481 6.58 8.69 34.94
C ILE G 481 7.77 9.58 34.60
N LEU G 482 7.87 10.02 33.34
CA LEU G 482 8.93 10.88 32.87
C LEU G 482 8.47 12.32 32.77
N GLU G 483 9.37 13.26 33.05
CA GLU G 483 9.09 14.69 32.93
C GLU G 483 10.34 15.34 32.36
N LYS G 484 10.63 14.99 31.11
CA LYS G 484 11.81 15.46 30.39
C LYS G 484 11.59 16.82 29.78
N GLU G 485 12.63 17.67 29.84
CA GLU G 485 12.63 19.02 29.30
C GLU G 485 13.21 19.03 27.88
N TYR G 486 12.60 19.85 27.01
CA TYR G 486 13.00 19.99 25.62
C TYR G 486 12.99 21.42 25.21
N ASP G 487 13.76 21.71 24.17
CA ASP G 487 13.86 23.05 23.61
C ASP G 487 12.79 23.23 22.53
N LEU G 488 12.33 22.13 21.93
CA LEU G 488 11.30 22.19 20.89
C LEU G 488 10.49 20.91 20.92
N VAL G 489 9.17 21.00 20.71
CA VAL G 489 8.30 19.83 20.68
C VAL G 489 7.61 19.80 19.33
N VAL G 490 7.75 18.68 18.62
CA VAL G 490 7.16 18.49 17.31
C VAL G 490 6.00 17.53 17.43
N LEU G 491 4.81 17.96 17.01
CA LEU G 491 3.63 17.12 17.06
C LEU G 491 3.51 16.43 15.72
N SER G 492 3.60 15.09 15.71
CA SER G 492 3.49 14.35 14.46
C SER G 492 2.02 14.26 14.11
N VAL G 493 1.51 15.35 13.53
CA VAL G 493 0.11 15.48 13.16
C VAL G 493 -0.29 14.48 12.12
N GLY G 494 -1.52 13.99 12.24
CA GLY G 494 -2.08 13.03 11.31
C GLY G 494 -2.59 13.70 10.05
N MET G 495 -3.24 12.91 9.20
CA MET G 495 -3.81 13.37 7.95
C MET G 495 -5.31 13.47 8.07
N VAL G 496 -5.90 14.52 7.51
CA VAL G 496 -7.36 14.72 7.49
C VAL G 496 -7.70 15.08 6.04
N PRO G 497 -8.97 14.99 5.60
CA PRO G 497 -9.27 15.36 4.22
C PRO G 497 -8.96 16.84 3.97
N THR G 498 -8.70 17.23 2.72
CA THR G 498 -8.40 18.63 2.40
C THR G 498 -9.62 19.50 2.64
N LYS G 499 -9.41 20.79 2.95
CA LYS G 499 -10.50 21.73 3.24
C LYS G 499 -11.57 21.76 2.15
N SER G 500 -11.16 21.74 0.88
CA SER G 500 -12.08 21.76 -0.28
C SER G 500 -12.75 20.42 -0.57
N ALA G 501 -12.46 19.37 0.20
CA ALA G 501 -13.05 18.06 -0.07
C ALA G 501 -14.57 18.06 -0.14
N ASP G 502 -15.26 18.84 0.70
CA ASP G 502 -16.73 18.88 0.68
C ASP G 502 -17.25 19.41 -0.66
N GLU G 503 -16.59 20.44 -1.20
CA GLU G 503 -16.99 21.04 -2.48
C GLU G 503 -16.83 20.01 -3.60
N VAL G 504 -15.71 19.28 -3.61
CA VAL G 504 -15.41 18.27 -4.62
C VAL G 504 -16.37 17.09 -4.49
N GLN G 505 -16.66 16.69 -3.24
CA GLN G 505 -17.58 15.59 -2.97
C GLN G 505 -18.95 15.86 -3.63
N LYS G 506 -19.46 17.09 -3.46
CA LYS G 506 -20.76 17.48 -4.02
C LYS G 506 -20.72 17.53 -5.54
N ILE G 507 -19.64 18.09 -6.11
CA ILE G 507 -19.50 18.21 -7.55
C ILE G 507 -19.44 16.83 -8.22
N LEU G 508 -18.67 15.89 -7.69
CA LEU G 508 -18.55 14.56 -8.29
C LEU G 508 -19.65 13.59 -7.89
N GLY G 509 -20.23 13.77 -6.71
CA GLY G 509 -21.28 12.87 -6.23
C GLY G 509 -20.68 11.56 -5.77
N ILE G 510 -19.72 11.66 -4.84
CA ILE G 510 -19.01 10.51 -4.30
C ILE G 510 -19.18 10.49 -2.79
N SER G 511 -18.97 9.33 -2.18
CA SER G 511 -19.13 9.15 -0.74
C SER G 511 -17.83 9.16 0.03
N ARG G 512 -17.96 9.21 1.36
CA ARG G 512 -16.83 9.20 2.28
C ARG G 512 -16.89 8.01 3.21
N THR G 513 -15.73 7.50 3.59
CA THR G 513 -15.66 6.38 4.52
C THR G 513 -15.75 6.98 5.93
N PRO G 514 -15.83 6.17 7.00
CA PRO G 514 -15.95 6.76 8.36
C PRO G 514 -14.82 7.72 8.72
N ASP G 515 -13.64 7.52 8.13
CA ASP G 515 -12.48 8.39 8.37
C ASP G 515 -12.62 9.78 7.69
N GLN G 516 -13.69 9.96 6.87
CA GLN G 516 -13.99 11.18 6.13
C GLN G 516 -13.22 11.32 4.83
N PHE G 517 -12.39 10.34 4.49
CA PHE G 517 -11.66 10.39 3.24
C PHE G 517 -12.60 9.79 2.19
N PHE G 518 -12.30 9.90 0.89
CA PHE G 518 -13.21 9.37 -0.12
C PHE G 518 -13.26 7.84 -0.11
N MET G 519 -14.44 7.32 -0.43
CA MET G 519 -14.75 5.90 -0.42
C MET G 519 -14.55 5.17 -1.74
N GLU G 520 -13.75 4.10 -1.72
CA GLU G 520 -13.52 3.24 -2.89
C GLU G 520 -14.71 2.29 -3.03
N ALA G 521 -14.96 1.78 -4.24
CA ALA G 521 -16.09 0.88 -4.47
C ALA G 521 -15.97 -0.35 -3.57
N HIS G 522 -14.77 -0.91 -3.46
CA HIS G 522 -14.52 -2.05 -2.59
C HIS G 522 -13.04 -2.08 -2.25
N PRO G 523 -12.68 -2.23 -0.98
CA PRO G 523 -11.25 -2.24 -0.62
C PRO G 523 -10.35 -3.16 -1.44
N LYS G 524 -10.88 -4.33 -1.87
CA LYS G 524 -10.10 -5.31 -2.63
C LYS G 524 -10.57 -5.52 -4.05
N LEU G 525 -11.88 -5.52 -4.30
CA LEU G 525 -12.40 -5.74 -5.65
C LEU G 525 -12.01 -4.58 -6.58
N ARG G 526 -12.19 -3.34 -6.12
CA ARG G 526 -11.91 -2.13 -6.90
C ARG G 526 -11.33 -1.05 -5.97
N PRO G 527 -10.01 -1.10 -5.66
CA PRO G 527 -9.44 -0.12 -4.72
C PRO G 527 -9.33 1.34 -5.17
N VAL G 528 -9.41 1.64 -6.48
CA VAL G 528 -9.30 3.03 -6.93
C VAL G 528 -10.57 3.51 -7.65
N ASP G 529 -11.59 2.65 -7.76
CA ASP G 529 -12.86 3.01 -8.38
C ASP G 529 -13.79 3.51 -7.29
N THR G 530 -14.83 4.26 -7.66
CA THR G 530 -15.87 4.71 -6.71
C THR G 530 -17.16 4.05 -7.20
N ALA G 531 -18.21 4.05 -6.39
CA ALA G 531 -19.48 3.46 -6.81
C ALA G 531 -20.08 4.25 -7.98
N THR G 532 -19.60 5.47 -8.21
CA THR G 532 -20.05 6.32 -9.29
C THR G 532 -19.20 5.99 -10.52
N ASP G 533 -19.81 5.39 -11.54
CA ASP G 533 -19.10 5.00 -12.75
C ASP G 533 -18.41 6.20 -13.42
N GLY G 534 -17.19 5.97 -13.90
CA GLY G 534 -16.39 6.99 -14.56
C GLY G 534 -15.61 7.89 -13.62
N VAL G 535 -15.78 7.71 -12.30
CA VAL G 535 -15.08 8.55 -11.31
C VAL G 535 -14.17 7.63 -10.50
N TYR G 536 -12.87 7.97 -10.46
CA TYR G 536 -11.87 7.17 -9.77
C TYR G 536 -11.16 7.98 -8.70
N LEU G 537 -10.33 7.32 -7.87
CA LEU G 537 -9.60 7.99 -6.79
C LEU G 537 -8.11 7.70 -6.85
N ALA G 538 -7.30 8.63 -6.42
CA ALA G 538 -5.85 8.43 -6.41
C ALA G 538 -5.18 9.29 -5.36
N GLY G 539 -4.37 8.66 -4.53
CA GLY G 539 -3.61 9.37 -3.51
C GLY G 539 -4.24 9.46 -2.14
N ALA G 540 -3.71 10.38 -1.33
CA ALA G 540 -4.15 10.60 0.05
C ALA G 540 -5.63 10.96 0.22
N CYS G 541 -6.33 11.47 -0.82
CA CYS G 541 -7.76 11.81 -0.67
C CYS G 541 -8.61 10.55 -0.47
N GLN G 542 -8.09 9.39 -0.86
CA GLN G 542 -8.77 8.12 -0.69
C GLN G 542 -8.46 7.56 0.71
N GLY G 543 -7.43 8.05 1.35
CA GLY G 543 -7.06 7.59 2.69
C GLY G 543 -5.61 7.88 3.02
N PRO G 544 -5.24 8.00 4.31
CA PRO G 544 -3.84 8.28 4.63
C PRO G 544 -2.85 7.27 4.05
N LYS G 545 -1.84 7.76 3.32
CA LYS G 545 -0.82 6.91 2.72
C LYS G 545 0.41 7.71 2.37
N ASP G 546 1.50 7.01 2.02
CA ASP G 546 2.78 7.64 1.66
C ASP G 546 2.92 7.84 0.15
N ILE G 547 4.05 8.40 -0.30
CA ILE G 547 4.30 8.68 -1.73
C ILE G 547 4.32 7.40 -2.56
N PRO G 548 5.12 6.37 -2.21
CA PRO G 548 5.10 5.15 -3.02
C PRO G 548 3.69 4.65 -3.33
N ALA G 549 2.84 4.61 -2.30
CA ALA G 549 1.44 4.17 -2.42
C ALA G 549 0.62 5.12 -3.28
N SER G 550 0.85 6.42 -3.13
CA SER G 550 0.12 7.43 -3.90
C SER G 550 0.45 7.31 -5.38
N VAL G 551 1.74 7.16 -5.70
CA VAL G 551 2.19 7.02 -7.08
C VAL G 551 1.60 5.74 -7.66
N ALA G 552 1.59 4.65 -6.88
CA ALA G 552 1.02 3.38 -7.33
C ALA G 552 -0.47 3.55 -7.64
N GLN G 553 -1.20 4.32 -6.81
CA GLN G 553 -2.62 4.57 -7.01
C GLN G 553 -2.90 5.45 -8.22
N GLY G 554 -2.01 6.39 -8.49
CA GLY G 554 -2.15 7.27 -9.65
C GLY G 554 -2.03 6.44 -10.91
N SER G 555 -1.10 5.47 -10.92
CA SER G 555 -0.92 4.56 -12.04
C SER G 555 -2.10 3.60 -12.11
N ALA G 556 -2.56 3.10 -10.95
CA ALA G 556 -3.72 2.20 -10.92
C ALA G 556 -4.97 2.92 -11.42
N ALA G 557 -5.15 4.19 -11.04
CA ALA G 557 -6.32 4.97 -11.49
C ALA G 557 -6.25 5.25 -12.99
N ALA G 558 -5.04 5.37 -13.55
CA ALA G 558 -4.88 5.61 -14.98
C ALA G 558 -5.34 4.37 -15.73
N SER G 559 -4.99 3.18 -15.24
CA SER G 559 -5.42 1.93 -15.88
C SER G 559 -6.93 1.79 -15.83
N ARG G 560 -7.52 2.03 -14.66
CA ARG G 560 -8.96 1.90 -14.49
C ARG G 560 -9.72 2.93 -15.32
N ALA G 561 -9.25 4.18 -15.33
CA ALA G 561 -9.88 5.22 -16.12
C ALA G 561 -9.66 5.02 -17.62
N ALA G 562 -8.56 4.36 -18.00
CA ALA G 562 -8.26 4.09 -19.41
C ALA G 562 -9.17 3.04 -20.01
N ILE G 563 -9.72 2.12 -19.19
CA ILE G 563 -10.58 1.05 -19.70
C ILE G 563 -11.79 1.61 -20.48
N PRO G 564 -12.70 2.38 -19.87
CA PRO G 564 -13.82 2.90 -20.66
C PRO G 564 -13.36 3.78 -21.82
N LEU G 565 -12.23 4.48 -21.68
CA LEU G 565 -11.72 5.33 -22.77
C LEU G 565 -11.25 4.48 -23.92
N ALA G 566 -10.50 3.40 -23.65
CA ALA G 566 -10.00 2.51 -24.70
C ALA G 566 -11.17 1.77 -25.33
N LYS G 567 -12.15 1.37 -24.53
CA LYS G 567 -13.33 0.68 -25.05
C LYS G 567 -14.09 1.57 -26.02
N GLY G 568 -14.19 2.85 -25.68
CA GLY G 568 -14.89 3.84 -26.51
C GLY G 568 -16.40 3.75 -26.40
N GLU G 569 -16.89 2.86 -25.53
CA GLU G 569 -18.32 2.66 -25.34
C GLU G 569 -18.55 1.94 -24.02
N VAL G 570 -19.59 2.35 -23.29
CA VAL G 570 -19.88 1.73 -22.01
C VAL G 570 -21.39 1.52 -21.90
N GLU G 571 -21.81 0.60 -21.02
CA GLU G 571 -23.22 0.29 -20.82
C GLU G 571 -23.72 0.97 -19.55
N VAL G 572 -24.91 1.55 -19.60
CA VAL G 572 -25.48 2.19 -18.41
C VAL G 572 -26.84 1.53 -18.11
N GLU G 573 -27.21 1.52 -16.84
CA GLU G 573 -28.44 0.88 -16.34
C GLU G 573 -29.70 1.47 -16.98
N PRO G 574 -30.61 0.63 -17.52
CA PRO G 574 -31.84 1.14 -18.14
C PRO G 574 -33.00 1.32 -17.16
N ILE G 575 -32.73 1.93 -16.00
CA ILE G 575 -33.72 2.17 -14.95
C ILE G 575 -34.30 3.57 -15.12
N ILE G 576 -34.58 3.95 -16.37
CA ILE G 576 -35.07 5.28 -16.69
C ILE G 576 -36.58 5.37 -16.71
N ALA G 577 -37.09 6.59 -16.52
CA ALA G 577 -38.51 6.88 -16.49
C ALA G 577 -39.04 7.15 -17.88
N SER G 578 -40.28 6.70 -18.12
CA SER G 578 -40.96 6.91 -19.40
C SER G 578 -42.44 7.12 -19.13
N VAL G 579 -43.08 7.97 -19.93
CA VAL G 579 -44.49 8.27 -19.79
C VAL G 579 -45.33 7.38 -20.69
N ASP G 580 -46.45 6.88 -20.17
CA ASP G 580 -47.39 6.10 -20.96
C ASP G 580 -48.38 7.17 -21.43
N ALA G 581 -48.23 7.64 -22.68
CA ALA G 581 -49.06 8.70 -23.25
C ALA G 581 -50.57 8.43 -23.23
N GLU G 582 -50.98 7.17 -23.08
CA GLU G 582 -52.40 6.83 -23.02
C GLU G 582 -53.01 7.21 -21.68
N ILE G 583 -52.19 7.28 -20.62
CA ILE G 583 -52.64 7.62 -19.26
C ILE G 583 -52.33 9.07 -18.90
N CYS G 584 -51.24 9.63 -19.43
CA CYS G 584 -50.86 11.01 -19.10
C CYS G 584 -51.81 12.05 -19.69
N GLY G 585 -52.38 12.88 -18.82
CA GLY G 585 -53.28 13.96 -19.21
C GLY G 585 -52.62 15.32 -19.14
N GLY G 586 -51.29 15.33 -19.05
CA GLY G 586 -50.52 16.56 -19.01
C GLY G 586 -50.76 17.44 -17.81
N CYS G 587 -50.80 16.86 -16.61
CA CYS G 587 -51.01 17.67 -15.40
C CYS G 587 -49.79 18.55 -15.06
N GLY G 588 -48.62 18.22 -15.61
CA GLY G 588 -47.39 18.97 -15.41
C GLY G 588 -46.71 18.83 -14.06
N VAL G 589 -47.13 17.84 -13.26
CA VAL G 589 -46.57 17.65 -11.93
C VAL G 589 -45.11 17.16 -11.94
N CYS G 590 -44.73 16.39 -12.96
CA CYS G 590 -43.40 15.79 -13.09
C CYS G 590 -42.28 16.75 -13.48
N VAL G 591 -42.59 17.70 -14.37
CA VAL G 591 -41.65 18.65 -14.96
C VAL G 591 -40.64 19.26 -13.98
N LYS G 592 -41.10 19.92 -12.91
CA LYS G 592 -40.20 20.58 -11.95
C LYS G 592 -39.52 19.63 -10.96
N GLN G 593 -39.97 18.39 -10.84
CA GLN G 593 -39.35 17.44 -9.91
C GLN G 593 -37.99 16.95 -10.37
N CYS G 594 -37.70 17.03 -11.66
CA CYS G 594 -36.43 16.54 -12.18
C CYS G 594 -35.31 17.57 -12.08
N PRO G 595 -34.19 17.23 -11.42
CA PRO G 595 -33.09 18.20 -11.36
C PRO G 595 -32.42 18.41 -12.71
N TYR G 596 -32.56 17.44 -13.63
CA TYR G 596 -31.95 17.47 -14.96
C TYR G 596 -32.91 17.91 -16.06
N GLY G 597 -34.16 18.18 -15.70
CA GLY G 597 -35.17 18.63 -16.65
C GLY G 597 -35.51 17.61 -17.73
N ALA G 598 -35.52 16.32 -17.39
CA ALA G 598 -35.83 15.29 -18.39
C ALA G 598 -37.31 15.27 -18.79
N PRO G 599 -38.28 15.35 -17.87
CA PRO G 599 -39.69 15.36 -18.28
C PRO G 599 -40.10 16.69 -18.90
N ARG G 600 -40.73 16.67 -20.09
CA ARG G 600 -41.16 17.90 -20.76
C ARG G 600 -42.58 17.75 -21.30
N LEU G 601 -43.39 18.82 -21.22
CA LEU G 601 -44.75 18.79 -21.75
C LEU G 601 -44.68 19.02 -23.24
N VAL G 602 -45.10 18.00 -24.00
CA VAL G 602 -45.07 17.97 -25.46
C VAL G 602 -46.49 17.73 -26.00
N GLU G 603 -46.71 18.01 -27.31
CA GLU G 603 -48.01 17.80 -27.96
C GLU G 603 -47.96 16.59 -28.90
N LYS G 604 -48.64 15.49 -28.52
CA LYS G 604 -48.70 14.28 -29.35
C LYS G 604 -50.17 14.02 -29.70
N ASP G 605 -50.48 13.92 -31.01
CA ASP G 605 -51.84 13.68 -31.53
C ASP G 605 -52.78 14.82 -31.12
N GLY G 606 -52.29 16.06 -31.19
CA GLY G 606 -53.06 17.26 -30.88
C GLY G 606 -53.45 17.41 -29.42
N LYS G 607 -52.72 16.76 -28.49
CA LYS G 607 -53.03 16.83 -27.06
C LYS G 607 -51.74 16.99 -26.25
N VAL G 608 -51.80 17.75 -25.15
CA VAL G 608 -50.61 17.96 -24.31
C VAL G 608 -50.37 16.72 -23.45
N VAL G 609 -49.13 16.23 -23.47
CA VAL G 609 -48.72 15.04 -22.72
C VAL G 609 -47.26 15.20 -22.30
N ALA G 610 -46.86 14.60 -21.17
CA ALA G 610 -45.48 14.70 -20.74
C ALA G 610 -44.67 13.67 -21.52
N GLU G 611 -43.39 13.93 -21.69
CA GLU G 611 -42.50 13.03 -22.40
C GLU G 611 -41.14 13.18 -21.80
N VAL G 612 -40.49 12.06 -21.44
CA VAL G 612 -39.16 12.13 -20.83
C VAL G 612 -38.06 12.03 -21.86
N ILE G 613 -37.04 12.89 -21.72
CA ILE G 613 -35.86 12.85 -22.56
C ILE G 613 -35.01 11.80 -21.87
N SER G 614 -34.99 10.59 -22.44
CA SER G 614 -34.25 9.43 -21.93
C SER G 614 -32.81 9.77 -21.53
N ALA G 615 -32.11 10.57 -22.34
CA ALA G 615 -30.71 10.94 -22.11
C ALA G 615 -30.46 11.77 -20.84
N LEU G 616 -31.46 12.57 -20.42
CA LEU G 616 -31.32 13.41 -19.23
C LEU G 616 -31.79 12.72 -17.94
N CYS G 617 -32.41 11.54 -18.05
CA CYS G 617 -32.90 10.80 -16.88
C CYS G 617 -31.79 9.91 -16.33
N LYS G 618 -31.44 10.09 -15.05
CA LYS G 618 -30.44 9.28 -14.36
C LYS G 618 -31.06 8.07 -13.65
N GLY G 619 -32.37 8.04 -13.53
CA GLY G 619 -33.10 6.92 -12.92
C GLY G 619 -33.28 6.98 -11.42
N CYS G 620 -33.61 8.15 -10.88
CA CYS G 620 -33.80 8.26 -9.43
C CYS G 620 -35.16 7.70 -8.99
N GLY G 621 -36.19 7.93 -9.79
CA GLY G 621 -37.54 7.45 -9.49
C GLY G 621 -38.41 8.47 -8.79
N THR G 622 -37.99 9.73 -8.78
CA THR G 622 -38.76 10.78 -8.12
C THR G 622 -40.03 11.16 -8.88
N CYS G 623 -39.94 11.50 -10.18
CA CYS G 623 -41.18 11.88 -10.87
C CYS G 623 -42.19 10.72 -10.97
N PRO G 624 -41.80 9.45 -11.17
CA PRO G 624 -42.81 8.38 -11.15
C PRO G 624 -43.50 8.29 -9.79
N ALA G 625 -42.75 8.49 -8.71
CA ALA G 625 -43.30 8.44 -7.36
C ALA G 625 -44.32 9.56 -7.14
N GLY G 626 -44.07 10.72 -7.74
CA GLY G 626 -44.96 11.86 -7.62
C GLY G 626 -46.01 11.99 -8.70
N CYS G 627 -46.03 11.06 -9.68
CA CYS G 627 -47.02 11.12 -10.76
C CYS G 627 -48.40 10.70 -10.24
N PRO G 628 -49.39 11.60 -10.27
CA PRO G 628 -50.71 11.23 -9.74
C PRO G 628 -51.57 10.33 -10.62
N SER G 629 -51.20 10.14 -11.90
CA SER G 629 -51.97 9.28 -12.82
C SER G 629 -51.38 7.87 -12.98
N GLY G 630 -50.13 7.70 -12.58
CA GLY G 630 -49.46 6.42 -12.75
C GLY G 630 -48.87 6.25 -14.14
N ALA G 631 -48.95 7.31 -14.97
CA ALA G 631 -48.43 7.31 -16.33
C ALA G 631 -46.91 7.21 -16.37
N LEU G 632 -46.24 7.67 -15.30
CA LEU G 632 -44.78 7.62 -15.23
C LEU G 632 -44.35 6.40 -14.45
N GLU G 633 -43.45 5.61 -15.02
CA GLU G 633 -42.90 4.45 -14.34
C GLU G 633 -41.43 4.35 -14.69
N GLN G 634 -40.61 4.00 -13.73
CA GLN G 634 -39.21 3.84 -14.05
C GLN G 634 -39.04 2.34 -14.17
N ASP G 635 -38.33 1.89 -15.19
CA ASP G 635 -38.11 0.46 -15.41
C ASP G 635 -37.34 -0.12 -14.23
N HIS G 636 -37.67 -1.36 -13.85
CA HIS G 636 -37.02 -2.12 -12.76
C HIS G 636 -37.44 -1.68 -11.36
N PHE G 637 -38.11 -0.54 -11.21
CA PHE G 637 -38.62 -0.07 -9.92
C PHE G 637 -40.03 0.49 -10.13
N LYS G 638 -40.89 -0.31 -10.79
CA LYS G 638 -42.27 0.08 -11.05
C LYS G 638 -43.08 -0.07 -9.78
N THR G 639 -44.15 0.71 -9.63
CA THR G 639 -45.00 0.64 -8.45
C THR G 639 -45.49 -0.78 -8.21
N ILE G 640 -45.92 -1.48 -9.28
CA ILE G 640 -46.42 -2.86 -9.16
C ILE G 640 -45.31 -3.80 -8.71
N GLN G 641 -44.06 -3.59 -9.16
CA GLN G 641 -42.95 -4.45 -8.76
C GLN G 641 -42.66 -4.25 -7.26
N LEU G 642 -42.68 -3.00 -6.78
CA LEU G 642 -42.44 -2.72 -5.37
C LEU G 642 -43.62 -3.17 -4.51
N PHE G 643 -44.85 -3.10 -5.06
CA PHE G 643 -46.03 -3.56 -4.34
C PHE G 643 -45.91 -5.05 -4.08
N LYS G 644 -45.48 -5.81 -5.09
CA LYS G 644 -45.32 -7.26 -4.93
C LYS G 644 -44.25 -7.56 -3.92
N GLN G 645 -43.14 -6.80 -3.97
CA GLN G 645 -42.04 -6.98 -3.03
C GLN G 645 -42.52 -6.75 -1.59
N ILE G 646 -43.36 -5.73 -1.36
CA ILE G 646 -43.91 -5.44 -0.03
C ILE G 646 -44.78 -6.61 0.44
N GLU G 647 -45.66 -7.13 -0.44
CA GLU G 647 -46.53 -8.27 -0.10
C GLU G 647 -45.68 -9.48 0.28
N GLY G 648 -44.58 -9.65 -0.46
CA GLY G 648 -43.64 -10.74 -0.26
C GLY G 648 -43.12 -10.91 1.15
N MET G 649 -43.09 -9.83 1.93
CA MET G 649 -42.63 -9.90 3.31
C MET G 649 -43.62 -10.65 4.20
N PHE G 650 -44.91 -10.62 3.84
CA PHE G 650 -45.99 -11.24 4.60
C PHE G 650 -46.57 -12.47 3.99
N ARG G 651 -46.58 -12.56 2.67
CA ARG G 651 -47.20 -13.71 2.01
C ARG G 651 -46.71 -13.94 0.60
N ASP G 652 -47.07 -15.09 0.03
CA ASP G 652 -46.73 -15.44 -1.33
C ASP G 652 -47.92 -15.01 -2.19
N THR G 653 -47.73 -14.85 -3.49
CA THR G 653 -48.83 -14.46 -4.38
C THR G 653 -49.71 -15.69 -4.71
N ALA G 654 -51.04 -15.50 -4.83
CA ALA G 654 -52.00 -16.57 -5.15
C ALA G 654 -51.81 -17.81 -4.26
N MET H 1 48.37 -36.20 17.39
CA MET H 1 47.66 -35.10 18.04
C MET H 1 48.43 -34.63 19.27
N LYS H 2 49.03 -33.43 19.17
CA LYS H 2 49.81 -32.83 20.26
C LYS H 2 49.15 -31.51 20.63
N TYR H 3 48.69 -31.39 21.89
CA TYR H 3 48.03 -30.18 22.37
C TYR H 3 48.58 -29.77 23.73
N ALA H 4 48.65 -28.46 23.97
CA ALA H 4 49.13 -27.94 25.25
C ALA H 4 47.95 -28.04 26.20
N PHE H 5 48.10 -28.74 27.32
CA PHE H 5 46.98 -28.90 28.25
C PHE H 5 46.85 -27.77 29.25
N PHE H 6 45.80 -26.94 29.08
CA PHE H 6 45.53 -25.86 30.02
C PHE H 6 44.74 -26.52 31.16
N LEU H 7 45.22 -26.38 32.39
CA LEU H 7 44.60 -27.01 33.56
C LEU H 7 43.59 -26.13 34.31
N GLY H 8 43.87 -24.84 34.41
CA GLY H 8 43.00 -23.91 35.12
C GLY H 8 43.34 -23.87 36.60
N CYS H 9 42.30 -23.88 37.46
CA CYS H 9 42.49 -23.83 38.92
C CYS H 9 41.75 -24.94 39.65
N ILE H 10 40.43 -25.05 39.43
CA ILE H 10 39.58 -26.02 40.13
C ILE H 10 40.01 -27.47 39.92
N MET H 11 40.26 -27.89 38.68
CA MET H 11 40.67 -29.27 38.44
C MET H 11 42.01 -29.61 39.10
N PRO H 12 43.11 -28.92 38.78
CA PRO H 12 44.39 -29.28 39.40
C PRO H 12 44.47 -29.09 40.91
N ASN H 13 43.91 -28.00 41.43
CA ASN H 13 43.98 -27.72 42.87
C ASN H 13 42.82 -28.24 43.75
N ARG H 14 41.73 -28.77 43.17
CA ARG H 14 40.62 -29.29 44.01
C ARG H 14 40.13 -30.66 43.52
N TYR H 15 39.60 -30.74 42.29
CA TYR H 15 39.12 -32.01 41.73
C TYR H 15 40.20 -32.59 40.80
N ALA H 16 41.38 -32.86 41.36
CA ALA H 16 42.54 -33.40 40.63
C ALA H 16 42.26 -34.74 39.92
N GLY H 17 41.22 -35.45 40.34
CA GLY H 17 40.85 -36.71 39.72
C GLY H 17 40.43 -36.53 38.28
N VAL H 18 39.91 -35.34 37.96
CA VAL H 18 39.49 -35.00 36.61
C VAL H 18 40.74 -34.89 35.73
N GLU H 19 41.84 -34.35 36.29
CA GLU H 19 43.11 -34.23 35.57
C GLU H 19 43.67 -35.60 35.22
N ALA H 20 43.70 -36.49 36.20
CA ALA H 20 44.20 -37.85 36.01
C ALA H 20 43.32 -38.60 35.01
N ALA H 21 41.99 -38.49 35.19
CA ALA H 21 41.02 -39.15 34.31
C ALA H 21 41.22 -38.70 32.86
N THR H 22 41.47 -37.40 32.67
CA THR H 22 41.67 -36.84 31.33
C THR H 22 42.97 -37.34 30.71
N ARG H 23 44.10 -37.22 31.43
CA ARG H 23 45.40 -37.63 30.93
C ARG H 23 45.42 -39.06 30.40
N THR H 24 44.77 -39.98 31.13
CA THR H 24 44.72 -41.37 30.73
C THR H 24 43.73 -41.56 29.57
N VAL H 25 42.54 -40.95 29.65
CA VAL H 25 41.53 -41.04 28.59
C VAL H 25 42.10 -40.48 27.28
N MET H 26 42.83 -39.35 27.33
CA MET H 26 43.43 -38.74 26.15
C MET H 26 44.55 -39.62 25.59
N GLU H 27 45.30 -40.30 26.47
CA GLU H 27 46.40 -41.20 26.07
C GLU H 27 45.82 -42.37 25.26
N LYS H 28 44.73 -42.98 25.75
CA LYS H 28 44.09 -44.09 25.06
C LYS H 28 43.48 -43.67 23.72
N LEU H 29 43.14 -42.38 23.53
CA LEU H 29 42.55 -41.90 22.28
C LEU H 29 43.56 -41.24 21.32
N GLY H 30 44.84 -41.56 21.49
CA GLY H 30 45.90 -41.04 20.64
C GLY H 30 46.17 -39.56 20.74
N VAL H 31 46.09 -38.98 21.94
CA VAL H 31 46.36 -37.55 22.11
C VAL H 31 47.48 -37.33 23.12
N GLU H 32 48.52 -36.60 22.69
CA GLU H 32 49.68 -36.28 23.54
C GLU H 32 49.43 -34.94 24.21
N LEU H 33 49.41 -34.91 25.55
CA LEU H 33 49.19 -33.68 26.30
C LEU H 33 50.51 -33.11 26.80
N VAL H 34 50.84 -31.89 26.38
CA VAL H 34 52.08 -31.21 26.78
C VAL H 34 51.76 -30.20 27.88
N ASP H 35 52.71 -29.96 28.78
CA ASP H 35 52.51 -29.03 29.90
C ASP H 35 52.64 -27.56 29.51
N MET H 36 51.70 -26.73 29.99
CA MET H 36 51.73 -25.29 29.74
C MET H 36 52.41 -24.71 30.97
N THR H 37 53.74 -24.82 31.00
CA THR H 37 54.54 -24.35 32.13
C THR H 37 54.37 -22.85 32.33
N GLY H 38 53.88 -22.46 33.50
CA GLY H 38 53.64 -21.07 33.84
C GLY H 38 52.22 -20.58 33.60
N ALA H 39 51.33 -21.46 33.14
CA ALA H 39 49.93 -21.08 32.89
C ALA H 39 49.25 -20.73 34.21
N SER H 40 48.53 -19.61 34.23
CA SER H 40 47.85 -19.12 35.43
C SER H 40 46.34 -19.28 35.26
N CYS H 41 45.56 -18.48 36.02
CA CYS H 41 44.11 -18.44 35.93
C CYS H 41 43.83 -18.02 34.48
N CYS H 42 42.82 -18.60 33.82
CA CYS H 42 42.55 -18.30 32.40
C CYS H 42 42.57 -16.79 32.02
N PRO H 43 42.15 -15.78 32.80
CA PRO H 43 41.57 -15.79 34.15
C PRO H 43 40.06 -15.92 34.17
N ALA H 44 39.50 -16.38 35.30
CA ALA H 44 38.07 -16.57 35.49
C ALA H 44 37.29 -15.38 34.90
N PRO H 45 36.55 -15.59 33.79
CA PRO H 45 35.82 -14.45 33.20
C PRO H 45 34.71 -13.83 34.06
N GLY H 46 34.14 -14.62 34.96
CA GLY H 46 33.07 -14.14 35.83
C GLY H 46 33.44 -12.90 36.61
N VAL H 47 34.66 -12.89 37.15
CA VAL H 47 35.17 -11.77 37.94
C VAL H 47 35.97 -10.80 37.07
N PHE H 48 36.97 -11.31 36.35
CA PHE H 48 37.83 -10.46 35.54
C PHE H 48 37.12 -9.78 34.37
N GLY H 49 36.32 -10.54 33.64
CA GLY H 49 35.57 -9.98 32.51
C GLY H 49 34.60 -8.92 32.97
N SER H 50 33.99 -9.14 34.14
CA SER H 50 33.02 -8.22 34.73
C SER H 50 33.70 -7.02 35.37
N PHE H 51 34.92 -7.21 35.91
CA PHE H 51 35.65 -6.12 36.56
C PHE H 51 36.35 -5.25 35.53
N ASP H 52 37.13 -5.86 34.63
CA ASP H 52 37.86 -5.10 33.62
C ASP H 52 38.20 -5.99 32.43
N GLN H 53 37.51 -5.74 31.30
CA GLN H 53 37.72 -6.50 30.06
C GLN H 53 39.19 -6.43 29.62
N LYS H 54 39.82 -5.26 29.76
CA LYS H 54 41.23 -5.09 29.39
C LYS H 54 42.13 -6.05 30.15
N THR H 55 41.94 -6.17 31.47
CA THR H 55 42.76 -7.07 32.29
C THR H 55 42.44 -8.53 31.99
N TRP H 56 41.18 -8.86 31.68
CA TRP H 56 40.83 -10.25 31.36
C TRP H 56 41.55 -10.69 30.08
N LEU H 57 41.50 -9.85 29.03
CA LEU H 57 42.11 -10.19 27.75
C LEU H 57 43.64 -10.19 27.80
N THR H 58 44.25 -9.27 28.56
CA THR H 58 45.71 -9.21 28.65
C THR H 58 46.26 -10.48 29.31
N LEU H 59 45.65 -10.90 30.42
CA LEU H 59 46.08 -12.10 31.13
C LEU H 59 45.74 -13.36 30.33
N ALA H 60 44.66 -13.32 29.54
CA ALA H 60 44.28 -14.47 28.72
C ALA H 60 45.31 -14.61 27.60
N ALA H 61 45.71 -13.46 27.02
CA ALA H 61 46.71 -13.42 25.94
C ALA H 61 48.06 -13.93 26.45
N ARG H 62 48.41 -13.60 27.70
CA ARG H 62 49.67 -14.07 28.27
C ARG H 62 49.69 -15.59 28.29
N ASN H 63 48.55 -16.22 28.65
CA ASN H 63 48.45 -17.68 28.67
C ASN H 63 48.48 -18.25 27.25
N LEU H 64 47.89 -17.53 26.27
CA LEU H 64 47.89 -17.99 24.88
C LEU H 64 49.32 -17.98 24.34
N CYS H 65 50.14 -16.99 24.74
CA CYS H 65 51.53 -16.89 24.32
C CYS H 65 52.34 -18.11 24.76
N ILE H 66 52.05 -18.67 25.96
CA ILE H 66 52.76 -19.85 26.46
C ILE H 66 52.62 -21.01 25.48
N ALA H 67 51.42 -21.22 24.92
CA ALA H 67 51.20 -22.30 23.96
C ALA H 67 51.78 -21.90 22.60
N GLU H 68 51.75 -20.60 22.27
CA GLU H 68 52.28 -20.11 21.00
C GLU H 68 53.80 -20.27 20.96
N GLU H 69 54.47 -20.04 22.11
CA GLU H 69 55.92 -20.18 22.21
C GLU H 69 56.30 -21.65 22.01
N MET H 70 55.47 -22.57 22.53
CA MET H 70 55.68 -24.01 22.39
C MET H 70 55.39 -24.46 20.95
N GLY H 71 54.56 -23.71 20.24
CA GLY H 71 54.20 -24.01 18.86
C GLY H 71 53.12 -25.07 18.75
N VAL H 72 52.20 -25.12 19.71
CA VAL H 72 51.11 -26.10 19.72
C VAL H 72 49.79 -25.42 20.06
N ASP H 73 48.67 -26.11 19.81
CA ASP H 73 47.35 -25.58 20.11
C ASP H 73 47.01 -25.90 21.57
N ILE H 74 45.92 -25.32 22.10
CA ILE H 74 45.54 -25.55 23.49
C ILE H 74 44.31 -26.45 23.56
N VAL H 75 44.26 -27.28 24.60
CA VAL H 75 43.13 -28.17 24.86
C VAL H 75 42.76 -27.97 26.32
N THR H 76 41.46 -27.92 26.62
CA THR H 76 41.00 -27.74 27.99
C THR H 76 39.80 -28.64 28.22
N VAL H 77 39.52 -28.91 29.48
CA VAL H 77 38.39 -29.75 29.85
C VAL H 77 37.42 -28.91 30.67
N CYS H 78 37.49 -27.58 30.51
CA CYS H 78 36.63 -26.67 31.23
C CYS H 78 35.99 -25.64 30.31
N ASN H 79 34.67 -25.46 30.47
CA ASN H 79 33.90 -24.49 29.69
C ASN H 79 34.35 -23.08 30.04
N GLY H 80 34.65 -22.85 31.32
CA GLY H 80 35.09 -21.55 31.81
C GLY H 80 36.42 -21.14 31.18
N CYS H 81 37.36 -22.08 31.11
CA CYS H 81 38.67 -21.83 30.53
C CYS H 81 38.54 -21.79 29.02
N TYR H 82 37.71 -22.69 28.46
CA TYR H 82 37.49 -22.76 27.02
C TYR H 82 36.92 -21.45 26.53
N GLY H 83 35.87 -20.98 27.19
CA GLY H 83 35.23 -19.72 26.83
C GLY H 83 36.18 -18.54 26.97
N SER H 84 36.91 -18.49 28.10
CA SER H 84 37.86 -17.40 28.35
C SER H 84 38.98 -17.33 27.31
N LEU H 85 39.68 -18.45 27.08
CA LEU H 85 40.79 -18.46 26.13
C LEU H 85 40.33 -18.47 24.67
N PHE H 86 39.25 -19.20 24.33
CA PHE H 86 38.76 -19.23 22.95
C PHE H 86 38.28 -17.84 22.54
N GLU H 87 37.50 -17.18 23.40
CA GLU H 87 36.98 -15.84 23.10
C GLU H 87 38.12 -14.83 23.07
N ALA H 88 39.10 -14.98 23.98
CA ALA H 88 40.24 -14.06 24.01
C ALA H 88 40.99 -14.17 22.68
N ALA H 89 41.24 -15.42 22.25
CA ALA H 89 41.94 -15.70 21.00
C ALA H 89 41.18 -15.15 19.80
N HIS H 90 39.87 -15.40 19.73
CA HIS H 90 39.04 -14.91 18.62
C HIS H 90 39.09 -13.38 18.53
N LEU H 91 39.06 -12.72 19.68
CA LEU H 91 39.09 -11.26 19.77
C LEU H 91 40.42 -10.70 19.26
N LEU H 92 41.53 -11.32 19.64
CA LEU H 92 42.86 -10.86 19.23
C LEU H 92 43.09 -11.07 17.74
N HIS H 93 42.42 -12.06 17.13
CA HIS H 93 42.55 -12.32 15.70
C HIS H 93 41.61 -11.42 14.90
N ASP H 94 40.41 -11.14 15.43
CA ASP H 94 39.39 -10.32 14.76
C ASP H 94 39.57 -8.81 14.96
N ASN H 95 39.93 -8.37 16.18
CA ASN H 95 40.07 -6.95 16.50
C ASN H 95 41.54 -6.51 16.62
N LYS H 96 42.02 -5.68 15.67
CA LYS H 96 43.39 -5.18 15.65
C LYS H 96 43.66 -4.19 16.79
N GLU H 97 42.67 -3.38 17.14
CA GLU H 97 42.81 -2.39 18.22
C GLU H 97 43.02 -3.12 19.55
N ALA H 98 42.26 -4.19 19.77
CA ALA H 98 42.36 -4.97 20.99
C ALA H 98 43.71 -5.69 21.02
N LEU H 99 44.19 -6.16 19.84
CA LEU H 99 45.48 -6.84 19.74
C LEU H 99 46.61 -5.86 20.06
N ASN H 100 46.57 -4.67 19.46
CA ASN H 100 47.59 -3.64 19.69
C ASN H 100 47.63 -3.23 21.17
N PHE H 101 46.46 -3.09 21.80
CA PHE H 101 46.41 -2.70 23.21
C PHE H 101 47.13 -3.73 24.07
N VAL H 102 46.74 -4.99 23.89
CA VAL H 102 47.28 -6.13 24.62
C VAL H 102 48.78 -6.30 24.39
N ASN H 103 49.22 -6.23 23.14
CA ASN H 103 50.64 -6.39 22.83
C ASN H 103 51.51 -5.28 23.44
N GLU H 104 50.97 -4.06 23.60
CA GLU H 104 51.72 -2.96 24.23
C GLU H 104 51.98 -3.34 25.69
N LYS H 105 50.97 -3.95 26.34
CA LYS H 105 51.08 -4.38 27.74
C LYS H 105 51.95 -5.62 27.82
N LEU H 106 51.80 -6.58 26.90
CA LEU H 106 52.61 -7.81 26.92
C LEU H 106 54.09 -7.51 26.64
N ASP H 107 54.39 -6.54 25.76
CA ASP H 107 55.76 -6.18 25.42
C ASP H 107 56.60 -5.89 26.66
N LYS H 108 56.02 -5.20 27.65
CA LYS H 108 56.72 -4.87 28.90
C LYS H 108 57.22 -6.12 29.63
N VAL H 109 56.45 -7.21 29.57
CA VAL H 109 56.77 -8.49 30.20
C VAL H 109 57.68 -9.33 29.29
N GLY H 110 57.69 -8.99 28.00
CA GLY H 110 58.52 -9.70 27.02
C GLY H 110 57.78 -10.68 26.14
N LYS H 111 56.44 -10.60 26.09
CA LYS H 111 55.64 -11.49 25.24
C LYS H 111 54.95 -10.69 24.14
N GLU H 112 54.44 -11.39 23.12
CA GLU H 112 53.73 -10.76 22.00
C GLU H 112 52.87 -11.81 21.31
N TYR H 113 51.52 -11.65 21.35
CA TYR H 113 50.65 -12.63 20.71
C TYR H 113 50.64 -12.40 19.20
N LYS H 114 50.83 -13.48 18.43
CA LYS H 114 50.89 -13.41 16.97
C LYS H 114 49.69 -14.03 16.23
N GLY H 115 48.75 -14.63 16.96
CA GLY H 115 47.54 -15.19 16.37
C GLY H 115 47.61 -16.59 15.77
N ASN H 116 48.51 -17.45 16.24
CA ASN H 116 48.63 -18.82 15.70
C ASN H 116 48.08 -19.91 16.64
N VAL H 117 47.43 -19.53 17.75
CA VAL H 117 46.90 -20.50 18.70
C VAL H 117 45.41 -20.77 18.51
N LYS H 118 45.03 -22.05 18.53
CA LYS H 118 43.63 -22.47 18.44
C LYS H 118 43.31 -23.10 19.78
N VAL H 119 42.17 -22.73 20.37
CA VAL H 119 41.77 -23.27 21.66
C VAL H 119 40.73 -24.35 21.42
N ARG H 120 40.93 -25.54 21.99
CA ARG H 120 40.02 -26.65 21.79
C ARG H 120 39.42 -27.13 23.11
N HIS H 121 38.21 -27.72 23.02
CA HIS H 121 37.49 -28.32 24.14
C HIS H 121 37.51 -29.82 23.83
N PHE H 122 38.05 -30.63 24.75
CA PHE H 122 38.18 -32.08 24.54
C PHE H 122 36.93 -32.78 24.00
N ALA H 123 35.72 -32.41 24.47
CA ALA H 123 34.49 -33.05 24.00
C ALA H 123 34.26 -32.71 22.52
N GLU H 124 34.61 -31.48 22.13
CA GLU H 124 34.46 -31.05 20.73
C GLU H 124 35.55 -31.74 19.90
N LEU H 125 36.79 -31.77 20.44
CA LEU H 125 37.93 -32.40 19.78
C LEU H 125 37.63 -33.88 19.54
N ILE H 126 37.12 -34.56 20.58
CA ILE H 126 36.76 -35.98 20.50
C ILE H 126 35.72 -36.22 19.41
N TYR H 127 34.70 -35.37 19.36
CA TYR H 127 33.61 -35.51 18.39
C TYR H 127 34.00 -35.23 16.94
N ASN H 128 34.66 -34.11 16.68
CA ASN H 128 35.02 -33.68 15.33
C ASN H 128 36.26 -34.32 14.72
N ASP H 129 37.34 -34.51 15.51
CA ASP H 129 38.57 -35.06 14.96
C ASP H 129 38.85 -36.54 15.26
N ILE H 130 38.67 -36.98 16.51
CA ILE H 130 38.94 -38.38 16.87
C ILE H 130 37.81 -39.29 16.40
N GLY H 131 36.59 -38.98 16.82
CA GLY H 131 35.41 -39.75 16.48
C GLY H 131 34.82 -40.45 17.69
N VAL H 132 33.49 -40.53 17.76
CA VAL H 132 32.79 -41.18 18.86
C VAL H 132 33.06 -42.69 18.79
N ASP H 133 33.18 -43.23 17.58
CA ASP H 133 33.44 -44.66 17.38
C ASP H 133 34.70 -45.10 18.12
N LYS H 134 35.74 -44.25 18.15
CA LYS H 134 36.99 -44.56 18.84
C LYS H 134 36.80 -44.64 20.36
N ILE H 135 35.76 -43.99 20.91
CA ILE H 135 35.49 -44.03 22.36
C ILE H 135 34.98 -45.43 22.68
N ALA H 136 33.97 -45.89 21.93
CA ALA H 136 33.35 -47.21 22.10
C ALA H 136 34.35 -48.36 21.94
N GLU H 137 35.37 -48.20 21.09
CA GLU H 137 36.38 -49.23 20.87
C GLU H 137 37.19 -49.49 22.13
N LYS H 138 37.42 -48.44 22.94
CA LYS H 138 38.21 -48.52 24.16
C LYS H 138 37.39 -48.80 25.44
N VAL H 139 36.08 -49.05 25.33
CA VAL H 139 35.25 -49.32 26.51
C VAL H 139 35.50 -50.72 27.07
N GLU H 140 36.03 -50.79 28.30
CA GLU H 140 36.30 -52.06 28.98
C GLU H 140 35.10 -52.43 29.86
N ARG H 141 34.39 -51.43 30.41
CA ARG H 141 33.24 -51.65 31.28
C ARG H 141 31.99 -50.94 30.76
N PRO H 142 30.97 -51.67 30.25
CA PRO H 142 29.75 -50.97 29.80
C PRO H 142 28.96 -50.45 31.00
N LEU H 143 28.58 -49.16 30.96
CA LEU H 143 27.83 -48.52 32.06
C LEU H 143 26.33 -48.51 31.79
N ASN H 144 25.55 -49.32 32.51
CA ASN H 144 24.10 -49.36 32.32
C ASN H 144 23.45 -48.38 33.28
N ILE H 145 23.71 -47.07 33.09
CA ILE H 145 23.17 -46.02 33.95
C ILE H 145 22.52 -44.90 33.15
N ASN H 146 21.66 -44.13 33.81
CA ASN H 146 20.96 -42.99 33.20
C ASN H 146 21.73 -41.74 33.59
N VAL H 147 22.15 -40.95 32.59
CA VAL H 147 22.95 -39.76 32.83
C VAL H 147 22.19 -38.47 32.49
N GLY H 148 22.29 -37.51 33.40
CA GLY H 148 21.71 -36.18 33.22
C GLY H 148 22.81 -35.32 32.64
N VAL H 149 22.84 -35.21 31.30
CA VAL H 149 23.89 -34.45 30.63
C VAL H 149 23.74 -32.95 30.83
N HIS H 150 24.77 -32.28 31.36
CA HIS H 150 24.77 -30.84 31.55
C HIS H 150 25.88 -30.25 30.68
N TYR H 151 25.50 -29.68 29.54
CA TYR H 151 26.47 -29.11 28.60
C TYR H 151 27.21 -27.93 29.17
N GLY H 152 26.49 -27.05 29.86
CA GLY H 152 27.07 -25.84 30.39
C GLY H 152 26.90 -24.79 29.30
N CYS H 153 26.99 -23.52 29.65
CA CYS H 153 26.77 -22.46 28.68
C CYS H 153 27.98 -22.07 27.87
N HIS H 154 29.17 -22.12 28.46
CA HIS H 154 30.37 -21.67 27.78
C HIS H 154 31.04 -22.74 26.91
N PHE H 155 30.34 -23.84 26.64
CA PHE H 155 30.90 -24.87 25.75
C PHE H 155 30.48 -24.51 24.33
N LEU H 156 29.17 -24.48 24.06
CA LEU H 156 28.67 -24.18 22.72
C LEU H 156 28.42 -22.71 22.42
N LYS H 157 28.30 -21.84 23.43
CA LYS H 157 28.02 -20.43 23.20
C LYS H 157 29.22 -19.53 23.49
N PRO H 158 29.36 -18.39 22.78
CA PRO H 158 28.49 -17.88 21.71
C PRO H 158 28.66 -18.70 20.42
N THR H 159 27.55 -19.12 19.79
CA THR H 159 27.59 -19.93 18.57
C THR H 159 28.21 -19.19 17.39
N ASP H 160 28.15 -17.85 17.38
CA ASP H 160 28.71 -17.07 16.28
C ASP H 160 30.23 -17.22 16.16
N VAL H 161 30.91 -17.54 17.28
CA VAL H 161 32.36 -17.71 17.29
C VAL H 161 32.78 -19.19 17.47
N LYS H 162 32.04 -19.94 18.30
CA LYS H 162 32.37 -21.35 18.56
C LYS H 162 32.13 -22.25 17.35
N HIS H 163 31.00 -22.07 16.65
CA HIS H 163 30.65 -22.86 15.46
C HIS H 163 30.61 -24.37 15.76
N LEU H 164 30.10 -24.75 16.93
CA LEU H 164 29.98 -26.14 17.34
C LEU H 164 28.54 -26.64 17.25
N GLY H 165 27.83 -26.17 16.24
CA GLY H 165 26.43 -26.56 16.03
C GLY H 165 25.44 -25.82 16.92
N SER H 166 24.22 -26.36 17.00
CA SER H 166 23.13 -25.78 17.78
C SER H 166 23.36 -25.86 19.28
N ALA H 167 23.07 -24.75 19.99
CA ALA H 167 23.17 -24.67 21.44
C ALA H 167 21.78 -24.85 22.04
N GLU H 168 20.76 -24.98 21.18
CA GLU H 168 19.35 -25.14 21.55
C GLU H 168 18.99 -26.62 21.64
N ARG H 169 19.38 -27.40 20.62
CA ARG H 169 19.13 -28.84 20.56
C ARG H 169 20.42 -29.60 20.19
N PRO H 170 21.47 -29.51 21.03
CA PRO H 170 22.72 -30.22 20.71
C PRO H 170 22.67 -31.72 20.91
N VAL H 171 23.63 -32.43 20.30
CA VAL H 171 23.75 -33.89 20.33
C VAL H 171 25.17 -34.38 20.71
N MET H 172 26.19 -33.50 20.60
CA MET H 172 27.59 -33.79 20.89
C MET H 172 27.86 -34.65 22.14
N LEU H 173 27.58 -34.13 23.36
CA LEU H 173 27.80 -34.87 24.60
C LEU H 173 26.90 -36.08 24.73
N ASP H 174 25.68 -36.01 24.17
CA ASP H 174 24.75 -37.13 24.26
C ASP H 174 25.34 -38.35 23.57
N GLU H 175 26.03 -38.16 22.44
CA GLU H 175 26.63 -39.28 21.71
C GLU H 175 27.92 -39.78 22.38
N ILE H 176 28.69 -38.88 23.01
CA ILE H 176 29.92 -39.28 23.69
C ILE H 176 29.57 -40.07 24.95
N VAL H 177 28.54 -39.64 25.68
CA VAL H 177 28.10 -40.32 26.89
C VAL H 177 27.49 -41.67 26.52
N GLU H 178 26.71 -41.72 25.44
CA GLU H 178 26.07 -42.97 24.98
C GLU H 178 27.09 -43.99 24.44
N ALA H 179 28.32 -43.56 24.12
CA ALA H 179 29.36 -44.47 23.63
C ALA H 179 29.84 -45.39 24.76
N THR H 180 29.77 -44.92 26.02
CA THR H 180 30.17 -45.72 27.19
C THR H 180 29.14 -46.80 27.50
N GLY H 181 27.94 -46.65 26.96
CA GLY H 181 26.83 -47.58 27.19
C GLY H 181 25.71 -46.93 27.97
N ALA H 182 25.99 -45.76 28.57
CA ALA H 182 25.01 -45.01 29.36
C ALA H 182 23.90 -44.46 28.47
N LYS H 183 22.85 -43.94 29.10
CA LYS H 183 21.70 -43.36 28.41
C LYS H 183 21.58 -41.90 28.78
N SER H 184 21.56 -40.99 27.80
CA SER H 184 21.41 -39.56 28.09
C SER H 184 19.93 -39.31 28.18
N VAL H 185 19.42 -39.11 29.40
CA VAL H 185 17.99 -38.89 29.58
C VAL H 185 17.58 -37.48 29.20
N PRO H 186 16.45 -37.32 28.50
CA PRO H 186 15.99 -35.96 28.19
C PRO H 186 15.30 -35.42 29.44
N TYR H 187 15.61 -34.19 29.84
CA TYR H 187 14.98 -33.61 31.02
C TYR H 187 14.60 -32.16 30.75
N ALA H 188 13.63 -31.65 31.51
CA ALA H 188 13.13 -30.29 31.32
C ALA H 188 14.21 -29.25 31.50
N ASP H 189 14.18 -28.21 30.64
CA ASP H 189 15.14 -27.11 30.66
C ASP H 189 16.56 -27.63 30.63
N LYS H 190 16.80 -28.64 29.78
CA LYS H 190 18.10 -29.27 29.66
C LYS H 190 19.26 -28.28 29.39
N MET H 191 19.06 -27.29 28.52
CA MET H 191 20.13 -26.35 28.17
C MET H 191 20.28 -25.13 29.09
N MET H 192 19.54 -25.07 30.21
CA MET H 192 19.66 -23.93 31.11
C MET H 192 21.00 -23.92 31.89
N CYS H 193 21.33 -22.76 32.43
CA CYS H 193 22.54 -22.51 33.21
C CYS H 193 22.48 -23.19 34.58
N CYS H 194 23.64 -23.58 35.14
CA CYS H 194 23.67 -24.21 36.46
C CYS H 194 23.50 -23.12 37.54
N GLY H 195 23.82 -21.88 37.19
CA GLY H 195 23.68 -20.74 38.10
C GLY H 195 24.97 -20.13 38.62
N ALA H 196 26.11 -20.81 38.42
CA ALA H 196 27.39 -20.31 38.94
C ALA H 196 28.10 -19.24 38.11
N GLY H 197 27.95 -19.28 36.79
CA GLY H 197 28.60 -18.34 35.88
C GLY H 197 28.42 -16.87 36.22
N GLY H 198 29.26 -16.04 35.61
CA GLY H 198 29.24 -14.59 35.80
C GLY H 198 29.47 -14.11 37.21
N GLY H 199 30.18 -14.90 38.01
CA GLY H 199 30.47 -14.57 39.40
C GLY H 199 29.22 -14.58 40.26
N VAL H 200 28.15 -15.25 39.79
CA VAL H 200 26.89 -15.31 40.51
C VAL H 200 27.01 -16.24 41.72
N ARG H 201 27.77 -17.34 41.62
CA ARG H 201 27.95 -18.25 42.74
C ARG H 201 28.46 -17.47 43.98
N ALA H 202 29.48 -16.63 43.78
CA ALA H 202 30.09 -15.85 44.85
C ALA H 202 29.24 -14.66 45.31
N ARG H 203 28.68 -13.89 44.37
CA ARG H 203 27.89 -12.72 44.71
C ARG H 203 26.48 -13.05 45.21
N GLU H 204 25.76 -13.93 44.49
CA GLU H 204 24.40 -14.32 44.82
C GLU H 204 24.30 -15.84 44.92
N LEU H 205 24.82 -16.40 46.01
CA LEU H 205 24.84 -17.85 46.22
C LEU H 205 23.45 -18.47 46.19
N GLU H 206 22.47 -17.86 46.87
CA GLU H 206 21.12 -18.41 46.89
C GLU H 206 20.53 -18.46 45.47
N LEU H 207 20.80 -17.45 44.66
CA LEU H 207 20.31 -17.39 43.28
C LEU H 207 20.90 -18.55 42.48
N SER H 208 22.22 -18.74 42.56
CA SER H 208 22.89 -19.83 41.86
C SER H 208 22.36 -21.21 42.27
N LEU H 209 22.09 -21.42 43.56
CA LEU H 209 21.59 -22.70 44.06
C LEU H 209 20.16 -22.98 43.61
N ASP H 210 19.35 -21.92 43.39
CA ASP H 210 17.98 -22.08 42.94
C ASP H 210 17.99 -22.71 41.55
N MET H 211 18.91 -22.25 40.68
CA MET H 211 19.05 -22.78 39.33
C MET H 211 19.63 -24.19 39.34
N THR H 212 20.59 -24.45 40.22
CA THR H 212 21.18 -25.79 40.31
C THR H 212 20.13 -26.77 40.81
N ASN H 213 19.36 -26.35 41.81
CA ASN H 213 18.30 -27.17 42.39
C ASN H 213 17.29 -27.54 41.29
N GLU H 214 16.87 -26.56 40.46
CA GLU H 214 15.93 -26.82 39.38
C GLU H 214 16.49 -27.89 38.44
N LYS H 215 17.77 -27.77 38.06
CA LYS H 215 18.42 -28.73 37.16
C LYS H 215 18.47 -30.13 37.81
N ILE H 216 18.93 -30.22 39.05
CA ILE H 216 19.02 -31.51 39.76
C ILE H 216 17.63 -32.14 39.84
N GLU H 217 16.62 -31.35 40.22
CA GLU H 217 15.24 -31.83 40.34
C GLU H 217 14.72 -32.35 39.00
N ASN H 218 14.97 -31.61 37.91
CA ASN H 218 14.54 -32.01 36.57
C ASN H 218 15.24 -33.30 36.11
N MET H 219 16.54 -33.43 36.39
CA MET H 219 17.29 -34.62 36.01
C MET H 219 16.78 -35.83 36.76
N ILE H 220 16.51 -35.68 38.06
CA ILE H 220 16.01 -36.78 38.88
C ILE H 220 14.64 -37.24 38.38
N LYS H 221 13.73 -36.30 38.06
CA LYS H 221 12.41 -36.64 37.55
C LYS H 221 12.51 -37.42 36.23
N ALA H 222 13.58 -37.18 35.44
CA ALA H 222 13.80 -37.86 34.17
C ALA H 222 14.48 -39.23 34.32
N GLY H 223 14.63 -39.71 35.55
CA GLY H 223 15.24 -41.00 35.82
C GLY H 223 16.75 -41.02 35.82
N ALA H 224 17.39 -39.86 35.96
CA ALA H 224 18.85 -39.79 35.97
C ALA H 224 19.42 -40.41 37.25
N ASP H 225 20.53 -41.13 37.11
CA ASP H 225 21.22 -41.75 38.25
C ASP H 225 22.40 -40.85 38.67
N CYS H 226 22.80 -39.92 37.80
CA CYS H 226 23.90 -38.99 38.06
C CYS H 226 23.87 -37.87 37.04
N THR H 227 24.81 -36.92 37.15
CA THR H 227 24.92 -35.82 36.20
C THR H 227 26.34 -35.80 35.68
N VAL H 228 26.50 -35.51 34.39
CA VAL H 228 27.81 -35.43 33.76
C VAL H 228 27.99 -34.04 33.17
N ASN H 229 29.15 -33.44 33.41
CA ASN H 229 29.44 -32.10 32.92
C ASN H 229 30.80 -32.09 32.27
N VAL H 230 31.16 -30.96 31.68
CA VAL H 230 32.45 -30.76 31.05
C VAL H 230 32.98 -29.43 31.57
N CYS H 231 32.84 -29.21 32.88
CA CYS H 231 33.25 -27.96 33.51
C CYS H 231 33.43 -28.07 35.02
N PRO H 232 34.66 -27.98 35.54
CA PRO H 232 34.86 -28.03 36.99
C PRO H 232 34.01 -27.02 37.76
N PHE H 233 33.62 -25.90 37.11
CA PHE H 233 32.78 -24.89 37.73
C PHE H 233 31.36 -25.44 37.91
N CYS H 234 30.82 -26.09 36.87
CA CYS H 234 29.50 -26.72 36.94
C CYS H 234 29.58 -27.82 37.99
N HIS H 235 30.65 -28.63 37.90
CA HIS H 235 30.93 -29.74 38.81
C HIS H 235 30.85 -29.27 40.27
N LEU H 236 31.57 -28.18 40.60
CA LEU H 236 31.58 -27.62 41.95
C LEU H 236 30.17 -27.15 42.34
N GLN H 237 29.46 -26.52 41.40
CA GLN H 237 28.11 -26.01 41.65
C GLN H 237 27.13 -27.16 41.91
N PHE H 238 27.21 -28.25 41.14
CA PHE H 238 26.31 -29.38 41.34
C PHE H 238 26.69 -30.17 42.61
N ASP H 239 28.00 -30.40 42.81
CA ASP H 239 28.51 -31.17 43.94
C ASP H 239 28.47 -30.40 45.28
N ARG H 240 29.21 -29.29 45.40
CA ARG H 240 29.21 -28.51 46.63
C ARG H 240 27.86 -27.82 46.83
N GLY H 241 27.20 -27.44 45.75
CA GLY H 241 25.89 -26.81 45.82
C GLY H 241 24.86 -27.67 46.52
N GLN H 242 24.95 -29.01 46.35
CA GLN H 242 24.02 -29.92 47.02
C GLN H 242 24.17 -29.86 48.54
N ILE H 243 25.40 -29.65 49.02
CA ILE H 243 25.66 -29.52 50.46
C ILE H 243 25.06 -28.19 50.92
N GLU H 244 25.24 -27.14 50.11
CA GLU H 244 24.72 -25.81 50.42
C GLU H 244 23.19 -25.77 50.32
N ILE H 245 22.60 -26.59 49.44
CA ILE H 245 21.14 -26.68 49.30
C ILE H 245 20.58 -27.39 50.53
N LYS H 246 21.28 -28.44 51.01
CA LYS H 246 20.88 -29.19 52.19
C LYS H 246 20.95 -28.27 53.43
N GLU H 247 22.06 -27.54 53.57
CA GLU H 247 22.27 -26.63 54.71
C GLU H 247 21.28 -25.47 54.73
N LYS H 248 21.04 -24.84 53.56
CA LYS H 248 20.15 -23.69 53.47
C LYS H 248 18.67 -24.02 53.31
N PHE H 249 18.33 -24.99 52.45
CA PHE H 249 16.93 -25.33 52.19
C PHE H 249 16.45 -26.69 52.73
N GLY H 250 17.35 -27.49 53.28
CA GLY H 250 16.97 -28.80 53.83
C GLY H 250 16.64 -29.87 52.82
N LYS H 251 16.85 -29.61 51.52
CA LYS H 251 16.56 -30.59 50.47
C LYS H 251 17.76 -31.50 50.24
N GLU H 252 17.56 -32.82 50.30
CA GLU H 252 18.64 -33.78 50.09
C GLU H 252 18.37 -34.64 48.88
N TYR H 253 19.33 -34.70 47.95
CA TYR H 253 19.22 -35.49 46.73
C TYR H 253 20.24 -36.62 46.66
N ASN H 254 21.46 -36.40 47.20
CA ASN H 254 22.53 -37.40 47.17
C ASN H 254 22.69 -37.85 45.73
N PHE H 255 22.81 -36.86 44.82
CA PHE H 255 22.92 -37.06 43.39
C PHE H 255 24.38 -37.01 42.93
N PRO H 256 24.97 -38.16 42.52
CA PRO H 256 26.38 -38.16 42.09
C PRO H 256 26.68 -37.19 40.95
N VAL H 257 27.83 -36.50 41.06
CA VAL H 257 28.28 -35.53 40.06
C VAL H 257 29.59 -36.00 39.48
N LEU H 258 29.66 -36.14 38.16
CA LEU H 258 30.88 -36.57 37.49
C LEU H 258 31.25 -35.64 36.37
N HIS H 259 32.53 -35.57 36.06
CA HIS H 259 33.02 -34.79 34.93
C HIS H 259 33.02 -35.83 33.80
N LEU H 260 32.89 -35.41 32.54
CA LEU H 260 32.85 -36.37 31.44
C LEU H 260 34.11 -37.25 31.39
N SER H 261 35.29 -36.70 31.67
CA SER H 261 36.52 -37.49 31.65
C SER H 261 36.47 -38.61 32.70
N GLN H 262 35.87 -38.34 33.89
CA GLN H 262 35.74 -39.35 34.93
C GLN H 262 34.77 -40.45 34.48
N LEU H 263 33.68 -40.06 33.78
CA LEU H 263 32.71 -41.04 33.27
C LEU H 263 33.40 -41.89 32.21
N LEU H 264 34.11 -41.22 31.28
CA LEU H 264 34.83 -41.92 30.21
C LEU H 264 35.85 -42.85 30.85
N GLY H 265 36.57 -42.35 31.85
CA GLY H 265 37.58 -43.12 32.57
C GLY H 265 37.06 -44.43 33.10
N LEU H 266 35.93 -44.40 33.81
CA LEU H 266 35.31 -45.62 34.34
C LEU H 266 35.04 -46.60 33.20
N ALA H 267 34.52 -46.09 32.08
CA ALA H 267 34.24 -46.93 30.90
C ALA H 267 35.53 -47.47 30.29
N MET H 268 36.63 -46.69 30.32
CA MET H 268 37.93 -47.13 29.77
C MET H 268 38.54 -48.28 30.59
N GLY H 269 38.02 -48.52 31.79
CA GLY H 269 38.52 -49.55 32.69
C GLY H 269 39.54 -48.99 33.66
N MET H 270 39.31 -47.76 34.14
CA MET H 270 40.21 -47.09 35.06
C MET H 270 39.81 -47.35 36.52
N ASP H 271 40.80 -47.33 37.41
CA ASP H 271 40.61 -47.56 38.84
C ASP H 271 39.97 -46.34 39.51
N PRO H 272 38.85 -46.46 40.24
CA PRO H 272 38.27 -45.27 40.89
C PRO H 272 39.22 -44.51 41.80
N LYS H 273 40.30 -45.17 42.29
CA LYS H 273 41.28 -44.47 43.13
C LYS H 273 41.78 -43.27 42.35
N ASP H 274 42.14 -43.52 41.07
CA ASP H 274 42.68 -42.50 40.17
C ASP H 274 41.70 -41.36 39.92
N LEU H 275 40.39 -41.68 39.87
CA LEU H 275 39.33 -40.68 39.64
C LEU H 275 39.10 -39.77 40.84
N ALA H 276 39.66 -40.10 42.02
CA ALA H 276 39.50 -39.30 43.24
C ALA H 276 38.05 -38.94 43.52
N LEU H 277 37.16 -39.96 43.50
CA LEU H 277 35.73 -39.73 43.76
C LEU H 277 35.44 -39.49 45.26
N SER H 278 36.40 -39.79 46.15
CA SER H 278 36.22 -39.57 47.59
C SER H 278 36.32 -38.07 47.92
N VAL H 279 36.88 -37.29 46.99
CA VAL H 279 37.03 -35.83 47.14
C VAL H 279 35.67 -35.14 46.94
N HIS H 280 34.76 -35.81 46.20
CA HIS H 280 33.44 -35.26 45.92
C HIS H 280 32.63 -35.11 47.21
N GLN H 281 31.95 -33.95 47.35
CA GLN H 281 31.12 -33.65 48.51
C GLN H 281 29.96 -34.64 48.57
N ILE H 282 29.45 -35.06 47.41
CA ILE H 282 28.36 -36.04 47.30
C ILE H 282 29.02 -37.34 46.85
N SER H 283 28.85 -38.42 47.63
CA SER H 283 29.45 -39.71 47.31
C SER H 283 28.95 -40.28 46.00
N VAL H 284 29.87 -40.91 45.26
CA VAL H 284 29.58 -41.55 43.99
C VAL H 284 29.41 -43.06 44.20
N ASP H 285 29.65 -43.54 45.44
CA ASP H 285 29.51 -44.95 45.78
C ASP H 285 28.16 -45.53 45.34
N PRO H 286 27.02 -44.86 45.60
CA PRO H 286 25.73 -45.43 45.14
C PRO H 286 25.69 -45.68 43.64
N LEU H 287 26.33 -44.81 42.83
CA LEU H 287 26.36 -44.97 41.38
C LEU H 287 27.26 -46.15 40.98
N LEU H 288 28.37 -46.34 41.72
CA LEU H 288 29.30 -47.43 41.45
C LEU H 288 28.69 -48.80 41.72
N LYS H 289 27.58 -48.87 42.47
CA LYS H 289 26.88 -50.13 42.74
C LYS H 289 25.92 -50.47 41.59
N LYS H 290 25.66 -49.51 40.69
CA LYS H 290 24.75 -49.69 39.55
C LYS H 290 25.47 -49.93 38.21
N ILE H 291 26.75 -49.55 38.10
CA ILE H 291 27.52 -49.73 36.85
C ILE H 291 27.53 -51.18 36.38
N MET I 1 9.05 9.73 39.63
CA MET I 1 9.15 10.92 38.79
C MET I 1 10.57 11.10 38.29
N ILE I 2 10.79 10.89 36.98
CA ILE I 2 12.10 11.02 36.36
C ILE I 2 12.15 12.29 35.55
N TYR I 3 13.04 13.21 35.92
CA TYR I 3 13.21 14.47 35.23
C TYR I 3 14.45 14.38 34.35
N SER I 4 14.66 15.36 33.45
CA SER I 4 15.85 15.39 32.59
C SER I 4 17.10 15.55 33.45
N SER I 5 16.98 16.29 34.57
CA SER I 5 18.06 16.55 35.51
C SER I 5 18.55 15.28 36.20
N ASP I 6 17.71 14.24 36.27
CA ASP I 6 18.06 12.96 36.90
C ASP I 6 18.73 12.03 35.90
N LEU I 7 18.80 12.40 34.61
CA LEU I 7 19.38 11.55 33.58
C LEU I 7 20.72 12.03 33.03
N ASN I 8 21.53 11.07 32.57
CA ASN I 8 22.83 11.33 31.97
C ASN I 8 22.68 10.99 30.50
N LYS I 9 22.64 12.00 29.64
CA LYS I 9 22.47 11.82 28.20
C LYS I 9 23.63 11.05 27.54
N ASN I 10 24.81 11.05 28.16
CA ASN I 10 26.00 10.39 27.62
C ASN I 10 26.23 8.96 28.15
N LEU I 11 25.31 8.40 28.96
CA LEU I 11 25.48 7.05 29.50
C LEU I 11 25.82 6.00 28.43
N ALA I 12 24.99 5.88 27.38
CA ALA I 12 25.23 4.90 26.31
C ALA I 12 26.63 5.09 25.72
N SER I 13 26.98 6.32 25.37
CA SER I 13 28.29 6.66 24.82
C SER I 13 29.42 6.30 25.79
N GLN I 14 29.20 6.47 27.09
CA GLN I 14 30.19 6.14 28.13
C GLN I 14 30.34 4.63 28.25
N ILE I 15 29.24 3.88 28.04
CA ILE I 15 29.29 2.42 28.10
C ILE I 15 30.08 1.96 26.88
N ILE I 16 29.80 2.53 25.70
CA ILE I 16 30.51 2.18 24.46
C ILE I 16 31.99 2.50 24.60
N GLU I 17 32.31 3.68 25.16
CA GLU I 17 33.70 4.10 25.38
C GLU I 17 34.43 3.03 26.20
N ALA I 18 33.85 2.59 27.32
CA ALA I 18 34.45 1.56 28.17
C ALA I 18 34.66 0.24 27.44
N GLY I 19 33.76 -0.08 26.51
CA GLY I 19 33.84 -1.30 25.72
C GLY I 19 34.75 -1.18 24.51
N THR I 20 35.46 -0.05 24.38
CA THR I 20 36.39 0.19 23.28
C THR I 20 37.81 0.21 23.85
N PRO I 21 38.75 -0.59 23.31
CA PRO I 21 38.63 -1.51 22.17
C PRO I 21 38.19 -2.93 22.54
N ILE I 22 38.02 -3.25 23.83
CA ILE I 22 37.62 -4.60 24.26
C ILE I 22 36.29 -4.54 25.01
N PRO I 23 35.23 -5.28 24.61
CA PRO I 23 35.16 -6.25 23.50
C PRO I 23 35.07 -5.66 22.10
N GLY I 24 34.87 -4.36 22.00
CA GLY I 24 34.78 -3.69 20.70
C GLY I 24 33.71 -2.62 20.65
N ASP I 25 33.97 -1.60 19.82
CA ASP I 25 33.08 -0.47 19.61
C ASP I 25 31.81 -1.01 18.96
N ASP I 26 31.95 -1.79 17.87
CA ASP I 26 30.79 -2.38 17.19
C ASP I 26 29.96 -3.28 18.09
N VAL I 27 30.62 -4.04 18.98
CA VAL I 27 29.95 -4.97 19.89
C VAL I 27 29.09 -4.25 20.93
N VAL I 28 29.67 -3.29 21.66
CA VAL I 28 28.93 -2.57 22.69
C VAL I 28 27.96 -1.56 22.07
N SER I 29 28.29 -1.02 20.86
CA SER I 29 27.42 -0.08 20.14
C SER I 29 26.10 -0.76 19.77
N SER I 30 26.08 -2.09 19.76
CA SER I 30 24.87 -2.84 19.42
C SER I 30 23.70 -2.53 20.35
N LEU I 31 23.95 -1.99 21.57
CA LEU I 31 22.86 -1.64 22.49
C LEU I 31 21.90 -0.65 21.83
N LYS I 32 22.41 0.20 20.92
CA LYS I 32 21.59 1.19 20.21
C LYS I 32 20.57 0.57 19.25
N ALA I 33 20.69 -0.73 18.93
CA ALA I 33 19.75 -1.41 18.02
C ALA I 33 18.58 -2.04 18.77
N CYS I 34 18.61 -2.06 20.10
CA CYS I 34 17.56 -2.65 20.91
C CYS I 34 16.20 -2.05 20.66
N TYR I 35 15.15 -2.88 20.47
CA TYR I 35 13.80 -2.38 20.28
C TYR I 35 12.86 -2.82 21.40
N GLN I 36 13.43 -3.10 22.58
CA GLN I 36 12.70 -3.47 23.80
C GLN I 36 11.62 -4.52 23.60
N CYS I 37 11.97 -5.65 22.99
CA CYS I 37 11.02 -6.73 22.74
C CYS I 37 10.85 -7.66 23.95
N GLY I 38 11.87 -7.76 24.79
CA GLY I 38 11.80 -8.61 25.98
C GLY I 38 12.24 -10.04 25.79
N THR I 39 12.67 -10.44 24.58
CA THR I 39 13.13 -11.82 24.33
C THR I 39 14.25 -12.17 25.32
N CYS I 40 15.11 -11.21 25.63
CA CYS I 40 16.22 -11.43 26.56
C CYS I 40 15.70 -11.76 27.97
N THR I 41 14.71 -10.98 28.45
CA THR I 41 14.12 -11.18 29.77
C THR I 41 13.44 -12.55 29.90
N GLY I 42 12.64 -12.92 28.90
CA GLY I 42 11.97 -14.23 28.91
C GLY I 42 12.92 -15.40 28.83
N SER I 43 14.14 -15.17 28.30
CA SER I 43 15.19 -16.19 28.16
C SER I 43 16.10 -16.27 29.38
N CYS I 44 16.11 -15.22 30.20
CA CYS I 44 16.98 -15.15 31.38
C CYS I 44 16.64 -16.14 32.48
N PRO I 45 17.58 -17.04 32.85
CA PRO I 45 17.30 -17.96 33.95
C PRO I 45 17.26 -17.24 35.30
N SER I 46 18.02 -16.15 35.44
CA SER I 46 18.06 -15.38 36.69
C SER I 46 16.76 -14.59 36.87
N GLY I 47 16.21 -14.08 35.78
CA GLY I 47 14.96 -13.31 35.80
C GLY I 47 13.76 -14.13 36.24
N ARG I 48 13.86 -15.46 36.15
CA ARG I 48 12.77 -16.35 36.54
C ARG I 48 12.63 -16.49 38.06
N ARG I 49 13.61 -16.01 38.84
CA ARG I 49 13.55 -16.11 40.29
C ARG I 49 14.02 -14.85 41.03
N THR I 50 14.03 -13.70 40.34
CA THR I 50 14.43 -12.42 40.93
C THR I 50 13.70 -11.28 40.24
N SER I 51 13.99 -10.03 40.65
CA SER I 51 13.42 -8.83 40.05
C SER I 51 14.25 -8.38 38.83
N TYR I 52 15.32 -9.12 38.48
CA TYR I 52 16.18 -8.78 37.36
C TYR I 52 15.47 -8.94 36.02
N ARG I 53 15.44 -7.87 35.20
CA ARG I 53 14.81 -7.88 33.88
C ARG I 53 15.87 -7.37 32.89
N THR I 54 16.44 -8.28 32.09
CA THR I 54 17.50 -7.96 31.13
C THR I 54 17.19 -6.74 30.25
N ARG I 55 15.97 -6.66 29.72
CA ARG I 55 15.53 -5.57 28.85
C ARG I 55 15.64 -4.20 29.52
N LYS I 56 15.36 -4.13 30.82
CA LYS I 56 15.38 -2.87 31.57
C LYS I 56 16.81 -2.33 31.71
N VAL I 57 17.83 -3.21 31.69
CA VAL I 57 19.21 -2.78 31.77
C VAL I 57 19.54 -1.96 30.51
N ILE I 58 19.11 -2.45 29.35
CA ILE I 58 19.35 -1.76 28.08
C ILE I 58 18.52 -0.48 28.03
N ARG I 59 17.28 -0.54 28.55
CA ARG I 59 16.39 0.62 28.56
C ARG I 59 17.01 1.75 29.38
N LYS I 60 17.52 1.40 30.57
CA LYS I 60 18.15 2.38 31.45
C LYS I 60 19.43 2.95 30.81
N ALA I 61 20.17 2.14 30.04
CA ALA I 61 21.37 2.61 29.37
C ALA I 61 20.98 3.63 28.28
N LEU I 62 19.92 3.33 27.53
CA LEU I 62 19.45 4.20 26.46
C LEU I 62 18.77 5.46 27.01
N LEU I 63 18.00 5.31 28.09
CA LEU I 63 17.28 6.43 28.71
C LEU I 63 18.24 7.38 29.44
N GLY I 64 19.34 6.83 29.95
CA GLY I 64 20.32 7.61 30.68
C GLY I 64 20.23 7.50 32.19
N MET I 65 19.61 6.42 32.69
CA MET I 65 19.50 6.21 34.13
C MET I 65 20.77 5.54 34.61
N ASP I 66 21.73 6.35 35.09
CA ASP I 66 23.02 5.85 35.58
C ASP I 66 22.93 5.02 36.86
N ASP I 67 21.77 5.00 37.54
CA ASP I 67 21.63 4.18 38.74
C ASP I 67 21.84 2.71 38.40
N VAL I 68 21.71 2.34 37.10
CA VAL I 68 21.95 1.00 36.60
C VAL I 68 23.39 0.54 36.97
N LEU I 69 24.34 1.48 37.09
CA LEU I 69 25.72 1.15 37.46
C LEU I 69 25.80 0.78 38.95
N ASP I 70 24.87 1.29 39.77
CA ASP I 70 24.81 1.01 41.21
C ASP I 70 23.92 -0.19 41.52
N SER I 71 23.29 -0.75 40.48
CA SER I 71 22.37 -1.88 40.58
C SER I 71 23.01 -3.19 41.04
N ASP I 72 22.28 -3.95 41.87
CA ASP I 72 22.72 -5.27 42.31
C ASP I 72 22.29 -6.26 41.22
N ASP I 73 21.20 -5.91 40.49
CA ASP I 73 20.61 -6.73 39.43
C ASP I 73 21.58 -7.06 38.29
N ILE I 74 22.42 -6.10 37.85
CA ILE I 74 23.36 -6.39 36.75
C ILE I 74 24.31 -7.51 37.13
N TRP I 75 24.54 -7.70 38.45
CA TRP I 75 25.43 -8.74 38.95
C TRP I 75 24.72 -10.09 39.14
N LYS I 76 23.44 -10.20 38.73
CA LYS I 76 22.69 -11.45 38.83
C LYS I 76 22.80 -12.24 37.51
N CYS I 77 23.35 -11.61 36.46
CA CYS I 77 23.56 -12.23 35.14
C CYS I 77 24.63 -13.32 35.26
N THR I 78 24.32 -14.54 34.84
CA THR I 78 25.29 -15.63 34.92
C THR I 78 26.13 -15.72 33.65
N THR I 79 25.85 -14.85 32.66
CA THR I 79 26.54 -14.83 31.37
C THR I 79 26.30 -16.14 30.62
N CYS I 80 25.06 -16.64 30.66
CA CYS I 80 24.69 -17.88 29.98
C CYS I 80 24.60 -17.69 28.45
N TYR I 81 24.59 -16.43 27.97
CA TYR I 81 24.53 -16.09 26.54
C TYR I 81 23.19 -16.47 25.87
N THR I 82 22.14 -16.80 26.63
CA THR I 82 20.86 -17.17 25.99
C THR I 82 20.21 -15.94 25.36
N CYS I 83 20.34 -14.77 25.98
CA CYS I 83 19.78 -13.53 25.45
C CYS I 83 20.55 -13.16 24.19
N TYR I 84 21.88 -13.20 24.27
CA TYR I 84 22.80 -12.90 23.18
C TYR I 84 22.44 -13.72 21.94
N GLU I 85 22.21 -15.01 22.15
CA GLU I 85 21.87 -15.96 21.09
C GLU I 85 20.52 -15.73 20.45
N ARG I 86 19.53 -15.32 21.23
CA ARG I 86 18.17 -15.14 20.73
C ARG I 86 17.79 -13.71 20.32
N CYS I 87 18.61 -12.69 20.63
CA CYS I 87 18.23 -11.33 20.28
C CYS I 87 17.97 -11.11 18.79
N PRO I 88 16.75 -10.68 18.42
CA PRO I 88 16.45 -10.44 17.01
C PRO I 88 17.05 -9.16 16.41
N ARG I 89 17.71 -8.32 17.22
CA ARG I 89 18.31 -7.08 16.72
C ARG I 89 19.85 -7.15 16.80
N ASP I 90 20.41 -8.37 17.03
CA ASP I 90 21.85 -8.62 17.15
C ASP I 90 22.50 -7.83 18.28
N VAL I 91 21.75 -7.54 19.34
CA VAL I 91 22.34 -6.82 20.47
C VAL I 91 23.24 -7.83 21.17
N LYS I 92 24.50 -7.46 21.41
CA LYS I 92 25.47 -8.33 22.08
C LYS I 92 25.27 -8.08 23.57
N VAL I 93 24.09 -8.52 24.03
CA VAL I 93 23.56 -8.31 25.38
C VAL I 93 24.53 -8.66 26.48
N THR I 94 25.02 -9.90 26.49
CA THR I 94 25.93 -10.35 27.54
C THR I 94 27.18 -9.49 27.61
N GLU I 95 27.68 -9.02 26.46
CA GLU I 95 28.87 -8.18 26.42
C GLU I 95 28.57 -6.78 26.96
N ILE I 96 27.37 -6.25 26.69
CA ILE I 96 26.97 -4.94 27.18
C ILE I 96 26.87 -5.00 28.71
N ILE I 97 26.29 -6.09 29.25
CA ILE I 97 26.17 -6.25 30.69
C ILE I 97 27.56 -6.25 31.32
N LYS I 98 28.50 -7.03 30.76
CA LYS I 98 29.87 -7.10 31.27
C LYS I 98 30.54 -5.73 31.22
N THR I 99 30.32 -4.96 30.15
CA THR I 99 30.89 -3.62 30.00
C THR I 99 30.25 -2.70 31.05
N ILE I 100 28.95 -2.84 31.31
CA ILE I 100 28.30 -2.02 32.32
C ILE I 100 28.90 -2.37 33.70
N ARG I 101 29.20 -3.68 33.92
CA ARG I 101 29.82 -4.12 35.18
C ARG I 101 31.19 -3.50 35.36
N ASN I 102 31.91 -3.23 34.26
CA ASN I 102 33.23 -2.60 34.32
C ASN I 102 33.07 -1.19 34.88
N LEU I 103 32.06 -0.44 34.40
CA LEU I 103 31.83 0.91 34.89
C LEU I 103 31.33 0.88 36.33
N ALA I 104 30.60 -0.18 36.70
CA ALA I 104 30.12 -0.34 38.07
C ALA I 104 31.33 -0.62 38.95
N ALA I 105 32.30 -1.40 38.45
CA ALA I 105 33.52 -1.72 39.19
C ALA I 105 34.36 -0.46 39.37
N GLN I 106 34.45 0.38 38.33
CA GLN I 106 35.20 1.63 38.40
C GLN I 106 34.61 2.56 39.44
N LYS I 107 33.27 2.58 39.56
CA LYS I 107 32.58 3.43 40.52
C LYS I 107 32.67 2.88 41.96
N GLY I 108 33.22 1.67 42.13
CA GLY I 108 33.38 1.06 43.44
C GLY I 108 32.37 -0.04 43.76
N ASN I 109 31.44 -0.33 42.84
CA ASN I 109 30.43 -1.36 43.09
C ASN I 109 30.96 -2.76 42.79
N MET I 110 31.79 -3.28 43.68
CA MET I 110 32.36 -4.61 43.56
C MET I 110 32.08 -5.29 44.86
N ALA I 111 31.52 -6.50 44.82
CA ALA I 111 31.27 -7.21 46.06
C ALA I 111 32.61 -7.61 46.63
N LYS I 112 32.73 -7.60 47.96
CA LYS I 112 33.95 -7.95 48.65
C LYS I 112 34.49 -9.32 48.18
N ALA I 113 33.60 -10.33 48.08
CA ALA I 113 33.93 -11.70 47.64
C ALA I 113 34.62 -11.71 46.28
N HIS I 114 34.16 -10.85 45.36
CA HIS I 114 34.76 -10.76 44.03
C HIS I 114 36.14 -10.13 44.14
N LYS I 115 36.29 -9.11 45.00
CA LYS I 115 37.58 -8.46 45.21
C LYS I 115 38.57 -9.43 45.86
N MET I 116 38.07 -10.37 46.70
CA MET I 116 38.91 -11.39 47.34
C MET I 116 39.44 -12.35 46.26
N THR I 117 38.56 -12.75 45.33
CA THR I 117 38.93 -13.65 44.24
C THR I 117 39.98 -12.98 43.34
N ALA I 118 39.81 -11.68 43.08
CA ALA I 118 40.74 -10.91 42.26
C ALA I 118 42.09 -10.81 42.98
N MET I 119 42.06 -10.63 44.31
CA MET I 119 43.27 -10.53 45.14
C MET I 119 44.04 -11.85 45.13
N TYR I 120 43.34 -13.01 45.09
CA TYR I 120 44.01 -14.31 45.06
C TYR I 120 44.75 -14.51 43.75
N VAL I 121 44.20 -13.99 42.64
CA VAL I 121 44.83 -14.13 41.32
C VAL I 121 46.07 -13.23 41.25
N LEU I 122 46.04 -12.11 41.95
CA LEU I 122 47.14 -11.15 41.99
C LEU I 122 48.26 -11.68 42.91
N LYS I 123 47.91 -12.04 44.15
CA LYS I 123 48.88 -12.56 45.13
C LYS I 123 49.42 -13.94 44.76
N TYR I 124 48.54 -14.94 44.65
CA TYR I 124 48.91 -16.33 44.36
C TYR I 124 48.84 -16.72 42.89
N GLY I 125 48.36 -15.84 42.02
CA GLY I 125 48.25 -16.15 40.60
C GLY I 125 47.03 -16.98 40.23
N HIS I 126 46.27 -17.47 41.22
CA HIS I 126 45.10 -18.30 40.96
C HIS I 126 43.91 -17.93 41.83
N ALA I 127 42.71 -18.01 41.27
CA ALA I 127 41.46 -17.69 41.98
C ALA I 127 41.20 -18.72 43.06
N VAL I 128 41.58 -19.98 42.79
CA VAL I 128 41.44 -21.09 43.71
C VAL I 128 42.85 -21.69 43.82
N PRO I 129 43.71 -21.10 44.68
CA PRO I 129 45.09 -21.61 44.78
C PRO I 129 45.22 -22.95 45.50
N ALA I 130 46.40 -23.58 45.34
CA ALA I 130 46.72 -24.86 45.98
C ALA I 130 46.83 -24.71 47.50
N ASN I 131 46.31 -25.69 48.24
CA ASN I 131 46.34 -25.73 49.70
C ASN I 131 47.34 -26.82 50.14
N LYS I 132 47.53 -27.01 51.45
CA LYS I 132 48.43 -28.07 51.91
C LYS I 132 47.80 -29.44 51.58
N ASN I 133 46.48 -29.55 51.70
CA ASN I 133 45.74 -30.78 51.40
C ASN I 133 45.80 -31.11 49.90
N THR I 134 46.00 -30.10 49.05
CA THR I 134 46.10 -30.27 47.60
C THR I 134 47.31 -31.12 47.25
N ALA I 135 48.47 -30.78 47.81
CA ALA I 135 49.72 -31.50 47.56
C ALA I 135 49.58 -32.96 47.96
N GLU I 136 48.94 -33.22 49.11
CA GLU I 136 48.72 -34.58 49.61
C GLU I 136 47.78 -35.36 48.68
N LEU I 137 46.73 -34.70 48.20
CA LEU I 137 45.76 -35.31 47.30
C LEU I 137 46.38 -35.68 45.95
N ARG I 138 47.08 -34.74 45.32
CA ARG I 138 47.69 -34.96 44.01
C ARG I 138 48.67 -36.13 44.00
N LYS I 139 49.48 -36.27 45.07
CA LYS I 139 50.47 -37.34 45.16
C LYS I 139 49.82 -38.73 45.21
N SER I 140 48.68 -38.86 45.89
CA SER I 140 47.96 -40.13 46.02
C SER I 140 47.39 -40.62 44.70
N ILE I 141 46.89 -39.71 43.86
CA ILE I 141 46.30 -40.05 42.57
C ILE I 141 47.35 -40.54 41.58
N GLY I 142 48.55 -39.98 41.67
CA GLY I 142 49.66 -40.31 40.79
C GLY I 142 49.97 -39.17 39.84
N LEU I 143 49.90 -37.93 40.36
CA LEU I 143 50.18 -36.71 39.60
C LEU I 143 51.32 -35.99 40.32
N SER I 144 51.84 -34.90 39.75
CA SER I 144 52.93 -34.15 40.37
C SER I 144 52.42 -33.47 41.64
N GLU I 145 53.26 -33.43 42.69
CA GLU I 145 52.90 -32.79 43.97
C GLU I 145 52.34 -31.40 43.73
N LYS I 146 53.03 -30.63 42.88
CA LYS I 146 52.66 -29.26 42.53
C LYS I 146 52.43 -29.21 41.01
N ALA I 147 51.33 -28.58 40.56
CA ALA I 147 51.00 -28.50 39.13
C ALA I 147 51.90 -27.48 38.43
N PRO I 148 52.16 -27.64 37.12
CA PRO I 148 53.00 -26.66 36.42
C PRO I 148 52.21 -25.37 36.15
N ILE I 149 52.00 -24.58 37.21
CA ILE I 149 51.22 -23.35 37.13
C ILE I 149 51.95 -22.15 37.72
N ALA I 150 51.38 -20.96 37.51
CA ALA I 150 51.95 -19.69 37.97
C ALA I 150 52.14 -19.59 39.47
N GLN I 151 51.33 -20.31 40.27
CA GLN I 151 51.46 -20.27 41.72
C GLN I 151 52.87 -20.63 42.21
N PHE I 152 53.59 -21.49 41.47
CA PHE I 152 54.94 -21.93 41.85
C PHE I 152 56.06 -21.37 40.98
N SER I 153 55.73 -20.59 39.93
CA SER I 153 56.73 -20.00 39.06
C SER I 153 56.85 -18.51 39.36
N GLU I 154 57.84 -18.14 40.17
CA GLU I 154 58.11 -16.76 40.58
C GLU I 154 58.16 -15.79 39.39
N LYS I 155 58.64 -16.27 38.23
CA LYS I 155 58.74 -15.47 37.01
C LYS I 155 57.35 -15.01 36.59
N ASP I 156 56.43 -15.96 36.42
CA ASP I 156 55.07 -15.68 36.00
C ASP I 156 54.30 -14.81 37.00
N LEU I 157 54.57 -14.98 38.31
CA LEU I 157 53.90 -14.18 39.35
C LEU I 157 54.26 -12.70 39.22
N ASN I 158 55.55 -12.41 38.96
CA ASN I 158 55.99 -11.02 38.80
C ASN I 158 55.50 -10.45 37.47
N GLU I 159 55.34 -11.30 36.43
CA GLU I 159 54.84 -10.84 35.13
C GLU I 159 53.42 -10.33 35.29
N MET I 160 52.55 -11.14 35.91
CA MET I 160 51.15 -10.79 36.15
C MET I 160 51.04 -9.49 36.95
N ASN I 161 51.90 -9.31 37.96
CA ASN I 161 51.88 -8.11 38.80
C ASN I 161 52.24 -6.85 38.02
N THR I 162 53.28 -6.88 37.17
CA THR I 162 53.64 -5.70 36.39
C THR I 162 52.49 -5.33 35.44
N LEU I 163 51.80 -6.34 34.89
CA LEU I 163 50.67 -6.08 34.00
C LEU I 163 49.51 -5.49 34.82
N ILE I 164 49.19 -6.12 35.95
CA ILE I 164 48.12 -5.64 36.82
C ILE I 164 48.41 -4.20 37.28
N LYS I 165 49.68 -3.85 37.53
CA LYS I 165 50.05 -2.49 37.91
C LYS I 165 49.90 -1.55 36.71
N GLU I 166 50.31 -2.01 35.51
CA GLU I 166 50.20 -1.22 34.28
C GLU I 166 48.74 -0.94 33.91
N LEU I 167 47.85 -1.91 34.18
CA LEU I 167 46.43 -1.77 33.87
C LEU I 167 45.68 -1.01 34.97
N GLY I 168 46.28 -0.89 36.14
CA GLY I 168 45.65 -0.21 37.26
C GLY I 168 44.56 -1.05 37.89
N PHE I 169 44.61 -2.37 37.66
CA PHE I 169 43.62 -3.30 38.20
C PHE I 169 43.78 -3.36 39.72
N ASP I 170 45.00 -3.08 40.20
CA ASP I 170 45.30 -3.04 41.64
C ASP I 170 44.56 -1.86 42.26
N GLU I 171 44.57 -0.70 41.58
CA GLU I 171 43.90 0.50 42.07
C GLU I 171 42.38 0.33 42.00
N LEU I 172 41.90 -0.46 41.03
CA LEU I 172 40.47 -0.74 40.87
C LEU I 172 40.03 -1.41 42.17
N ILE I 173 40.79 -2.43 42.62
CA ILE I 173 40.52 -3.12 43.88
C ILE I 173 40.75 -2.14 45.03
N GLU J 3 -42.69 -14.17 22.41
CA GLU J 3 -43.77 -14.66 21.56
C GLU J 3 -43.93 -13.79 20.30
N TRP J 4 -44.43 -12.55 20.46
CA TRP J 4 -44.62 -11.65 19.33
C TRP J 4 -43.34 -10.87 19.05
N GLU J 5 -43.00 -10.73 17.78
CA GLU J 5 -41.85 -9.98 17.34
C GLU J 5 -42.35 -8.99 16.31
N PRO J 6 -42.03 -7.69 16.45
CA PRO J 6 -42.53 -6.72 15.48
C PRO J 6 -42.11 -6.98 14.04
N LYS J 7 -42.99 -6.62 13.11
CA LYS J 7 -42.75 -6.76 11.68
C LYS J 7 -42.43 -5.39 11.13
N ILE J 8 -41.17 -5.16 10.75
CA ILE J 8 -40.77 -3.86 10.23
C ILE J 8 -40.29 -3.97 8.79
N ILE J 9 -40.68 -3.01 7.96
CA ILE J 9 -40.27 -2.98 6.56
C ILE J 9 -39.45 -1.72 6.36
N GLY J 10 -38.38 -1.84 5.58
CA GLY J 10 -37.49 -0.73 5.32
C GLY J 10 -37.38 -0.40 3.85
N PHE J 11 -37.20 0.89 3.54
CA PHE J 11 -37.01 1.37 2.19
C PHE J 11 -35.71 2.15 2.24
N CYS J 12 -34.65 1.64 1.61
CA CYS J 12 -33.34 2.30 1.67
C CYS J 12 -32.81 2.61 0.30
N CYS J 13 -32.31 3.85 0.12
CA CYS J 13 -31.76 4.25 -1.18
C CYS J 13 -30.43 3.55 -1.41
N ASN J 14 -30.22 3.16 -2.65
CA ASN J 14 -29.03 2.43 -3.06
C ASN J 14 -27.71 3.13 -2.77
N TRP J 15 -27.65 4.43 -3.04
CA TRP J 15 -26.41 5.17 -2.89
C TRP J 15 -25.97 5.45 -1.46
N CYS J 16 -26.90 5.58 -0.51
CA CYS J 16 -26.51 5.85 0.84
C CYS J 16 -27.01 4.85 1.87
N THR J 17 -28.28 4.94 2.31
CA THR J 17 -28.74 4.04 3.37
C THR J 17 -28.59 2.54 3.07
N TYR J 18 -28.82 2.09 1.83
CA TYR J 18 -28.63 0.67 1.55
C TYR J 18 -27.16 0.32 1.78
N GLY J 19 -26.26 1.25 1.43
CA GLY J 19 -24.83 1.11 1.65
C GLY J 19 -24.50 1.17 3.13
N GLY J 20 -25.18 2.05 3.86
CA GLY J 20 -25.00 2.18 5.30
C GLY J 20 -25.40 0.90 6.00
N ALA J 21 -26.43 0.21 5.48
CA ALA J 21 -26.89 -1.06 6.04
C ALA J 21 -25.85 -2.13 5.70
N ASP J 22 -25.23 -2.01 4.51
CA ASP J 22 -24.18 -2.93 4.05
C ASP J 22 -22.94 -2.79 4.95
N THR J 23 -22.59 -1.55 5.31
CA THR J 23 -21.44 -1.21 6.17
C THR J 23 -21.64 -1.81 7.57
N ALA J 24 -22.85 -1.72 8.11
CA ALA J 24 -23.16 -2.30 9.42
C ALA J 24 -22.93 -3.81 9.36
N GLY J 25 -23.26 -4.42 8.23
CA GLY J 25 -23.05 -5.85 8.01
C GLY J 25 -21.58 -6.19 7.94
N VAL J 26 -20.82 -5.48 7.12
CA VAL J 26 -19.38 -5.72 7.00
C VAL J 26 -18.71 -5.59 8.38
N GLY J 27 -19.16 -4.61 9.16
CA GLY J 27 -18.62 -4.37 10.50
C GLY J 27 -19.17 -5.28 11.57
N ARG J 28 -20.08 -6.21 11.21
CA ARG J 28 -20.72 -7.14 12.14
C ARG J 28 -21.39 -6.39 13.30
N MET J 29 -22.05 -5.27 12.95
CA MET J 29 -22.75 -4.42 13.91
C MET J 29 -24.14 -5.02 14.06
N GLN J 30 -24.33 -5.80 15.15
CA GLN J 30 -25.60 -6.50 15.38
C GLN J 30 -26.77 -5.58 15.69
N TYR J 31 -27.96 -5.96 15.20
CA TYR J 31 -29.19 -5.23 15.47
C TYR J 31 -30.38 -6.20 15.35
N PRO J 32 -31.58 -5.82 15.84
CA PRO J 32 -32.71 -6.76 15.82
C PRO J 32 -33.18 -7.26 14.44
N PRO J 33 -33.55 -8.55 14.35
CA PRO J 33 -33.99 -9.12 13.06
C PRO J 33 -35.45 -8.89 12.67
N SER J 34 -36.04 -7.73 12.99
CA SER J 34 -37.44 -7.46 12.63
C SER J 34 -37.55 -6.85 11.23
N ILE J 35 -36.62 -5.96 10.88
CA ILE J 35 -36.65 -5.28 9.58
C ILE J 35 -36.26 -6.17 8.39
N ARG J 36 -36.87 -5.89 7.24
CA ARG J 36 -36.59 -6.50 5.95
C ARG J 36 -36.49 -5.29 5.04
N ILE J 37 -35.30 -5.03 4.50
CA ILE J 37 -35.08 -3.85 3.67
C ILE J 37 -35.38 -4.04 2.20
N ILE J 38 -36.00 -3.02 1.59
CA ILE J 38 -36.33 -2.99 0.17
C ILE J 38 -35.44 -1.92 -0.45
N ARG J 39 -34.76 -2.23 -1.55
CA ARG J 39 -33.89 -1.26 -2.20
C ARG J 39 -34.63 -0.45 -3.24
N VAL J 40 -34.27 0.83 -3.33
CA VAL J 40 -34.78 1.78 -4.32
C VAL J 40 -33.53 2.57 -4.72
N MET J 41 -33.56 3.30 -5.82
CA MET J 41 -32.37 4.04 -6.23
C MET J 41 -32.24 5.35 -5.47
N CYS J 42 -33.36 5.90 -5.01
CA CYS J 42 -33.38 7.19 -4.33
C CYS J 42 -34.52 7.22 -3.35
N SER J 43 -34.40 7.98 -2.25
CA SER J 43 -35.51 8.10 -1.30
C SER J 43 -36.66 8.86 -1.99
N GLY J 44 -36.33 9.55 -3.08
CA GLY J 44 -37.31 10.26 -3.88
C GLY J 44 -38.31 9.30 -4.53
N ARG J 45 -37.96 8.00 -4.60
CA ARG J 45 -38.85 6.97 -5.15
C ARG J 45 -39.96 6.65 -4.15
N ILE J 46 -39.72 6.90 -2.85
CA ILE J 46 -40.70 6.59 -1.82
C ILE J 46 -41.83 7.61 -1.79
N GLU J 47 -43.04 7.10 -1.64
CA GLU J 47 -44.23 7.93 -1.59
C GLU J 47 -45.26 7.27 -0.68
N PRO J 48 -46.31 8.00 -0.27
CA PRO J 48 -47.31 7.41 0.65
C PRO J 48 -47.90 6.05 0.27
N SER J 49 -48.16 5.80 -1.01
CA SER J 49 -48.78 4.52 -1.43
C SER J 49 -48.00 3.31 -0.94
N LEU J 50 -46.67 3.36 -1.04
CA LEU J 50 -45.80 2.25 -0.60
C LEU J 50 -45.84 2.06 0.92
N ILE J 51 -45.83 3.16 1.67
CA ILE J 51 -45.85 3.11 3.13
C ILE J 51 -47.20 2.58 3.60
N LEU J 52 -48.28 3.12 3.04
CA LEU J 52 -49.64 2.71 3.41
C LEU J 52 -49.89 1.26 3.03
N LYS J 53 -49.30 0.82 1.92
CA LYS J 53 -49.41 -0.56 1.45
C LYS J 53 -48.76 -1.47 2.50
N ALA J 54 -47.61 -1.05 3.07
CA ALA J 54 -46.91 -1.83 4.08
C ALA J 54 -47.76 -2.02 5.33
N PHE J 55 -48.48 -0.97 5.75
CA PHE J 55 -49.35 -1.06 6.92
C PHE J 55 -50.53 -2.00 6.67
N LYS J 56 -51.14 -1.91 5.48
CA LYS J 56 -52.26 -2.79 5.10
C LYS J 56 -51.85 -4.26 5.19
N GLU J 57 -50.64 -4.57 4.72
CA GLU J 57 -50.13 -5.94 4.72
C GLU J 57 -49.81 -6.49 6.11
N GLY J 58 -49.63 -5.61 7.09
CA GLY J 58 -49.37 -6.04 8.46
C GLY J 58 -48.15 -5.43 9.12
N ALA J 59 -47.53 -4.40 8.53
CA ALA J 59 -46.35 -3.79 9.15
C ALA J 59 -46.67 -3.11 10.47
N ASP J 60 -45.83 -3.39 11.49
CA ASP J 60 -45.95 -2.76 12.80
C ASP J 60 -45.17 -1.47 12.77
N GLY J 61 -44.16 -1.41 11.91
CA GLY J 61 -43.33 -0.23 11.73
C GLY J 61 -42.81 -0.12 10.31
N VAL J 62 -42.59 1.10 9.82
CA VAL J 62 -42.07 1.29 8.48
C VAL J 62 -40.89 2.25 8.57
N PHE J 63 -39.74 1.87 8.00
CA PHE J 63 -38.54 2.70 8.04
C PHE J 63 -38.16 3.15 6.64
N VAL J 64 -37.71 4.41 6.52
CA VAL J 64 -37.27 4.95 5.24
C VAL J 64 -35.91 5.63 5.42
N GLY J 65 -34.92 5.16 4.67
CA GLY J 65 -33.56 5.69 4.74
C GLY J 65 -33.11 6.34 3.45
N GLY J 66 -32.57 7.56 3.56
CA GLY J 66 -32.09 8.30 2.39
C GLY J 66 -30.80 9.05 2.63
N CYS J 67 -30.31 9.77 1.61
CA CYS J 67 -29.08 10.55 1.71
C CYS J 67 -29.30 11.75 2.60
N HIS J 68 -28.22 12.32 3.15
CA HIS J 68 -28.34 13.53 3.95
C HIS J 68 -28.85 14.65 3.07
N LEU J 69 -29.61 15.58 3.63
CA LEU J 69 -30.16 16.66 2.83
C LEU J 69 -29.00 17.44 2.23
N GLY J 70 -28.93 17.43 0.90
CA GLY J 70 -27.87 18.08 0.14
C GLY J 70 -26.89 17.09 -0.47
N ASP J 71 -26.96 15.81 -0.04
CA ASP J 71 -26.07 14.73 -0.49
C ASP J 71 -26.76 13.71 -1.41
N CYS J 72 -28.00 13.95 -1.84
CA CYS J 72 -28.70 13.00 -2.72
C CYS J 72 -27.88 12.69 -3.94
N HIS J 73 -27.76 11.40 -4.31
CA HIS J 73 -26.99 11.02 -5.50
C HIS J 73 -27.62 11.64 -6.73
N TYR J 74 -28.94 11.88 -6.68
CA TYR J 74 -29.66 12.49 -7.78
C TYR J 74 -30.06 13.93 -7.44
N ASP J 75 -29.15 14.62 -6.71
CA ASP J 75 -29.25 16.03 -6.31
C ASP J 75 -30.38 16.41 -5.34
N SER J 76 -31.66 16.12 -5.67
CA SER J 76 -32.72 16.59 -4.78
C SER J 76 -33.93 15.66 -4.56
N GLY J 77 -33.79 14.38 -4.84
CA GLY J 77 -34.88 13.44 -4.63
C GLY J 77 -35.35 13.39 -3.19
N ASN J 78 -34.41 13.46 -2.24
CA ASN J 78 -34.72 13.43 -0.81
C ASN J 78 -35.56 14.59 -0.28
N TYR J 79 -35.51 15.73 -0.99
CA TYR J 79 -36.28 16.91 -0.59
C TYR J 79 -37.75 16.66 -0.86
N LYS J 80 -38.06 15.92 -1.94
CA LYS J 80 -39.44 15.59 -2.28
C LYS J 80 -39.94 14.60 -1.26
N TRP J 81 -39.14 13.55 -0.97
CA TRP J 81 -39.53 12.57 0.02
C TRP J 81 -39.75 13.26 1.38
N GLN J 82 -38.90 14.21 1.76
CA GLN J 82 -39.08 14.88 3.04
C GLN J 82 -40.42 15.62 3.12
N ARG J 83 -40.88 16.22 2.00
CA ARG J 83 -42.17 16.90 2.02
C ARG J 83 -43.29 15.88 2.15
N ARG J 84 -43.15 14.71 1.48
CA ARG J 84 -44.15 13.65 1.52
C ARG J 84 -44.28 13.03 2.90
N VAL J 85 -43.15 12.70 3.53
CA VAL J 85 -43.17 12.07 4.85
C VAL J 85 -43.81 12.94 5.92
N MET J 86 -43.64 14.28 5.84
CA MET J 86 -44.21 15.14 6.87
C MET J 86 -45.73 15.13 6.83
N MET J 87 -46.30 15.03 5.63
CA MET J 87 -47.74 14.95 5.46
C MET J 87 -48.21 13.57 5.90
N LEU J 88 -47.41 12.56 5.57
CA LEU J 88 -47.70 11.18 5.89
C LEU J 88 -47.79 10.92 7.38
N TYR J 89 -46.93 11.56 8.18
CA TYR J 89 -46.94 11.40 9.63
C TYR J 89 -48.30 11.79 10.19
N GLU J 90 -48.84 12.91 9.71
CA GLU J 90 -50.13 13.41 10.16
C GLU J 90 -51.30 12.64 9.56
N LEU J 91 -51.16 12.12 8.34
CA LEU J 91 -52.23 11.32 7.73
C LEU J 91 -52.38 10.04 8.55
N LEU J 92 -51.27 9.43 8.94
CA LEU J 92 -51.27 8.21 9.75
C LEU J 92 -52.02 8.45 11.06
N GLU J 93 -51.77 9.59 11.74
CA GLU J 93 -52.43 9.90 13.01
C GLU J 93 -53.94 10.00 12.83
N GLU J 94 -54.41 10.55 11.70
CA GLU J 94 -55.84 10.65 11.41
C GLU J 94 -56.45 9.27 11.23
N LEU J 95 -55.65 8.31 10.74
CA LEU J 95 -56.10 6.93 10.52
C LEU J 95 -55.92 6.07 11.78
N GLY J 96 -55.52 6.67 12.88
CA GLY J 96 -55.30 5.96 14.13
C GLY J 96 -54.04 5.13 14.18
N ILE J 97 -53.07 5.41 13.28
CA ILE J 97 -51.80 4.72 13.23
C ILE J 97 -50.79 5.67 13.85
N GLU J 98 -50.16 5.25 14.94
CA GLU J 98 -49.21 6.13 15.64
C GLU J 98 -48.09 6.63 14.72
N LYS J 99 -47.85 7.96 14.78
CA LYS J 99 -46.83 8.68 14.04
C LYS J 99 -45.49 7.94 14.14
N GLU J 100 -45.22 7.43 15.34
CA GLU J 100 -43.99 6.73 15.71
C GLU J 100 -43.80 5.39 15.00
N ARG J 101 -44.85 4.86 14.33
CA ARG J 101 -44.74 3.60 13.60
C ARG J 101 -44.05 3.83 12.26
N LEU J 102 -43.82 5.11 11.92
CA LEU J 102 -43.13 5.49 10.71
C LEU J 102 -41.86 6.19 11.16
N ASN J 103 -40.71 5.85 10.57
CA ASN J 103 -39.46 6.48 10.95
C ASN J 103 -38.66 6.73 9.71
N HIS J 104 -38.15 7.94 9.55
CA HIS J 104 -37.34 8.29 8.40
C HIS J 104 -36.03 8.85 8.92
N GLU J 105 -34.92 8.48 8.28
CA GLU J 105 -33.60 8.95 8.71
C GLU J 105 -32.72 9.17 7.51
N TRP J 106 -31.71 10.00 7.70
CA TRP J 106 -30.74 10.30 6.66
C TRP J 106 -29.49 9.59 7.10
N ILE J 107 -29.07 8.54 6.38
CA ILE J 107 -27.91 7.73 6.75
C ILE J 107 -27.01 7.52 5.53
N SER J 108 -25.76 7.97 5.60
CA SER J 108 -24.81 7.84 4.48
C SER J 108 -24.33 6.41 4.23
N ALA J 109 -23.61 6.23 3.12
CA ALA J 109 -23.05 4.94 2.68
C ALA J 109 -22.13 4.28 3.69
N SER J 110 -21.42 5.06 4.52
CA SER J 110 -20.48 4.51 5.51
C SER J 110 -21.00 4.58 6.94
N GLU J 111 -22.21 5.12 7.15
CA GLU J 111 -22.73 5.26 8.51
C GLU J 111 -23.37 3.97 9.02
N GLY J 112 -22.55 2.95 9.24
CA GLY J 112 -23.00 1.66 9.73
C GLY J 112 -23.43 1.72 11.18
N GLU J 113 -22.64 2.44 12.01
CA GLU J 113 -22.96 2.60 13.43
C GLU J 113 -24.30 3.30 13.58
N LYS J 114 -24.53 4.37 12.82
CA LYS J 114 -25.79 5.10 12.87
C LYS J 114 -26.93 4.18 12.47
N PHE J 115 -26.74 3.41 11.40
CA PHE J 115 -27.76 2.48 10.93
C PHE J 115 -28.07 1.46 12.03
N GLN J 116 -27.03 0.88 12.64
CA GLN J 116 -27.19 -0.09 13.72
C GLN J 116 -28.03 0.48 14.86
N ASN J 117 -27.64 1.66 15.35
CA ASN J 117 -28.33 2.32 16.47
C ASN J 117 -29.75 2.72 16.08
N THR J 118 -29.95 3.14 14.83
CA THR J 118 -31.27 3.52 14.34
C THR J 118 -32.18 2.29 14.34
N MET J 119 -31.65 1.13 13.92
CA MET J 119 -32.43 -0.12 13.90
C MET J 119 -32.78 -0.55 15.32
N LYS J 120 -31.84 -0.39 16.25
CA LYS J 120 -32.07 -0.75 17.65
C LYS J 120 -33.16 0.13 18.24
N ASP J 121 -33.04 1.45 18.05
CA ASP J 121 -34.00 2.41 18.58
C ASP J 121 -35.38 2.21 17.97
N PHE J 122 -35.46 2.03 16.66
CA PHE J 122 -36.75 1.83 16.01
C PHE J 122 -37.41 0.52 16.44
N TYR J 123 -36.61 -0.54 16.65
CA TYR J 123 -37.16 -1.81 17.10
C TYR J 123 -37.77 -1.65 18.49
N ASN J 124 -37.03 -1.01 19.42
CA ASN J 124 -37.50 -0.80 20.79
C ASN J 124 -38.76 0.05 20.82
N LYS J 125 -38.88 1.04 19.91
CA LYS J 125 -40.06 1.90 19.86
C LYS J 125 -41.28 1.11 19.41
N ILE J 126 -41.13 0.27 18.37
CA ILE J 126 -42.23 -0.55 17.85
C ILE J 126 -42.59 -1.63 18.87
N GLU J 127 -41.57 -2.30 19.43
CA GLU J 127 -41.77 -3.36 20.41
C GLU J 127 -42.57 -2.81 21.61
N ALA J 128 -42.26 -1.58 22.05
CA ALA J 128 -42.95 -0.95 23.18
C ALA J 128 -44.39 -0.58 22.82
N LEU J 129 -44.62 -0.15 21.57
CA LEU J 129 -45.96 0.21 21.09
C LEU J 129 -46.85 -1.03 20.98
N GLY J 130 -46.25 -2.19 20.76
CA GLY J 130 -47.00 -3.43 20.59
C GLY J 130 -47.40 -3.58 19.14
N PRO J 131 -48.15 -4.63 18.78
CA PRO J 131 -48.53 -4.78 17.36
C PRO J 131 -49.56 -3.78 16.86
N CYS J 132 -49.53 -3.51 15.55
CA CYS J 132 -50.49 -2.64 14.89
C CYS J 132 -51.70 -3.52 14.58
N LYS J 133 -52.90 -3.09 14.99
CA LYS J 133 -54.12 -3.88 14.79
C LYS J 133 -54.85 -3.68 13.48
N LEU J 134 -54.24 -2.98 12.51
CA LEU J 134 -54.90 -2.75 11.24
C LEU J 134 -55.32 -4.04 10.54
N LYS J 135 -54.38 -4.94 10.28
CA LYS J 135 -54.69 -6.20 9.60
C LYS J 135 -55.71 -7.04 10.39
N GLU J 136 -55.68 -6.98 11.73
CA GLU J 136 -56.63 -7.73 12.57
C GLU J 136 -58.04 -7.21 12.30
N GLU J 137 -58.19 -5.88 12.22
CA GLU J 137 -59.48 -5.24 11.98
C GLU J 137 -59.96 -5.43 10.53
N LEU J 138 -59.06 -5.41 9.56
CA LEU J 138 -59.46 -5.59 8.16
C LEU J 138 -59.84 -7.03 7.84
N ASP J 139 -59.24 -8.01 8.54
CA ASP J 139 -59.54 -9.42 8.32
C ASP J 139 -60.90 -9.79 8.92
N LYS J 140 -61.39 -9.00 9.90
CA LYS J 140 -62.69 -9.27 10.53
C LYS J 140 -63.83 -9.12 9.52
N VAL K 2 -80.41 -8.13 -24.58
CA VAL K 2 -80.15 -9.20 -23.63
C VAL K 2 -80.87 -8.95 -22.30
N LYS K 3 -80.93 -9.96 -21.44
CA LYS K 3 -81.58 -9.83 -20.13
C LYS K 3 -80.67 -9.10 -19.17
N ILE K 4 -81.07 -7.90 -18.71
CA ILE K 4 -80.26 -7.14 -17.77
C ILE K 4 -81.06 -6.86 -16.51
N ALA K 5 -80.34 -6.69 -15.40
CA ALA K 5 -80.95 -6.42 -14.12
C ALA K 5 -80.14 -5.36 -13.41
N THR K 6 -80.78 -4.61 -12.53
CA THR K 6 -80.08 -3.60 -11.76
C THR K 6 -80.47 -3.73 -10.31
N THR K 7 -79.65 -3.24 -9.41
CA THR K 7 -79.96 -3.23 -7.99
C THR K 7 -79.12 -2.18 -7.32
N TRP K 8 -79.42 -1.91 -6.05
CA TRP K 8 -78.71 -0.92 -5.27
C TRP K 8 -78.39 -1.42 -3.89
N LEU K 9 -77.21 -1.05 -3.40
CA LEU K 9 -76.71 -1.45 -2.09
C LEU K 9 -76.60 -0.21 -1.17
N GLY K 10 -75.39 0.16 -0.77
CA GLY K 10 -75.15 1.30 0.11
C GLY K 10 -74.91 2.65 -0.57
N GLY K 11 -75.57 2.89 -1.69
CA GLY K 11 -75.45 4.13 -2.43
C GLY K 11 -76.54 5.14 -2.17
N CYS K 12 -76.80 6.02 -3.16
CA CYS K 12 -77.78 7.09 -3.06
C CYS K 12 -78.85 7.10 -4.14
N SER K 13 -78.77 6.23 -5.17
CA SER K 13 -79.69 6.13 -6.31
C SER K 13 -79.21 6.97 -7.48
N GLY K 14 -78.24 7.84 -7.26
CA GLY K 14 -77.71 8.73 -8.28
C GLY K 14 -77.28 8.08 -9.58
N CYS K 15 -76.83 6.83 -9.53
CA CYS K 15 -76.40 6.14 -10.75
C CYS K 15 -77.59 5.70 -11.57
N HIS K 16 -78.64 5.25 -10.89
CA HIS K 16 -79.88 4.87 -11.57
C HIS K 16 -80.48 6.15 -12.16
N ILE K 17 -80.39 7.26 -11.43
CA ILE K 17 -80.89 8.54 -11.95
C ILE K 17 -80.07 8.95 -13.16
N SER K 18 -78.74 8.69 -13.15
CA SER K 18 -77.93 9.03 -14.32
C SER K 18 -78.34 8.17 -15.52
N LEU K 19 -78.71 6.91 -15.27
CA LEU K 19 -79.18 6.03 -16.33
C LEU K 19 -80.49 6.60 -16.90
N LEU K 20 -81.36 7.13 -16.02
CA LEU K 20 -82.62 7.75 -16.46
C LEU K 20 -82.32 9.04 -17.19
N ASP K 21 -81.17 9.67 -16.91
CA ASP K 21 -80.79 10.90 -17.59
C ASP K 21 -80.33 10.66 -19.04
N LEU K 22 -80.56 9.44 -19.57
CA LEU K 22 -80.30 9.14 -20.97
C LEU K 22 -81.49 9.79 -21.69
N HIS K 23 -82.59 9.99 -20.94
CA HIS K 23 -83.81 10.62 -21.41
C HIS K 23 -84.43 9.84 -22.58
N GLU K 24 -84.68 10.49 -23.72
CA GLU K 24 -85.26 9.82 -24.89
C GLU K 24 -84.47 8.55 -25.25
N GLU K 25 -83.12 8.57 -25.05
CA GLU K 25 -82.27 7.42 -25.36
C GLU K 25 -82.52 6.23 -24.45
N LEU K 26 -83.09 6.44 -23.25
CA LEU K 26 -83.36 5.34 -22.34
C LEU K 26 -84.36 4.37 -22.98
N LEU K 27 -85.38 4.91 -23.66
CA LEU K 27 -86.41 4.11 -24.32
C LEU K 27 -85.79 3.32 -25.46
N ASN K 28 -84.84 3.92 -26.18
CA ASN K 28 -84.16 3.23 -27.28
C ASN K 28 -83.31 2.09 -26.72
N LEU K 29 -82.68 2.30 -25.56
CA LEU K 29 -81.86 1.27 -24.93
C LEU K 29 -82.75 0.11 -24.47
N LEU K 30 -83.91 0.42 -23.88
CA LEU K 30 -84.82 -0.62 -23.40
C LEU K 30 -85.49 -1.41 -24.54
N GLU K 31 -85.38 -0.95 -25.80
CA GLU K 31 -85.93 -1.69 -26.94
C GLU K 31 -84.94 -2.83 -27.25
N ASN K 32 -83.64 -2.56 -27.05
CA ASN K 32 -82.56 -3.51 -27.32
C ASN K 32 -82.14 -4.33 -26.10
N VAL K 33 -82.87 -4.21 -24.98
CA VAL K 33 -82.55 -4.95 -23.77
C VAL K 33 -83.83 -5.37 -23.05
N GLU K 34 -83.77 -6.47 -22.29
CA GLU K 34 -84.90 -6.97 -21.52
C GLU K 34 -84.61 -6.67 -20.05
N LEU K 35 -85.25 -5.63 -19.48
CA LEU K 35 -85.02 -5.29 -18.07
C LEU K 35 -85.87 -6.23 -17.23
N VAL K 36 -85.23 -7.23 -16.61
CA VAL K 36 -85.94 -8.24 -15.82
C VAL K 36 -86.05 -7.92 -14.34
N HIS K 37 -85.26 -6.96 -13.85
CA HIS K 37 -85.29 -6.59 -12.44
C HIS K 37 -84.67 -5.21 -12.30
N CYS K 38 -85.33 -4.34 -11.53
CA CYS K 38 -84.91 -2.96 -11.30
C CYS K 38 -85.88 -2.42 -10.25
N PRO K 39 -85.54 -2.48 -8.96
CA PRO K 39 -86.49 -2.06 -7.92
C PRO K 39 -87.13 -0.69 -8.10
N VAL K 40 -86.37 0.31 -8.53
CA VAL K 40 -86.91 1.67 -8.70
C VAL K 40 -87.93 1.76 -9.83
N LEU K 41 -87.86 0.87 -10.83
CA LEU K 41 -88.80 0.93 -11.95
C LEU K 41 -89.86 -0.16 -12.01
N MET K 42 -89.59 -1.36 -11.51
CA MET K 42 -90.57 -2.44 -11.61
C MET K 42 -90.76 -3.21 -10.33
N ASP K 43 -91.83 -4.02 -10.30
CA ASP K 43 -92.20 -4.78 -9.12
C ASP K 43 -91.74 -6.23 -9.09
N VAL K 44 -90.68 -6.57 -9.83
CA VAL K 44 -90.14 -7.92 -9.79
C VAL K 44 -89.34 -7.93 -8.50
N LYS K 45 -89.82 -8.64 -7.49
CA LYS K 45 -89.20 -8.65 -6.17
C LYS K 45 -87.91 -9.42 -6.08
N GLU K 46 -87.87 -10.63 -6.67
CA GLU K 46 -86.68 -11.47 -6.60
C GLU K 46 -85.85 -11.37 -7.88
N ILE K 47 -84.54 -11.52 -7.74
CA ILE K 47 -83.64 -11.48 -8.88
C ILE K 47 -83.86 -12.79 -9.64
N PRO K 48 -84.20 -12.75 -10.93
CA PRO K 48 -84.42 -14.01 -11.65
C PRO K 48 -83.13 -14.69 -12.06
N ASP K 49 -83.23 -15.93 -12.51
CA ASP K 49 -82.06 -16.67 -12.98
C ASP K 49 -81.78 -16.24 -14.43
N GLU K 50 -80.68 -16.72 -15.01
CA GLU K 50 -80.32 -16.44 -16.40
C GLU K 50 -80.12 -14.94 -16.74
N VAL K 51 -79.71 -14.11 -15.76
CA VAL K 51 -79.45 -12.69 -16.03
C VAL K 51 -78.09 -12.62 -16.78
N GLU K 52 -78.01 -11.79 -17.83
CA GLU K 52 -76.78 -11.66 -18.62
C GLU K 52 -75.88 -10.58 -18.03
N VAL K 53 -76.39 -9.36 -17.90
CA VAL K 53 -75.63 -8.23 -17.36
C VAL K 53 -76.32 -7.70 -16.12
N ALA K 54 -75.53 -7.42 -15.07
CA ALA K 54 -76.07 -6.88 -13.84
C ALA K 54 -75.37 -5.58 -13.50
N LEU K 55 -76.13 -4.50 -13.27
CA LEU K 55 -75.58 -3.20 -12.88
C LEU K 55 -75.83 -3.08 -11.39
N ILE K 56 -74.78 -3.22 -10.57
CA ILE K 56 -74.93 -3.14 -9.12
C ILE K 56 -74.45 -1.78 -8.65
N GLU K 57 -75.36 -0.96 -8.13
CA GLU K 57 -75.02 0.37 -7.62
C GLU K 57 -74.77 0.28 -6.12
N GLY K 58 -73.89 1.14 -5.62
CA GLY K 58 -73.59 1.21 -4.19
C GLY K 58 -72.56 0.21 -3.71
N GLY K 59 -71.95 0.55 -2.58
CA GLY K 59 -70.96 -0.31 -1.95
C GLY K 59 -71.63 -1.14 -0.88
N ILE K 60 -70.86 -1.93 -0.12
CA ILE K 60 -71.43 -2.78 0.91
C ILE K 60 -71.45 -2.09 2.28
N ARG K 61 -72.65 -1.83 2.78
CA ARG K 61 -72.87 -1.17 4.08
C ARG K 61 -73.49 -2.12 5.11
N ASN K 62 -74.36 -3.03 4.70
CA ASN K 62 -75.00 -3.94 5.65
C ASN K 62 -75.06 -5.39 5.16
N GLU K 63 -75.48 -6.30 6.04
CA GLU K 63 -75.56 -7.73 5.73
C GLU K 63 -76.52 -8.05 4.59
N GLU K 64 -77.55 -7.22 4.36
CA GLU K 64 -78.49 -7.45 3.27
C GLU K 64 -77.84 -7.11 1.95
N ASN K 65 -76.97 -6.09 1.92
CA ASN K 65 -76.24 -5.69 0.71
C ASN K 65 -75.31 -6.82 0.31
N LEU K 66 -74.67 -7.42 1.31
CA LEU K 66 -73.76 -8.54 1.11
C LEU K 66 -74.52 -9.72 0.50
N GLU K 67 -75.71 -10.04 1.04
CA GLU K 67 -76.54 -11.14 0.55
C GLU K 67 -76.99 -10.89 -0.89
N ILE K 68 -77.42 -9.68 -1.21
CA ILE K 68 -77.88 -9.33 -2.56
C ILE K 68 -76.73 -9.37 -3.57
N ALA K 69 -75.54 -8.91 -3.18
CA ALA K 69 -74.38 -8.92 -4.05
C ALA K 69 -74.06 -10.36 -4.45
N LYS K 70 -74.05 -11.27 -3.45
CA LYS K 70 -73.79 -12.69 -3.68
C LYS K 70 -74.92 -13.31 -4.49
N GLU K 71 -76.16 -12.90 -4.24
CA GLU K 71 -77.33 -13.41 -4.95
C GLU K 71 -77.25 -13.02 -6.43
N MET K 72 -76.98 -11.74 -6.70
CA MET K 72 -76.85 -11.24 -8.07
C MET K 72 -75.65 -11.87 -8.77
N ARG K 73 -74.56 -12.12 -8.03
CA ARG K 73 -73.37 -12.73 -8.62
C ARG K 73 -73.69 -14.15 -9.10
N GLU K 74 -74.49 -14.91 -8.33
CA GLU K 74 -74.87 -16.28 -8.70
C GLU K 74 -75.91 -16.32 -9.83
N ARG K 75 -76.75 -15.28 -9.96
CA ARG K 75 -77.77 -15.21 -10.99
C ARG K 75 -77.29 -14.51 -12.28
N ALA K 76 -76.27 -13.66 -12.19
CA ALA K 76 -75.75 -12.91 -13.34
C ALA K 76 -74.48 -13.50 -13.94
N LYS K 77 -74.35 -13.41 -15.27
CA LYS K 77 -73.18 -13.89 -16.00
C LYS K 77 -72.10 -12.80 -15.93
N ILE K 78 -72.51 -11.54 -16.12
CA ILE K 78 -71.60 -10.39 -16.06
C ILE K 78 -72.09 -9.47 -14.96
N VAL K 79 -71.19 -9.06 -14.06
CA VAL K 79 -71.51 -8.16 -12.96
C VAL K 79 -70.73 -6.87 -13.15
N ILE K 80 -71.40 -5.73 -13.04
CA ILE K 80 -70.75 -4.44 -13.21
C ILE K 80 -70.87 -3.63 -11.94
N ALA K 81 -69.73 -3.13 -11.41
CA ALA K 81 -69.76 -2.27 -10.24
C ALA K 81 -70.18 -0.93 -10.82
N PHE K 82 -71.45 -0.59 -10.63
CA PHE K 82 -72.03 0.62 -11.20
C PHE K 82 -71.81 1.86 -10.38
N GLY K 83 -70.84 2.67 -10.77
CA GLY K 83 -70.57 3.92 -10.07
C GLY K 83 -69.49 3.83 -9.01
N THR K 84 -69.04 5.00 -8.56
CA THR K 84 -67.98 5.16 -7.56
C THR K 84 -68.26 4.47 -6.22
N CYS K 85 -69.51 4.40 -5.76
CA CYS K 85 -69.77 3.73 -4.49
C CYS K 85 -69.46 2.23 -4.63
N ALA K 86 -69.95 1.60 -5.70
CA ALA K 86 -69.74 0.18 -5.96
C ALA K 86 -68.28 -0.09 -6.26
N ALA K 87 -67.68 0.77 -7.09
CA ALA K 87 -66.29 0.64 -7.50
C ALA K 87 -65.27 0.99 -6.43
N PHE K 88 -65.47 2.05 -5.64
CA PHE K 88 -64.50 2.47 -4.63
C PHE K 88 -65.02 2.68 -3.19
N GLY K 89 -66.33 2.63 -2.96
CA GLY K 89 -66.88 2.83 -1.63
C GLY K 89 -67.73 4.08 -1.51
N GLY K 90 -67.25 5.16 -2.11
CA GLY K 90 -67.95 6.43 -2.14
C GLY K 90 -67.94 7.21 -0.85
N VAL K 91 -68.76 8.27 -0.81
CA VAL K 91 -68.90 9.15 0.36
C VAL K 91 -69.33 8.37 1.60
N PRO K 92 -70.26 7.39 1.51
CA PRO K 92 -70.62 6.64 2.73
C PRO K 92 -69.40 5.98 3.39
N GLY K 93 -68.38 5.74 2.60
CA GLY K 93 -67.12 5.18 3.07
C GLY K 93 -66.47 6.00 4.17
N LEU K 94 -66.79 7.30 4.26
CA LEU K 94 -66.21 8.14 5.33
C LEU K 94 -66.67 7.69 6.71
N GLY K 95 -67.70 6.85 6.78
CA GLY K 95 -68.17 6.29 8.04
C GLY K 95 -67.14 5.34 8.63
N ASN K 96 -66.18 4.89 7.78
CA ASN K 96 -65.10 4.00 8.20
C ASN K 96 -64.15 4.68 9.19
N LEU K 97 -64.26 6.00 9.33
CA LEU K 97 -63.46 6.79 10.25
C LEU K 97 -64.06 6.71 11.65
N TYR K 98 -65.21 6.06 11.78
CA TYR K 98 -65.92 5.90 13.04
C TYR K 98 -66.37 4.48 13.18
N SER K 99 -66.63 4.04 14.41
CA SER K 99 -67.12 2.69 14.65
C SER K 99 -68.59 2.70 14.27
N ASN K 100 -69.16 1.55 13.94
CA ASN K 100 -70.58 1.49 13.60
C ASN K 100 -71.41 1.95 14.79
N ASP K 101 -70.98 1.60 16.01
CA ASP K 101 -71.70 2.02 17.22
C ASP K 101 -71.77 3.55 17.29
N GLU K 102 -70.70 4.25 16.89
CA GLU K 102 -70.68 5.72 16.91
C GLU K 102 -71.65 6.30 15.87
N LEU K 103 -71.72 5.68 14.69
CA LEU K 103 -72.63 6.17 13.64
C LEU K 103 -74.06 6.04 14.10
N LEU K 104 -74.42 4.85 14.60
CA LEU K 104 -75.77 4.55 15.08
C LEU K 104 -76.14 5.34 16.32
N ASP K 105 -75.22 5.51 17.27
CA ASP K 105 -75.53 6.27 18.49
C ASP K 105 -75.87 7.71 18.16
N LYS K 106 -75.19 8.30 17.17
CA LYS K 106 -75.47 9.69 16.78
C LYS K 106 -76.85 9.80 16.18
N ALA K 107 -77.11 8.97 15.17
CA ALA K 107 -78.39 8.96 14.45
C ALA K 107 -79.59 8.59 15.29
N TYR K 108 -79.42 7.72 16.30
CA TYR K 108 -80.55 7.26 17.10
C TYR K 108 -80.52 7.69 18.58
N LYS K 109 -79.50 8.44 19.04
CA LYS K 109 -79.48 8.86 20.44
C LYS K 109 -79.08 10.30 20.67
N THR K 110 -77.88 10.72 20.24
CA THR K 110 -77.39 12.06 20.52
C THR K 110 -77.76 13.16 19.53
N THR K 111 -78.47 12.83 18.44
CA THR K 111 -78.85 13.90 17.51
C THR K 111 -79.81 14.84 18.28
N ILE K 112 -79.60 16.14 18.12
CA ILE K 112 -80.33 17.21 18.80
C ILE K 112 -81.84 16.95 18.99
N THR K 113 -82.56 16.63 17.90
CA THR K 113 -84.00 16.40 17.90
C THR K 113 -84.45 15.00 18.31
N THR K 114 -83.52 14.11 18.61
CA THR K 114 -83.89 12.73 18.97
C THR K 114 -84.34 12.59 20.42
N LYS K 115 -85.48 11.91 20.63
CA LYS K 115 -86.03 11.62 21.94
C LYS K 115 -86.10 10.11 22.04
N ASN K 116 -85.05 9.52 22.61
CA ASN K 116 -84.91 8.08 22.78
C ASN K 116 -84.31 7.85 24.16
N ASP K 117 -85.15 7.98 25.20
CA ASP K 117 -84.72 7.82 26.59
C ASP K 117 -84.29 6.39 26.88
N ASP K 118 -84.90 5.41 26.19
CA ASP K 118 -84.57 4.01 26.37
C ASP K 118 -83.18 3.69 25.79
N GLY K 119 -82.75 4.48 24.81
CA GLY K 119 -81.44 4.29 24.17
C GLY K 119 -81.41 3.07 23.28
N ILE K 120 -82.51 2.78 22.59
CA ILE K 120 -82.57 1.63 21.70
C ILE K 120 -81.94 1.93 20.36
N ILE K 121 -81.38 0.91 19.72
CA ILE K 121 -80.79 1.01 18.39
C ILE K 121 -81.63 0.05 17.56
N PRO K 122 -82.30 0.50 16.49
CA PRO K 122 -83.11 -0.43 15.70
C PRO K 122 -82.38 -1.74 15.43
N ASN K 123 -82.99 -2.86 15.86
CA ASN K 123 -82.40 -4.19 15.71
C ASN K 123 -83.43 -5.27 15.33
N GLU K 124 -84.66 -4.89 14.98
CA GLU K 124 -85.70 -5.85 14.62
C GLU K 124 -86.09 -5.67 13.16
N GLU K 125 -85.97 -6.73 12.36
CA GLU K 125 -86.30 -6.71 10.94
C GLU K 125 -85.44 -5.73 10.12
N VAL K 126 -84.26 -5.36 10.64
CA VAL K 126 -83.34 -4.47 9.94
C VAL K 126 -81.97 -5.16 9.92
N PRO K 127 -81.20 -5.06 8.83
CA PRO K 127 -79.90 -5.74 8.80
C PRO K 127 -78.84 -5.01 9.61
N GLU K 128 -77.91 -5.77 10.18
CA GLU K 128 -76.82 -5.18 10.95
C GLU K 128 -75.87 -4.57 9.93
N LEU K 129 -75.08 -3.56 10.34
CA LEU K 129 -74.12 -2.96 9.44
C LEU K 129 -72.91 -3.87 9.39
N VAL K 130 -72.19 -3.88 8.26
CA VAL K 130 -70.96 -4.68 8.18
C VAL K 130 -69.92 -3.83 8.87
N SER K 131 -68.84 -4.44 9.36
CA SER K 131 -67.78 -3.73 10.09
C SER K 131 -67.33 -2.41 9.45
N ARG K 132 -67.27 -2.36 8.12
CA ARG K 132 -66.85 -1.16 7.42
C ARG K 132 -67.39 -1.18 6.01
N VAL K 133 -67.49 -0.01 5.37
CA VAL K 133 -67.95 0.06 4.00
C VAL K 133 -66.89 -0.61 3.13
N LYS K 134 -67.31 -1.46 2.19
CA LYS K 134 -66.38 -2.14 1.33
C LYS K 134 -66.80 -2.01 -0.12
N PRO K 135 -65.84 -1.84 -1.05
CA PRO K 135 -66.21 -1.81 -2.48
C PRO K 135 -66.83 -3.16 -2.82
N LEU K 136 -67.64 -3.22 -3.86
CA LEU K 136 -68.29 -4.46 -4.26
C LEU K 136 -67.31 -5.60 -4.54
N SER K 137 -66.16 -5.28 -5.19
CA SER K 137 -65.14 -6.28 -5.54
C SER K 137 -64.52 -7.00 -4.33
N GLU K 138 -64.68 -6.45 -3.11
CA GLU K 138 -64.11 -7.07 -1.92
C GLU K 138 -64.92 -8.28 -1.47
N VAL K 139 -66.20 -8.36 -1.88
CA VAL K 139 -67.08 -9.44 -1.47
C VAL K 139 -67.49 -10.40 -2.60
N ILE K 140 -67.44 -9.95 -3.87
CA ILE K 140 -67.78 -10.80 -5.01
C ILE K 140 -66.87 -10.50 -6.19
N GLU K 141 -66.85 -11.38 -7.19
CA GLU K 141 -66.04 -11.16 -8.38
C GLU K 141 -66.80 -10.15 -9.24
N VAL K 142 -66.14 -9.06 -9.60
CA VAL K 142 -66.75 -8.01 -10.43
C VAL K 142 -66.09 -8.07 -11.79
N ASP K 143 -66.87 -8.16 -12.87
CA ASP K 143 -66.32 -8.25 -14.22
C ASP K 143 -65.91 -6.90 -14.78
N TYR K 144 -66.73 -5.86 -14.60
CA TYR K 144 -66.42 -4.53 -15.08
C TYR K 144 -66.87 -3.48 -14.07
N PHE K 145 -66.45 -2.24 -14.27
CA PHE K 145 -66.85 -1.16 -13.39
C PHE K 145 -67.01 0.12 -14.18
N ILE K 146 -68.01 0.93 -13.80
CA ILE K 146 -68.27 2.20 -14.45
C ILE K 146 -68.02 3.25 -13.39
N PRO K 147 -66.86 3.90 -13.40
CA PRO K 147 -66.56 4.89 -12.36
C PRO K 147 -67.32 6.19 -12.56
N GLY K 148 -67.47 6.96 -11.50
CA GLY K 148 -68.18 8.22 -11.54
C GLY K 148 -69.21 8.32 -10.44
N CYS K 149 -69.43 9.54 -9.95
CA CYS K 149 -70.39 9.80 -8.89
C CYS K 149 -71.38 10.88 -9.31
N PRO K 150 -72.32 10.57 -10.22
CA PRO K 150 -72.51 9.30 -10.93
C PRO K 150 -71.83 9.30 -12.29
N PRO K 151 -71.67 8.13 -12.93
CA PRO K 151 -71.08 8.12 -14.28
C PRO K 151 -71.98 8.88 -15.23
N ASN K 152 -71.43 9.61 -16.22
CA ASN K 152 -72.30 10.35 -17.12
C ASN K 152 -73.19 9.38 -17.93
N PRO K 153 -74.42 9.78 -18.26
CA PRO K 153 -75.32 8.86 -18.98
C PRO K 153 -74.71 8.20 -20.22
N GLU K 154 -74.01 9.00 -21.04
CA GLU K 154 -73.40 8.52 -22.28
C GLU K 154 -72.40 7.40 -22.02
N MET K 155 -71.62 7.50 -20.95
CA MET K 155 -70.65 6.46 -20.61
C MET K 155 -71.38 5.17 -20.20
N ILE K 156 -72.49 5.29 -19.49
CA ILE K 156 -73.25 4.10 -19.07
C ILE K 156 -73.76 3.36 -20.33
N ALA K 157 -74.28 4.12 -21.30
CA ALA K 157 -74.79 3.54 -22.54
C ALA K 157 -73.69 2.86 -23.34
N GLU K 158 -72.52 3.52 -23.51
CA GLU K 158 -71.38 2.96 -24.26
C GLU K 158 -70.95 1.61 -23.67
N VAL K 159 -70.92 1.49 -22.35
CA VAL K 159 -70.51 0.26 -21.66
C VAL K 159 -71.48 -0.86 -21.94
N VAL K 160 -72.77 -0.60 -21.72
CA VAL K 160 -73.82 -1.59 -21.94
C VAL K 160 -73.89 -1.95 -23.42
N LYS K 161 -73.77 -0.96 -24.32
CA LYS K 161 -73.82 -1.21 -25.76
C LYS K 161 -72.64 -2.07 -26.22
N ALA K 162 -71.46 -1.93 -25.56
CA ALA K 162 -70.30 -2.73 -25.92
C ALA K 162 -70.54 -4.19 -25.56
N LEU K 163 -71.18 -4.45 -24.42
CA LEU K 163 -71.48 -5.81 -23.99
C LEU K 163 -72.56 -6.43 -24.88
N LEU K 164 -73.48 -5.60 -25.39
CA LEU K 164 -74.54 -6.05 -26.30
C LEU K 164 -73.93 -6.53 -27.61
N GLU K 165 -72.83 -5.88 -28.05
CA GLU K 165 -72.15 -6.21 -29.29
C GLU K 165 -71.02 -7.24 -29.11
N GLY K 166 -70.90 -7.82 -27.93
CA GLY K 166 -69.88 -8.80 -27.63
C GLY K 166 -68.48 -8.21 -27.63
N LYS K 167 -68.39 -6.90 -27.34
CA LYS K 167 -67.12 -6.17 -27.31
C LYS K 167 -66.73 -5.88 -25.86
N GLU K 168 -65.44 -5.63 -25.62
CA GLU K 168 -64.95 -5.33 -24.28
C GLU K 168 -65.11 -3.84 -24.01
N PRO K 169 -65.75 -3.43 -22.90
CA PRO K 169 -65.86 -1.99 -22.62
C PRO K 169 -64.49 -1.38 -22.35
N GLU K 170 -64.28 -0.13 -22.78
CA GLU K 170 -63.02 0.56 -22.54
C GLU K 170 -63.30 1.88 -21.85
N LEU K 171 -62.73 2.05 -20.65
CA LEU K 171 -62.89 3.28 -19.88
C LEU K 171 -61.82 4.25 -20.33
N PRO K 172 -62.04 5.58 -20.26
CA PRO K 172 -60.95 6.50 -20.63
C PRO K 172 -59.81 6.28 -19.63
N LYS K 173 -58.55 6.41 -20.06
CA LYS K 173 -57.41 6.11 -19.20
C LYS K 173 -56.65 7.27 -18.58
N LYS K 174 -56.85 8.51 -19.05
CA LYS K 174 -56.08 9.63 -18.53
C LYS K 174 -56.64 10.31 -17.30
N ASN K 175 -55.81 11.18 -16.70
CA ASN K 175 -56.23 11.99 -15.56
C ASN K 175 -57.01 13.18 -16.15
N LEU K 176 -57.73 13.90 -15.30
CA LEU K 176 -58.65 14.96 -15.74
C LEU K 176 -58.06 16.22 -16.39
N CYS K 177 -56.78 16.53 -16.20
CA CYS K 177 -56.22 17.77 -16.76
C CYS K 177 -56.34 17.90 -18.30
N GLU K 178 -56.32 16.80 -19.04
CA GLU K 178 -56.45 16.85 -20.50
C GLU K 178 -57.80 17.46 -20.89
N GLU K 179 -58.88 16.93 -20.28
CA GLU K 179 -60.25 17.39 -20.56
C GLU K 179 -60.50 18.78 -20.01
N CYS K 180 -59.91 19.08 -18.83
CA CYS K 180 -60.09 20.37 -18.19
C CYS K 180 -59.68 21.51 -19.12
N ALA K 181 -60.50 22.57 -19.16
CA ALA K 181 -60.24 23.74 -20.01
C ALA K 181 -59.32 24.77 -19.36
N ARG K 182 -58.90 24.55 -18.10
CA ARG K 182 -58.04 25.51 -17.40
C ARG K 182 -56.65 25.55 -18.04
N LYS K 183 -55.96 26.69 -17.89
CA LYS K 183 -54.63 26.90 -18.45
C LYS K 183 -53.52 26.36 -17.54
N LYS K 184 -52.67 25.49 -18.09
CA LYS K 184 -51.55 24.91 -17.37
C LYS K 184 -50.24 25.52 -17.88
N SER K 185 -49.27 25.76 -16.97
CA SER K 185 -47.99 26.33 -17.35
C SER K 185 -47.11 25.30 -18.04
N GLU K 186 -46.40 25.72 -19.10
CA GLU K 186 -45.52 24.83 -19.86
C GLU K 186 -44.34 24.39 -19.00
N GLU K 187 -43.86 25.29 -18.12
CA GLU K 187 -42.74 25.02 -17.23
C GLU K 187 -43.08 23.99 -16.14
N GLY K 188 -44.36 23.76 -15.88
CA GLY K 188 -44.78 22.79 -14.89
C GLY K 188 -45.50 23.38 -13.69
N VAL K 189 -46.06 22.51 -12.85
CA VAL K 189 -46.79 22.92 -11.67
C VAL K 189 -45.85 23.30 -10.52
N ALA K 190 -46.15 24.42 -9.86
CA ALA K 190 -45.42 24.93 -8.71
C ALA K 190 -46.48 25.54 -7.79
N ILE K 191 -46.53 25.08 -6.53
CA ILE K 191 -47.52 25.56 -5.57
C ILE K 191 -46.82 26.34 -4.46
N GLU K 192 -47.20 27.61 -4.28
CA GLU K 192 -46.60 28.48 -3.27
C GLU K 192 -47.28 28.37 -1.90
N THR K 193 -48.62 28.26 -1.87
CA THR K 193 -49.38 28.16 -0.61
C THR K 193 -50.61 27.30 -0.82
N ILE K 194 -51.17 26.71 0.26
CA ILE K 194 -52.39 25.91 0.16
C ILE K 194 -53.54 26.68 0.78
N LYS K 195 -54.63 26.83 0.01
CA LYS K 195 -55.82 27.58 0.43
C LYS K 195 -57.05 26.69 0.55
N ARG K 196 -57.96 27.04 1.48
CA ARG K 196 -59.23 26.32 1.62
C ARG K 196 -60.09 26.87 0.47
N ASN K 197 -61.07 26.11 -0.01
CA ASN K 197 -61.90 26.55 -1.13
C ASN K 197 -62.50 27.95 -0.99
N TYR K 198 -62.82 28.39 0.25
CA TYR K 198 -63.39 29.72 0.46
C TYR K 198 -62.33 30.84 0.47
N GLU K 199 -61.07 30.51 0.75
CA GLU K 199 -59.99 31.50 0.79
C GLU K 199 -59.63 32.05 -0.59
N GLY K 200 -59.40 33.36 -0.65
CA GLY K 200 -59.04 34.05 -1.89
C GLY K 200 -60.17 34.14 -2.89
N ASN K 201 -59.84 34.57 -4.11
CA ASN K 201 -60.81 34.69 -5.21
C ASN K 201 -60.13 34.05 -6.43
N PRO K 202 -60.56 32.83 -6.81
CA PRO K 202 -59.88 32.15 -7.93
C PRO K 202 -59.99 32.79 -9.31
N ASP K 203 -58.89 32.74 -10.08
CA ASP K 203 -58.85 33.23 -11.45
C ASP K 203 -59.58 32.16 -12.25
N PRO K 204 -60.57 32.52 -13.09
CA PRO K 204 -61.32 31.48 -13.82
C PRO K 204 -60.60 30.76 -14.95
N GLU K 205 -59.43 31.27 -15.40
CA GLU K 205 -58.69 30.63 -16.50
C GLU K 205 -57.52 29.77 -16.04
N LYS K 206 -56.77 30.21 -15.02
CA LYS K 206 -55.60 29.46 -14.55
C LYS K 206 -55.98 28.20 -13.78
N CYS K 207 -55.15 27.15 -13.91
CA CYS K 207 -55.33 25.87 -13.23
C CYS K 207 -55.50 26.12 -11.74
N LEU K 208 -56.51 25.49 -11.13
CA LEU K 208 -56.79 25.66 -9.70
C LEU K 208 -55.71 25.09 -8.79
N LEU K 209 -55.01 24.04 -9.21
CA LEU K 209 -53.95 23.47 -8.39
C LEU K 209 -52.78 24.44 -8.33
N GLU K 210 -52.44 25.06 -9.47
CA GLU K 210 -51.35 26.04 -9.53
C GLU K 210 -51.66 27.25 -8.64
N GLN K 211 -52.94 27.59 -8.46
CA GLN K 211 -53.39 28.71 -7.62
C GLN K 211 -53.39 28.40 -6.11
N GLY K 212 -53.06 27.17 -5.74
CA GLY K 212 -53.01 26.79 -4.33
C GLY K 212 -54.23 26.06 -3.78
N TYR K 213 -55.16 25.65 -4.66
CA TYR K 213 -56.34 24.92 -4.21
C TYR K 213 -56.10 23.43 -4.42
N ILE K 214 -56.63 22.58 -3.53
CA ILE K 214 -56.45 21.14 -3.68
C ILE K 214 -57.41 20.61 -4.74
N CYS K 215 -56.91 20.45 -5.97
CA CYS K 215 -57.72 19.93 -7.06
C CYS K 215 -57.31 18.49 -7.34
N LEU K 216 -58.25 17.54 -7.19
CA LEU K 216 -58.00 16.11 -7.40
C LEU K 216 -57.94 15.71 -8.88
N GLY K 217 -58.17 16.64 -9.78
CA GLY K 217 -58.14 16.33 -11.20
C GLY K 217 -56.90 15.59 -11.63
N ILE K 218 -55.76 15.93 -11.02
CA ILE K 218 -54.48 15.29 -11.33
C ILE K 218 -54.49 13.79 -11.00
N ALA K 219 -55.18 13.39 -9.90
CA ALA K 219 -55.25 12.00 -9.47
C ALA K 219 -56.62 11.38 -9.72
N THR K 220 -57.36 11.89 -10.71
CA THR K 220 -58.69 11.40 -11.01
C THR K 220 -58.85 11.09 -12.48
N ARG K 221 -59.55 9.98 -12.79
CA ARG K 221 -59.79 9.59 -14.17
C ARG K 221 -60.66 10.62 -14.89
N GLU K 222 -60.38 10.85 -16.17
CA GLU K 222 -61.14 11.76 -17.00
C GLU K 222 -62.47 11.07 -17.38
N GLY K 223 -63.30 11.75 -18.17
CA GLY K 223 -64.57 11.17 -18.63
C GLY K 223 -65.79 12.00 -18.29
N CYS K 224 -65.74 12.73 -17.18
CA CYS K 224 -66.86 13.56 -16.73
C CYS K 224 -66.96 14.86 -17.53
N GLY K 225 -65.85 15.30 -18.11
CA GLY K 225 -65.80 16.55 -18.85
C GLY K 225 -65.29 17.70 -17.99
N ALA K 226 -64.88 17.38 -16.75
CA ALA K 226 -64.36 18.35 -15.78
C ALA K 226 -65.33 19.52 -15.58
N PRO K 227 -66.59 19.23 -15.21
CA PRO K 227 -67.54 20.33 -15.02
C PRO K 227 -67.27 21.16 -13.78
N CYS K 228 -66.60 20.59 -12.76
CA CYS K 228 -66.34 21.33 -11.54
C CYS K 228 -65.36 22.47 -11.76
N PRO K 229 -64.11 22.27 -12.24
CA PRO K 229 -63.25 23.44 -12.49
C PRO K 229 -63.90 24.41 -13.48
N SER K 230 -64.63 23.90 -14.47
CA SER K 230 -65.31 24.74 -15.46
C SER K 230 -66.39 25.57 -14.79
N SER K 231 -66.94 25.07 -13.67
CA SER K 231 -67.98 25.78 -12.93
C SER K 231 -67.42 26.63 -11.77
N GLY K 232 -66.10 26.77 -11.71
CA GLY K 232 -65.43 27.59 -10.71
C GLY K 232 -64.98 26.94 -9.42
N VAL K 233 -65.01 25.61 -9.32
CA VAL K 233 -64.57 24.95 -8.08
C VAL K 233 -63.60 23.81 -8.38
N PRO K 234 -62.69 23.46 -7.45
CA PRO K 234 -61.77 22.36 -7.74
C PRO K 234 -62.45 21.00 -7.84
N CYS K 235 -61.78 20.04 -8.49
CA CYS K 235 -62.29 18.69 -8.65
C CYS K 235 -62.17 18.00 -7.30
N SER K 236 -63.19 17.24 -6.91
CA SER K 236 -63.19 16.53 -5.63
C SER K 236 -62.77 15.05 -5.82
N GLY K 237 -62.50 14.65 -7.06
CA GLY K 237 -62.05 13.31 -7.40
C GLY K 237 -63.12 12.23 -7.41
N CYS K 238 -64.37 12.61 -7.67
CA CYS K 238 -65.47 11.67 -7.62
C CYS K 238 -65.45 10.55 -8.69
N SER K 239 -64.64 10.64 -9.76
CA SER K 239 -64.56 9.55 -10.74
C SER K 239 -63.56 8.47 -10.30
N GLY K 240 -62.81 8.75 -9.23
CA GLY K 240 -61.84 7.80 -8.73
C GLY K 240 -60.54 7.85 -9.50
N PRO K 241 -59.59 7.00 -9.12
CA PRO K 241 -58.28 7.01 -9.78
C PRO K 241 -58.23 6.34 -11.14
N THR K 242 -57.06 6.45 -11.79
CA THR K 242 -56.83 5.83 -13.09
C THR K 242 -56.55 4.34 -12.86
N ASP K 243 -56.39 3.57 -13.94
CA ASP K 243 -56.13 2.14 -13.83
C ASP K 243 -54.76 1.85 -13.23
N ALA K 244 -53.84 2.82 -13.30
CA ALA K 244 -52.48 2.66 -12.79
C ALA K 244 -52.29 3.15 -11.35
N VAL K 245 -53.38 3.52 -10.66
CA VAL K 245 -53.26 3.99 -9.28
C VAL K 245 -54.27 3.26 -8.42
N VAL K 246 -53.79 2.56 -7.39
CA VAL K 246 -54.64 1.80 -6.46
C VAL K 246 -55.25 2.76 -5.46
N ASP K 247 -54.39 3.52 -4.78
CA ASP K 247 -54.79 4.47 -3.74
C ASP K 247 -54.73 5.89 -4.31
N GLN K 248 -55.91 6.49 -4.51
CA GLN K 248 -56.03 7.84 -5.07
C GLN K 248 -55.48 8.90 -4.15
N GLY K 249 -55.89 8.85 -2.88
CA GLY K 249 -55.46 9.82 -1.90
C GLY K 249 -53.96 9.86 -1.69
N ALA K 250 -53.33 8.69 -1.63
CA ALA K 250 -51.88 8.56 -1.44
C ALA K 250 -51.14 9.20 -2.60
N LYS K 251 -51.59 8.93 -3.83
CA LYS K 251 -50.97 9.51 -5.02
C LYS K 251 -51.20 11.02 -5.10
N MET K 252 -52.37 11.50 -4.68
CA MET K 252 -52.65 12.93 -4.69
C MET K 252 -51.71 13.62 -3.70
N ILE K 253 -51.55 13.04 -2.49
CA ILE K 253 -50.66 13.57 -1.45
C ILE K 253 -49.23 13.59 -1.96
N SER K 254 -48.80 12.53 -2.65
CA SER K 254 -47.45 12.46 -3.19
C SER K 254 -47.20 13.63 -4.15
N ALA K 255 -48.11 13.81 -5.12
CA ALA K 255 -48.01 14.87 -6.14
C ALA K 255 -48.01 16.26 -5.51
N LEU K 256 -48.95 16.50 -4.59
CA LEU K 256 -49.08 17.78 -3.92
C LEU K 256 -47.81 18.13 -3.15
N CYS K 257 -47.33 17.20 -2.32
CA CYS K 257 -46.12 17.39 -1.52
C CYS K 257 -44.90 17.67 -2.40
N SER K 258 -44.82 17.00 -3.54
CA SER K 258 -43.69 17.16 -4.46
C SER K 258 -43.60 18.53 -5.08
N ASP K 259 -44.73 19.09 -5.55
CA ASP K 259 -44.72 20.40 -6.19
C ASP K 259 -44.89 21.57 -5.22
N PHE K 260 -45.18 21.29 -3.93
CA PHE K 260 -45.34 22.37 -2.97
C PHE K 260 -43.97 22.97 -2.66
N GLY K 261 -43.81 24.26 -2.94
CA GLY K 261 -42.55 24.96 -2.71
C GLY K 261 -41.41 24.46 -3.60
N ILE K 262 -41.74 23.83 -4.74
CA ILE K 262 -40.76 23.29 -5.68
C ILE K 262 -39.81 24.38 -6.23
N ASP K 263 -40.27 25.63 -6.31
CA ASP K 263 -39.40 26.72 -6.81
C ASP K 263 -38.36 27.10 -5.75
N ASN K 264 -38.61 26.76 -4.48
CA ASN K 264 -37.67 26.99 -3.38
C ASN K 264 -37.50 25.61 -2.69
N ASP K 265 -37.38 24.57 -3.53
CA ASP K 265 -37.26 23.15 -3.18
C ASP K 265 -36.45 22.81 -1.93
N ARG K 266 -35.20 23.26 -1.87
CA ARG K 266 -34.33 22.93 -0.75
C ARG K 266 -34.60 23.73 0.51
N ASP K 267 -35.22 24.90 0.37
CA ASP K 267 -35.46 25.76 1.52
C ASP K 267 -36.89 25.79 2.02
N VAL K 268 -37.86 25.26 1.26
CA VAL K 268 -39.25 25.26 1.73
C VAL K 268 -39.37 24.41 2.99
N ASP K 269 -40.03 24.95 4.02
CA ASP K 269 -40.23 24.23 5.27
C ASP K 269 -41.25 23.11 4.98
N PRO K 270 -40.91 21.83 5.20
CA PRO K 270 -41.86 20.74 4.92
C PRO K 270 -43.02 20.63 5.89
N MET K 271 -43.02 21.43 6.98
CA MET K 271 -44.10 21.40 7.97
C MET K 271 -45.26 22.31 7.58
N ILE K 272 -45.08 23.23 6.63
CA ILE K 272 -46.15 24.16 6.23
C ILE K 272 -47.39 23.43 5.74
N LEU K 273 -47.20 22.56 4.73
CA LEU K 273 -48.30 21.79 4.12
C LEU K 273 -49.10 20.97 5.15
N PRO K 274 -48.49 20.08 5.96
CA PRO K 274 -49.31 19.34 6.95
C PRO K 274 -50.12 20.23 7.89
N LYS K 275 -49.56 21.37 8.33
CA LYS K 275 -50.28 22.27 9.24
C LYS K 275 -51.42 22.99 8.54
N SER K 276 -51.29 23.25 7.24
CA SER K 276 -52.31 23.94 6.45
C SER K 276 -53.59 23.11 6.25
N ILE K 277 -53.45 21.79 6.11
CA ILE K 277 -54.58 20.89 5.87
C ILE K 277 -55.09 20.30 7.19
N LYS K 278 -56.15 20.89 7.74
CA LYS K 278 -56.74 20.47 9.01
C LYS K 278 -57.54 19.16 8.90
N ASP K 279 -58.04 18.83 7.70
CA ASP K 279 -58.80 17.60 7.45
C ASP K 279 -58.14 16.89 6.26
N LYS K 280 -57.14 16.04 6.54
CA LYS K 280 -56.41 15.35 5.48
C LYS K 280 -57.24 14.27 4.82
N ILE K 281 -57.90 13.40 5.61
CA ILE K 281 -58.69 12.33 5.01
C ILE K 281 -59.81 12.88 4.16
N GLY K 282 -60.52 13.87 4.66
CA GLY K 282 -61.62 14.50 3.91
C GLY K 282 -61.15 15.23 2.67
N SER K 283 -59.90 15.69 2.66
CA SER K 283 -59.34 16.39 1.51
C SER K 283 -58.95 15.43 0.38
N PHE K 284 -58.42 14.24 0.73
CA PHE K 284 -57.92 13.28 -0.27
C PHE K 284 -58.68 11.97 -0.45
N TYR K 285 -59.67 11.66 0.40
CA TYR K 285 -60.40 10.40 0.29
C TYR K 285 -61.92 10.55 0.37
N LYS K 286 -62.49 11.62 -0.18
CA LYS K 286 -63.94 11.83 -0.13
C LYS K 286 -64.74 10.69 -0.73
N PHE K 287 -64.28 10.15 -1.86
CA PHE K 287 -65.00 9.12 -2.58
C PHE K 287 -64.37 7.75 -2.62
N THR K 288 -63.17 7.57 -2.06
CA THR K 288 -62.48 6.29 -2.18
C THR K 288 -61.86 5.74 -0.90
N LEU K 289 -62.22 6.22 0.29
CA LEU K 289 -61.62 5.70 1.51
C LEU K 289 -61.69 4.19 1.64
N PRO K 290 -62.83 3.55 1.36
CA PRO K 290 -62.90 2.09 1.50
C PRO K 290 -61.98 1.30 0.58
N SER K 291 -61.53 1.91 -0.54
CA SER K 291 -60.63 1.22 -1.48
C SER K 291 -59.16 1.62 -1.29
N ALA K 292 -58.86 2.39 -0.23
CA ALA K 292 -57.50 2.82 0.08
C ALA K 292 -56.74 1.69 0.78
N PHE K 293 -55.40 1.79 0.85
CA PHE K 293 -54.62 0.76 1.54
C PHE K 293 -55.06 0.72 3.01
N VAL K 294 -55.17 1.89 3.65
CA VAL K 294 -55.66 1.98 5.03
C VAL K 294 -57.09 2.56 4.92
N PRO K 295 -58.12 1.70 4.90
CA PRO K 295 -59.49 2.19 4.68
C PRO K 295 -60.31 2.52 5.93
N ILE K 296 -59.72 2.45 7.11
CA ILE K 296 -60.47 2.74 8.34
C ILE K 296 -59.62 3.54 9.27
N ARG K 297 -60.24 4.08 10.33
CA ARG K 297 -59.51 4.79 11.37
C ARG K 297 -59.41 3.77 12.48
N LEU K 298 -58.20 3.46 12.95
CA LEU K 298 -58.06 2.49 14.04
C LEU K 298 -58.49 3.09 15.37
N LYS K 299 -59.20 2.31 16.20
CA LYS K 299 -59.65 2.74 17.52
C LYS K 299 -59.28 1.70 18.55
N VAL L 2 -99.45 -16.56 10.93
CA VAL L 2 -98.55 -16.60 9.79
C VAL L 2 -97.94 -15.20 9.56
N LYS L 3 -96.78 -15.14 8.87
CA LYS L 3 -96.10 -13.88 8.60
C LYS L 3 -95.82 -13.69 7.11
N LEU L 4 -96.36 -12.61 6.51
CA LEU L 4 -96.15 -12.29 5.11
C LEU L 4 -95.21 -11.10 5.05
N SER L 5 -94.49 -10.92 3.94
CA SER L 5 -93.57 -9.80 3.83
C SER L 5 -93.42 -9.30 2.40
N VAL L 6 -93.66 -7.99 2.20
CA VAL L 6 -93.50 -7.35 0.91
C VAL L 6 -92.09 -6.79 0.90
N GLU L 7 -91.14 -7.45 0.22
CA GLU L 7 -89.79 -6.91 0.20
C GLU L 7 -89.06 -7.26 -1.10
N PRO L 8 -88.45 -6.25 -1.76
CA PRO L 8 -88.41 -4.84 -1.37
C PRO L 8 -89.64 -4.08 -1.82
N VAL L 9 -89.86 -2.89 -1.27
CA VAL L 9 -90.97 -2.06 -1.71
C VAL L 9 -90.41 -1.50 -3.00
N THR L 10 -91.13 -1.65 -4.11
CA THR L 10 -90.64 -1.19 -5.40
C THR L 10 -91.26 0.13 -5.82
N ARG L 11 -90.61 0.80 -6.77
CA ARG L 11 -91.02 2.10 -7.29
C ARG L 11 -91.06 3.17 -6.19
N VAL L 12 -89.99 3.18 -5.41
CA VAL L 12 -89.72 4.12 -4.33
C VAL L 12 -88.21 4.21 -4.34
N GLU L 13 -87.63 5.28 -3.79
CA GLU L 13 -86.18 5.37 -3.72
C GLU L 13 -85.78 4.84 -2.36
N GLY L 14 -84.76 4.00 -2.33
CA GLY L 14 -84.27 3.44 -1.07
C GLY L 14 -84.78 2.06 -0.76
N HIS L 15 -84.40 1.54 0.41
CA HIS L 15 -84.73 0.20 0.87
C HIS L 15 -85.77 0.17 1.95
N GLY L 16 -86.94 -0.36 1.60
CA GLY L 16 -88.05 -0.47 2.54
C GLY L 16 -88.77 -1.79 2.37
N LYS L 17 -89.53 -2.18 3.40
CA LYS L 17 -90.32 -3.40 3.35
C LYS L 17 -91.53 -3.29 4.25
N ILE L 18 -92.56 -4.06 3.94
CA ILE L 18 -93.78 -4.07 4.72
C ILE L 18 -93.98 -5.48 5.24
N SER L 19 -94.29 -5.61 6.53
CA SER L 19 -94.53 -6.92 7.14
C SER L 19 -95.99 -7.02 7.58
N VAL L 20 -96.63 -8.17 7.33
CA VAL L 20 -98.03 -8.41 7.72
C VAL L 20 -98.07 -9.68 8.55
N SER L 21 -98.44 -9.59 9.83
CA SER L 21 -98.51 -10.76 10.70
C SER L 21 -99.93 -11.07 11.12
N PHE L 22 -100.25 -12.37 11.21
CA PHE L 22 -101.57 -12.83 11.62
C PHE L 22 -101.42 -13.66 12.89
N ASP L 23 -102.46 -13.69 13.73
CA ASP L 23 -102.40 -14.48 14.96
C ASP L 23 -102.67 -15.95 14.61
N ASP L 24 -102.65 -16.84 15.61
CA ASP L 24 -102.88 -18.27 15.38
C ASP L 24 -104.30 -18.56 14.86
N SER L 25 -105.26 -17.67 15.14
CA SER L 25 -106.65 -17.82 14.69
C SER L 25 -106.86 -17.30 13.26
N GLY L 26 -105.81 -16.77 12.63
CA GLY L 26 -105.87 -16.27 11.27
C GLY L 26 -106.26 -14.81 11.12
N ASN L 27 -106.41 -14.07 12.23
CA ASN L 27 -106.80 -12.67 12.18
C ASN L 27 -105.59 -11.74 12.10
N LEU L 28 -105.77 -10.56 11.50
CA LEU L 28 -104.71 -9.56 11.35
C LEU L 28 -104.21 -9.11 12.72
N ASP L 29 -102.88 -9.15 12.95
CA ASP L 29 -102.28 -8.74 14.22
C ASP L 29 -101.43 -7.47 14.09
N LYS L 30 -100.26 -7.56 13.43
CA LYS L 30 -99.38 -6.41 13.26
C LYS L 30 -99.03 -6.16 11.80
N VAL L 31 -99.08 -4.90 11.39
CA VAL L 31 -98.72 -4.49 10.04
C VAL L 31 -97.78 -3.31 10.24
N ARG L 32 -96.55 -3.41 9.74
CA ARG L 32 -95.55 -2.37 9.93
C ARG L 32 -94.76 -2.09 8.67
N PHE L 33 -94.25 -0.85 8.57
CA PHE L 33 -93.41 -0.40 7.47
C PHE L 33 -91.99 -0.28 8.03
N HIS L 34 -91.03 -1.04 7.47
CA HIS L 34 -89.65 -1.03 7.92
C HIS L 34 -88.71 -0.45 6.88
N VAL L 35 -87.76 0.37 7.32
CA VAL L 35 -86.73 0.95 6.44
C VAL L 35 -85.49 0.25 6.90
N VAL L 36 -84.83 -0.43 5.97
CA VAL L 36 -83.68 -1.29 6.23
C VAL L 36 -82.30 -0.75 5.79
N GLU L 37 -82.11 0.57 5.81
CA GLU L 37 -80.81 1.16 5.42
C GLU L 37 -80.46 2.36 6.30
N VAL L 38 -79.16 2.59 6.50
CA VAL L 38 -78.64 3.73 7.26
C VAL L 38 -77.16 3.81 6.94
N ARG L 39 -76.63 5.03 6.76
CA ARG L 39 -75.22 5.24 6.43
C ARG L 39 -74.44 6.05 7.49
N GLY L 40 -75.13 6.88 8.26
CA GLY L 40 -74.49 7.65 9.32
C GLY L 40 -73.84 8.96 8.92
N PHE L 41 -74.44 9.69 7.99
CA PHE L 41 -73.90 10.98 7.54
C PHE L 41 -73.73 11.96 8.68
N GLU L 42 -74.66 11.98 9.64
CA GLU L 42 -74.59 12.93 10.75
C GLU L 42 -73.32 12.79 11.57
N LYS L 43 -72.82 11.57 11.76
CA LYS L 43 -71.62 11.35 12.55
C LYS L 43 -70.35 11.45 11.72
N PHE L 44 -70.33 10.89 10.52
CA PHE L 44 -69.11 10.94 9.72
C PHE L 44 -68.80 12.34 9.18
N LEU L 45 -69.78 13.26 9.20
CA LEU L 45 -69.51 14.64 8.75
C LEU L 45 -68.64 15.33 9.83
N GLU L 46 -68.57 14.76 11.06
CA GLU L 46 -67.76 15.34 12.12
C GLU L 46 -66.29 15.22 11.73
N GLY L 47 -65.57 16.32 11.84
CA GLY L 47 -64.15 16.36 11.48
C GLY L 47 -63.94 16.86 10.06
N ARG L 48 -65.01 16.97 9.28
CA ARG L 48 -64.90 17.45 7.91
C ARG L 48 -64.88 18.97 7.88
N TYR L 49 -64.36 19.54 6.78
CA TYR L 49 -64.35 20.99 6.61
C TYR L 49 -65.82 21.35 6.43
N VAL L 50 -66.31 22.36 7.12
CA VAL L 50 -67.73 22.71 6.96
C VAL L 50 -68.07 23.12 5.52
N GLU L 51 -67.12 23.73 4.78
CA GLU L 51 -67.37 24.14 3.40
C GLU L 51 -67.46 22.94 2.43
N ASP L 52 -67.12 21.72 2.88
CA ASP L 52 -67.21 20.51 2.05
C ASP L 52 -68.56 19.83 2.27
N ALA L 53 -69.38 20.33 3.21
CA ALA L 53 -70.70 19.76 3.46
C ALA L 53 -71.57 19.76 2.21
N PRO L 54 -71.59 20.85 1.40
CA PRO L 54 -72.40 20.83 0.17
C PRO L 54 -71.86 19.87 -0.89
N ILE L 55 -70.69 19.24 -0.66
CA ILE L 55 -70.12 18.24 -1.57
C ILE L 55 -70.57 16.86 -1.06
N TYR L 56 -70.59 16.66 0.26
CA TYR L 56 -70.99 15.39 0.88
C TYR L 56 -72.49 15.14 0.97
N THR L 57 -73.27 16.13 1.41
CA THR L 57 -74.71 15.93 1.59
C THR L 57 -75.44 15.55 0.31
N PRO L 58 -75.14 16.09 -0.88
CA PRO L 58 -75.85 15.63 -2.07
C PRO L 58 -75.81 14.11 -2.21
N ARG L 59 -74.74 13.46 -1.71
CA ARG L 59 -74.60 12.01 -1.78
C ARG L 59 -75.54 11.27 -0.83
N ILE L 60 -76.40 12.01 -0.14
CA ILE L 60 -77.40 11.39 0.73
C ILE L 60 -78.43 10.81 -0.22
N CYS L 61 -78.67 11.50 -1.36
CA CYS L 61 -79.65 11.02 -2.32
C CYS L 61 -79.39 11.54 -3.74
N GLY L 62 -79.53 10.65 -4.70
CA GLY L 62 -79.34 10.93 -6.11
C GLY L 62 -80.49 11.62 -6.82
N ILE L 63 -81.67 11.61 -6.22
CA ILE L 63 -82.83 12.26 -6.80
C ILE L 63 -82.88 13.72 -6.37
N CYS L 64 -82.81 13.95 -5.06
CA CYS L 64 -82.91 15.29 -4.48
C CYS L 64 -81.58 15.86 -4.02
N GLN L 65 -80.51 15.61 -4.76
CA GLN L 65 -79.18 16.09 -4.41
C GLN L 65 -79.09 17.61 -4.35
N VAL L 66 -79.88 18.30 -5.18
CA VAL L 66 -79.89 19.76 -5.22
C VAL L 66 -80.39 20.30 -3.89
N ALA L 67 -81.53 19.80 -3.41
CA ALA L 67 -82.11 20.23 -2.13
C ALA L 67 -81.05 20.16 -1.03
N HIS L 68 -80.29 19.05 -0.98
CA HIS L 68 -79.21 18.88 0.00
C HIS L 68 -78.08 19.86 -0.24
N HIS L 69 -77.68 20.05 -1.51
CA HIS L 69 -76.62 20.98 -1.85
C HIS L 69 -76.96 22.38 -1.34
N LEU L 70 -78.21 22.80 -1.57
CA LEU L 70 -78.66 24.12 -1.15
C LEU L 70 -78.91 24.23 0.35
N ALA L 71 -79.48 23.19 0.99
CA ALA L 71 -79.69 23.26 2.45
C ALA L 71 -78.33 23.34 3.15
N SER L 72 -77.32 22.61 2.65
CA SER L 72 -75.97 22.64 3.22
C SER L 72 -75.33 23.98 2.95
N ALA L 73 -75.43 24.47 1.70
CA ALA L 73 -74.87 25.77 1.33
C ALA L 73 -75.42 26.86 2.25
N LYS L 74 -76.73 26.79 2.55
CA LYS L 74 -77.40 27.74 3.42
C LYS L 74 -76.90 27.64 4.85
N ALA L 75 -76.71 26.42 5.37
CA ALA L 75 -76.21 26.24 6.72
C ALA L 75 -74.78 26.76 6.79
N VAL L 76 -73.99 26.50 5.74
CA VAL L 76 -72.61 26.94 5.66
C VAL L 76 -72.52 28.47 5.63
N ASP L 77 -73.42 29.13 4.90
CA ASP L 77 -73.42 30.60 4.85
C ASP L 77 -73.69 31.17 6.24
N ASN L 78 -74.51 30.47 7.03
CA ASN L 78 -74.82 30.90 8.40
C ASN L 78 -73.64 30.63 9.33
N VAL L 79 -72.86 29.57 9.07
CA VAL L 79 -71.69 29.27 9.89
C VAL L 79 -70.63 30.35 9.64
N PHE L 80 -70.53 30.89 8.42
CA PHE L 80 -69.55 31.95 8.11
C PHE L 80 -70.14 33.36 8.28
N GLY L 81 -71.35 33.46 8.81
CA GLY L 81 -72.04 34.73 9.03
C GLY L 81 -72.11 35.62 7.80
N VAL L 82 -72.32 35.03 6.61
CA VAL L 82 -72.37 35.79 5.37
C VAL L 82 -73.76 35.80 4.72
N LYS L 83 -74.23 36.99 4.31
CA LYS L 83 -75.50 37.15 3.62
C LYS L 83 -75.11 37.15 2.15
N ILE L 84 -75.64 36.21 1.37
CA ILE L 84 -75.26 36.10 -0.04
C ILE L 84 -75.98 37.14 -0.92
N PRO L 85 -75.35 37.59 -2.03
CA PRO L 85 -76.00 38.58 -2.89
C PRO L 85 -77.32 38.09 -3.46
N GLU L 86 -78.22 39.02 -3.81
CA GLU L 86 -79.53 38.68 -4.37
C GLU L 86 -79.43 37.77 -5.59
N THR L 87 -78.44 38.00 -6.47
CA THR L 87 -78.26 37.19 -7.66
C THR L 87 -78.02 35.71 -7.28
N ALA L 88 -77.24 35.46 -6.22
CA ALA L 88 -76.96 34.10 -5.77
C ALA L 88 -78.22 33.42 -5.29
N GLU L 89 -79.07 34.15 -4.55
CA GLU L 89 -80.33 33.60 -4.04
C GLU L 89 -81.22 33.20 -5.21
N LEU L 90 -81.25 34.03 -6.27
CA LEU L 90 -82.06 33.76 -7.46
C LEU L 90 -81.55 32.55 -8.20
N LEU L 91 -80.22 32.46 -8.38
CA LEU L 91 -79.61 31.33 -9.07
C LEU L 91 -79.87 30.05 -8.27
N ARG L 92 -79.72 30.13 -6.95
CA ARG L 92 -79.97 28.97 -6.08
C ARG L 92 -81.41 28.50 -6.20
N ASN L 93 -82.36 29.44 -6.16
CA ASN L 93 -83.78 29.11 -6.28
C ASN L 93 -84.10 28.58 -7.69
N LEU L 94 -83.44 29.10 -8.73
CA LEU L 94 -83.66 28.63 -10.10
C LEU L 94 -83.26 27.15 -10.22
N MET L 95 -82.11 26.80 -9.60
CA MET L 95 -81.60 25.43 -9.59
C MET L 95 -82.61 24.55 -8.85
N HIS L 96 -83.08 25.04 -7.69
CA HIS L 96 -84.03 24.35 -6.83
C HIS L 96 -85.35 24.06 -7.53
N GLN L 97 -85.86 25.01 -8.33
CA GLN L 97 -87.12 24.82 -9.06
C GLN L 97 -86.93 23.83 -10.20
N GLY L 98 -85.77 23.86 -10.85
CA GLY L 98 -85.46 22.94 -11.94
C GLY L 98 -85.38 21.52 -11.41
N ALA L 99 -84.81 21.35 -10.22
CA ALA L 99 -84.68 20.06 -9.55
C ALA L 99 -86.07 19.51 -9.19
N THR L 100 -86.95 20.38 -8.68
CA THR L 100 -88.31 20.01 -8.29
C THR L 100 -89.09 19.52 -9.50
N VAL L 101 -88.87 20.13 -10.66
CA VAL L 101 -89.53 19.71 -11.90
C VAL L 101 -89.09 18.27 -12.22
N HIS L 102 -87.77 18.02 -12.14
CA HIS L 102 -87.24 16.68 -12.42
C HIS L 102 -87.74 15.65 -11.42
N SER L 103 -87.76 15.99 -10.13
CA SER L 103 -88.19 15.06 -9.08
C SER L 103 -89.67 14.73 -9.14
N HIS L 104 -90.52 15.75 -9.28
CA HIS L 104 -91.97 15.54 -9.36
C HIS L 104 -92.34 14.75 -10.60
N ALA L 105 -91.76 15.11 -11.76
CA ALA L 105 -92.04 14.40 -13.01
C ALA L 105 -91.58 12.95 -12.91
N LEU L 106 -90.40 12.72 -12.31
CA LEU L 106 -89.86 11.38 -12.12
C LEU L 106 -90.85 10.54 -11.32
N HIS L 107 -91.24 11.02 -10.14
CA HIS L 107 -92.16 10.28 -9.29
C HIS L 107 -93.53 10.03 -9.92
N PHE L 108 -94.22 11.07 -10.35
CA PHE L 108 -95.55 10.87 -10.90
C PHE L 108 -95.58 9.90 -12.07
N TYR L 109 -94.70 10.07 -13.04
CA TYR L 109 -94.70 9.21 -14.23
C TYR L 109 -93.97 7.90 -14.15
N MET L 110 -92.76 7.90 -13.64
CA MET L 110 -91.98 6.67 -13.63
C MET L 110 -92.21 5.78 -12.40
N LEU L 111 -92.69 6.34 -11.28
CA LEU L 111 -92.96 5.55 -10.08
C LEU L 111 -94.43 5.38 -9.71
N ALA L 112 -95.21 6.46 -9.71
CA ALA L 112 -96.62 6.38 -9.31
C ALA L 112 -97.61 5.98 -10.41
N ALA L 113 -97.54 6.61 -11.59
CA ALA L 113 -98.48 6.35 -12.70
C ALA L 113 -98.74 4.88 -13.02
N PRO L 114 -97.74 3.97 -12.99
CA PRO L 114 -98.03 2.57 -13.32
C PRO L 114 -99.25 2.00 -12.57
N ASP L 115 -99.39 2.37 -11.29
CA ASP L 115 -100.51 1.93 -10.45
C ASP L 115 -101.79 2.67 -10.80
N LEU L 116 -101.67 3.97 -11.08
CA LEU L 116 -102.85 4.76 -11.39
C LEU L 116 -103.43 4.35 -12.75
N MET L 117 -102.55 3.97 -13.70
CA MET L 117 -102.95 3.54 -15.05
C MET L 117 -103.46 2.11 -15.07
N PHE L 118 -102.85 1.22 -14.29
CA PHE L 118 -103.23 -0.18 -14.21
C PHE L 118 -103.49 -0.56 -12.75
N PRO L 119 -104.56 -0.04 -12.12
CA PRO L 119 -104.81 -0.37 -10.71
C PRO L 119 -105.34 -1.78 -10.47
N THR L 120 -105.90 -2.42 -11.50
CA THR L 120 -106.48 -3.75 -11.35
C THR L 120 -105.61 -4.84 -11.98
N THR L 121 -104.36 -4.52 -12.40
CA THR L 121 -103.48 -5.53 -12.97
C THR L 121 -102.56 -6.17 -11.94
N ASP L 122 -102.21 -7.43 -12.20
CA ASP L 122 -101.26 -8.22 -11.41
C ASP L 122 -100.01 -8.43 -12.27
N ASP L 123 -100.09 -8.16 -13.59
CA ASP L 123 -98.97 -8.32 -14.53
C ASP L 123 -97.88 -7.33 -14.11
N VAL L 124 -96.89 -7.83 -13.37
CA VAL L 124 -95.81 -6.97 -12.91
C VAL L 124 -94.98 -6.45 -14.09
N LEU L 125 -94.95 -7.17 -15.22
CA LEU L 125 -94.19 -6.70 -16.38
C LEU L 125 -94.87 -5.53 -17.10
N LYS L 126 -96.15 -5.28 -16.84
CA LYS L 126 -96.85 -4.16 -17.47
C LYS L 126 -96.91 -2.99 -16.49
N ARG L 127 -96.92 -3.26 -15.17
CA ARG L 127 -97.04 -2.20 -14.18
C ARG L 127 -95.72 -1.47 -13.92
N ASN L 128 -95.24 -0.73 -14.91
CA ASN L 128 -94.01 0.03 -14.86
C ASN L 128 -93.97 1.04 -16.03
N LEU L 129 -92.94 1.88 -16.12
CA LEU L 129 -92.89 2.88 -17.19
C LEU L 129 -92.83 2.25 -18.59
N MET L 130 -92.25 1.05 -18.74
CA MET L 130 -92.20 0.40 -20.04
C MET L 130 -93.61 -0.01 -20.46
N GLY L 131 -94.43 -0.42 -19.50
CA GLY L 131 -95.81 -0.80 -19.75
C GLY L 131 -96.62 0.39 -20.22
N ILE L 132 -96.39 1.56 -19.59
CA ILE L 132 -97.07 2.79 -19.96
C ILE L 132 -96.59 3.19 -21.36
N ALA L 133 -95.28 3.10 -21.60
CA ALA L 133 -94.69 3.48 -22.88
C ALA L 133 -95.19 2.66 -24.07
N LYS L 134 -95.50 1.36 -23.86
CA LYS L 134 -95.99 0.52 -24.95
C LYS L 134 -97.38 0.97 -25.40
N GLU L 135 -98.27 1.27 -24.44
CA GLU L 135 -99.64 1.69 -24.75
C GLU L 135 -99.75 3.19 -25.00
N HIS L 136 -99.14 3.99 -24.14
CA HIS L 136 -99.18 5.45 -24.22
C HIS L 136 -97.77 6.04 -24.25
N PRO L 137 -97.08 5.94 -25.39
CA PRO L 137 -95.72 6.50 -25.47
C PRO L 137 -95.63 8.00 -25.24
N GLU L 138 -96.70 8.76 -25.57
CA GLU L 138 -96.68 10.22 -25.39
C GLU L 138 -96.58 10.61 -23.93
N ILE L 139 -97.14 9.79 -23.03
CA ILE L 139 -97.12 10.06 -21.59
C ILE L 139 -95.69 10.05 -21.06
N ILE L 140 -94.90 9.04 -21.46
CA ILE L 140 -93.51 8.90 -21.01
C ILE L 140 -92.59 9.87 -21.77
N LYS L 141 -92.84 10.12 -23.07
CA LYS L 141 -92.00 11.05 -23.82
C LYS L 141 -92.11 12.44 -23.21
N ASP L 142 -93.30 12.82 -22.74
CA ASP L 142 -93.56 14.10 -22.08
C ASP L 142 -92.88 14.13 -20.71
N ALA L 143 -92.92 12.99 -19.99
CA ALA L 143 -92.28 12.86 -18.68
C ALA L 143 -90.77 13.03 -18.83
N ILE L 144 -90.22 12.45 -19.90
CA ILE L 144 -88.80 12.54 -20.18
C ILE L 144 -88.43 13.98 -20.53
N GLU L 145 -89.29 14.66 -21.29
CA GLU L 145 -89.06 16.06 -21.66
C GLU L 145 -89.03 16.94 -20.41
N LEU L 146 -89.98 16.75 -19.50
CA LEU L 146 -90.06 17.52 -18.25
C LEU L 146 -88.78 17.32 -17.44
N ARG L 147 -88.38 16.06 -17.27
CA ARG L 147 -87.17 15.73 -16.52
C ARG L 147 -85.95 16.33 -17.19
N LYS L 148 -85.84 16.20 -18.51
CA LYS L 148 -84.71 16.72 -19.27
C LYS L 148 -84.60 18.22 -19.05
N ALA L 149 -85.73 18.93 -19.10
CA ALA L 149 -85.78 20.37 -18.90
C ALA L 149 -85.31 20.75 -17.50
N GLY L 150 -85.81 20.05 -16.49
CA GLY L 150 -85.44 20.30 -15.10
C GLY L 150 -83.96 20.08 -14.86
N GLN L 151 -83.45 18.92 -15.32
CA GLN L 151 -82.02 18.57 -15.18
C GLN L 151 -81.13 19.54 -15.96
N ASN L 152 -81.63 20.12 -17.07
CA ASN L 152 -80.87 21.07 -17.86
C ASN L 152 -80.64 22.33 -17.03
N VAL L 153 -81.70 22.82 -16.36
CA VAL L 153 -81.59 24.00 -15.51
C VAL L 153 -80.57 23.71 -14.40
N VAL L 154 -80.63 22.51 -13.80
CA VAL L 154 -79.70 22.13 -12.72
C VAL L 154 -78.29 22.08 -13.26
N ARG L 155 -78.08 21.50 -14.45
CA ARG L 155 -76.74 21.41 -15.02
C ARG L 155 -76.16 22.78 -15.34
N VAL L 156 -76.98 23.67 -15.90
CA VAL L 156 -76.55 25.02 -16.27
C VAL L 156 -76.24 25.88 -15.04
N VAL L 157 -77.11 25.87 -14.03
CA VAL L 157 -76.92 26.69 -12.83
C VAL L 157 -75.98 26.01 -11.81
N GLY L 158 -76.09 24.70 -11.68
CA GLY L 158 -75.30 23.90 -10.73
C GLY L 158 -74.01 23.27 -11.24
N GLY L 159 -73.79 23.31 -12.55
CA GLY L 159 -72.59 22.71 -13.14
C GLY L 159 -72.77 21.25 -13.47
N ARG L 160 -73.57 20.53 -12.66
CA ARG L 160 -73.85 19.11 -12.84
C ARG L 160 -75.32 18.85 -12.59
N ALA L 161 -75.95 17.98 -13.39
CA ALA L 161 -77.37 17.67 -13.21
C ALA L 161 -77.58 16.84 -11.95
N ILE L 162 -76.62 15.95 -11.64
CA ILE L 162 -76.67 15.12 -10.43
C ILE L 162 -75.48 15.52 -9.57
N HIS L 163 -75.74 16.11 -8.40
CA HIS L 163 -74.73 16.59 -7.45
C HIS L 163 -74.16 17.91 -7.93
N PRO L 164 -74.96 19.00 -7.90
CA PRO L 164 -74.45 20.30 -8.34
C PRO L 164 -73.33 20.79 -7.43
N VAL L 165 -72.50 21.74 -7.92
CA VAL L 165 -71.36 22.21 -7.14
C VAL L 165 -71.21 23.74 -7.03
N THR L 166 -72.13 24.54 -7.55
CA THR L 166 -71.96 26.00 -7.53
C THR L 166 -72.33 26.71 -6.23
N ALA L 167 -73.16 26.12 -5.36
CA ALA L 167 -73.49 26.81 -4.11
C ALA L 167 -72.29 26.71 -3.17
N VAL L 168 -71.49 27.79 -3.15
CA VAL L 168 -70.27 27.86 -2.33
C VAL L 168 -70.42 28.88 -1.21
N VAL L 169 -69.38 29.02 -0.37
CA VAL L 169 -69.42 29.95 0.76
C VAL L 169 -69.59 31.38 0.26
N GLY L 170 -70.68 32.02 0.65
CA GLY L 170 -70.96 33.40 0.27
C GLY L 170 -71.83 33.60 -0.96
N GLY L 171 -72.02 32.55 -1.75
CA GLY L 171 -72.84 32.67 -2.95
C GLY L 171 -72.66 31.56 -3.96
N GLN L 172 -72.44 31.93 -5.22
CA GLN L 172 -72.27 30.98 -6.32
C GLN L 172 -70.89 31.11 -6.92
N SER L 173 -70.33 29.99 -7.40
CA SER L 173 -68.99 29.97 -8.00
C SER L 173 -68.98 30.46 -9.44
N LYS L 174 -70.15 30.58 -10.07
CA LYS L 174 -70.25 31.07 -11.45
C LYS L 174 -71.55 31.79 -11.69
N SER L 175 -71.58 32.63 -12.73
CA SER L 175 -72.77 33.39 -13.07
C SER L 175 -73.47 32.74 -14.25
N LEU L 176 -74.75 33.09 -14.44
CA LEU L 176 -75.53 32.58 -15.55
C LEU L 176 -75.29 33.56 -16.69
N LYS L 177 -74.67 33.12 -17.79
CA LYS L 177 -74.41 34.00 -18.92
C LYS L 177 -75.72 34.35 -19.62
N GLU L 178 -75.79 35.53 -20.23
CA GLU L 178 -76.98 35.99 -20.94
C GLU L 178 -77.46 34.95 -21.94
N GLU L 179 -76.52 34.38 -22.71
CA GLU L 179 -76.84 33.37 -23.74
C GLU L 179 -77.52 32.16 -23.10
N GLU L 180 -77.01 31.71 -21.95
CA GLU L 180 -77.56 30.55 -21.25
C GLU L 180 -78.96 30.88 -20.73
N ARG L 181 -79.13 32.08 -20.15
CA ARG L 181 -80.42 32.54 -19.63
C ARG L 181 -81.46 32.57 -20.75
N ASP L 182 -81.06 33.08 -21.92
CA ASP L 182 -81.95 33.19 -23.07
C ASP L 182 -82.42 31.84 -23.57
N GLU L 183 -81.53 30.84 -23.65
CA GLU L 183 -81.92 29.52 -24.13
C GLU L 183 -82.83 28.82 -23.12
N LEU L 184 -82.53 28.93 -21.82
CA LEU L 184 -83.36 28.32 -20.80
C LEU L 184 -84.74 28.96 -20.81
N LEU L 185 -84.81 30.28 -21.03
CA LEU L 185 -86.09 30.97 -21.06
C LEU L 185 -86.94 30.50 -22.25
N LYS L 186 -86.33 30.27 -23.44
CA LYS L 186 -87.06 29.80 -24.61
C LYS L 186 -87.66 28.42 -24.30
N LEU L 187 -86.83 27.54 -23.73
CA LEU L 187 -87.21 26.18 -23.37
C LEU L 187 -88.23 26.11 -22.23
N SER L 188 -88.38 27.18 -21.46
CA SER L 188 -89.31 27.18 -20.33
C SER L 188 -90.79 27.09 -20.70
N GLU L 189 -91.21 27.67 -21.83
CA GLU L 189 -92.62 27.63 -22.21
C GLU L 189 -93.12 26.19 -22.31
N ARG L 190 -92.36 25.35 -22.99
CA ARG L 190 -92.70 23.94 -23.17
C ARG L 190 -92.86 23.18 -21.84
N THR L 191 -92.05 23.52 -20.82
CA THR L 191 -92.14 22.85 -19.52
C THR L 191 -93.46 23.17 -18.83
N ILE L 192 -93.86 24.45 -18.84
CA ILE L 192 -95.12 24.86 -18.23
C ILE L 192 -96.27 24.17 -18.98
N GLU L 193 -96.24 24.24 -20.31
CA GLU L 193 -97.24 23.63 -21.19
C GLU L 193 -97.39 22.13 -20.87
N LEU L 194 -96.27 21.40 -20.74
CA LEU L 194 -96.29 19.98 -20.44
C LEU L 194 -96.70 19.71 -18.99
N SER L 195 -96.34 20.59 -18.06
CA SER L 195 -96.71 20.42 -16.64
C SER L 195 -98.20 20.62 -16.49
N GLU L 196 -98.77 21.49 -17.31
CA GLU L 196 -100.19 21.77 -17.29
C GLU L 196 -100.93 20.57 -17.89
N LYS L 197 -100.36 19.97 -18.94
CA LYS L 197 -100.94 18.78 -19.56
C LYS L 197 -100.90 17.61 -18.55
N SER L 198 -99.87 17.58 -17.67
CA SER L 198 -99.72 16.52 -16.67
C SER L 198 -100.82 16.53 -15.62
N ILE L 199 -101.35 17.72 -15.29
CA ILE L 199 -102.42 17.84 -14.31
C ILE L 199 -103.65 17.12 -14.83
N GLU L 200 -103.97 17.27 -16.13
CA GLU L 200 -105.12 16.61 -16.74
C GLU L 200 -104.91 15.10 -16.72
N VAL L 201 -103.67 14.63 -16.97
CA VAL L 201 -103.36 13.20 -16.95
C VAL L 201 -103.66 12.70 -15.53
N GLY L 202 -103.19 13.44 -14.53
CA GLY L 202 -103.41 13.11 -13.13
C GLY L 202 -104.87 13.06 -12.75
N LYS L 203 -105.66 14.03 -13.24
CA LYS L 203 -107.10 14.08 -12.95
C LYS L 203 -107.72 12.79 -13.48
N LYS L 204 -107.48 12.52 -14.76
CA LYS L 204 -107.99 11.35 -15.46
C LYS L 204 -107.51 10.05 -14.79
N LEU L 205 -106.26 10.01 -14.33
CA LEU L 205 -105.72 8.81 -13.68
C LEU L 205 -106.24 8.66 -12.26
N LEU L 206 -106.46 9.76 -11.54
CA LEU L 206 -107.01 9.68 -10.18
C LEU L 206 -108.52 9.37 -10.24
N GLU L 207 -109.18 9.65 -11.39
CA GLU L 207 -110.60 9.33 -11.55
C GLU L 207 -110.73 7.82 -11.65
N ASN L 208 -109.78 7.18 -12.33
CA ASN L 208 -109.71 5.73 -12.50
C ASN L 208 -109.49 5.06 -11.13
N ILE L 209 -108.76 5.75 -10.24
CA ILE L 209 -108.48 5.27 -8.88
C ILE L 209 -109.74 5.37 -8.04
N LYS L 210 -110.48 6.47 -8.19
CA LYS L 210 -111.73 6.68 -7.45
C LYS L 210 -112.76 5.64 -7.88
N ASP L 211 -112.76 5.24 -9.16
CA ASP L 211 -113.70 4.25 -9.68
C ASP L 211 -113.47 2.85 -9.07
N GLU L 212 -112.28 2.59 -8.51
CA GLU L 212 -111.96 1.30 -7.90
C GLU L 212 -111.99 1.39 -6.37
N ASP L 213 -112.45 2.54 -5.82
CA ASP L 213 -112.51 2.79 -4.38
C ASP L 213 -111.12 2.70 -3.76
N LEU L 214 -110.13 3.31 -4.44
CA LEU L 214 -108.75 3.32 -3.96
C LEU L 214 -108.28 4.74 -3.65
N LEU L 215 -109.18 5.73 -3.69
CA LEU L 215 -108.81 7.12 -3.41
C LEU L 215 -108.64 7.37 -1.92
N ASP L 216 -109.29 6.55 -1.07
CA ASP L 216 -109.23 6.71 0.39
C ASP L 216 -108.24 5.76 1.07
N ILE L 217 -107.39 5.05 0.31
CA ILE L 217 -106.44 4.11 0.92
C ILE L 217 -105.47 4.84 1.86
N GLY L 218 -105.24 4.25 3.03
CA GLY L 218 -104.37 4.80 4.05
C GLY L 218 -104.84 6.10 4.65
N TYR L 219 -106.14 6.43 4.52
CA TYR L 219 -106.66 7.68 5.06
C TYR L 219 -106.57 7.78 6.57
N PHE L 220 -106.12 8.93 7.04
CA PHE L 220 -106.02 9.26 8.45
C PHE L 220 -105.78 10.77 8.51
N GLU L 221 -106.19 11.43 9.59
CA GLU L 221 -106.05 12.89 9.73
C GLU L 221 -104.83 13.22 10.55
N SER L 222 -104.19 14.36 10.27
CA SER L 222 -102.98 14.76 10.98
C SER L 222 -102.69 16.24 10.76
N ALA L 223 -101.62 16.71 11.42
CA ALA L 223 -101.16 18.08 11.25
C ALA L 223 -100.39 18.09 9.92
N HIS L 224 -100.07 19.27 9.39
CA HIS L 224 -99.36 19.38 8.13
C HIS L 224 -98.33 20.48 8.23
N MET L 225 -97.11 20.23 7.74
CA MET L 225 -96.03 21.21 7.81
C MET L 225 -95.51 21.58 6.43
N GLY L 226 -95.18 22.85 6.26
CA GLY L 226 -94.66 23.39 5.01
C GLY L 226 -94.09 24.78 5.19
N MET L 227 -93.30 25.23 4.22
CA MET L 227 -92.68 26.54 4.27
C MET L 227 -93.58 27.57 3.60
N VAL L 228 -93.72 28.76 4.21
CA VAL L 228 -94.54 29.82 3.65
C VAL L 228 -93.80 31.15 3.69
N ASN L 229 -93.90 31.94 2.61
CA ASN L 229 -93.29 33.27 2.53
C ASN L 229 -94.45 34.26 2.60
N ASN L 230 -94.73 34.78 3.80
CA ASN L 230 -95.84 35.71 4.03
C ASN L 230 -97.18 34.99 3.73
N GLY L 231 -97.25 33.72 4.13
CA GLY L 231 -98.43 32.88 3.93
C GLY L 231 -98.51 32.21 2.56
N VAL L 232 -97.64 32.61 1.61
CA VAL L 232 -97.64 32.06 0.25
C VAL L 232 -96.70 30.85 0.13
N HIS L 233 -97.09 29.90 -0.73
CA HIS L 233 -96.32 28.69 -1.00
C HIS L 233 -94.91 29.06 -1.49
N ASP L 234 -93.88 28.51 -0.84
CA ASP L 234 -92.49 28.78 -1.22
C ASP L 234 -91.63 27.59 -0.83
N LEU L 235 -90.83 27.09 -1.78
CA LEU L 235 -89.97 25.95 -1.53
C LEU L 235 -88.55 26.37 -1.16
N TYR L 236 -88.22 27.65 -1.31
CA TYR L 236 -86.87 28.14 -1.05
C TYR L 236 -86.73 28.97 0.23
N ASP L 237 -87.51 30.06 0.35
CA ASP L 237 -87.42 30.95 1.52
C ASP L 237 -88.75 31.14 2.20
N GLY L 238 -88.70 31.38 3.51
CA GLY L 238 -89.88 31.62 4.33
C GLY L 238 -89.75 31.03 5.71
N LYS L 239 -90.88 30.86 6.39
CA LYS L 239 -90.91 30.29 7.72
C LYS L 239 -91.69 29.01 7.65
N LEU L 240 -91.44 28.09 8.58
CA LEU L 240 -92.14 26.81 8.59
C LEU L 240 -93.45 26.95 9.33
N ARG L 241 -94.57 26.68 8.65
CA ARG L 241 -95.89 26.79 9.23
C ARG L 241 -96.48 25.40 9.46
N VAL L 242 -97.15 25.21 10.61
CA VAL L 242 -97.80 23.96 10.95
C VAL L 242 -99.28 24.23 11.16
N VAL L 243 -100.16 23.42 10.55
CA VAL L 243 -101.60 23.58 10.73
C VAL L 243 -102.09 22.31 11.37
N ASN L 244 -103.20 22.37 12.11
CA ASN L 244 -103.73 21.18 12.77
C ASN L 244 -104.65 20.44 11.79
N SER L 245 -105.25 19.33 12.22
CA SER L 245 -106.15 18.55 11.34
C SER L 245 -107.36 19.35 10.84
N GLU L 246 -107.78 20.40 11.56
CA GLU L 246 -108.92 21.25 11.18
C GLU L 246 -108.46 22.45 10.32
N GLY L 247 -107.16 22.58 10.08
CA GLY L 247 -106.61 23.66 9.27
C GLY L 247 -106.16 24.90 10.04
N LYS L 248 -106.23 24.88 11.37
CA LYS L 248 -105.83 26.04 12.17
C LYS L 248 -104.33 26.08 12.34
N VAL L 249 -103.73 27.26 12.10
CA VAL L 249 -102.29 27.51 12.22
C VAL L 249 -101.85 27.30 13.67
N GLU L 250 -101.04 26.28 13.94
CA GLU L 250 -100.56 26.02 15.30
C GLU L 250 -99.20 26.67 15.50
N TYR L 251 -98.31 26.57 14.50
CA TYR L 251 -96.98 27.14 14.59
C TYR L 251 -96.57 27.86 13.31
N GLU L 252 -95.64 28.81 13.46
CA GLU L 252 -95.04 29.58 12.38
C GLU L 252 -93.68 29.96 12.94
N PHE L 253 -92.59 29.36 12.45
CA PHE L 253 -91.28 29.64 13.01
C PHE L 253 -90.16 29.63 11.99
N ASP L 254 -89.08 30.36 12.31
CA ASP L 254 -87.91 30.42 11.46
C ASP L 254 -87.22 29.05 11.57
N PRO L 255 -86.75 28.47 10.46
CA PRO L 255 -86.11 27.15 10.52
C PRO L 255 -85.02 26.97 11.58
N SER L 256 -84.30 28.03 11.95
CA SER L 256 -83.25 27.92 12.98
C SER L 256 -83.77 27.48 14.36
N GLU L 257 -85.08 27.60 14.62
CA GLU L 257 -85.69 27.22 15.90
C GLU L 257 -86.39 25.86 15.86
N TYR L 258 -86.19 25.08 14.76
CA TYR L 258 -86.83 23.78 14.57
C TYR L 258 -86.68 22.77 15.71
N MET L 259 -85.57 22.81 16.47
CA MET L 259 -85.36 21.86 17.56
C MET L 259 -86.34 22.04 18.73
N ASN L 260 -87.00 23.21 18.81
CA ASN L 260 -87.98 23.50 19.85
C ASN L 260 -89.40 23.10 19.41
N TYR L 261 -89.58 22.69 18.14
CA TYR L 261 -90.87 22.27 17.61
C TYR L 261 -90.90 20.79 17.21
N ILE L 262 -89.82 20.29 16.59
CA ILE L 262 -89.75 18.90 16.12
C ILE L 262 -88.99 17.98 17.07
N ALA L 263 -89.48 16.75 17.21
CA ALA L 263 -88.86 15.70 18.02
C ALA L 263 -88.86 14.44 17.15
N GLU L 264 -87.87 13.55 17.33
CA GLU L 264 -87.78 12.33 16.53
C GLU L 264 -87.67 11.10 17.41
N GLY L 265 -88.71 10.26 17.39
CA GLY L 265 -88.74 9.03 18.15
C GLY L 265 -88.04 7.90 17.42
N VAL L 266 -87.71 6.84 18.15
CA VAL L 266 -87.03 5.68 17.60
C VAL L 266 -87.82 4.43 17.96
N LYS L 267 -87.97 3.51 17.00
CA LYS L 267 -88.67 2.25 17.23
C LYS L 267 -87.72 1.11 16.88
N PRO L 268 -87.82 -0.06 17.53
CA PRO L 268 -86.84 -1.13 17.23
C PRO L 268 -86.96 -1.79 15.86
N TYR L 269 -88.13 -1.69 15.22
CA TYR L 269 -88.36 -2.35 13.94
C TYR L 269 -87.99 -1.53 12.68
N SER L 270 -87.37 -0.36 12.83
CA SER L 270 -87.02 0.42 11.64
C SER L 270 -85.84 1.37 11.81
N TYR L 271 -85.02 1.54 10.75
CA TYR L 271 -83.91 2.49 10.80
C TYR L 271 -84.44 3.89 10.53
N LEU L 272 -85.72 4.03 10.14
CA LEU L 272 -86.29 5.36 9.92
C LEU L 272 -86.98 5.82 11.19
N LYS L 273 -86.62 7.01 11.67
CA LYS L 273 -87.18 7.58 12.88
C LYS L 273 -88.63 8.01 12.70
N PHE L 274 -89.31 8.29 13.81
CA PHE L 274 -90.71 8.69 13.78
C PHE L 274 -90.88 10.07 14.40
N PRO L 275 -90.82 11.15 13.60
CA PRO L 275 -90.97 12.49 14.19
C PRO L 275 -92.37 12.87 14.64
N TYR L 276 -92.44 13.94 15.41
CA TYR L 276 -93.68 14.47 15.94
C TYR L 276 -93.45 15.85 16.49
N LEU L 277 -94.54 16.58 16.70
CA LEU L 277 -94.48 17.91 17.28
C LEU L 277 -94.29 17.66 18.77
N LYS L 278 -93.07 17.91 19.27
CA LYS L 278 -92.70 17.63 20.67
C LYS L 278 -93.70 18.12 21.71
N ASP L 279 -94.31 19.30 21.52
CA ASP L 279 -95.27 19.78 22.53
C ASP L 279 -96.64 19.10 22.43
N LYS L 280 -97.15 18.88 21.22
CA LYS L 280 -98.47 18.24 21.05
C LYS L 280 -98.45 16.77 21.45
N GLY L 281 -97.26 16.18 21.48
CA GLY L 281 -97.10 14.78 21.84
C GLY L 281 -96.74 13.95 20.62
N GLU L 282 -96.37 12.68 20.83
CA GLU L 282 -96.05 11.80 19.71
C GLU L 282 -97.29 11.22 19.04
N GLU L 283 -98.45 11.23 19.74
CA GLU L 283 -99.71 10.70 19.21
C GLU L 283 -100.56 11.79 18.55
N ASP L 284 -100.74 12.96 19.21
CA ASP L 284 -101.56 14.04 18.63
C ASP L 284 -100.71 14.98 17.75
N GLY L 285 -99.39 14.85 17.84
CA GLY L 285 -98.47 15.66 17.05
C GLY L 285 -97.98 15.00 15.77
N ILE L 286 -98.73 14.01 15.25
CA ILE L 286 -98.32 13.35 14.01
C ILE L 286 -98.50 14.37 12.90
N TYR L 287 -97.49 14.56 12.06
CA TYR L 287 -97.60 15.54 10.98
C TYR L 287 -96.97 15.05 9.69
N ARG L 288 -97.46 15.61 8.58
CA ARG L 288 -96.99 15.24 7.26
C ARG L 288 -96.30 16.38 6.56
N VAL L 289 -95.43 16.02 5.61
CA VAL L 289 -94.66 16.98 4.83
C VAL L 289 -94.82 16.72 3.35
N ASN L 290 -94.52 17.76 2.55
CA ASN L 290 -94.56 17.75 1.09
C ASN L 290 -95.95 17.87 0.46
N THR L 291 -95.94 18.30 -0.81
CA THR L 291 -97.05 18.52 -1.72
C THR L 291 -98.38 18.90 -1.06
N LEU L 292 -99.20 17.91 -0.67
CA LEU L 292 -100.50 18.19 -0.06
C LEU L 292 -100.34 18.92 1.26
N SER L 293 -99.32 18.57 2.05
CA SER L 293 -99.09 19.25 3.32
C SER L 293 -98.70 20.71 3.05
N ARG L 294 -97.89 20.95 2.02
CA ARG L 294 -97.46 22.29 1.66
C ARG L 294 -98.65 23.10 1.13
N LEU L 295 -99.53 22.48 0.33
CA LEU L 295 -100.70 23.18 -0.20
C LEU L 295 -101.64 23.52 0.97
N ASN L 296 -101.79 22.58 1.92
CA ASN L 296 -102.64 22.76 3.08
C ASN L 296 -102.24 23.93 3.98
N VAL L 297 -100.92 24.18 4.16
CA VAL L 297 -100.46 25.28 5.02
C VAL L 297 -100.41 26.62 4.26
N SER L 298 -100.34 26.58 2.92
CA SER L 298 -100.24 27.80 2.11
C SER L 298 -101.58 28.50 1.94
N ASP L 299 -101.57 29.83 1.92
CA ASP L 299 -102.78 30.62 1.70
C ASP L 299 -103.05 30.59 0.19
N LYS L 300 -101.98 30.57 -0.62
CA LYS L 300 -102.08 30.54 -2.07
C LYS L 300 -100.75 30.15 -2.72
N MET L 301 -100.77 29.90 -4.04
CA MET L 301 -99.57 29.58 -4.81
C MET L 301 -99.01 30.90 -5.29
N ALA L 302 -97.70 30.97 -5.54
CA ALA L 302 -97.04 32.20 -5.99
C ALA L 302 -97.15 32.39 -7.50
N THR L 303 -97.61 31.37 -8.23
CA THR L 303 -97.70 31.44 -9.69
C THR L 303 -99.15 31.43 -10.14
N PRO L 304 -99.46 32.15 -11.24
CA PRO L 304 -100.85 32.24 -11.68
C PRO L 304 -101.53 30.96 -12.14
N LEU L 305 -100.87 30.15 -12.97
CA LEU L 305 -101.51 28.92 -13.46
C LEU L 305 -101.70 27.89 -12.34
N ALA L 306 -100.70 27.69 -11.48
CA ALA L 306 -100.82 26.73 -10.39
C ALA L 306 -101.95 27.13 -9.44
N GLN L 307 -102.11 28.44 -9.21
CA GLN L 307 -103.14 28.98 -8.33
C GLN L 307 -104.56 28.62 -8.79
N LYS L 308 -104.79 28.56 -10.11
CA LYS L 308 -106.12 28.21 -10.65
C LYS L 308 -106.46 26.77 -10.29
N TYR L 309 -105.53 25.83 -10.52
CA TYR L 309 -105.75 24.42 -10.22
C TYR L 309 -105.85 24.19 -8.72
N TYR L 310 -105.13 25.01 -7.93
CA TYR L 310 -105.14 24.93 -6.48
C TYR L 310 -106.51 25.39 -5.96
N ASP L 311 -106.99 26.52 -6.48
CA ASP L 311 -108.29 27.07 -6.07
C ASP L 311 -109.40 26.09 -6.45
N GLU L 312 -109.32 25.51 -7.66
CA GLU L 312 -110.31 24.53 -8.13
C GLU L 312 -110.28 23.30 -7.22
N PHE L 313 -109.07 22.89 -6.80
CA PHE L 313 -108.87 21.73 -5.93
C PHE L 313 -109.40 21.97 -4.52
N VAL L 314 -109.09 23.13 -3.94
CA VAL L 314 -109.54 23.47 -2.58
C VAL L 314 -111.07 23.52 -2.51
N LYS L 315 -111.72 24.03 -3.56
CA LYS L 315 -113.19 24.11 -3.59
C LYS L 315 -113.83 22.71 -3.63
N GLU L 316 -113.14 21.74 -4.24
CA GLU L 316 -113.64 20.37 -4.40
C GLU L 316 -113.35 19.45 -3.23
N PHE L 317 -112.12 19.49 -2.70
CA PHE L 317 -111.71 18.62 -1.60
C PHE L 317 -111.55 19.33 -0.25
N GLY L 318 -111.73 20.63 -0.22
CA GLY L 318 -111.60 21.38 1.02
C GLY L 318 -110.17 21.62 1.45
N LYS L 319 -110.01 22.11 2.68
CA LYS L 319 -108.71 22.40 3.25
C LYS L 319 -108.79 22.27 4.78
N PRO L 320 -107.90 21.50 5.42
CA PRO L 320 -106.80 20.72 4.85
C PRO L 320 -107.28 19.37 4.33
N CYS L 321 -106.70 18.91 3.21
CA CYS L 321 -107.06 17.61 2.64
C CYS L 321 -106.11 16.58 3.24
N HIS L 322 -106.64 15.48 3.78
CA HIS L 322 -105.85 14.45 4.45
C HIS L 322 -105.65 13.18 3.63
N HIS L 323 -106.20 13.13 2.41
CA HIS L 323 -106.09 11.93 1.59
C HIS L 323 -104.68 11.68 1.07
N PRO L 324 -104.08 10.54 1.42
CA PRO L 324 -102.74 10.25 0.92
C PRO L 324 -102.66 10.22 -0.60
N MET L 325 -103.67 9.65 -1.29
CA MET L 325 -103.66 9.58 -2.75
C MET L 325 -103.75 10.96 -3.42
N LEU L 326 -104.21 12.00 -2.71
CA LEU L 326 -104.29 13.35 -3.28
C LEU L 326 -102.92 14.00 -3.36
N PHE L 327 -101.94 13.45 -2.64
CA PHE L 327 -100.58 13.97 -2.67
C PHE L 327 -100.08 13.95 -4.11
N HIS L 328 -100.51 12.94 -4.90
CA HIS L 328 -100.18 12.81 -6.32
C HIS L 328 -100.65 14.05 -7.07
N TYR L 329 -101.89 14.47 -6.81
CA TYR L 329 -102.46 15.65 -7.46
C TYR L 329 -101.77 16.94 -7.02
N ALA L 330 -101.49 17.08 -5.73
CA ALA L 330 -100.79 18.28 -5.23
C ALA L 330 -99.36 18.32 -5.82
N ARG L 331 -98.76 17.16 -6.08
CA ARG L 331 -97.42 17.08 -6.66
C ARG L 331 -97.42 17.66 -8.06
N LEU L 332 -98.48 17.39 -8.82
CA LEU L 332 -98.64 17.89 -10.17
C LEU L 332 -98.86 19.39 -10.17
N ILE L 333 -99.54 19.91 -9.13
CA ILE L 333 -99.78 21.34 -9.02
C ILE L 333 -98.42 22.00 -8.77
N GLU L 334 -97.61 21.40 -7.89
CA GLU L 334 -96.26 21.90 -7.59
C GLU L 334 -95.33 21.78 -8.80
N LEU L 335 -95.52 20.75 -9.63
CA LEU L 335 -94.70 20.55 -10.84
C LEU L 335 -94.91 21.76 -11.76
N LEU L 336 -96.18 22.16 -11.91
CA LEU L 336 -96.55 23.31 -12.73
C LEU L 336 -96.03 24.59 -12.08
N SER L 337 -96.21 24.74 -10.77
CA SER L 337 -95.76 25.92 -10.05
C SER L 337 -94.25 26.09 -10.20
N SER L 338 -93.47 24.99 -10.08
CA SER L 338 -92.02 25.06 -10.23
C SER L 338 -91.65 25.41 -11.66
N ALA L 339 -92.35 24.84 -12.65
CA ALA L 339 -92.09 25.14 -14.06
C ALA L 339 -92.30 26.63 -14.30
N GLU L 340 -93.37 27.17 -13.69
CA GLU L 340 -93.70 28.60 -13.80
C GLU L 340 -92.63 29.43 -13.11
N MET L 341 -92.17 28.98 -11.94
CA MET L 341 -91.16 29.70 -11.19
C MET L 341 -89.82 29.76 -11.96
N VAL L 342 -89.50 28.73 -12.77
CA VAL L 342 -88.26 28.71 -13.55
C VAL L 342 -88.30 29.87 -14.55
N LYS L 343 -89.44 30.06 -15.23
CA LYS L 343 -89.64 31.14 -16.20
C LYS L 343 -89.56 32.49 -15.51
N GLU L 344 -90.22 32.61 -14.35
CA GLU L 344 -90.24 33.85 -13.56
C GLU L 344 -88.82 34.25 -13.13
N LEU L 345 -88.02 33.29 -12.64
CA LEU L 345 -86.65 33.58 -12.20
C LEU L 345 -85.75 33.93 -13.39
N LEU L 346 -85.95 33.26 -14.53
CA LEU L 346 -85.16 33.55 -15.72
C LEU L 346 -85.55 34.92 -16.29
N GLU L 347 -86.83 35.34 -16.12
CA GLU L 347 -87.29 36.64 -16.61
C GLU L 347 -86.77 37.80 -15.75
N ASN L 348 -86.28 37.51 -14.54
CA ASN L 348 -85.72 38.53 -13.65
C ASN L 348 -84.34 38.89 -14.19
N ASP L 349 -84.08 40.19 -14.40
CA ASP L 349 -82.79 40.65 -14.94
C ASP L 349 -81.61 40.44 -13.98
N LYS L 350 -81.87 40.32 -12.68
CA LYS L 350 -80.81 40.10 -11.69
C LYS L 350 -80.20 38.70 -11.81
N ILE L 351 -80.90 37.75 -12.46
CA ILE L 351 -80.42 36.38 -12.63
C ILE L 351 -79.07 36.30 -13.36
N VAL L 352 -78.80 37.23 -14.31
CA VAL L 352 -77.53 37.22 -15.06
C VAL L 352 -76.48 38.19 -14.48
N GLY L 353 -76.72 38.71 -13.27
CA GLY L 353 -75.79 39.62 -12.61
C GLY L 353 -74.42 39.00 -12.33
N GLU L 354 -73.40 39.86 -12.15
CA GLU L 354 -72.04 39.41 -11.87
C GLU L 354 -71.66 39.46 -10.39
N ASP L 355 -72.48 40.07 -9.54
CA ASP L 355 -72.22 40.12 -8.10
C ASP L 355 -72.86 38.84 -7.57
N ILE L 356 -72.14 37.72 -7.73
CA ILE L 356 -72.63 36.40 -7.33
C ILE L 356 -72.08 35.90 -6.00
N ARG L 357 -71.04 36.52 -5.44
CA ARG L 357 -70.48 36.02 -4.18
C ARG L 357 -70.01 37.12 -3.23
N ALA L 358 -70.27 36.91 -1.93
CA ALA L 358 -69.87 37.80 -0.85
C ALA L 358 -68.67 37.20 -0.12
N GLU L 359 -67.80 38.02 0.45
CA GLU L 359 -66.64 37.48 1.17
C GLU L 359 -67.10 36.88 2.51
N PRO L 360 -66.56 35.71 2.91
CA PRO L 360 -66.99 35.11 4.18
C PRO L 360 -66.55 35.92 5.40
N GLU L 361 -67.43 36.07 6.38
CA GLU L 361 -67.12 36.82 7.60
C GLU L 361 -66.52 35.87 8.64
N GLU L 362 -66.40 36.30 9.91
CA GLU L 362 -65.84 35.45 10.96
C GLU L 362 -66.70 34.21 11.21
N VAL L 363 -66.06 33.09 11.56
CA VAL L 363 -66.76 31.83 11.79
C VAL L 363 -67.68 31.81 13.01
N VAL L 364 -69.00 31.82 12.77
CA VAL L 364 -70.02 31.71 13.80
C VAL L 364 -70.11 30.18 14.00
N GLY L 365 -70.04 29.72 15.22
CA GLY L 365 -70.04 28.28 15.50
C GLY L 365 -71.25 27.43 15.10
N ASP L 366 -72.37 28.05 14.70
CA ASP L 366 -73.58 27.30 14.34
C ASP L 366 -74.24 27.87 13.07
N GLY L 367 -74.97 27.01 12.37
CA GLY L 367 -75.70 27.38 11.15
C GLY L 367 -76.77 26.37 10.79
N VAL L 368 -77.99 26.87 10.53
CA VAL L 368 -79.13 26.02 10.15
C VAL L 368 -79.50 26.44 8.74
N GLY L 369 -79.61 25.46 7.85
CA GLY L 369 -79.98 25.68 6.47
C GLY L 369 -81.27 24.93 6.23
N CYS L 370 -82.25 25.55 5.57
CA CYS L 370 -83.52 24.88 5.36
C CYS L 370 -84.17 25.25 4.05
N VAL L 371 -84.69 24.25 3.35
CA VAL L 371 -85.43 24.42 2.11
C VAL L 371 -86.51 23.36 2.12
N GLU L 372 -87.45 23.45 1.19
CA GLU L 372 -88.48 22.45 1.08
C GLU L 372 -88.01 21.54 -0.04
N ALA L 373 -87.58 20.32 0.30
CA ALA L 373 -87.15 19.39 -0.71
C ALA L 373 -88.42 18.87 -1.36
N PRO L 374 -88.35 18.28 -2.56
CA PRO L 374 -89.59 17.79 -3.18
C PRO L 374 -90.41 16.87 -2.29
N ARG L 375 -89.76 16.18 -1.34
CA ARG L 375 -90.43 15.24 -0.44
C ARG L 375 -90.67 15.77 0.97
N GLY L 376 -90.44 17.05 1.20
CA GLY L 376 -90.71 17.64 2.50
C GLY L 376 -89.68 18.62 3.00
N THR L 377 -89.93 19.16 4.21
CA THR L 377 -89.04 20.11 4.84
C THR L 377 -87.67 19.48 5.03
N LEU L 378 -86.60 20.16 4.59
CA LEU L 378 -85.24 19.63 4.74
C LEU L 378 -84.46 20.57 5.62
N ILE L 379 -83.89 20.05 6.70
CA ILE L 379 -83.10 20.88 7.62
C ILE L 379 -81.70 20.31 7.78
N HIS L 380 -80.68 21.12 7.51
CA HIS L 380 -79.27 20.75 7.70
C HIS L 380 -78.78 21.67 8.80
N HIS L 381 -78.35 21.09 9.92
CA HIS L 381 -77.87 21.85 11.07
C HIS L 381 -76.44 21.43 11.39
N PHE L 382 -75.49 22.37 11.29
CA PHE L 382 -74.08 22.09 11.56
C PHE L 382 -73.53 22.93 12.69
N LYS L 383 -72.67 22.34 13.51
CA LYS L 383 -71.98 23.01 14.61
C LYS L 383 -70.50 22.82 14.29
N THR L 384 -69.67 23.85 14.44
CA THR L 384 -68.25 23.75 14.12
C THR L 384 -67.36 24.43 15.15
N ASP L 385 -66.05 24.23 15.01
CA ASP L 385 -65.06 24.86 15.88
C ASP L 385 -64.67 26.21 15.25
N ASP L 386 -63.68 26.91 15.82
CA ASP L 386 -63.25 28.21 15.30
C ASP L 386 -62.59 28.11 13.91
N ASP L 387 -62.08 26.93 13.52
CA ASP L 387 -61.45 26.73 12.21
C ASP L 387 -62.45 26.22 11.14
N GLY L 388 -63.73 26.16 11.50
CA GLY L 388 -64.76 25.70 10.57
C GLY L 388 -64.79 24.19 10.35
N ILE L 389 -64.29 23.42 11.32
CA ILE L 389 -64.30 21.97 11.23
C ILE L 389 -65.56 21.51 11.96
N ILE L 390 -66.40 20.69 11.31
CA ILE L 390 -67.65 20.22 11.91
C ILE L 390 -67.41 19.45 13.21
N THR L 391 -68.21 19.76 14.24
CA THR L 391 -68.13 19.10 15.55
C THR L 391 -69.40 18.30 15.81
N ASP L 392 -70.54 18.76 15.29
CA ASP L 392 -71.82 18.09 15.44
C ASP L 392 -72.71 18.49 14.28
N THR L 393 -73.64 17.61 13.91
CA THR L 393 -74.60 17.89 12.84
C THR L 393 -75.90 17.17 13.13
N ASN L 394 -77.00 17.67 12.58
CA ASN L 394 -78.30 17.06 12.71
C ASN L 394 -78.99 17.29 11.40
N LEU L 395 -79.56 16.23 10.82
CA LEU L 395 -80.25 16.32 9.54
C LEU L 395 -81.67 15.79 9.69
N VAL L 396 -82.67 16.66 9.54
CA VAL L 396 -84.08 16.27 9.59
C VAL L 396 -84.46 16.27 8.12
N VAL L 397 -84.43 15.09 7.50
CA VAL L 397 -84.65 14.94 6.06
C VAL L 397 -86.03 14.50 5.64
N ALA L 398 -86.76 15.45 5.06
CA ALA L 398 -88.07 15.31 4.46
C ALA L 398 -88.87 14.02 4.77
N THR L 399 -88.67 12.94 3.99
CA THR L 399 -89.41 11.68 4.13
C THR L 399 -89.47 11.14 5.58
N VAL L 400 -88.47 11.42 6.42
CA VAL L 400 -88.54 10.92 7.81
C VAL L 400 -89.83 11.39 8.47
N GLN L 401 -90.24 12.63 8.15
CA GLN L 401 -91.43 13.24 8.72
C GLN L 401 -92.74 12.58 8.26
N ASN L 402 -92.72 11.83 7.15
CA ASN L 402 -93.89 11.11 6.65
C ASN L 402 -93.79 9.63 7.04
N ASN L 403 -92.81 9.25 7.89
CA ASN L 403 -92.66 7.86 8.30
C ASN L 403 -93.84 7.40 9.14
N PRO L 404 -94.29 8.18 10.14
CA PRO L 404 -95.48 7.75 10.91
C PRO L 404 -96.68 7.56 9.99
N ALA L 405 -96.90 8.50 9.05
CA ALA L 405 -98.00 8.43 8.10
C ALA L 405 -97.94 7.14 7.27
N MET L 406 -96.74 6.75 6.83
CA MET L 406 -96.57 5.53 6.04
C MET L 406 -96.83 4.29 6.90
N ASP L 407 -96.34 4.29 8.15
CA ASP L 407 -96.53 3.17 9.06
C ASP L 407 -98.02 3.04 9.43
N ILE L 408 -98.71 4.19 9.59
CA ILE L 408 -100.14 4.20 9.89
C ILE L 408 -100.93 3.79 8.65
N GLY L 409 -100.70 4.51 7.56
CA GLY L 409 -101.40 4.29 6.30
C GLY L 409 -101.34 2.86 5.79
N VAL L 410 -100.19 2.22 5.88
CA VAL L 410 -100.06 0.85 5.42
C VAL L 410 -100.92 -0.08 6.29
N ARG L 411 -101.09 0.27 7.58
CA ARG L 411 -101.91 -0.49 8.51
C ARG L 411 -103.39 -0.29 8.15
N LYS L 412 -103.79 0.96 7.87
CA LYS L 412 -105.16 1.29 7.50
C LYS L 412 -105.58 0.57 6.21
N VAL L 413 -104.63 0.37 5.28
CA VAL L 413 -104.92 -0.33 4.02
C VAL L 413 -105.23 -1.78 4.33
N ALA L 414 -104.36 -2.43 5.12
CA ALA L 414 -104.55 -3.82 5.49
C ALA L 414 -105.83 -4.03 6.28
N GLU L 415 -106.18 -3.09 7.16
CA GLU L 415 -107.42 -3.22 7.94
C GLU L 415 -108.63 -3.21 7.01
N LYS L 416 -108.61 -2.38 5.96
CA LYS L 416 -109.71 -2.25 5.01
C LYS L 416 -109.84 -3.45 4.07
N TYR L 417 -108.72 -4.03 3.62
CA TYR L 417 -108.76 -5.14 2.66
C TYR L 417 -108.44 -6.52 3.20
N ILE L 418 -107.82 -6.62 4.37
CA ILE L 418 -107.43 -7.93 4.91
C ILE L 418 -108.10 -8.29 6.21
N LYS L 419 -108.57 -9.54 6.27
CA LYS L 419 -109.20 -10.15 7.44
C LYS L 419 -108.47 -11.47 7.73
N ALA L 420 -108.06 -12.19 6.66
CA ALA L 420 -107.33 -13.47 6.77
C ALA L 420 -106.18 -13.51 5.74
N PRO L 421 -105.17 -14.39 5.91
CA PRO L 421 -104.06 -14.43 4.95
C PRO L 421 -104.45 -14.65 3.48
N GLU L 422 -105.62 -15.25 3.22
CA GLU L 422 -106.09 -15.50 1.86
C GLU L 422 -106.44 -14.18 1.17
N ASP L 423 -106.79 -13.15 1.95
CA ASP L 423 -107.15 -11.82 1.41
C ASP L 423 -105.91 -11.03 0.99
N ALA L 424 -104.71 -11.43 1.45
CA ALA L 424 -103.47 -10.73 1.10
C ALA L 424 -103.00 -11.18 -0.28
N THR L 425 -103.74 -10.77 -1.32
CA THR L 425 -103.46 -11.10 -2.71
C THR L 425 -102.47 -10.12 -3.30
N PRO L 426 -101.88 -10.42 -4.48
CA PRO L 426 -100.94 -9.47 -5.09
C PRO L 426 -101.50 -8.06 -5.24
N GLN L 427 -102.81 -7.94 -5.58
CA GLN L 427 -103.48 -6.65 -5.73
C GLN L 427 -103.49 -5.88 -4.43
N VAL L 428 -103.92 -6.55 -3.37
CA VAL L 428 -104.07 -5.97 -2.04
C VAL L 428 -102.71 -5.60 -1.47
N LEU L 429 -101.70 -6.43 -1.70
CA LEU L 429 -100.35 -6.12 -1.22
C LEU L 429 -99.83 -4.89 -1.96
N ASN L 430 -100.21 -4.74 -3.25
CA ASN L 430 -99.78 -3.58 -4.04
C ASN L 430 -100.55 -2.33 -3.59
N TYR L 431 -101.78 -2.48 -3.05
CA TYR L 431 -102.52 -1.32 -2.55
C TYR L 431 -101.72 -0.72 -1.37
N MET L 432 -101.10 -1.59 -0.55
CA MET L 432 -100.28 -1.14 0.58
C MET L 432 -99.05 -0.38 0.05
N GLU L 433 -98.47 -0.86 -1.06
CA GLU L 433 -97.30 -0.20 -1.67
C GLU L 433 -97.75 1.12 -2.32
N MET L 434 -98.99 1.16 -2.85
CA MET L 434 -99.52 2.38 -3.48
C MET L 434 -99.64 3.50 -2.46
N LEU L 435 -99.93 3.15 -1.20
CA LEU L 435 -100.04 4.14 -0.13
C LEU L 435 -98.64 4.69 0.14
N ILE L 436 -97.64 3.80 0.26
CA ILE L 436 -96.26 4.22 0.49
C ILE L 436 -95.85 5.17 -0.64
N ARG L 437 -96.10 4.76 -1.89
CA ARG L 437 -95.75 5.54 -3.09
C ARG L 437 -96.44 6.90 -3.17
N ALA L 438 -97.61 7.06 -2.55
CA ALA L 438 -98.30 8.35 -2.59
C ALA L 438 -97.51 9.46 -1.91
N TYR L 439 -96.67 9.10 -0.93
CA TYR L 439 -95.86 10.09 -0.21
C TYR L 439 -94.53 10.39 -0.92
N ASP L 440 -94.25 9.70 -2.04
CA ASP L 440 -93.02 9.89 -2.79
C ASP L 440 -91.84 9.72 -1.83
N PRO L 441 -91.74 8.56 -1.17
CA PRO L 441 -90.65 8.38 -0.22
C PRO L 441 -89.28 8.14 -0.86
N CYS L 442 -88.26 8.71 -0.23
CA CYS L 442 -86.87 8.62 -0.61
C CYS L 442 -86.23 8.16 0.70
N LEU L 443 -86.09 6.84 0.85
CA LEU L 443 -85.61 6.22 2.07
C LEU L 443 -84.11 6.35 2.32
N SER L 444 -83.31 6.63 1.28
CA SER L 444 -81.87 6.84 1.48
C SER L 444 -81.77 8.19 2.18
N CYS L 445 -82.59 9.13 1.71
CA CYS L 445 -82.71 10.49 2.24
C CYS L 445 -83.16 10.46 3.68
N ALA L 446 -84.28 9.78 3.91
CA ALA L 446 -84.93 9.68 5.21
C ALA L 446 -84.05 9.19 6.34
N THR L 447 -83.21 8.19 6.08
CA THR L 447 -82.32 7.60 7.08
C THR L 447 -80.95 8.30 7.12
N HIS L 448 -80.40 8.62 5.92
CA HIS L 448 -79.11 9.29 5.76
C HIS L 448 -78.02 8.73 6.70
#